data_8ZOM
#
_entry.id   8ZOM
#
_cell.length_a   1.00
_cell.length_b   1.00
_cell.length_c   1.00
_cell.angle_alpha   90.00
_cell.angle_beta   90.00
_cell.angle_gamma   90.00
#
_symmetry.space_group_name_H-M   'P 1'
#
loop_
_entity.id
_entity.type
_entity.pdbx_description
1 polymer 'Mitochondrial-processing peptidase subunit alpha'
2 polymer 'Mitochondrial-processing peptidase subunit beta'
3 polymer 'Cytochrome b'
4 polymer 'Cytochrome c domain-containing protein'
5 polymer 'Cytochrome b-c1 complex subunit Rieske, mitochondrial'
6 polymer 'Cytochrome b-c1 complex subunit 7'
7 polymer 'Cytochrome b-c1 complex subunit 8'
8 polymer 'Cytochrome b-c1 complex subunit 6'
9 polymer 'Complex III subunit 9'
10 polymer 'Ubiquinol-cytochrome c reductase complex 6.7 kDa protein'
11 non-polymer 'ZINC ION'
12 non-polymer CARDIOLIPIN
13 non-polymer 'methyl ~{N}-[2-[[1-(4-chlorophenyl)pyrazol-3-yl]oxymethyl]phenyl]-~{N}-methoxy-carbamate'
14 non-polymer 'PROTOPORPHYRIN IX CONTAINING FE'
15 non-polymer 1,2-Distearoyl-sn-glycerophosphoethanolamine
16 non-polymer 'HEME C'
17 non-polymer 'FE2/S2 (INORGANIC) CLUSTER'
18 non-polymer 1,2-DIACYL-SN-GLYCERO-3-PHOSPHOCHOLINE
#
loop_
_entity_poly.entity_id
_entity_poly.type
_entity_poly.pdbx_seq_one_letter_code
_entity_poly.pdbx_strand_id
1 'polypeptide(L)'
;APPLDFPLPGVTLPSPLPDHVAPGKTIVTTLPNGIKLASETSAGPAASIGLYVDCGSIYETPLTFGATHLLERMAFKSTR
NRTHFRVVREVEAIGGNVQASASREQMGYTFDALKTHVPEMVELLVDCVRNPVFLDWEVNEQLLKVKAEVGEASKNPQDL
LLEAIHSAGYSGALANPLLASESALNGLNGSILEEFVAENYTAPRIVLAASGVEHEELLSIAEPLLSDLPNVPRPEEPKS
VYTGGDYRCHTESGHILNGQRTHFALAFELPGGWHKLKDAMVLTVLQMLLGGGGSFSAGGPGKGMYSRLYLRVLNEYPQF
HSISAFNNIYNNTGIFGIQVTTGSDFVSKAIDITVNELLAVATSGQVDQVQLDRAKQATKSAILMNLESRMVVSEDIGRQ
VLTYGERKPVEDFLKAVDEVTLKDIASISQKLISSPLTMASYGDVIYVPNYESVSSKFRS
;
A,M
2 'polypeptide(L)'
;SPPPPNAMVYDRLAEAVKAKLRQLENPDPRFLKYGSPRPTLTDHTRILAAPETRVTTLPNGLRVATESSLAARTATVGVW
IDAGSRFETEESNGTAHFLEHMIFKGTEKRNARELEEEIENMGGHLNAYTSREQTTYYAKVADKDVPKALDILADILQNS
RFDENRISRERDVILREMEEVEGQTEEVIFDHLHATAFQYTPLGRTILGPAQNIKTITKDHLQNYIQTHYTAPRMVIAAS
GAVKHEDIVEQVKKLFTKLSTDPTTASQLVAKEPAIFTGSEVRMLDDEIPLAQFAVAFEGASWKDPDSIALMVMQAMLGS
WNKTAGGGKHMGSELAQRVGINEVAESMMAFNTNYKDTGLFGVYAVAKPDCLDDLSYAIMYETTKLAYRVSDDDVTRARN
QLKSSLLLYIDGTSPVAEDIGRQLLTYGRRIPFAELFARIDAVDASTIKRVANRFIYDKDIAIAAMGPIQRLPDYNWFRR
RTYWNRY
;
B,N
3 'polypeptide(L)'
;MRNQRFSLLKQPISSTLNQHLIDYPTPSNLSYWWGFGSLAGICLVIQIVTGVFLAMHYTPHVDLAFNSVEHVMRDVEGGW
LLRYMHANGASMFLIVVHLHIFRGLYHASYSSPREFVRCLGVVIFLLMIVTAFTGYVPPWGQMSFWGATVITSLASAIPV
VGDTIVTWLWGGFSVDNATLNRFFSLHHLLPFILVGASLLHLAALHQYGSNNPLGVHSEMDQISFYPYFYVKDLVGWVAF
AIFFSIWIFYAPNVLGHPDNYIPANPMPTPPHIVPEWYFLPIHAILRSIPDKSGGVAAIAPVFICLLALPFFKSMYVRSS
SFRPIHQGIFWLLLADRLLLGWIGCQPVEAPFVTIGQIPPLVFFLFFAITPIPGRVGRGIPNSYTD
;
C,O
4 'polypeptide(L)'
;EAEHGLACPSYPWPHQGILSSYDHASIRRGHQVYTQVCASCHSMSLISYRDLVGVAYTEEEVKAMAAEIEVVDGPNDEGE
MFTRPGKLSDRFPQPYANEAAARFANGGAYPPDLSLITKAPHNGQNYVFALLTGYRDPPAGVSIREGLHYNPYFPGGAIA
MPKMLNDGAVEYEDGTPATESQMGKDVVSFLSWAAEPEMEERKLMGFKWIFVLTLALLQAGYYRRLRWSVLKSRKLVLDV
VN
;
D,P
5 'polypeptide(L)'
;EIPATVAAVKNPSSKIVYDEHNHERYPPGDPSKRAFAYFVLTGGRFVYASLVRLLILKFVLSMSASKDVLALASLEVDLS
SIEPGTTVTVKWRGKPVFIRRRTEDDIKLANSVDVGSLRDPQQDAERVKNPEWLIVIGVCTHLGCIPLPNAGDFGGWFCP
CHGSHYDISGRIRKGPAPYNLEVPTYTFLEENKLLI
;
E,Q
6 'polypeptide(L)'
;QSFIDPKKNWFAAQHMKAISKRLRRFGLRYDDLYDPYYDLDVKEALNRLPKEVVDARHQRLKRAMDLSMKHEYLPEDLQA
MQTPFRGYLQEMLALVKREKAERESLGGLPLYQRTIP
;
F,R
7 'polypeptide(L)' KGFVPMKAVTYGLSPFQQKIMPGLWKDLPTKIHHKVSENWISATLLLGPLVGVYSYVQNYQEKEKLSHRY G,S
8 'polypeptide(L)' PVDQKKYLEESCKPKCVKALLEYQACVKRIQGDETGNKHCTGQYFDYWSCIDKCVAQKLFSKLK H,T
9 'polypeptide(L)' GGIFEALYKVLMRRNSVYVTFVIAGAFVGERAVDYGVHKLWEHNNVGKRYEDISVLGQRQ J,V
10 'polypeptide(L)' IQPTDVKAAAMWGVAAATGGLYLIQPWGW K,W
#
loop_
_chem_comp.id
_chem_comp.type
_chem_comp.name
_chem_comp.formula
3PE non-polymer 1,2-Distearoyl-sn-glycerophosphoethanolamine 'C41 H82 N O8 P'
A1D6K non-polymer 'methyl ~{N}-[2-[[1-(4-chlorophenyl)pyrazol-3-yl]oxymethyl]phenyl]-~{N}-methoxy-carbamate' 'C19 H18 Cl N3 O4'
CDL non-polymer CARDIOLIPIN 'C81 H156 O17 P2 -2'
FES non-polymer 'FE2/S2 (INORGANIC) CLUSTER' 'Fe2 S2'
HEC non-polymer 'HEME C' 'C34 H34 Fe N4 O4'
HEM non-polymer 'PROTOPORPHYRIN IX CONTAINING FE' 'C34 H32 Fe N4 O4'
PC1 non-polymer 1,2-DIACYL-SN-GLYCERO-3-PHOSPHOCHOLINE 'C44 H88 N O8 P'
ZN non-polymer 'ZINC ION' 'Zn 2'
#
# COMPACT_ATOMS: atom_id res chain seq x y z
N ALA A 1 28.12 -50.95 -5.75
CA ALA A 1 27.16 -51.85 -6.38
C ALA A 1 27.44 -51.95 -7.88
N PRO A 2 27.30 -53.16 -8.43
CA PRO A 2 27.61 -53.36 -9.85
C PRO A 2 26.56 -52.72 -10.74
N PRO A 3 26.88 -52.52 -12.02
CA PRO A 3 25.84 -52.13 -13.00
C PRO A 3 24.75 -53.17 -13.13
N LEU A 4 23.57 -52.79 -13.58
CA LEU A 4 22.40 -53.65 -13.45
C LEU A 4 22.37 -54.80 -14.45
N ASP A 5 23.36 -54.94 -15.32
CA ASP A 5 23.48 -56.14 -16.12
C ASP A 5 24.30 -57.23 -15.44
N PHE A 6 24.85 -56.97 -14.26
CA PHE A 6 25.60 -57.95 -13.50
C PHE A 6 24.90 -58.23 -12.18
N PRO A 7 24.75 -59.49 -11.78
CA PRO A 7 23.99 -59.80 -10.56
C PRO A 7 24.71 -59.37 -9.29
N LEU A 8 23.92 -59.01 -8.30
CA LEU A 8 24.45 -58.64 -7.00
C LEU A 8 24.82 -59.89 -6.22
N PRO A 9 25.96 -59.91 -5.54
CA PRO A 9 26.45 -61.16 -4.94
C PRO A 9 25.68 -61.72 -3.75
N GLY A 10 25.55 -60.95 -2.68
CA GLY A 10 25.21 -61.55 -1.40
C GLY A 10 23.76 -61.53 -0.96
N VAL A 11 22.86 -62.14 -1.72
CA VAL A 11 21.43 -62.08 -1.43
C VAL A 11 20.86 -63.49 -1.50
N THR A 12 19.95 -63.81 -0.58
CA THR A 12 19.25 -65.08 -0.59
C THR A 12 18.12 -65.07 -1.61
N LEU A 13 17.95 -66.18 -2.32
CA LEU A 13 16.92 -66.32 -3.35
C LEU A 13 15.94 -67.38 -2.93
N PRO A 14 14.62 -67.08 -2.89
CA PRO A 14 13.62 -68.11 -2.58
C PRO A 14 13.57 -69.20 -3.63
N SER A 15 13.23 -70.42 -3.24
CA SER A 15 13.12 -71.49 -4.22
C SER A 15 11.82 -71.35 -5.00
N PRO A 16 11.84 -71.50 -6.32
CA PRO A 16 10.66 -71.17 -7.13
C PRO A 16 9.52 -72.15 -6.97
N LEU A 17 8.36 -71.76 -7.43
CA LEU A 17 7.08 -72.45 -7.51
C LEU A 17 7.12 -73.46 -8.65
N PRO A 18 6.32 -74.52 -8.59
CA PRO A 18 6.24 -75.43 -9.74
C PRO A 18 5.49 -74.83 -10.92
N ASP A 19 5.47 -75.52 -12.05
CA ASP A 19 4.81 -75.01 -13.24
C ASP A 19 3.30 -75.19 -13.21
N HIS A 20 2.78 -76.03 -12.32
CA HIS A 20 1.35 -76.24 -12.20
C HIS A 20 0.96 -76.10 -10.73
N VAL A 21 0.53 -74.91 -10.34
CA VAL A 21 0.01 -74.70 -9.01
C VAL A 21 -1.49 -74.93 -9.02
N ALA A 22 -1.98 -75.81 -8.13
CA ALA A 22 -3.39 -76.16 -8.11
C ALA A 22 -4.22 -75.03 -7.51
N PRO A 23 -5.31 -74.63 -8.14
CA PRO A 23 -6.07 -73.47 -7.64
C PRO A 23 -6.90 -73.83 -6.42
N GLY A 24 -7.17 -72.80 -5.61
CA GLY A 24 -7.92 -72.96 -4.40
C GLY A 24 -9.41 -72.75 -4.60
N LYS A 25 -10.19 -73.20 -3.64
CA LYS A 25 -11.63 -73.07 -3.67
C LYS A 25 -12.08 -72.07 -2.62
N THR A 26 -13.15 -71.34 -2.93
CA THR A 26 -13.65 -70.29 -2.05
C THR A 26 -14.29 -70.88 -0.80
N ILE A 27 -13.89 -70.39 0.37
CA ILE A 27 -14.41 -70.87 1.66
C ILE A 27 -15.25 -69.76 2.27
N VAL A 28 -16.49 -70.08 2.60
CA VAL A 28 -17.45 -69.11 3.14
C VAL A 28 -17.81 -69.52 4.56
N THR A 29 -17.84 -68.56 5.48
CA THR A 29 -18.13 -68.79 6.89
C THR A 29 -19.16 -67.78 7.36
N THR A 30 -20.24 -68.25 7.96
CA THR A 30 -21.28 -67.39 8.49
C THR A 30 -21.20 -67.36 10.01
N LEU A 31 -21.11 -66.16 10.56
CA LEU A 31 -21.06 -65.90 11.99
C LEU A 31 -22.47 -65.92 12.57
N PRO A 32 -22.61 -66.06 13.90
CA PRO A 32 -23.96 -66.07 14.50
C PRO A 32 -24.78 -64.80 14.30
N ASN A 33 -24.14 -63.64 14.16
CA ASN A 33 -24.90 -62.41 13.95
C ASN A 33 -25.35 -62.22 12.51
N GLY A 34 -24.82 -63.00 11.57
CA GLY A 34 -25.24 -62.93 10.18
C GLY A 34 -24.21 -62.42 9.21
N ILE A 35 -22.98 -62.18 9.64
CA ILE A 35 -21.95 -61.67 8.74
C ILE A 35 -21.23 -62.85 8.10
N LYS A 36 -20.71 -62.65 6.90
CA LYS A 36 -20.16 -63.73 6.09
C LYS A 36 -18.75 -63.38 5.64
N LEU A 37 -17.78 -64.15 6.11
CA LEU A 37 -16.38 -64.00 5.71
C LEU A 37 -16.07 -64.99 4.61
N ALA A 38 -15.42 -64.53 3.55
CA ALA A 38 -15.16 -65.35 2.37
C ALA A 38 -13.74 -65.13 1.89
N SER A 39 -13.01 -66.22 1.66
CA SER A 39 -11.59 -66.13 1.38
C SER A 39 -11.20 -67.07 0.26
N GLU A 40 -10.08 -66.76 -0.40
CA GLU A 40 -9.55 -67.54 -1.52
C GLU A 40 -8.09 -67.18 -1.71
N THR A 41 -7.24 -68.19 -1.87
CA THR A 41 -5.82 -67.99 -2.04
C THR A 41 -5.45 -67.71 -3.49
N SER A 42 -4.21 -67.28 -3.71
CA SER A 42 -3.73 -66.98 -5.05
C SER A 42 -2.22 -67.20 -5.12
N ALA A 43 -1.67 -66.98 -6.31
CA ALA A 43 -0.27 -67.27 -6.61
C ALA A 43 0.57 -66.03 -6.90
N GLY A 44 0.02 -64.83 -6.66
CA GLY A 44 0.81 -63.63 -6.66
C GLY A 44 1.36 -63.33 -5.29
N PRO A 45 2.18 -62.28 -5.19
CA PRO A 45 2.64 -61.81 -3.87
C PRO A 45 1.75 -60.79 -3.19
N ALA A 46 0.58 -60.48 -3.73
CA ALA A 46 -0.24 -59.39 -3.23
C ALA A 46 -1.63 -59.87 -2.85
N ALA A 47 -2.23 -59.16 -1.90
CA ALA A 47 -3.56 -59.43 -1.40
C ALA A 47 -4.51 -58.31 -1.81
N SER A 48 -5.81 -58.56 -1.68
CA SER A 48 -6.83 -57.59 -2.01
C SER A 48 -8.05 -57.87 -1.16
N ILE A 49 -8.36 -56.97 -0.22
CA ILE A 49 -9.42 -57.16 0.73
C ILE A 49 -10.48 -56.10 0.48
N GLY A 50 -11.74 -56.50 0.52
CA GLY A 50 -12.84 -55.59 0.29
C GLY A 50 -13.97 -55.83 1.27
N LEU A 51 -14.80 -54.82 1.45
CA LEU A 51 -15.97 -54.89 2.32
C LEU A 51 -17.16 -54.36 1.54
N TYR A 52 -18.22 -55.14 1.45
CA TYR A 52 -19.34 -54.83 0.59
C TYR A 52 -20.63 -54.82 1.41
N VAL A 53 -21.44 -53.78 1.21
CA VAL A 53 -22.65 -53.56 2.00
C VAL A 53 -23.84 -53.54 1.05
N ASP A 54 -24.96 -54.09 1.52
CA ASP A 54 -26.19 -54.19 0.74
C ASP A 54 -26.86 -52.85 0.46
N CYS A 55 -26.51 -51.81 1.21
CA CYS A 55 -27.13 -50.49 1.07
C CYS A 55 -26.75 -49.84 -0.25
N GLY A 56 -27.45 -48.77 -0.60
CA GLY A 56 -27.21 -48.09 -1.85
C GLY A 56 -28.12 -46.89 -1.99
N SER A 57 -28.34 -46.48 -3.23
CA SER A 57 -29.11 -45.28 -3.52
C SER A 57 -30.61 -45.54 -3.61
N ILE A 58 -31.07 -46.75 -3.36
CA ILE A 58 -32.50 -47.04 -3.35
C ILE A 58 -33.09 -47.03 -1.96
N TYR A 59 -32.28 -46.86 -0.93
CA TYR A 59 -32.75 -46.78 0.44
C TYR A 59 -32.89 -45.34 0.91
N GLU A 60 -33.05 -44.41 -0.03
CA GLU A 60 -33.01 -42.98 0.27
C GLU A 60 -34.45 -42.43 0.29
N THR A 61 -34.96 -42.20 1.49
CA THR A 61 -36.22 -41.50 1.70
C THR A 61 -35.97 -40.02 1.40
N PRO A 62 -37.03 -39.20 1.23
CA PRO A 62 -36.80 -37.79 0.84
C PRO A 62 -36.12 -36.92 1.89
N LEU A 63 -35.82 -37.42 3.08
CA LEU A 63 -35.05 -36.64 4.03
C LEU A 63 -33.55 -36.83 3.86
N THR A 64 -33.12 -37.90 3.20
CA THR A 64 -31.72 -38.24 3.03
C THR A 64 -31.31 -38.39 1.57
N PHE A 65 -31.79 -37.52 0.69
CA PHE A 65 -31.35 -37.55 -0.70
C PHE A 65 -29.90 -37.07 -0.79
N GLY A 66 -29.14 -37.73 -1.69
CA GLY A 66 -27.74 -37.43 -1.87
C GLY A 66 -26.81 -38.03 -0.84
N ALA A 67 -27.31 -38.86 0.07
CA ALA A 67 -26.53 -39.30 1.22
C ALA A 67 -25.74 -40.57 0.97
N THR A 68 -25.59 -41.01 -0.27
CA THR A 68 -24.64 -42.05 -0.61
C THR A 68 -23.59 -41.61 -1.61
N HIS A 69 -23.82 -40.55 -2.35
CA HIS A 69 -22.75 -39.90 -3.08
C HIS A 69 -21.79 -39.19 -2.13
N LEU A 70 -22.26 -38.80 -0.95
CA LEU A 70 -21.41 -38.16 0.04
C LEU A 70 -20.68 -39.17 0.91
N LEU A 71 -21.27 -40.34 1.17
CA LEU A 71 -20.59 -41.38 1.93
C LEU A 71 -19.40 -41.98 1.18
N GLU A 72 -19.35 -41.83 -0.13
CA GLU A 72 -18.19 -42.20 -0.94
C GLU A 72 -17.05 -41.20 -0.80
N ARG A 73 -17.35 -39.95 -0.45
CA ARG A 73 -16.34 -38.94 -0.23
C ARG A 73 -15.90 -38.85 1.22
N MET A 74 -16.64 -39.44 2.15
CA MET A 74 -16.32 -39.40 3.56
C MET A 74 -15.74 -40.72 4.04
N ALA A 75 -15.09 -41.46 3.14
CA ALA A 75 -14.92 -42.89 3.34
C ALA A 75 -13.83 -43.21 4.37
N PHE A 76 -12.59 -42.85 4.08
CA PHE A 76 -11.48 -43.19 4.98
C PHE A 76 -11.02 -41.96 5.75
N LYS A 77 -11.83 -41.53 6.71
CA LYS A 77 -11.57 -40.29 7.44
C LYS A 77 -11.61 -40.59 8.93
N SER A 78 -11.74 -39.55 9.75
CA SER A 78 -11.59 -39.64 11.19
C SER A 78 -12.56 -40.63 11.83
N THR A 79 -12.03 -41.50 12.68
CA THR A 79 -12.83 -42.47 13.41
C THR A 79 -12.74 -42.14 14.90
N ARG A 80 -13.30 -43.01 15.73
CA ARG A 80 -13.20 -42.86 17.17
C ARG A 80 -11.81 -43.19 17.70
N ASN A 81 -10.98 -43.85 16.90
CA ASN A 81 -9.67 -44.30 17.35
C ASN A 81 -8.52 -43.68 16.61
N ARG A 82 -8.74 -43.07 15.45
CA ARG A 82 -7.68 -42.54 14.62
C ARG A 82 -8.15 -41.22 14.03
N THR A 83 -7.26 -40.25 13.97
CA THR A 83 -7.59 -39.03 13.25
C THR A 83 -7.40 -39.25 11.76
N HIS A 84 -7.80 -38.25 10.97
CA HIS A 84 -7.58 -38.31 9.53
C HIS A 84 -6.10 -38.18 9.18
N PHE A 85 -5.27 -37.64 10.05
CA PHE A 85 -3.84 -37.58 9.80
C PHE A 85 -3.19 -38.94 10.03
N ARG A 86 -3.63 -39.73 10.99
CA ARG A 86 -3.08 -41.04 11.30
C ARG A 86 -3.58 -42.07 10.31
N VAL A 87 -4.72 -41.92 9.68
CA VAL A 87 -5.19 -42.88 8.69
C VAL A 87 -4.39 -42.74 7.40
N VAL A 88 -4.11 -41.51 6.98
CA VAL A 88 -3.34 -41.27 5.76
C VAL A 88 -1.90 -41.73 5.92
N ARG A 89 -1.32 -41.56 7.11
CA ARG A 89 0.07 -41.92 7.34
C ARG A 89 0.27 -43.41 7.53
N GLU A 90 -0.73 -44.14 7.98
CA GLU A 90 -0.65 -45.58 8.15
C GLU A 90 -0.78 -46.35 6.86
N VAL A 91 -1.44 -45.80 5.86
CA VAL A 91 -1.65 -46.45 4.58
C VAL A 91 -0.39 -46.25 3.75
N GLU A 92 0.19 -45.05 3.84
CA GLU A 92 1.43 -44.75 3.15
C GLU A 92 2.65 -45.40 3.78
N ALA A 93 2.56 -45.85 5.03
CA ALA A 93 3.70 -46.48 5.67
C ALA A 93 3.97 -47.86 5.12
N ILE A 94 2.94 -48.54 4.61
CA ILE A 94 3.10 -49.88 4.05
C ILE A 94 2.97 -49.89 2.54
N GLY A 95 2.74 -48.74 1.93
CA GLY A 95 2.59 -48.64 0.49
C GLY A 95 1.31 -49.24 -0.05
N GLY A 96 0.18 -48.95 0.59
CA GLY A 96 -1.10 -49.46 0.17
C GLY A 96 -1.87 -48.49 -0.73
N ASN A 97 -2.99 -48.99 -1.24
CA ASN A 97 -3.95 -48.20 -2.01
C ASN A 97 -5.33 -48.43 -1.42
N VAL A 98 -6.12 -47.38 -1.30
CA VAL A 98 -7.40 -47.46 -0.64
C VAL A 98 -8.43 -46.77 -1.55
N GLN A 99 -9.67 -47.26 -1.54
CA GLN A 99 -10.66 -46.83 -2.53
C GLN A 99 -12.07 -47.19 -2.08
N ALA A 100 -13.05 -46.44 -2.58
CA ALA A 100 -14.45 -46.70 -2.31
C ALA A 100 -15.30 -46.40 -3.55
N SER A 101 -16.50 -46.98 -3.59
CA SER A 101 -17.46 -46.71 -4.65
C SER A 101 -18.88 -46.95 -4.17
N ALA A 102 -19.84 -46.30 -4.83
CA ALA A 102 -21.25 -46.39 -4.47
C ALA A 102 -22.07 -46.66 -5.71
N SER A 103 -23.07 -47.55 -5.58
CA SER A 103 -24.02 -47.92 -6.66
C SER A 103 -25.46 -47.68 -6.24
N ARG A 104 -26.44 -48.08 -7.04
CA ARG A 104 -27.87 -47.99 -6.67
C ARG A 104 -28.24 -49.18 -5.84
N GLU A 105 -27.39 -50.19 -5.76
CA GLU A 105 -27.73 -51.26 -4.85
C GLU A 105 -26.57 -51.75 -4.00
N GLN A 106 -25.34 -51.28 -4.29
CA GLN A 106 -24.15 -51.78 -3.55
C GLN A 106 -23.13 -50.74 -3.12
N MET A 107 -22.61 -50.76 -1.88
CA MET A 107 -21.48 -49.94 -1.44
C MET A 107 -20.27 -50.85 -1.24
N GLY A 108 -19.10 -50.36 -1.63
CA GLY A 108 -17.89 -51.18 -1.50
C GLY A 108 -16.62 -50.43 -1.13
N TYR A 109 -15.87 -50.97 -0.17
CA TYR A 109 -14.64 -50.37 0.35
C TYR A 109 -13.50 -51.36 0.20
N THR A 110 -12.42 -50.95 -0.48
CA THR A 110 -11.34 -51.88 -0.81
C THR A 110 -9.98 -51.40 -0.29
N PHE A 111 -9.06 -52.35 -0.19
CA PHE A 111 -7.68 -52.18 0.28
C PHE A 111 -6.84 -53.19 -0.50
N ASP A 112 -5.61 -52.85 -0.88
CA ASP A 112 -4.68 -53.86 -1.38
C ASP A 112 -3.24 -53.49 -1.04
N ALA A 113 -2.50 -54.45 -0.51
CA ALA A 113 -1.08 -54.32 -0.21
C ALA A 113 -0.44 -55.69 -0.39
N LEU A 114 0.85 -55.77 -0.07
CA LEU A 114 1.57 -57.04 -0.12
C LEU A 114 1.07 -57.96 0.99
N LYS A 115 1.25 -59.26 0.80
CA LYS A 115 0.70 -60.28 1.71
C LYS A 115 1.34 -60.28 3.09
N THR A 116 2.42 -59.53 3.30
CA THR A 116 2.98 -59.39 4.63
C THR A 116 2.08 -58.59 5.56
N HIS A 117 1.27 -57.69 5.01
CA HIS A 117 0.56 -56.68 5.76
C HIS A 117 -0.92 -57.00 5.91
N VAL A 118 -1.27 -58.27 6.05
CA VAL A 118 -2.68 -58.67 6.12
C VAL A 118 -3.32 -58.32 7.46
N PRO A 119 -2.70 -58.52 8.65
CA PRO A 119 -3.38 -58.05 9.87
C PRO A 119 -3.54 -56.54 9.99
N GLU A 120 -2.66 -55.76 9.37
CA GLU A 120 -2.80 -54.31 9.33
C GLU A 120 -3.93 -53.87 8.41
N MET A 121 -4.04 -54.51 7.24
CA MET A 121 -5.04 -54.19 6.24
C MET A 121 -6.46 -54.46 6.70
N VAL A 122 -6.66 -55.41 7.59
CA VAL A 122 -8.00 -55.80 8.02
C VAL A 122 -8.53 -54.86 9.09
N GLU A 123 -7.74 -54.55 10.12
CA GLU A 123 -8.27 -53.78 11.23
C GLU A 123 -8.40 -52.29 10.92
N LEU A 124 -7.72 -51.78 9.90
CA LEU A 124 -8.00 -50.43 9.45
C LEU A 124 -9.27 -50.39 8.62
N LEU A 125 -9.57 -51.45 7.88
CA LEU A 125 -10.76 -51.48 7.05
C LEU A 125 -12.01 -51.64 7.89
N VAL A 126 -11.94 -52.43 8.96
CA VAL A 126 -13.11 -52.62 9.80
C VAL A 126 -13.39 -51.38 10.64
N ASP A 127 -12.37 -50.73 11.15
CA ASP A 127 -12.54 -49.52 11.97
C ASP A 127 -13.05 -48.32 11.18
N CYS A 128 -12.68 -48.20 9.92
CA CYS A 128 -13.12 -47.07 9.12
C CYS A 128 -14.55 -47.20 8.62
N VAL A 129 -15.19 -48.35 8.80
CA VAL A 129 -16.53 -48.59 8.29
C VAL A 129 -17.47 -48.78 9.47
N ARG A 130 -16.98 -49.32 10.55
CA ARG A 130 -17.79 -49.61 11.75
C ARG A 130 -17.86 -48.43 12.69
N ASN A 131 -16.85 -47.58 12.74
CA ASN A 131 -16.82 -46.51 13.74
C ASN A 131 -16.49 -45.15 13.12
N PRO A 132 -17.33 -44.63 12.20
CA PRO A 132 -17.06 -43.27 11.74
C PRO A 132 -17.73 -42.20 12.58
N VAL A 133 -16.97 -41.26 13.12
CA VAL A 133 -17.52 -40.01 13.60
C VAL A 133 -17.65 -39.09 12.40
N PHE A 134 -18.66 -38.25 12.39
CA PHE A 134 -18.84 -37.34 11.27
C PHE A 134 -18.75 -35.92 11.81
N LEU A 135 -17.55 -35.34 11.71
CA LEU A 135 -17.25 -34.02 12.27
C LEU A 135 -17.65 -32.99 11.24
N ASP A 136 -18.26 -31.90 11.71
CA ASP A 136 -18.88 -30.94 10.80
C ASP A 136 -17.89 -30.19 9.94
N TRP A 137 -16.67 -30.01 10.42
CA TRP A 137 -15.69 -29.29 9.61
C TRP A 137 -15.05 -30.16 8.55
N GLU A 138 -15.19 -31.48 8.68
CA GLU A 138 -14.76 -32.39 7.62
C GLU A 138 -15.87 -32.64 6.60
N VAL A 139 -17.12 -32.68 7.04
CA VAL A 139 -18.24 -32.86 6.13
C VAL A 139 -18.45 -31.63 5.26
N ASN A 140 -18.30 -30.44 5.83
CA ASN A 140 -18.51 -29.19 5.11
C ASN A 140 -17.45 -28.94 4.05
N GLU A 141 -16.24 -29.44 4.21
CA GLU A 141 -15.25 -29.25 3.17
C GLU A 141 -15.37 -30.29 2.07
N GLN A 142 -16.10 -31.37 2.30
CA GLN A 142 -16.44 -32.30 1.23
C GLN A 142 -17.70 -31.90 0.48
N LEU A 143 -18.66 -31.25 1.14
CA LEU A 143 -19.84 -30.73 0.48
C LEU A 143 -19.53 -29.64 -0.52
N LEU A 144 -18.50 -28.85 -0.26
CA LEU A 144 -18.17 -27.72 -1.11
C LEU A 144 -17.49 -28.15 -2.39
N LYS A 145 -17.00 -29.39 -2.46
CA LYS A 145 -16.47 -29.96 -3.69
C LYS A 145 -17.55 -30.65 -4.52
N VAL A 146 -18.55 -31.23 -3.87
CA VAL A 146 -19.71 -31.76 -4.58
C VAL A 146 -20.56 -30.63 -5.15
N LYS A 147 -20.64 -29.49 -4.46
CA LYS A 147 -21.35 -28.34 -4.98
C LYS A 147 -20.65 -27.68 -6.15
N ALA A 148 -19.33 -27.82 -6.26
CA ALA A 148 -18.58 -27.28 -7.39
C ALA A 148 -18.41 -28.28 -8.52
N GLU A 149 -18.97 -29.48 -8.38
CA GLU A 149 -19.02 -30.43 -9.49
C GLU A 149 -20.43 -30.68 -9.99
N VAL A 150 -21.44 -30.26 -9.23
CA VAL A 150 -22.78 -30.14 -9.78
C VAL A 150 -22.92 -28.82 -10.51
N GLY A 151 -21.93 -27.94 -10.38
CA GLY A 151 -21.87 -26.75 -11.22
C GLY A 151 -21.74 -27.10 -12.69
N GLU A 152 -21.00 -28.16 -12.99
CA GLU A 152 -20.99 -28.69 -14.36
C GLU A 152 -20.89 -30.21 -14.31
N ALA A 153 -21.94 -30.86 -14.81
CA ALA A 153 -21.88 -32.28 -15.16
C ALA A 153 -22.13 -32.48 -16.64
N SER A 154 -22.17 -31.40 -17.42
CA SER A 154 -22.62 -31.42 -18.80
C SER A 154 -21.51 -31.78 -19.78
N LYS A 155 -20.44 -32.40 -19.30
CA LYS A 155 -19.32 -32.76 -20.15
C LYS A 155 -19.21 -34.28 -20.27
N ASN A 156 -20.15 -35.00 -19.68
CA ASN A 156 -20.22 -36.44 -19.83
C ASN A 156 -21.63 -36.79 -20.29
N PRO A 157 -21.94 -36.65 -21.58
CA PRO A 157 -23.30 -36.93 -22.03
C PRO A 157 -23.54 -38.40 -22.34
N GLN A 158 -23.09 -39.28 -21.46
CA GLN A 158 -23.51 -40.68 -21.56
C GLN A 158 -23.78 -41.18 -20.14
N ASP A 159 -23.46 -40.37 -19.13
CA ASP A 159 -24.04 -40.55 -17.81
C ASP A 159 -25.06 -39.49 -17.47
N LEU A 160 -25.11 -38.40 -18.24
CA LEU A 160 -26.29 -37.54 -18.23
C LEU A 160 -27.50 -38.29 -18.76
N LEU A 161 -27.32 -38.98 -19.90
CA LEU A 161 -28.42 -39.73 -20.49
C LEU A 161 -28.74 -40.98 -19.69
N LEU A 162 -27.73 -41.73 -19.24
CA LEU A 162 -27.97 -42.97 -18.53
C LEU A 162 -28.66 -42.79 -17.19
N GLU A 163 -28.57 -41.59 -16.61
CA GLU A 163 -29.38 -41.28 -15.45
C GLU A 163 -30.79 -40.85 -15.86
N ALA A 164 -30.92 -40.26 -17.05
CA ALA A 164 -32.21 -39.81 -17.56
C ALA A 164 -33.02 -40.93 -18.21
N ILE A 165 -32.44 -42.11 -18.42
CA ILE A 165 -33.19 -43.28 -18.85
C ILE A 165 -33.53 -44.07 -17.59
N HIS A 166 -33.37 -43.44 -16.46
CA HIS A 166 -33.67 -44.24 -15.28
C HIS A 166 -34.74 -43.50 -14.50
N SER A 167 -34.72 -42.17 -14.37
CA SER A 167 -35.81 -41.50 -13.69
C SER A 167 -37.10 -41.57 -14.51
N ALA A 168 -37.03 -41.11 -15.75
CA ALA A 168 -38.10 -41.37 -16.70
C ALA A 168 -38.04 -42.84 -17.09
N GLY A 169 -38.94 -43.64 -16.54
CA GLY A 169 -38.91 -45.06 -16.79
C GLY A 169 -39.24 -45.88 -15.55
N TYR A 170 -38.97 -45.35 -14.38
CA TYR A 170 -39.31 -46.05 -13.15
C TYR A 170 -40.11 -45.10 -12.26
N SER A 171 -40.62 -45.64 -11.15
CA SER A 171 -41.49 -44.83 -10.29
C SER A 171 -40.93 -44.71 -8.88
N GLY A 172 -40.54 -45.82 -8.28
CA GLY A 172 -40.18 -45.81 -6.87
C GLY A 172 -38.71 -45.65 -6.58
N ALA A 173 -38.08 -46.74 -6.14
CA ALA A 173 -36.72 -46.70 -5.63
C ALA A 173 -35.68 -46.52 -6.73
N LEU A 174 -35.88 -47.16 -7.87
CA LEU A 174 -34.90 -47.16 -8.94
C LEU A 174 -34.89 -45.85 -9.71
N ALA A 175 -35.82 -44.95 -9.38
CA ALA A 175 -35.81 -43.60 -9.92
C ALA A 175 -35.13 -42.59 -9.01
N ASN A 176 -34.66 -43.01 -7.83
CA ASN A 176 -33.89 -42.13 -6.97
C ASN A 176 -32.56 -41.81 -7.64
N PRO A 177 -32.15 -40.54 -7.70
CA PRO A 177 -30.95 -40.19 -8.46
C PRO A 177 -29.68 -40.50 -7.68
N LEU A 178 -28.64 -40.83 -8.44
CA LEU A 178 -27.37 -41.23 -7.85
C LEU A 178 -26.56 -39.99 -7.47
N LEU A 179 -26.24 -39.17 -8.46
CA LEU A 179 -25.57 -37.89 -8.24
C LEU A 179 -26.63 -36.79 -8.17
N ALA A 180 -26.76 -36.17 -7.00
CA ALA A 180 -27.91 -35.33 -6.67
C ALA A 180 -27.69 -33.87 -7.05
N SER A 181 -28.78 -33.11 -6.96
CA SER A 181 -28.87 -31.72 -7.39
C SER A 181 -28.47 -30.75 -6.29
N GLU A 182 -28.74 -29.45 -6.50
CA GLU A 182 -28.28 -28.39 -5.62
C GLU A 182 -29.07 -28.23 -4.32
N SER A 183 -30.37 -28.55 -4.30
CA SER A 183 -31.17 -28.31 -3.11
C SER A 183 -31.03 -29.38 -2.04
N ALA A 184 -30.79 -30.64 -2.43
CA ALA A 184 -30.59 -31.70 -1.46
C ALA A 184 -29.18 -31.71 -0.90
N LEU A 185 -28.29 -30.88 -1.45
CA LEU A 185 -26.99 -30.64 -0.84
C LEU A 185 -27.05 -29.57 0.22
N ASN A 186 -28.19 -28.91 0.39
CA ASN A 186 -28.36 -27.88 1.38
C ASN A 186 -29.07 -28.35 2.63
N GLY A 187 -29.70 -29.52 2.59
CA GLY A 187 -30.28 -30.14 3.76
C GLY A 187 -29.43 -31.23 4.37
N LEU A 188 -28.18 -31.38 3.93
CA LEU A 188 -27.31 -32.45 4.37
C LEU A 188 -26.27 -31.93 5.35
N ASN A 189 -26.08 -32.64 6.44
CA ASN A 189 -25.02 -32.31 7.38
C ASN A 189 -24.50 -33.60 8.01
N GLY A 190 -23.70 -33.44 9.04
CA GLY A 190 -23.02 -34.57 9.66
C GLY A 190 -23.87 -35.44 10.53
N SER A 191 -25.10 -35.03 10.84
CA SER A 191 -26.02 -35.87 11.61
C SER A 191 -27.01 -36.62 10.75
N ILE A 192 -27.18 -36.20 9.49
CA ILE A 192 -27.98 -36.98 8.55
C ILE A 192 -27.21 -38.22 8.12
N LEU A 193 -25.91 -38.05 7.82
CA LEU A 193 -25.05 -39.17 7.48
C LEU A 193 -24.87 -40.12 8.65
N GLU A 194 -24.89 -39.59 9.86
CA GLU A 194 -24.59 -40.37 11.05
C GLU A 194 -25.68 -41.38 11.41
N GLU A 195 -26.96 -41.02 11.21
CA GLU A 195 -28.04 -41.95 11.50
C GLU A 195 -28.56 -42.68 10.28
N PHE A 196 -28.18 -42.26 9.07
CA PHE A 196 -28.38 -43.07 7.89
C PHE A 196 -27.51 -44.32 7.92
N VAL A 197 -26.33 -44.22 8.53
CA VAL A 197 -25.39 -45.33 8.60
C VAL A 197 -25.69 -46.25 9.77
N ALA A 198 -26.15 -45.71 10.90
CA ALA A 198 -26.49 -46.51 12.06
C ALA A 198 -27.75 -47.35 11.86
N GLU A 199 -28.53 -47.06 10.82
CA GLU A 199 -29.73 -47.79 10.48
C GLU A 199 -29.51 -48.78 9.35
N ASN A 200 -28.65 -48.47 8.40
CA ASN A 200 -28.53 -49.21 7.16
C ASN A 200 -27.24 -50.04 7.06
N TYR A 201 -26.34 -49.96 8.04
CA TYR A 201 -25.10 -50.75 7.99
C TYR A 201 -25.16 -51.77 9.13
N THR A 202 -25.83 -52.87 8.85
CA THR A 202 -26.05 -53.90 9.87
C THR A 202 -25.41 -55.20 9.44
N ALA A 203 -25.14 -56.04 10.43
CA ALA A 203 -24.50 -57.35 10.30
C ALA A 203 -25.09 -58.29 9.25
N PRO A 204 -26.43 -58.40 9.03
CA PRO A 204 -26.89 -59.25 7.92
C PRO A 204 -26.71 -58.67 6.53
N ARG A 205 -26.03 -57.54 6.40
CA ARG A 205 -25.86 -56.90 5.10
C ARG A 205 -24.40 -56.65 4.76
N ILE A 206 -23.47 -57.25 5.49
CA ILE A 206 -22.04 -56.99 5.36
C ILE A 206 -21.33 -58.28 4.96
N VAL A 207 -20.41 -58.20 3.99
CA VAL A 207 -19.62 -59.33 3.53
C VAL A 207 -18.16 -58.89 3.41
N LEU A 208 -17.25 -59.64 4.04
CA LEU A 208 -15.82 -59.41 3.90
C LEU A 208 -15.23 -60.44 2.95
N ALA A 209 -14.52 -59.97 1.92
CA ALA A 209 -14.06 -60.84 0.84
C ALA A 209 -12.58 -60.60 0.57
N ALA A 210 -11.78 -61.66 0.64
CA ALA A 210 -10.34 -61.58 0.50
C ALA A 210 -9.87 -62.44 -0.67
N SER A 211 -8.80 -62.02 -1.30
CA SER A 211 -8.21 -62.77 -2.44
C SER A 211 -6.71 -62.86 -2.27
N GLY A 212 -6.19 -63.96 -1.80
CA GLY A 212 -4.75 -64.13 -1.61
C GLY A 212 -4.44 -64.25 -0.15
N VAL A 213 -5.40 -64.67 0.62
CA VAL A 213 -5.25 -64.78 2.07
C VAL A 213 -5.74 -66.16 2.40
N GLU A 214 -5.08 -66.88 3.27
CA GLU A 214 -5.60 -68.17 3.77
C GLU A 214 -6.76 -67.97 4.76
N HIS A 215 -7.77 -68.83 4.77
CA HIS A 215 -9.02 -68.65 5.50
C HIS A 215 -8.85 -68.70 7.01
N GLU A 216 -7.81 -69.35 7.51
CA GLU A 216 -7.62 -69.36 8.95
C GLU A 216 -6.86 -68.15 9.46
N GLU A 217 -6.20 -67.39 8.58
CA GLU A 217 -5.62 -66.12 8.95
C GLU A 217 -6.69 -65.04 9.08
N LEU A 218 -7.63 -65.02 8.14
CA LEU A 218 -8.71 -64.04 8.10
C LEU A 218 -9.70 -64.22 9.25
N LEU A 219 -9.67 -65.36 9.92
CA LEU A 219 -10.52 -65.58 11.09
C LEU A 219 -9.82 -65.30 12.40
N SER A 220 -8.49 -65.25 12.42
CA SER A 220 -7.79 -64.86 13.63
C SER A 220 -7.77 -63.35 13.80
N ILE A 221 -8.00 -62.60 12.73
CA ILE A 221 -7.96 -61.14 12.75
C ILE A 221 -9.36 -60.56 12.82
N ALA A 222 -10.20 -60.91 11.84
CA ALA A 222 -11.48 -60.23 11.65
C ALA A 222 -12.60 -60.75 12.53
N GLU A 223 -12.45 -61.89 13.15
CA GLU A 223 -13.51 -62.39 14.01
C GLU A 223 -13.59 -61.71 15.39
N PRO A 224 -12.49 -61.44 16.11
CA PRO A 224 -12.62 -60.79 17.38
C PRO A 224 -13.04 -59.32 17.23
N LEU A 225 -13.37 -58.83 16.05
CA LEU A 225 -13.63 -57.38 15.83
C LEU A 225 -14.97 -57.22 15.18
N LEU A 226 -15.67 -58.28 14.83
CA LEU A 226 -16.94 -58.13 14.08
C LEU A 226 -18.02 -59.00 14.70
N SER A 227 -17.70 -59.78 15.70
CA SER A 227 -18.65 -60.74 16.24
C SER A 227 -19.71 -60.12 17.13
N ASP A 228 -19.49 -58.90 17.62
CA ASP A 228 -20.41 -58.30 18.59
C ASP A 228 -21.34 -57.26 18.00
N LEU A 229 -21.38 -57.11 16.68
CA LEU A 229 -22.47 -56.38 16.05
C LEU A 229 -23.78 -57.12 16.30
N PRO A 230 -24.89 -56.42 16.53
CA PRO A 230 -26.12 -57.11 16.91
C PRO A 230 -26.82 -57.74 15.72
N ASN A 231 -27.54 -58.82 16.00
CA ASN A 231 -28.36 -59.48 15.00
C ASN A 231 -29.71 -58.78 14.96
N VAL A 232 -30.02 -58.17 13.82
CA VAL A 232 -31.26 -57.43 13.64
C VAL A 232 -32.01 -58.05 12.46
N PRO A 233 -33.33 -57.94 12.40
CA PRO A 233 -34.02 -58.37 11.18
C PRO A 233 -33.70 -57.45 10.01
N ARG A 234 -33.52 -58.02 8.83
CA ARG A 234 -33.29 -57.19 7.64
C ARG A 234 -34.58 -56.48 7.35
N PRO A 235 -34.57 -55.36 6.62
CA PRO A 235 -35.79 -54.63 6.26
C PRO A 235 -36.46 -55.26 5.06
N GLU A 236 -37.55 -54.67 4.59
CA GLU A 236 -38.18 -55.11 3.36
C GLU A 236 -37.56 -54.35 2.20
N GLU A 237 -37.33 -55.03 1.10
CA GLU A 237 -36.59 -54.46 -0.01
C GLU A 237 -37.46 -53.45 -0.75
N PRO A 238 -36.91 -52.29 -1.10
CA PRO A 238 -37.72 -51.24 -1.73
C PRO A 238 -38.19 -51.63 -3.12
N LYS A 239 -39.41 -51.20 -3.43
CA LYS A 239 -40.13 -51.65 -4.61
C LYS A 239 -40.29 -50.50 -5.59
N SER A 240 -40.37 -50.86 -6.87
CA SER A 240 -40.69 -49.93 -7.93
C SER A 240 -41.33 -50.72 -9.06
N VAL A 241 -41.89 -50.01 -10.03
CA VAL A 241 -42.49 -50.65 -11.20
C VAL A 241 -41.93 -50.01 -12.45
N TYR A 242 -41.81 -50.79 -13.52
CA TYR A 242 -41.38 -50.24 -14.80
C TYR A 242 -42.59 -49.72 -15.53
N THR A 243 -42.77 -48.41 -15.49
CA THR A 243 -43.68 -47.76 -16.42
C THR A 243 -42.87 -47.40 -17.66
N GLY A 244 -43.51 -46.80 -18.65
CA GLY A 244 -42.82 -46.17 -19.74
C GLY A 244 -42.42 -44.76 -19.36
N GLY A 245 -41.96 -44.01 -20.35
CA GLY A 245 -41.69 -42.61 -20.09
C GLY A 245 -40.91 -41.99 -21.22
N ASP A 246 -41.06 -40.68 -21.33
CA ASP A 246 -40.27 -39.87 -22.24
C ASP A 246 -39.55 -38.83 -21.41
N TYR A 247 -38.39 -38.41 -21.89
CA TYR A 247 -37.66 -37.32 -21.25
C TYR A 247 -36.91 -36.60 -22.34
N ARG A 248 -36.83 -35.29 -22.21
CA ARG A 248 -36.03 -34.50 -23.13
C ARG A 248 -35.63 -33.22 -22.42
N CYS A 249 -34.43 -32.77 -22.71
CA CYS A 249 -33.93 -31.50 -22.23
C CYS A 249 -33.16 -30.90 -23.39
N HIS A 250 -33.73 -29.87 -24.01
CA HIS A 250 -32.94 -29.02 -24.86
C HIS A 250 -31.81 -28.44 -24.03
N THR A 251 -30.59 -28.59 -24.55
CA THR A 251 -29.37 -28.45 -23.77
C THR A 251 -29.16 -27.07 -23.19
N GLU A 252 -28.18 -26.94 -22.30
CA GLU A 252 -27.87 -25.69 -21.63
C GLU A 252 -27.41 -24.67 -22.65
N SER A 253 -27.84 -23.42 -22.45
CA SER A 253 -28.02 -22.42 -23.49
C SER A 253 -26.74 -21.96 -24.18
N GLY A 254 -25.58 -22.51 -23.84
CA GLY A 254 -24.34 -22.16 -24.49
C GLY A 254 -23.75 -23.25 -25.35
N HIS A 255 -24.37 -24.44 -25.36
CA HIS A 255 -23.80 -25.64 -26.05
C HIS A 255 -23.88 -25.78 -27.58
N ILE A 256 -24.45 -24.85 -28.37
CA ILE A 256 -24.68 -25.11 -29.84
C ILE A 256 -23.93 -24.23 -30.85
N LEU A 257 -24.60 -23.83 -31.97
CA LEU A 257 -24.00 -23.05 -33.10
C LEU A 257 -22.93 -23.94 -33.76
N ASN A 258 -23.36 -25.07 -34.38
CA ASN A 258 -22.44 -26.12 -34.91
C ASN A 258 -21.87 -26.87 -33.70
N GLY A 259 -22.53 -26.81 -32.50
CA GLY A 259 -21.92 -27.33 -31.26
C GLY A 259 -22.49 -28.56 -30.59
N GLN A 260 -23.70 -28.46 -29.96
CA GLN A 260 -24.22 -29.60 -29.15
C GLN A 260 -24.36 -30.88 -29.97
N ARG A 261 -24.93 -30.81 -31.18
CA ARG A 261 -25.20 -32.02 -31.99
C ARG A 261 -26.42 -32.74 -31.40
N THR A 262 -26.32 -34.04 -31.16
CA THR A 262 -27.54 -34.71 -30.66
C THR A 262 -27.13 -35.94 -29.86
N HIS A 263 -27.87 -36.27 -28.84
CA HIS A 263 -27.62 -37.51 -28.11
C HIS A 263 -28.97 -38.08 -27.72
N PHE A 264 -29.37 -39.20 -28.32
CA PHE A 264 -30.61 -39.82 -27.90
C PHE A 264 -30.39 -41.29 -27.60
N ALA A 265 -31.43 -41.97 -27.10
CA ALA A 265 -31.34 -43.36 -26.68
C ALA A 265 -32.72 -43.95 -26.46
N LEU A 266 -32.78 -45.28 -26.49
CA LEU A 266 -34.02 -46.03 -26.31
C LEU A 266 -33.77 -47.12 -25.28
N ALA A 267 -34.83 -47.71 -24.75
CA ALA A 267 -34.66 -48.71 -23.70
C ALA A 267 -35.89 -49.60 -23.60
N PHE A 268 -35.73 -50.70 -22.87
CA PHE A 268 -36.79 -51.66 -22.64
C PHE A 268 -36.61 -52.30 -21.27
N GLU A 269 -37.26 -53.43 -21.01
CA GLU A 269 -37.25 -54.01 -19.67
C GLU A 269 -37.49 -55.50 -19.79
N LEU A 270 -37.00 -56.26 -18.80
CA LEU A 270 -37.20 -57.71 -18.77
C LEU A 270 -37.14 -58.22 -17.33
N PRO A 271 -38.28 -58.81 -16.82
CA PRO A 271 -38.62 -58.82 -15.39
C PRO A 271 -37.58 -59.24 -14.35
N GLY A 272 -36.82 -60.31 -14.58
CA GLY A 272 -35.77 -60.70 -13.66
C GLY A 272 -34.40 -60.28 -14.18
N GLY A 273 -33.48 -60.01 -13.21
CA GLY A 273 -32.16 -59.68 -13.70
C GLY A 273 -31.04 -60.62 -13.32
N TRP A 274 -31.04 -61.14 -12.10
CA TRP A 274 -29.98 -62.08 -11.73
C TRP A 274 -30.47 -63.29 -10.96
N HIS A 275 -31.69 -63.26 -10.42
CA HIS A 275 -32.26 -64.44 -9.79
C HIS A 275 -32.91 -65.36 -10.79
N LYS A 276 -33.19 -64.85 -11.99
CA LYS A 276 -33.46 -65.69 -13.14
C LYS A 276 -32.16 -65.70 -13.96
N LEU A 277 -31.38 -66.75 -13.73
CA LEU A 277 -30.01 -66.80 -14.17
C LEU A 277 -29.89 -67.04 -15.68
N LYS A 278 -30.74 -67.93 -16.20
CA LYS A 278 -30.66 -68.35 -17.60
C LYS A 278 -30.86 -67.21 -18.58
N ASP A 279 -31.70 -66.23 -18.23
CA ASP A 279 -32.08 -65.18 -19.15
C ASP A 279 -31.03 -64.07 -19.24
N ALA A 280 -30.24 -63.85 -18.20
CA ALA A 280 -29.27 -62.76 -18.20
C ALA A 280 -28.07 -63.06 -19.07
N MET A 281 -27.66 -64.33 -19.16
CA MET A 281 -26.53 -64.68 -19.99
C MET A 281 -26.86 -64.61 -21.47
N VAL A 282 -28.14 -64.74 -21.84
CA VAL A 282 -28.55 -64.57 -23.21
C VAL A 282 -28.38 -63.12 -23.63
N LEU A 283 -28.64 -62.19 -22.71
CA LEU A 283 -28.61 -60.77 -23.05
C LEU A 283 -27.18 -60.24 -23.08
N THR A 284 -26.26 -60.83 -22.31
CA THR A 284 -24.85 -60.45 -22.45
C THR A 284 -24.29 -60.92 -23.78
N VAL A 285 -24.76 -62.05 -24.29
CA VAL A 285 -24.39 -62.48 -25.63
C VAL A 285 -24.99 -61.54 -26.67
N LEU A 286 -26.22 -61.11 -26.45
CA LEU A 286 -26.88 -60.20 -27.38
C LEU A 286 -26.26 -58.80 -27.34
N GLN A 287 -25.58 -58.47 -26.25
CA GLN A 287 -24.87 -57.19 -26.18
C GLN A 287 -23.61 -57.23 -27.05
N MET A 288 -22.83 -58.31 -26.96
CA MET A 288 -21.66 -58.46 -27.82
C MET A 288 -22.04 -58.78 -29.25
N LEU A 289 -23.23 -59.30 -29.48
CA LEU A 289 -23.69 -59.54 -30.85
C LEU A 289 -24.05 -58.23 -31.53
N LEU A 290 -24.74 -57.35 -30.81
CA LEU A 290 -25.09 -56.05 -31.38
C LEU A 290 -23.90 -55.11 -31.38
N GLY A 291 -23.32 -54.86 -30.21
CA GLY A 291 -22.02 -54.21 -30.07
C GLY A 291 -21.88 -52.79 -30.58
N GLY A 292 -21.02 -52.58 -31.56
CA GLY A 292 -20.82 -51.28 -32.15
C GLY A 292 -19.83 -50.45 -31.35
N GLY A 293 -19.53 -49.26 -31.85
CA GLY A 293 -18.63 -48.36 -31.19
C GLY A 293 -18.67 -46.95 -31.74
N GLY A 294 -17.66 -46.14 -31.44
CA GLY A 294 -17.59 -44.79 -31.96
C GLY A 294 -16.81 -44.72 -33.26
N SER A 295 -16.04 -45.78 -33.52
CA SER A 295 -15.41 -46.13 -34.80
C SER A 295 -14.30 -45.21 -35.29
N PHE A 296 -14.05 -44.07 -34.64
CA PHE A 296 -12.86 -43.29 -34.94
C PHE A 296 -11.76 -43.63 -33.95
N SER A 297 -12.07 -44.45 -32.96
CA SER A 297 -11.06 -45.09 -32.13
C SER A 297 -10.28 -46.07 -32.99
N ALA A 298 -8.95 -46.04 -32.85
CA ALA A 298 -8.06 -46.85 -33.68
C ALA A 298 -7.25 -47.82 -32.82
N GLY A 299 -7.87 -48.95 -32.49
CA GLY A 299 -7.20 -50.01 -31.77
C GLY A 299 -6.66 -51.04 -32.74
N GLY A 300 -7.22 -52.23 -32.72
CA GLY A 300 -6.86 -53.27 -33.65
C GLY A 300 -7.97 -54.29 -33.78
N PRO A 301 -7.63 -55.45 -34.34
CA PRO A 301 -8.50 -56.64 -34.18
C PRO A 301 -8.73 -56.91 -32.71
N GLY A 302 -10.00 -57.21 -32.35
CA GLY A 302 -10.36 -56.73 -31.03
C GLY A 302 -11.85 -56.64 -30.75
N LYS A 303 -12.25 -55.42 -30.38
CA LYS A 303 -13.50 -55.17 -29.68
C LYS A 303 -14.79 -55.43 -30.48
N GLY A 304 -15.10 -54.64 -31.51
CA GLY A 304 -16.40 -54.71 -32.14
C GLY A 304 -16.44 -54.42 -33.62
N MET A 305 -15.34 -54.63 -34.32
CA MET A 305 -15.28 -54.27 -35.74
C MET A 305 -16.04 -55.23 -36.63
N TYR A 306 -16.56 -56.34 -36.11
CA TYR A 306 -17.43 -57.21 -36.88
C TYR A 306 -18.71 -57.52 -36.14
N SER A 307 -19.32 -56.49 -35.58
CA SER A 307 -20.63 -56.59 -34.95
C SER A 307 -21.69 -56.09 -35.91
N ARG A 308 -22.95 -56.38 -35.58
CA ARG A 308 -24.08 -55.96 -36.38
C ARG A 308 -24.20 -54.46 -36.44
N LEU A 309 -24.05 -53.78 -35.30
CA LEU A 309 -24.18 -52.33 -35.27
C LEU A 309 -22.96 -51.60 -35.80
N TYR A 310 -21.96 -52.34 -36.27
CA TYR A 310 -20.74 -51.74 -36.83
C TYR A 310 -20.78 -51.80 -38.35
N LEU A 311 -20.95 -52.98 -38.94
CA LEU A 311 -20.90 -53.10 -40.39
C LEU A 311 -22.28 -52.97 -41.02
N ARG A 312 -23.30 -52.66 -40.21
CA ARG A 312 -24.61 -52.32 -40.78
C ARG A 312 -25.10 -50.94 -40.37
N VAL A 313 -24.31 -50.16 -39.62
CA VAL A 313 -24.67 -48.77 -39.38
C VAL A 313 -23.52 -47.83 -39.78
N LEU A 314 -22.42 -47.87 -39.03
CA LEU A 314 -21.39 -46.85 -39.25
C LEU A 314 -20.54 -47.11 -40.48
N ASN A 315 -20.64 -48.31 -41.05
CA ASN A 315 -19.79 -48.63 -42.20
C ASN A 315 -20.37 -48.07 -43.49
N GLU A 316 -21.62 -47.58 -43.47
CA GLU A 316 -22.19 -46.99 -44.67
C GLU A 316 -22.99 -45.72 -44.41
N TYR A 317 -23.30 -45.42 -43.15
CA TYR A 317 -23.88 -44.12 -42.78
C TYR A 317 -22.80 -43.31 -42.06
N PRO A 318 -22.09 -42.43 -42.77
CA PRO A 318 -20.98 -41.69 -42.11
C PRO A 318 -21.44 -40.56 -41.20
N GLN A 319 -22.75 -40.27 -41.13
CA GLN A 319 -23.18 -39.16 -40.29
C GLN A 319 -23.27 -39.55 -38.82
N PHE A 320 -23.34 -40.85 -38.54
CA PHE A 320 -23.21 -41.30 -37.16
C PHE A 320 -21.80 -41.06 -36.65
N HIS A 321 -21.70 -40.76 -35.36
CA HIS A 321 -20.41 -40.65 -34.69
C HIS A 321 -20.29 -41.62 -33.53
N SER A 322 -21.41 -42.15 -33.02
CA SER A 322 -21.41 -43.19 -32.01
C SER A 322 -22.71 -43.96 -32.06
N ILE A 323 -22.64 -45.28 -31.97
CA ILE A 323 -23.80 -46.11 -31.69
C ILE A 323 -23.33 -47.36 -30.96
N SER A 324 -23.98 -47.68 -29.86
CA SER A 324 -23.59 -48.83 -29.05
C SER A 324 -24.78 -49.27 -28.21
N ALA A 325 -24.81 -50.55 -27.88
CA ALA A 325 -25.82 -51.07 -26.98
C ALA A 325 -25.37 -50.82 -25.54
N PHE A 326 -26.28 -51.03 -24.58
CA PHE A 326 -25.95 -50.99 -23.17
C PHE A 326 -26.93 -51.83 -22.37
N ASN A 327 -26.44 -52.47 -21.35
CA ASN A 327 -27.29 -53.21 -20.42
C ASN A 327 -27.02 -52.73 -19.00
N ASN A 328 -28.06 -52.51 -18.22
CA ASN A 328 -27.89 -52.20 -16.81
C ASN A 328 -28.70 -53.18 -15.98
N ILE A 329 -28.11 -54.33 -15.70
CA ILE A 329 -28.82 -55.37 -14.94
C ILE A 329 -28.67 -55.06 -13.46
N TYR A 330 -29.78 -55.34 -12.75
CA TYR A 330 -29.82 -55.15 -11.28
C TYR A 330 -30.24 -56.49 -10.71
N ASN A 331 -31.11 -56.50 -9.71
CA ASN A 331 -31.43 -57.78 -9.00
C ASN A 331 -32.79 -58.41 -9.35
N ASN A 332 -33.72 -57.68 -9.90
CA ASN A 332 -34.95 -58.33 -10.32
C ASN A 332 -35.24 -57.63 -11.61
N THR A 333 -35.31 -56.35 -11.63
CA THR A 333 -35.55 -55.79 -12.94
C THR A 333 -34.26 -55.68 -13.71
N GLY A 334 -34.41 -55.19 -14.89
CA GLY A 334 -33.28 -54.98 -15.78
C GLY A 334 -33.59 -54.02 -16.92
N ILE A 335 -32.56 -53.54 -17.62
CA ILE A 335 -32.72 -52.54 -18.68
C ILE A 335 -31.77 -52.91 -19.81
N PHE A 336 -32.28 -52.87 -21.04
CA PHE A 336 -31.46 -53.05 -22.24
C PHE A 336 -31.85 -51.96 -23.22
N GLY A 337 -30.88 -51.41 -23.93
CA GLY A 337 -31.15 -50.33 -24.86
C GLY A 337 -30.03 -50.07 -25.85
N ILE A 338 -30.03 -48.86 -26.40
CA ILE A 338 -29.11 -48.45 -27.45
C ILE A 338 -28.90 -46.94 -27.42
N GLN A 339 -27.65 -46.51 -27.32
CA GLN A 339 -27.30 -45.09 -27.25
C GLN A 339 -26.69 -44.62 -28.56
N VAL A 340 -27.14 -43.47 -29.05
CA VAL A 340 -26.75 -42.96 -30.35
C VAL A 340 -26.44 -41.47 -30.22
N THR A 341 -25.34 -41.04 -30.83
CA THR A 341 -25.21 -39.65 -31.25
C THR A 341 -25.20 -39.64 -32.77
N THR A 342 -25.71 -38.55 -33.34
CA THR A 342 -25.75 -38.36 -34.79
C THR A 342 -25.64 -36.85 -35.00
N GLY A 343 -25.96 -36.35 -36.20
CA GLY A 343 -25.96 -34.92 -36.43
C GLY A 343 -27.35 -34.34 -36.15
N SER A 344 -27.43 -33.02 -36.16
CA SER A 344 -28.69 -32.34 -35.87
C SER A 344 -29.56 -32.28 -37.13
N ASP A 345 -28.92 -32.29 -38.29
CA ASP A 345 -29.66 -32.30 -39.55
C ASP A 345 -29.91 -33.72 -40.02
N PHE A 346 -29.29 -34.67 -39.35
CA PHE A 346 -29.47 -36.09 -39.59
C PHE A 346 -29.90 -36.77 -38.30
N VAL A 347 -31.18 -36.66 -37.95
CA VAL A 347 -31.57 -37.12 -36.62
C VAL A 347 -32.76 -38.08 -36.67
N SER A 348 -33.85 -37.72 -37.33
CA SER A 348 -35.10 -38.45 -37.15
C SER A 348 -35.06 -39.80 -37.83
N LYS A 349 -34.35 -39.89 -38.96
CA LYS A 349 -34.16 -41.17 -39.61
C LYS A 349 -33.11 -42.00 -38.87
N ALA A 350 -32.26 -41.35 -38.07
CA ALA A 350 -31.33 -42.10 -37.23
C ALA A 350 -32.08 -42.84 -36.13
N ILE A 351 -33.25 -42.33 -35.74
CA ILE A 351 -34.18 -43.13 -34.96
C ILE A 351 -34.71 -44.28 -35.79
N ASP A 352 -34.91 -43.98 -37.06
CA ASP A 352 -35.38 -45.06 -37.94
C ASP A 352 -34.24 -46.07 -38.07
N ILE A 353 -33.05 -45.61 -38.44
CA ILE A 353 -31.96 -46.61 -38.72
C ILE A 353 -31.73 -47.42 -37.45
N THR A 354 -32.08 -46.89 -36.26
CA THR A 354 -31.88 -47.56 -34.97
C THR A 354 -32.90 -48.67 -34.74
N VAL A 355 -34.18 -48.37 -34.98
CA VAL A 355 -35.30 -49.21 -34.53
C VAL A 355 -35.37 -50.50 -35.32
N ASN A 356 -35.11 -50.39 -36.61
CA ASN A 356 -35.21 -51.59 -37.46
C ASN A 356 -34.23 -52.63 -36.91
N GLU A 357 -33.00 -52.22 -36.56
CA GLU A 357 -32.01 -53.16 -36.04
C GLU A 357 -32.54 -53.91 -34.84
N LEU A 358 -33.30 -53.24 -33.98
CA LEU A 358 -34.03 -53.93 -32.93
C LEU A 358 -35.18 -54.76 -33.47
N LEU A 359 -35.67 -54.45 -34.68
CA LEU A 359 -36.67 -55.27 -35.34
C LEU A 359 -36.05 -56.42 -36.11
N ALA A 360 -34.80 -56.25 -36.56
CA ALA A 360 -34.13 -57.29 -37.33
C ALA A 360 -33.81 -58.51 -36.49
N VAL A 361 -33.45 -58.31 -35.21
CA VAL A 361 -33.15 -59.45 -34.35
C VAL A 361 -34.42 -60.05 -33.77
N ALA A 362 -35.56 -59.35 -33.85
CA ALA A 362 -36.83 -59.93 -33.48
C ALA A 362 -37.32 -60.92 -34.52
N THR A 363 -36.83 -60.81 -35.75
CA THR A 363 -37.10 -61.77 -36.79
C THR A 363 -36.34 -63.06 -36.53
N SER A 364 -36.93 -64.18 -36.96
CA SER A 364 -36.28 -65.50 -36.74
C SER A 364 -35.26 -65.94 -37.81
N GLY A 365 -34.96 -65.15 -38.86
CA GLY A 365 -33.99 -65.67 -39.85
C GLY A 365 -32.89 -64.71 -40.25
N GLN A 366 -32.95 -63.46 -39.81
CA GLN A 366 -31.93 -62.48 -40.21
C GLN A 366 -30.55 -62.69 -39.59
N VAL A 367 -30.37 -63.48 -38.52
CA VAL A 367 -29.05 -63.57 -37.91
C VAL A 367 -28.41 -64.89 -38.34
N ASP A 368 -27.10 -64.85 -38.57
CA ASP A 368 -26.39 -66.04 -39.02
C ASP A 368 -26.08 -66.96 -37.84
N GLN A 369 -25.56 -68.15 -38.13
CA GLN A 369 -25.01 -69.00 -37.10
C GLN A 369 -23.50 -68.87 -37.07
N VAL A 370 -22.93 -68.11 -38.01
CA VAL A 370 -21.54 -67.70 -37.94
C VAL A 370 -21.39 -66.38 -37.20
N GLN A 371 -22.48 -65.63 -37.00
CA GLN A 371 -22.48 -64.44 -36.17
C GLN A 371 -22.76 -64.76 -34.71
N LEU A 372 -23.58 -65.78 -34.46
CA LEU A 372 -23.83 -66.22 -33.10
C LEU A 372 -22.61 -66.87 -32.47
N ASP A 373 -21.82 -67.63 -33.24
CA ASP A 373 -20.62 -68.26 -32.70
C ASP A 373 -19.53 -67.26 -32.39
N ARG A 374 -19.47 -66.15 -33.13
CA ARG A 374 -18.50 -65.10 -32.81
C ARG A 374 -18.84 -64.42 -31.50
N ALA A 375 -20.12 -64.07 -31.31
CA ALA A 375 -20.56 -63.44 -30.07
C ALA A 375 -20.52 -64.39 -28.89
N LYS A 376 -20.41 -65.68 -29.12
CA LYS A 376 -20.35 -66.56 -27.92
C LYS A 376 -18.90 -66.88 -27.63
N GLN A 377 -17.99 -66.70 -28.60
CA GLN A 377 -16.58 -66.83 -28.29
C GLN A 377 -16.04 -65.55 -27.64
N ALA A 378 -16.49 -64.39 -28.11
CA ALA A 378 -16.02 -63.11 -27.60
C ALA A 378 -16.58 -62.80 -26.21
N THR A 379 -17.55 -63.56 -25.76
CA THR A 379 -18.14 -63.41 -24.43
C THR A 379 -17.49 -64.30 -23.40
N LYS A 380 -17.14 -65.54 -23.75
CA LYS A 380 -16.47 -66.42 -22.80
C LYS A 380 -15.04 -65.98 -22.56
N SER A 381 -14.39 -65.32 -23.52
CA SER A 381 -13.02 -64.87 -23.31
C SER A 381 -12.99 -63.57 -22.52
N ALA A 382 -14.02 -62.73 -22.69
CA ALA A 382 -14.07 -61.47 -21.94
C ALA A 382 -14.32 -61.71 -20.45
N ILE A 383 -14.99 -62.80 -20.11
CA ILE A 383 -15.12 -63.18 -18.71
C ILE A 383 -13.82 -63.76 -18.19
N LEU A 384 -13.11 -64.51 -19.03
CA LEU A 384 -11.92 -65.20 -18.58
C LEU A 384 -10.70 -64.31 -18.49
N MET A 385 -10.54 -63.36 -19.41
CA MET A 385 -9.42 -62.44 -19.32
C MET A 385 -9.59 -61.42 -18.22
N ASN A 386 -10.84 -61.07 -17.89
CA ASN A 386 -11.08 -60.05 -16.88
C ASN A 386 -10.80 -60.59 -15.48
N LEU A 387 -10.98 -61.88 -15.28
CA LEU A 387 -10.72 -62.52 -13.99
C LEU A 387 -9.26 -62.77 -13.72
N GLU A 388 -8.29 -62.25 -14.48
CA GLU A 388 -6.89 -62.41 -14.14
C GLU A 388 -6.43 -61.46 -13.05
N SER A 389 -7.04 -60.30 -12.94
CA SER A 389 -6.69 -59.32 -11.92
C SER A 389 -7.17 -59.79 -10.56
N ARG A 390 -6.37 -59.50 -9.54
CA ARG A 390 -6.75 -59.80 -8.17
C ARG A 390 -7.83 -58.87 -7.65
N MET A 391 -8.07 -57.74 -8.30
CA MET A 391 -9.08 -56.80 -7.85
C MET A 391 -10.46 -57.14 -8.38
N VAL A 392 -10.53 -57.67 -9.60
CA VAL A 392 -11.79 -58.18 -10.13
C VAL A 392 -12.19 -59.47 -9.42
N VAL A 393 -11.22 -60.26 -8.98
CA VAL A 393 -11.52 -61.51 -8.28
C VAL A 393 -12.14 -61.25 -6.92
N SER A 394 -11.60 -60.32 -6.15
CA SER A 394 -12.18 -59.98 -4.86
C SER A 394 -13.53 -59.30 -4.99
N GLU A 395 -13.73 -58.53 -6.05
CA GLU A 395 -15.01 -57.90 -6.32
C GLU A 395 -16.08 -58.88 -6.77
N ASP A 396 -15.68 -60.06 -7.26
CA ASP A 396 -16.62 -61.10 -7.64
C ASP A 396 -17.11 -61.89 -6.43
N ILE A 397 -16.24 -62.19 -5.48
CA ILE A 397 -16.67 -62.83 -4.24
C ILE A 397 -17.54 -61.90 -3.40
N GLY A 398 -17.43 -60.59 -3.59
CA GLY A 398 -18.26 -59.69 -2.83
C GLY A 398 -19.66 -59.59 -3.36
N ARG A 399 -19.80 -59.32 -4.65
CA ARG A 399 -21.10 -59.09 -5.24
C ARG A 399 -21.83 -60.37 -5.64
N GLN A 400 -21.32 -61.55 -5.30
CA GLN A 400 -22.05 -62.78 -5.52
C GLN A 400 -22.53 -63.42 -4.24
N VAL A 401 -21.95 -63.05 -3.09
CA VAL A 401 -22.46 -63.51 -1.80
C VAL A 401 -23.38 -62.44 -1.24
N LEU A 402 -23.72 -61.46 -2.07
CA LEU A 402 -24.74 -60.48 -1.72
C LEU A 402 -26.00 -60.72 -2.54
N THR A 403 -25.92 -61.58 -3.55
CA THR A 403 -27.02 -61.87 -4.43
C THR A 403 -27.47 -63.32 -4.33
N TYR A 404 -26.55 -64.25 -4.11
CA TYR A 404 -26.91 -65.66 -4.12
C TYR A 404 -26.61 -66.32 -2.78
N GLY A 405 -25.88 -65.65 -1.92
CA GLY A 405 -25.42 -66.26 -0.69
C GLY A 405 -24.28 -67.23 -0.84
N GLU A 406 -23.72 -67.36 -2.04
CA GLU A 406 -22.65 -68.29 -2.34
C GLU A 406 -21.99 -67.84 -3.65
N ARG A 407 -20.76 -68.28 -3.86
CA ARG A 407 -20.06 -67.98 -5.10
C ARG A 407 -20.25 -69.14 -6.07
N LYS A 408 -20.74 -68.81 -7.27
CA LYS A 408 -20.91 -69.80 -8.31
C LYS A 408 -19.60 -69.99 -9.07
N PRO A 409 -19.16 -71.23 -9.29
CA PRO A 409 -17.93 -71.46 -10.05
C PRO A 409 -18.07 -70.98 -11.49
N VAL A 410 -16.93 -70.66 -12.11
CA VAL A 410 -16.97 -70.05 -13.43
C VAL A 410 -17.26 -71.10 -14.50
N GLU A 411 -17.14 -72.38 -14.15
CA GLU A 411 -17.52 -73.47 -15.04
C GLU A 411 -19.00 -73.44 -15.35
N ASP A 412 -19.83 -73.02 -14.39
CA ASP A 412 -21.25 -72.88 -14.62
C ASP A 412 -21.61 -71.66 -15.44
N PHE A 413 -20.68 -70.73 -15.63
CA PHE A 413 -20.90 -69.61 -16.54
C PHE A 413 -20.51 -69.94 -17.96
N LEU A 414 -19.49 -70.77 -18.16
CA LEU A 414 -19.12 -71.19 -19.50
C LEU A 414 -20.00 -72.32 -20.00
N LYS A 415 -20.62 -73.07 -19.09
CA LYS A 415 -21.53 -74.14 -19.48
C LYS A 415 -22.81 -73.58 -20.10
N ALA A 416 -23.31 -72.48 -19.56
CA ALA A 416 -24.61 -71.96 -19.96
C ALA A 416 -24.51 -70.89 -21.04
N VAL A 417 -23.31 -70.61 -21.55
CA VAL A 417 -23.18 -69.78 -22.74
C VAL A 417 -23.14 -70.69 -23.97
N ASP A 418 -22.65 -71.91 -23.78
CA ASP A 418 -22.66 -72.96 -24.80
C ASP A 418 -24.07 -73.29 -25.27
N GLU A 419 -24.99 -73.42 -24.36
CA GLU A 419 -26.37 -73.83 -24.69
C GLU A 419 -27.09 -72.76 -25.51
N VAL A 420 -26.88 -71.48 -25.30
CA VAL A 420 -27.67 -70.49 -26.07
C VAL A 420 -27.77 -70.93 -27.54
N THR A 421 -28.97 -70.94 -28.16
CA THR A 421 -29.13 -71.25 -29.60
C THR A 421 -29.64 -70.05 -30.41
N LEU A 422 -29.97 -70.26 -31.69
CA LEU A 422 -30.46 -69.17 -32.53
C LEU A 422 -31.90 -68.78 -32.22
N LYS A 423 -32.58 -69.55 -31.38
CA LYS A 423 -33.98 -69.27 -31.06
C LYS A 423 -34.16 -68.66 -29.69
N ASP A 424 -33.17 -68.82 -28.80
CA ASP A 424 -33.15 -68.05 -27.56
C ASP A 424 -32.80 -66.60 -27.82
N ILE A 425 -31.97 -66.34 -28.84
CA ILE A 425 -31.74 -64.98 -29.31
C ILE A 425 -33.02 -64.34 -29.84
N ALA A 426 -33.93 -65.13 -30.38
CA ALA A 426 -35.19 -64.62 -30.90
C ALA A 426 -36.29 -64.52 -29.88
N SER A 427 -36.36 -65.43 -28.90
CA SER A 427 -37.50 -65.45 -27.98
C SER A 427 -37.36 -64.36 -26.91
N ILE A 428 -36.19 -64.29 -26.27
CA ILE A 428 -35.95 -63.28 -25.24
C ILE A 428 -35.91 -61.88 -25.82
N SER A 429 -35.46 -61.72 -27.07
CA SER A 429 -35.58 -60.42 -27.71
C SER A 429 -36.98 -60.14 -28.23
N GLN A 430 -37.87 -61.13 -28.21
CA GLN A 430 -39.29 -60.89 -28.45
C GLN A 430 -40.05 -60.68 -27.15
N LYS A 431 -39.48 -61.12 -26.03
CA LYS A 431 -40.02 -60.75 -24.73
C LYS A 431 -39.46 -59.42 -24.29
N LEU A 432 -38.53 -58.87 -25.06
CA LEU A 432 -37.94 -57.59 -24.73
C LEU A 432 -38.83 -56.48 -25.27
N ILE A 433 -39.21 -56.59 -26.53
CA ILE A 433 -40.13 -55.62 -27.08
C ILE A 433 -41.54 -56.16 -26.89
N SER A 434 -42.02 -56.08 -25.66
CA SER A 434 -43.43 -56.22 -25.31
C SER A 434 -43.75 -55.23 -24.20
N SER A 435 -42.83 -54.30 -23.97
CA SER A 435 -42.85 -53.38 -22.84
C SER A 435 -42.74 -51.98 -23.41
N PRO A 436 -43.18 -50.95 -22.68
CA PRO A 436 -43.19 -49.60 -23.25
C PRO A 436 -41.78 -49.04 -23.47
N LEU A 437 -41.71 -48.12 -24.43
CA LEU A 437 -40.45 -47.59 -24.90
C LEU A 437 -40.03 -46.43 -24.02
N THR A 438 -38.86 -46.54 -23.40
CA THR A 438 -38.29 -45.42 -22.68
C THR A 438 -37.37 -44.64 -23.61
N MET A 439 -37.61 -43.34 -23.74
CA MET A 439 -36.81 -42.50 -24.61
C MET A 439 -36.21 -41.35 -23.81
N ALA A 440 -35.00 -40.94 -24.19
CA ALA A 440 -34.35 -39.78 -23.60
C ALA A 440 -33.55 -39.07 -24.67
N SER A 441 -33.26 -37.80 -24.44
CA SER A 441 -32.57 -37.01 -25.45
C SER A 441 -31.85 -35.85 -24.79
N TYR A 442 -30.93 -35.26 -25.53
CA TYR A 442 -30.10 -34.14 -25.07
C TYR A 442 -29.57 -33.44 -26.32
N GLY A 443 -29.06 -32.21 -26.13
CA GLY A 443 -28.57 -31.46 -27.26
C GLY A 443 -29.72 -30.73 -27.96
N ASP A 444 -29.64 -30.66 -29.28
CA ASP A 444 -30.69 -30.06 -30.10
C ASP A 444 -31.90 -30.98 -30.10
N VAL A 445 -32.85 -30.66 -29.23
CA VAL A 445 -34.02 -31.51 -29.00
C VAL A 445 -35.16 -31.19 -29.98
N ILE A 446 -35.12 -30.03 -30.64
CA ILE A 446 -36.23 -29.53 -31.43
C ILE A 446 -36.53 -30.42 -32.63
N TYR A 447 -35.50 -31.04 -33.22
CA TYR A 447 -35.66 -31.75 -34.48
C TYR A 447 -36.00 -33.23 -34.30
N VAL A 448 -36.36 -33.67 -33.10
CA VAL A 448 -36.55 -35.10 -32.86
C VAL A 448 -38.05 -35.38 -32.84
N PRO A 449 -38.47 -36.63 -33.07
CA PRO A 449 -39.88 -36.98 -32.90
C PRO A 449 -40.36 -37.04 -31.46
N ASN A 450 -41.60 -37.45 -31.27
CA ASN A 450 -42.19 -37.53 -29.94
C ASN A 450 -42.51 -38.98 -29.63
N TYR A 451 -43.00 -39.20 -28.40
CA TYR A 451 -43.20 -40.52 -27.80
C TYR A 451 -44.07 -41.46 -28.61
N GLU A 452 -45.30 -41.04 -28.91
CA GLU A 452 -46.24 -41.92 -29.59
C GLU A 452 -45.95 -42.06 -31.08
N SER A 453 -45.11 -41.17 -31.62
CA SER A 453 -44.63 -41.32 -32.99
C SER A 453 -43.70 -42.50 -33.15
N VAL A 454 -43.10 -42.96 -32.07
CA VAL A 454 -42.08 -44.00 -32.10
C VAL A 454 -42.56 -45.26 -31.38
N SER A 455 -43.29 -45.09 -30.28
CA SER A 455 -43.68 -46.21 -29.42
C SER A 455 -44.68 -47.13 -30.09
N SER A 456 -45.45 -46.63 -31.06
CA SER A 456 -46.39 -47.46 -31.78
C SER A 456 -45.74 -48.15 -32.98
N LYS A 457 -44.45 -47.90 -33.20
CA LYS A 457 -43.71 -48.68 -34.18
C LYS A 457 -43.18 -49.98 -33.62
N PHE A 458 -43.48 -50.32 -32.36
CA PHE A 458 -42.96 -51.59 -31.87
C PHE A 458 -44.03 -52.64 -31.61
N ARG A 459 -44.70 -52.62 -30.45
CA ARG A 459 -46.06 -53.10 -30.26
C ARG A 459 -46.85 -52.14 -29.39
N SER A 460 -46.34 -51.97 -28.16
CA SER A 460 -47.06 -51.44 -27.00
C SER A 460 -46.17 -51.57 -25.77
N SER B 1 -31.64 -16.58 39.10
CA SER B 1 -31.95 -16.03 37.77
C SER B 1 -30.90 -16.00 36.63
N PRO B 2 -29.77 -16.72 36.68
CA PRO B 2 -29.10 -17.11 35.44
C PRO B 2 -29.97 -18.07 34.65
N PRO B 3 -29.98 -17.95 33.32
CA PRO B 3 -30.71 -18.91 32.48
C PRO B 3 -30.13 -20.31 32.59
N PRO B 4 -30.98 -21.33 32.57
CA PRO B 4 -30.47 -22.71 32.62
C PRO B 4 -29.79 -23.07 31.31
N PRO B 5 -28.87 -24.05 31.33
CA PRO B 5 -28.11 -24.33 30.10
C PRO B 5 -28.84 -25.16 29.07
N ASN B 6 -30.13 -24.88 28.86
CA ASN B 6 -30.87 -25.42 27.72
C ASN B 6 -31.87 -24.39 27.24
N ALA B 7 -31.88 -23.20 27.86
CA ALA B 7 -32.92 -22.23 27.61
C ALA B 7 -32.66 -21.39 26.38
N MET B 8 -31.42 -20.93 26.19
CA MET B 8 -31.05 -20.13 25.04
C MET B 8 -30.54 -21.08 23.96
N VAL B 9 -30.75 -20.71 22.71
CA VAL B 9 -30.34 -21.55 21.59
C VAL B 9 -28.82 -21.66 21.51
N TYR B 10 -28.11 -20.59 21.86
CA TYR B 10 -26.65 -20.63 21.82
C TYR B 10 -26.05 -21.36 23.02
N ASP B 11 -26.79 -21.52 24.12
CA ASP B 11 -26.29 -22.31 25.24
C ASP B 11 -26.51 -23.79 25.09
N ARG B 12 -27.55 -24.21 24.37
CA ARG B 12 -27.79 -25.62 24.17
C ARG B 12 -27.28 -26.13 22.83
N LEU B 13 -26.86 -25.24 21.94
CA LEU B 13 -26.01 -25.63 20.83
C LEU B 13 -24.56 -25.80 21.23
N ALA B 14 -24.20 -25.42 22.46
CA ALA B 14 -22.84 -25.57 22.95
C ALA B 14 -22.65 -26.78 23.85
N GLU B 15 -23.70 -27.29 24.44
CA GLU B 15 -23.64 -28.57 25.14
C GLU B 15 -23.70 -29.74 24.18
N ALA B 16 -24.04 -29.51 22.93
CA ALA B 16 -24.03 -30.55 21.91
C ALA B 16 -22.72 -30.61 21.16
N VAL B 17 -21.88 -29.58 21.25
CA VAL B 17 -20.51 -29.67 20.74
C VAL B 17 -19.59 -30.30 21.76
N LYS B 18 -19.85 -30.14 23.05
CA LYS B 18 -19.08 -30.83 24.07
C LYS B 18 -19.41 -32.31 24.15
N ALA B 19 -20.58 -32.74 23.70
CA ALA B 19 -20.94 -34.15 23.70
C ALA B 19 -20.46 -34.87 22.46
N LYS B 20 -20.25 -34.16 21.37
CA LYS B 20 -19.59 -34.69 20.19
C LYS B 20 -18.10 -34.88 20.40
N LEU B 21 -17.51 -34.15 21.33
CA LEU B 21 -16.07 -34.24 21.56
C LEU B 21 -15.69 -35.21 22.66
N ARG B 22 -16.65 -35.68 23.45
CA ARG B 22 -16.37 -36.67 24.49
C ARG B 22 -16.35 -38.08 23.97
N GLN B 23 -16.71 -38.30 22.71
CA GLN B 23 -16.55 -39.59 22.09
C GLN B 23 -15.30 -39.66 21.24
N LEU B 24 -14.39 -38.71 21.40
CA LEU B 24 -13.07 -38.77 20.79
C LEU B 24 -11.99 -38.98 21.84
N GLU B 25 -12.37 -39.42 23.04
CA GLU B 25 -11.49 -39.40 24.20
C GLU B 25 -11.22 -40.77 24.80
N ASN B 26 -12.00 -41.79 24.44
CA ASN B 26 -11.86 -43.15 24.98
C ASN B 26 -11.57 -44.12 23.84
N PRO B 27 -10.30 -44.25 23.42
CA PRO B 27 -10.00 -45.15 22.32
C PRO B 27 -10.04 -46.61 22.74
N ASP B 28 -10.42 -47.46 21.79
CA ASP B 28 -10.52 -48.90 22.02
C ASP B 28 -9.19 -49.54 21.71
N PRO B 29 -8.52 -50.18 22.68
CA PRO B 29 -7.18 -50.70 22.44
C PRO B 29 -7.12 -51.99 21.64
N ARG B 30 -8.26 -52.56 21.23
CA ARG B 30 -8.26 -53.72 20.36
C ARG B 30 -8.34 -53.35 18.89
N PHE B 31 -8.62 -52.10 18.58
CA PHE B 31 -8.55 -51.58 17.23
C PHE B 31 -7.20 -50.95 16.95
N LEU B 32 -6.29 -50.96 17.92
CA LEU B 32 -4.94 -50.44 17.75
C LEU B 32 -3.94 -51.52 18.14
N LYS B 33 -3.69 -52.46 17.23
CA LYS B 33 -2.85 -53.59 17.60
C LYS B 33 -1.76 -53.85 16.57
N TYR B 34 -2.02 -53.55 15.30
CA TYR B 34 -1.10 -53.89 14.22
C TYR B 34 -0.64 -52.68 13.41
N GLY B 35 -1.42 -51.62 13.35
CA GLY B 35 -1.12 -50.48 12.49
C GLY B 35 -0.30 -49.43 13.21
N SER B 36 0.60 -48.78 12.48
CA SER B 36 1.46 -47.75 13.02
C SER B 36 1.75 -46.69 11.97
N PRO B 37 1.70 -45.41 12.33
CA PRO B 37 2.02 -44.37 11.35
C PRO B 37 3.51 -44.12 11.17
N ARG B 38 4.37 -44.76 11.95
CA ARG B 38 5.80 -44.60 11.72
C ARG B 38 6.27 -45.64 10.73
N PRO B 39 7.02 -45.25 9.70
CA PRO B 39 7.50 -46.24 8.75
C PRO B 39 8.69 -47.02 9.31
N THR B 40 8.64 -48.34 9.12
CA THR B 40 9.76 -49.22 9.40
C THR B 40 10.09 -49.99 8.13
N LEU B 41 11.22 -50.67 8.14
CA LEU B 41 11.67 -51.45 7.00
C LEU B 41 11.55 -52.93 7.36
N THR B 42 10.92 -53.70 6.48
CA THR B 42 10.57 -55.08 6.79
C THR B 42 11.07 -56.02 5.71
N ASP B 43 10.89 -57.31 5.95
CA ASP B 43 11.43 -58.38 5.12
C ASP B 43 10.29 -59.13 4.46
N HIS B 44 10.40 -59.33 3.15
CA HIS B 44 9.31 -59.84 2.33
C HIS B 44 9.67 -61.16 1.67
N THR B 45 10.60 -61.92 2.25
CA THR B 45 11.19 -63.05 1.54
C THR B 45 10.25 -64.24 1.41
N ARG B 46 9.37 -64.46 2.40
CA ARG B 46 8.49 -65.62 2.41
C ARG B 46 7.45 -65.58 1.31
N ILE B 47 7.09 -64.42 0.80
CA ILE B 47 6.01 -64.27 -0.16
C ILE B 47 6.51 -64.01 -1.57
N LEU B 48 7.81 -63.92 -1.78
CA LEU B 48 8.36 -63.48 -3.05
C LEU B 48 8.61 -64.60 -4.04
N ALA B 49 8.04 -65.78 -3.81
CA ALA B 49 8.25 -66.89 -4.74
C ALA B 49 7.47 -66.68 -6.03
N ALA B 50 8.00 -67.21 -7.12
CA ALA B 50 7.43 -67.00 -8.44
C ALA B 50 7.76 -68.23 -9.29
N PRO B 51 7.09 -68.41 -10.43
CA PRO B 51 7.55 -69.40 -11.40
C PRO B 51 8.88 -69.00 -12.03
N GLU B 52 9.46 -69.95 -12.74
CA GLU B 52 10.79 -69.77 -13.30
C GLU B 52 10.70 -69.18 -14.70
N THR B 53 11.57 -68.23 -14.98
CA THR B 53 11.72 -67.66 -16.32
C THR B 53 12.82 -68.42 -17.04
N ARG B 54 12.49 -68.98 -18.21
CA ARG B 54 13.42 -69.81 -18.97
C ARG B 54 13.77 -69.08 -20.27
N VAL B 55 15.04 -68.80 -20.46
CA VAL B 55 15.52 -68.08 -21.64
C VAL B 55 16.34 -69.05 -22.49
N THR B 56 16.14 -68.98 -23.81
CA THR B 56 16.80 -69.89 -24.75
C THR B 56 17.18 -69.10 -26.00
N THR B 57 18.46 -69.14 -26.38
CA THR B 57 18.98 -68.38 -27.51
C THR B 57 19.16 -69.29 -28.71
N LEU B 58 18.44 -69.00 -29.78
CA LEU B 58 18.55 -69.78 -31.00
C LEU B 58 19.87 -69.47 -31.72
N PRO B 59 20.34 -70.37 -32.60
CA PRO B 59 21.62 -70.11 -33.28
C PRO B 59 21.65 -68.93 -34.23
N ASN B 60 20.51 -68.39 -34.65
CA ASN B 60 20.57 -67.16 -35.45
C ASN B 60 20.69 -65.92 -34.58
N GLY B 61 20.41 -66.05 -33.29
CA GLY B 61 20.55 -64.93 -32.36
C GLY B 61 19.28 -64.60 -31.62
N LEU B 62 18.18 -65.25 -32.02
CA LEU B 62 16.86 -64.96 -31.48
C LEU B 62 16.71 -65.56 -30.09
N ARG B 63 16.11 -64.79 -29.17
CA ARG B 63 15.91 -65.23 -27.80
C ARG B 63 14.42 -65.47 -27.54
N VAL B 64 14.13 -66.58 -26.85
CA VAL B 64 12.76 -66.99 -26.53
C VAL B 64 12.68 -67.15 -25.01
N ALA B 65 11.84 -66.36 -24.37
CA ALA B 65 11.70 -66.37 -22.92
C ALA B 65 10.25 -66.62 -22.53
N THR B 66 10.03 -67.42 -21.49
CA THR B 66 8.68 -67.80 -21.09
C THR B 66 8.59 -67.84 -19.57
N GLU B 67 7.40 -67.58 -19.05
CA GLU B 67 7.04 -67.88 -17.68
C GLU B 67 5.73 -68.65 -17.72
N SER B 68 5.77 -69.93 -17.36
CA SER B 68 4.63 -70.82 -17.54
C SER B 68 3.79 -70.87 -16.28
N SER B 69 2.48 -70.80 -16.45
CA SER B 69 1.50 -70.94 -15.37
C SER B 69 0.39 -71.83 -15.91
N LEU B 70 0.53 -73.13 -15.71
CA LEU B 70 -0.25 -74.12 -16.43
C LEU B 70 -1.65 -74.33 -15.89
N ALA B 71 -2.07 -73.57 -14.87
CA ALA B 71 -3.43 -73.66 -14.37
C ALA B 71 -4.32 -72.55 -14.90
N ALA B 72 -3.80 -71.68 -15.74
CA ALA B 72 -4.59 -70.59 -16.29
C ALA B 72 -5.34 -71.07 -17.52
N ARG B 73 -6.19 -70.20 -18.06
CA ARG B 73 -6.95 -70.52 -19.26
C ARG B 73 -6.71 -69.52 -20.39
N THR B 74 -5.74 -68.62 -20.23
CA THR B 74 -5.43 -67.62 -21.24
C THR B 74 -3.90 -67.52 -21.37
N ALA B 75 -3.46 -66.68 -22.31
CA ALA B 75 -2.05 -66.55 -22.60
C ALA B 75 -1.83 -65.21 -23.30
N THR B 76 -0.57 -64.77 -23.28
CA THR B 76 -0.14 -63.58 -24.00
C THR B 76 1.21 -63.89 -24.63
N VAL B 77 1.34 -63.62 -25.91
CA VAL B 77 2.57 -63.91 -26.63
C VAL B 77 2.82 -62.77 -27.62
N GLY B 78 4.08 -62.35 -27.73
CA GLY B 78 4.38 -61.21 -28.56
C GLY B 78 5.84 -61.10 -28.89
N VAL B 79 6.17 -60.06 -29.66
CA VAL B 79 7.52 -59.81 -30.16
C VAL B 79 7.95 -58.43 -29.69
N TRP B 80 9.14 -58.34 -29.11
CA TRP B 80 9.73 -57.08 -28.68
C TRP B 80 10.98 -56.78 -29.50
N ILE B 81 11.02 -55.60 -30.11
CA ILE B 81 12.10 -55.22 -31.04
C ILE B 81 12.88 -54.06 -30.45
N ASP B 82 14.17 -54.02 -30.74
CA ASP B 82 15.05 -52.96 -30.25
C ASP B 82 15.26 -51.89 -31.33
N ALA B 83 14.18 -51.17 -31.61
CA ALA B 83 14.16 -50.19 -32.69
C ALA B 83 13.03 -49.21 -32.43
N GLY B 84 13.21 -47.98 -32.89
CA GLY B 84 12.23 -46.96 -32.66
C GLY B 84 12.49 -45.71 -33.48
N SER B 85 12.07 -44.57 -32.94
CA SER B 85 12.18 -43.30 -33.64
C SER B 85 13.58 -42.74 -33.66
N ARG B 86 14.43 -43.14 -32.70
CA ARG B 86 15.78 -42.62 -32.59
C ARG B 86 16.64 -43.06 -33.76
N PHE B 87 16.37 -44.22 -34.32
CA PHE B 87 17.22 -44.80 -35.35
C PHE B 87 16.80 -44.41 -36.76
N GLU B 88 16.22 -43.23 -36.94
CA GLU B 88 15.87 -42.69 -38.24
C GLU B 88 16.77 -41.49 -38.56
N THR B 89 16.52 -40.83 -39.71
CA THR B 89 17.49 -39.89 -40.29
C THR B 89 16.95 -38.52 -40.70
N GLU B 90 15.78 -38.11 -40.16
CA GLU B 90 15.08 -36.85 -40.44
C GLU B 90 14.56 -36.67 -41.86
N GLU B 91 14.88 -37.57 -42.78
CA GLU B 91 14.11 -37.66 -44.00
C GLU B 91 13.22 -38.87 -43.98
N SER B 92 13.34 -39.67 -42.93
CA SER B 92 12.51 -40.82 -42.66
C SER B 92 12.02 -40.79 -41.24
N ASN B 93 11.59 -39.62 -40.78
CA ASN B 93 11.38 -39.41 -39.35
C ASN B 93 10.07 -40.00 -38.84
N GLY B 94 9.05 -40.12 -39.67
CA GLY B 94 7.82 -40.75 -39.25
C GLY B 94 7.66 -42.20 -39.65
N THR B 95 8.75 -42.89 -40.00
CA THR B 95 8.64 -44.18 -40.69
C THR B 95 8.26 -45.31 -39.75
N ALA B 96 8.85 -45.34 -38.55
CA ALA B 96 8.59 -46.42 -37.62
C ALA B 96 7.20 -46.38 -37.02
N HIS B 97 6.54 -45.23 -37.05
CA HIS B 97 5.15 -45.14 -36.67
C HIS B 97 4.19 -45.43 -37.82
N PHE B 98 4.57 -45.09 -39.05
CA PHE B 98 3.76 -45.43 -40.21
C PHE B 98 3.76 -46.93 -40.46
N LEU B 99 4.91 -47.57 -40.27
CA LEU B 99 5.04 -49.01 -40.44
C LEU B 99 4.26 -49.80 -39.41
N GLU B 100 4.01 -49.24 -38.24
CA GLU B 100 3.14 -49.84 -37.23
C GLU B 100 1.69 -49.93 -37.69
N HIS B 101 1.17 -48.88 -38.33
CA HIS B 101 -0.21 -48.88 -38.77
C HIS B 101 -0.43 -49.59 -40.09
N MET B 102 0.64 -49.96 -40.79
CA MET B 102 0.54 -50.58 -42.10
C MET B 102 0.94 -52.05 -42.06
N ILE B 103 0.99 -52.63 -40.87
CA ILE B 103 1.41 -54.02 -40.71
C ILE B 103 0.25 -54.95 -40.42
N PHE B 104 -0.93 -54.42 -40.06
CA PHE B 104 -2.16 -55.20 -39.94
C PHE B 104 -2.99 -55.12 -41.21
N LYS B 105 -2.35 -54.87 -42.37
CA LYS B 105 -3.11 -54.61 -43.60
C LYS B 105 -2.57 -55.33 -44.84
N GLY B 106 -1.63 -56.26 -44.69
CA GLY B 106 -0.92 -56.73 -45.88
C GLY B 106 -1.04 -58.20 -46.16
N THR B 107 0.09 -58.91 -46.21
CA THR B 107 0.16 -60.36 -46.09
C THR B 107 -0.53 -61.15 -47.20
N GLU B 108 0.29 -61.60 -48.17
CA GLU B 108 -0.18 -62.33 -49.39
C GLU B 108 -1.07 -63.55 -49.09
N LYS B 109 -0.90 -64.14 -47.93
CA LYS B 109 -1.74 -65.25 -47.51
C LYS B 109 -3.11 -64.79 -46.99
N ARG B 110 -3.20 -63.62 -46.35
CA ARG B 110 -4.45 -63.16 -45.75
C ARG B 110 -4.57 -61.65 -45.87
N ASN B 111 -5.65 -61.18 -46.48
CA ASN B 111 -5.80 -59.75 -46.70
C ASN B 111 -6.30 -59.07 -45.41
N ALA B 112 -6.64 -57.79 -45.54
CA ALA B 112 -7.02 -56.99 -44.37
C ALA B 112 -8.30 -57.49 -43.73
N ARG B 113 -9.26 -57.92 -44.55
CA ARG B 113 -10.52 -58.40 -43.98
C ARG B 113 -10.38 -59.80 -43.41
N GLU B 114 -9.54 -60.65 -44.02
CA GLU B 114 -9.38 -62.02 -43.51
C GLU B 114 -8.62 -62.03 -42.19
N LEU B 115 -7.59 -61.17 -42.08
CA LEU B 115 -6.80 -61.10 -40.85
C LEU B 115 -7.63 -60.57 -39.69
N GLU B 116 -8.46 -59.57 -39.98
CA GLU B 116 -9.35 -59.00 -38.99
C GLU B 116 -10.42 -59.97 -38.52
N GLU B 117 -10.79 -60.95 -39.35
CA GLU B 117 -11.83 -61.90 -39.03
C GLU B 117 -11.32 -63.13 -38.30
N GLU B 118 -10.06 -63.51 -38.51
CA GLU B 118 -9.50 -64.66 -37.81
C GLU B 118 -9.33 -64.36 -36.32
N ILE B 119 -8.99 -63.11 -35.99
CA ILE B 119 -8.80 -62.74 -34.59
C ILE B 119 -10.14 -62.69 -33.86
N GLU B 120 -11.17 -62.16 -34.51
CA GLU B 120 -12.44 -61.97 -33.83
C GLU B 120 -13.24 -63.27 -33.73
N ASN B 121 -12.99 -64.22 -34.63
CA ASN B 121 -13.65 -65.51 -34.53
C ASN B 121 -13.12 -66.31 -33.34
N MET B 122 -11.84 -66.15 -33.01
CA MET B 122 -11.29 -66.80 -31.82
C MET B 122 -11.74 -66.12 -30.55
N GLY B 123 -11.93 -64.81 -30.58
CA GLY B 123 -12.16 -64.05 -29.39
C GLY B 123 -10.90 -63.43 -28.81
N GLY B 124 -9.98 -62.99 -29.66
CA GLY B 124 -8.69 -62.48 -29.23
C GLY B 124 -8.50 -61.02 -29.59
N HIS B 125 -7.34 -60.50 -29.19
CA HIS B 125 -6.95 -59.12 -29.41
C HIS B 125 -5.56 -59.09 -30.03
N LEU B 126 -5.21 -57.95 -30.60
CA LEU B 126 -3.94 -57.81 -31.31
C LEU B 126 -3.56 -56.34 -31.33
N ASN B 127 -2.49 -55.98 -30.61
CA ASN B 127 -2.12 -54.59 -30.37
C ASN B 127 -0.71 -54.30 -30.86
N ALA B 128 -0.35 -53.01 -30.84
CA ALA B 128 0.97 -52.55 -31.24
C ALA B 128 1.18 -51.14 -30.72
N TYR B 129 2.40 -50.83 -30.27
CA TYR B 129 2.75 -49.47 -29.90
C TYR B 129 4.24 -49.23 -30.15
N THR B 130 4.57 -47.98 -30.51
CA THR B 130 5.93 -47.56 -30.81
C THR B 130 6.35 -46.52 -29.78
N SER B 131 7.66 -46.43 -29.57
CA SER B 131 8.23 -45.42 -28.69
C SER B 131 9.51 -44.93 -29.35
N ARG B 132 10.39 -44.29 -28.64
CA ARG B 132 11.59 -43.71 -29.27
C ARG B 132 12.69 -44.76 -29.35
N GLU B 133 12.56 -45.84 -28.61
CA GLU B 133 13.60 -46.85 -28.63
C GLU B 133 13.08 -48.28 -28.71
N GLN B 134 11.77 -48.51 -28.64
CA GLN B 134 11.22 -49.86 -28.53
C GLN B 134 9.93 -49.98 -29.30
N THR B 135 9.68 -51.18 -29.85
CA THR B 135 8.44 -51.50 -30.54
C THR B 135 7.88 -52.81 -30.02
N THR B 136 6.56 -52.96 -30.05
CA THR B 136 5.87 -54.13 -29.53
C THR B 136 4.74 -54.54 -30.46
N TYR B 137 4.61 -55.84 -30.68
CA TYR B 137 3.44 -56.44 -31.31
C TYR B 137 3.06 -57.65 -30.47
N TYR B 138 1.83 -57.70 -29.96
CA TYR B 138 1.46 -58.81 -29.10
C TYR B 138 -0.02 -59.12 -29.22
N ALA B 139 -0.41 -60.28 -28.67
CA ALA B 139 -1.75 -60.82 -28.81
C ALA B 139 -2.21 -61.50 -27.53
N LYS B 140 -3.46 -61.28 -27.15
CA LYS B 140 -4.09 -61.99 -26.04
C LYS B 140 -5.07 -63.00 -26.61
N VAL B 141 -4.88 -64.27 -26.29
CA VAL B 141 -5.71 -65.35 -26.81
C VAL B 141 -6.10 -66.29 -25.67
N ALA B 142 -6.84 -67.33 -26.00
CA ALA B 142 -7.09 -68.44 -25.09
C ALA B 142 -5.99 -69.47 -25.27
N ASP B 143 -5.92 -70.42 -24.33
CA ASP B 143 -4.78 -71.33 -24.26
C ASP B 143 -4.74 -72.35 -25.39
N LYS B 144 -5.84 -72.57 -26.11
CA LYS B 144 -5.81 -73.50 -27.23
C LYS B 144 -5.52 -72.83 -28.56
N ASP B 145 -5.50 -71.49 -28.63
CA ASP B 145 -5.14 -70.79 -29.86
C ASP B 145 -3.76 -70.18 -29.85
N VAL B 146 -2.90 -70.60 -28.92
CA VAL B 146 -1.51 -70.12 -28.93
C VAL B 146 -0.74 -70.50 -30.19
N PRO B 147 -0.83 -71.73 -30.74
CA PRO B 147 -0.14 -71.97 -32.02
C PRO B 147 -0.73 -71.22 -33.20
N LYS B 148 -1.99 -70.80 -33.15
CA LYS B 148 -2.51 -69.97 -34.23
C LYS B 148 -2.10 -68.52 -34.08
N ALA B 149 -1.96 -68.05 -32.84
CA ALA B 149 -1.55 -66.67 -32.60
C ALA B 149 -0.10 -66.45 -32.99
N LEU B 150 0.76 -67.40 -32.65
CA LEU B 150 2.16 -67.35 -33.04
C LEU B 150 2.36 -67.55 -34.54
N ASP B 151 1.37 -68.12 -35.22
CA ASP B 151 1.46 -68.28 -36.66
C ASP B 151 1.18 -66.97 -37.38
N ILE B 152 0.39 -66.09 -36.76
CA ILE B 152 0.04 -64.82 -37.39
C ILE B 152 1.15 -63.79 -37.19
N LEU B 153 1.75 -63.74 -36.00
CA LEU B 153 2.83 -62.81 -35.70
C LEU B 153 4.08 -63.07 -36.52
N ALA B 154 4.33 -64.30 -36.92
CA ALA B 154 5.48 -64.61 -37.74
C ALA B 154 5.25 -64.27 -39.20
N ASP B 155 4.00 -64.23 -39.62
CA ASP B 155 3.69 -64.03 -41.03
C ASP B 155 3.50 -62.55 -41.36
N ILE B 156 3.01 -61.76 -40.40
CA ILE B 156 2.88 -60.33 -40.64
C ILE B 156 4.19 -59.59 -40.41
N LEU B 157 5.15 -60.20 -39.72
CA LEU B 157 6.47 -59.60 -39.56
C LEU B 157 7.45 -59.97 -40.66
N GLN B 158 7.13 -60.96 -41.49
CA GLN B 158 8.03 -61.42 -42.53
C GLN B 158 7.50 -61.27 -43.94
N ASN B 159 6.19 -61.30 -44.14
CA ASN B 159 5.63 -61.44 -45.48
C ASN B 159 4.54 -60.42 -45.74
N SER B 160 4.75 -59.22 -45.26
CA SER B 160 3.71 -58.19 -45.37
C SER B 160 3.86 -57.47 -46.71
N ARG B 161 2.77 -57.13 -47.34
CA ARG B 161 2.81 -56.34 -48.55
C ARG B 161 2.20 -54.98 -48.28
N PHE B 162 2.75 -53.97 -48.95
CA PHE B 162 2.32 -52.59 -48.74
C PHE B 162 1.92 -52.02 -50.09
N ASP B 163 0.62 -52.01 -50.39
CA ASP B 163 0.15 -51.58 -51.68
C ASP B 163 -0.29 -50.12 -51.63
N GLU B 164 -0.33 -49.48 -52.80
CA GLU B 164 -0.48 -48.03 -52.88
C GLU B 164 -1.89 -47.58 -52.55
N ASN B 165 -2.89 -48.43 -52.79
CA ASN B 165 -4.25 -48.10 -52.38
C ASN B 165 -4.39 -48.09 -50.87
N ARG B 166 -3.56 -48.87 -50.17
CA ARG B 166 -3.61 -48.93 -48.72
C ARG B 166 -2.72 -47.87 -48.08
N ILE B 167 -1.61 -47.54 -48.73
CA ILE B 167 -0.67 -46.54 -48.23
C ILE B 167 -1.32 -45.17 -48.21
N SER B 168 -1.97 -44.79 -49.31
CA SER B 168 -2.53 -43.46 -49.43
C SER B 168 -3.77 -43.28 -48.56
N ARG B 169 -4.47 -44.36 -48.23
CA ARG B 169 -5.59 -44.26 -47.30
C ARG B 169 -5.13 -44.27 -45.86
N GLU B 170 -3.87 -44.59 -45.59
CA GLU B 170 -3.32 -44.43 -44.25
C GLU B 170 -2.71 -43.06 -44.05
N ARG B 171 -2.41 -42.33 -45.12
CA ARG B 171 -1.90 -40.99 -45.01
C ARG B 171 -2.94 -40.00 -44.51
N ASP B 172 -4.22 -40.34 -44.61
CA ASP B 172 -5.27 -39.50 -44.07
C ASP B 172 -5.79 -39.99 -42.73
N VAL B 173 -5.40 -41.19 -42.31
CA VAL B 173 -5.68 -41.61 -40.94
C VAL B 173 -4.67 -40.99 -39.98
N ILE B 174 -3.40 -40.94 -40.38
CA ILE B 174 -2.35 -40.41 -39.51
C ILE B 174 -2.37 -38.89 -39.49
N LEU B 175 -2.69 -38.24 -40.61
CA LEU B 175 -2.80 -36.78 -40.65
C LEU B 175 -4.00 -36.26 -39.88
N ARG B 176 -4.93 -37.13 -39.52
CA ARG B 176 -6.00 -36.81 -38.58
C ARG B 176 -5.74 -37.35 -37.19
N GLU B 177 -4.78 -38.24 -37.02
CA GLU B 177 -4.28 -38.63 -35.71
C GLU B 177 -3.35 -37.58 -35.12
N MET B 178 -2.65 -36.83 -35.98
CA MET B 178 -1.82 -35.71 -35.53
C MET B 178 -2.69 -34.63 -34.89
N GLU B 179 -3.88 -34.41 -35.43
CA GLU B 179 -4.66 -33.22 -35.08
C GLU B 179 -5.31 -33.36 -33.71
N GLU B 180 -5.54 -34.58 -33.31
CA GLU B 180 -6.17 -34.85 -32.01
C GLU B 180 -5.12 -34.86 -30.91
N VAL B 181 -3.87 -35.18 -31.21
CA VAL B 181 -2.74 -35.05 -30.25
C VAL B 181 -2.07 -33.72 -30.58
N GLU B 182 -2.84 -32.62 -30.45
CA GLU B 182 -2.33 -31.23 -30.55
C GLU B 182 -3.19 -30.55 -29.49
N GLY B 183 -4.08 -31.34 -28.86
CA GLY B 183 -4.99 -30.83 -27.84
C GLY B 183 -5.04 -31.60 -26.54
N GLN B 184 -3.97 -32.26 -26.13
CA GLN B 184 -3.93 -32.99 -24.86
C GLN B 184 -3.10 -32.27 -23.82
N THR B 185 -2.11 -31.49 -24.26
CA THR B 185 -1.35 -30.51 -23.49
C THR B 185 -0.49 -31.13 -22.38
N GLU B 186 -0.53 -32.44 -22.18
CA GLU B 186 0.52 -33.09 -21.42
C GLU B 186 1.49 -33.81 -22.34
N GLU B 187 1.03 -34.31 -23.47
CA GLU B 187 1.89 -34.80 -24.52
C GLU B 187 2.47 -33.70 -25.38
N VAL B 188 2.02 -32.46 -25.22
CA VAL B 188 2.58 -31.35 -25.95
C VAL B 188 3.67 -30.66 -25.15
N ILE B 189 3.55 -30.61 -23.82
CA ILE B 189 4.62 -30.11 -22.98
C ILE B 189 5.82 -31.03 -23.05
N PHE B 190 5.59 -32.34 -22.89
CA PHE B 190 6.67 -33.31 -22.85
C PHE B 190 7.32 -33.54 -24.20
N ASP B 191 6.71 -33.06 -25.28
CA ASP B 191 7.30 -33.16 -26.61
C ASP B 191 8.14 -31.96 -26.97
N HIS B 192 7.85 -30.78 -26.42
CA HIS B 192 8.71 -29.62 -26.54
C HIS B 192 9.87 -29.67 -25.56
N LEU B 193 9.71 -30.40 -24.46
CA LEU B 193 10.79 -30.58 -23.51
C LEU B 193 11.90 -31.45 -24.08
N HIS B 194 11.56 -32.47 -24.85
CA HIS B 194 12.56 -33.33 -25.46
C HIS B 194 13.28 -32.64 -26.61
N ALA B 195 12.60 -31.76 -27.33
CA ALA B 195 13.19 -31.06 -28.45
C ALA B 195 14.13 -29.96 -28.04
N THR B 196 14.06 -29.48 -26.80
CA THR B 196 14.93 -28.43 -26.35
C THR B 196 16.04 -28.96 -25.44
N ALA B 197 15.81 -30.09 -24.77
CA ALA B 197 16.85 -30.63 -23.90
C ALA B 197 17.84 -31.46 -24.70
N PHE B 198 17.37 -32.12 -25.75
CA PHE B 198 18.23 -32.98 -26.54
C PHE B 198 18.29 -32.48 -27.97
N GLN B 199 18.45 -31.17 -28.13
CA GLN B 199 18.53 -30.58 -29.47
C GLN B 199 19.81 -30.99 -30.19
N TYR B 200 19.70 -31.10 -31.51
CA TYR B 200 20.75 -31.54 -32.44
C TYR B 200 21.25 -32.95 -32.15
N THR B 201 20.42 -33.79 -31.55
CA THR B 201 20.68 -35.20 -31.28
C THR B 201 19.47 -35.95 -31.82
N PRO B 202 19.58 -37.27 -32.07
CA PRO B 202 18.41 -38.02 -32.54
C PRO B 202 17.33 -38.23 -31.51
N LEU B 203 17.59 -37.99 -30.23
CA LEU B 203 16.61 -38.22 -29.20
C LEU B 203 15.64 -37.06 -29.03
N GLY B 204 15.82 -35.99 -29.81
CA GLY B 204 15.00 -34.81 -29.66
C GLY B 204 13.80 -34.77 -30.58
N ARG B 205 13.81 -35.59 -31.62
CA ARG B 205 12.74 -35.67 -32.60
C ARG B 205 11.46 -36.26 -32.00
N THR B 206 10.35 -36.06 -32.70
CA THR B 206 9.08 -36.61 -32.27
C THR B 206 8.86 -37.99 -32.89
N ILE B 207 7.84 -38.68 -32.39
CA ILE B 207 7.56 -40.02 -32.89
C ILE B 207 6.77 -39.97 -34.19
N LEU B 208 5.78 -39.09 -34.29
CA LEU B 208 4.92 -39.07 -35.46
C LEU B 208 5.57 -38.38 -36.65
N GLY B 209 6.52 -37.49 -36.42
CA GLY B 209 7.24 -36.85 -37.49
C GLY B 209 6.57 -35.58 -37.96
N PRO B 210 7.26 -34.82 -38.81
CA PRO B 210 6.64 -33.63 -39.41
C PRO B 210 5.55 -34.03 -40.39
N ALA B 211 4.62 -33.10 -40.60
CA ALA B 211 3.48 -33.38 -41.47
C ALA B 211 3.84 -33.41 -42.94
N GLN B 212 5.01 -32.89 -43.32
CA GLN B 212 5.42 -32.99 -44.71
C GLN B 212 6.07 -34.33 -45.00
N ASN B 213 6.63 -34.99 -43.98
CA ASN B 213 7.22 -36.31 -44.18
C ASN B 213 6.17 -37.36 -44.45
N ILE B 214 4.99 -37.23 -43.83
CA ILE B 214 3.95 -38.23 -43.92
C ILE B 214 3.33 -38.32 -45.30
N LYS B 215 3.19 -37.21 -46.02
CA LYS B 215 2.64 -37.28 -47.37
C LYS B 215 3.69 -37.61 -48.43
N THR B 216 4.91 -37.97 -48.03
CA THR B 216 5.96 -38.33 -48.96
C THR B 216 6.35 -39.79 -48.88
N ILE B 217 6.24 -40.40 -47.69
CA ILE B 217 6.63 -41.78 -47.39
C ILE B 217 5.95 -42.79 -48.31
N THR B 218 6.76 -43.58 -49.01
CA THR B 218 6.28 -44.58 -49.95
C THR B 218 6.83 -45.94 -49.55
N LYS B 219 6.41 -46.99 -50.28
CA LYS B 219 6.81 -48.37 -49.90
C LYS B 219 8.33 -48.49 -49.84
N ASP B 220 9.04 -47.81 -50.74
CA ASP B 220 10.53 -47.93 -50.82
C ASP B 220 11.09 -47.89 -49.39
N HIS B 221 10.83 -46.64 -48.75
CA HIS B 221 11.22 -46.48 -47.36
C HIS B 221 10.55 -47.56 -46.52
N LEU B 222 9.41 -47.96 -46.48
CA LEU B 222 8.96 -48.94 -45.50
C LEU B 222 9.76 -50.23 -45.54
N GLN B 223 10.33 -50.58 -46.68
CA GLN B 223 11.00 -51.87 -46.84
C GLN B 223 12.45 -51.84 -46.44
N ASN B 224 13.15 -50.71 -46.59
CA ASN B 224 14.50 -50.64 -46.05
C ASN B 224 14.52 -50.47 -44.55
N TYR B 225 13.42 -50.01 -43.95
CA TYR B 225 13.37 -49.96 -42.50
C TYR B 225 13.21 -51.35 -41.91
N ILE B 226 12.54 -52.24 -42.65
CA ILE B 226 12.19 -53.55 -42.11
C ILE B 226 13.26 -54.56 -42.51
N GLN B 227 14.24 -54.13 -43.29
CA GLN B 227 15.40 -54.96 -43.60
C GLN B 227 16.68 -54.48 -42.93
N THR B 228 16.69 -53.30 -42.34
CA THR B 228 17.85 -52.82 -41.60
C THR B 228 17.73 -53.08 -40.11
N HIS B 229 16.51 -53.06 -39.57
CA HIS B 229 16.33 -53.02 -38.13
C HIS B 229 15.70 -54.28 -37.56
N TYR B 230 14.77 -54.93 -38.27
CA TYR B 230 14.07 -56.07 -37.69
C TYR B 230 14.89 -57.34 -37.91
N THR B 231 15.96 -57.50 -37.16
CA THR B 231 16.88 -58.61 -37.33
C THR B 231 16.97 -59.41 -36.05
N ALA B 232 17.45 -60.65 -36.18
CA ALA B 232 17.33 -61.64 -35.10
C ALA B 232 18.04 -61.30 -33.79
N PRO B 233 19.24 -60.68 -33.74
CA PRO B 233 19.77 -60.32 -32.42
C PRO B 233 19.02 -59.20 -31.72
N ARG B 234 18.17 -58.46 -32.42
CA ARG B 234 17.44 -57.34 -31.83
C ARG B 234 15.96 -57.64 -31.64
N MET B 235 15.61 -58.91 -31.43
CA MET B 235 14.22 -59.31 -31.30
C MET B 235 14.09 -60.33 -30.17
N VAL B 236 13.01 -60.23 -29.40
CA VAL B 236 12.73 -61.10 -28.26
C VAL B 236 11.30 -61.61 -28.38
N ILE B 237 11.13 -62.93 -28.32
CA ILE B 237 9.81 -63.56 -28.27
C ILE B 237 9.52 -63.90 -26.82
N ALA B 238 8.44 -63.35 -26.28
CA ALA B 238 8.11 -63.55 -24.88
C ALA B 238 6.68 -64.03 -24.75
N ALA B 239 6.47 -65.03 -23.90
CA ALA B 239 5.16 -65.62 -23.70
C ALA B 239 4.93 -65.82 -22.21
N SER B 240 3.68 -65.72 -21.79
CA SER B 240 3.33 -65.90 -20.39
C SER B 240 1.92 -66.43 -20.28
N GLY B 241 1.70 -67.34 -19.35
CA GLY B 241 0.38 -67.91 -19.15
C GLY B 241 0.36 -69.42 -19.19
N ALA B 242 -0.60 -70.00 -19.89
CA ALA B 242 -0.72 -71.45 -20.02
C ALA B 242 0.03 -71.90 -21.26
N VAL B 243 1.35 -71.77 -21.20
CA VAL B 243 2.24 -72.12 -22.29
C VAL B 243 3.30 -73.07 -21.77
N LYS B 244 3.95 -73.78 -22.67
CA LYS B 244 5.07 -74.64 -22.33
C LYS B 244 6.30 -74.21 -23.12
N HIS B 245 7.46 -74.20 -22.47
CA HIS B 245 8.64 -73.59 -23.08
C HIS B 245 9.18 -74.41 -24.23
N GLU B 246 9.20 -75.73 -24.09
CA GLU B 246 9.81 -76.58 -25.11
C GLU B 246 8.93 -76.73 -26.34
N ASP B 247 7.64 -76.44 -26.23
CA ASP B 247 6.72 -76.50 -27.35
C ASP B 247 6.71 -75.20 -28.15
N ILE B 248 7.05 -74.08 -27.52
CA ILE B 248 7.10 -72.81 -28.22
C ILE B 248 8.41 -72.67 -29.00
N VAL B 249 9.50 -73.19 -28.44
CA VAL B 249 10.81 -73.14 -29.08
C VAL B 249 10.80 -73.90 -30.40
N GLU B 250 10.15 -75.06 -30.46
CA GLU B 250 10.11 -75.79 -31.72
C GLU B 250 9.20 -75.14 -32.75
N GLN B 251 8.24 -74.32 -32.31
CA GLN B 251 7.42 -73.60 -33.27
C GLN B 251 8.16 -72.43 -33.87
N VAL B 252 8.92 -71.69 -33.07
CA VAL B 252 9.63 -70.53 -33.59
C VAL B 252 10.84 -70.94 -34.38
N LYS B 253 11.36 -72.15 -34.16
CA LYS B 253 12.50 -72.63 -34.94
C LYS B 253 12.14 -72.96 -36.37
N LYS B 254 10.86 -73.15 -36.69
CA LYS B 254 10.44 -73.40 -38.06
C LYS B 254 9.58 -72.31 -38.65
N LEU B 255 9.16 -71.32 -37.86
CA LEU B 255 8.37 -70.21 -38.37
C LEU B 255 9.19 -68.96 -38.67
N PHE B 256 10.22 -68.70 -37.88
CA PHE B 256 11.09 -67.53 -38.07
C PHE B 256 12.38 -67.97 -38.75
N THR B 257 12.36 -67.99 -40.07
CA THR B 257 13.46 -68.53 -40.85
C THR B 257 13.95 -67.57 -41.92
N LYS B 258 13.24 -66.46 -42.15
CA LYS B 258 13.41 -65.70 -43.37
C LYS B 258 13.69 -64.23 -43.09
N LEU B 259 13.85 -63.85 -41.82
CA LEU B 259 14.17 -62.46 -41.53
C LEU B 259 15.66 -62.19 -41.81
N SER B 260 16.01 -60.89 -41.87
CA SER B 260 17.26 -60.44 -42.46
C SER B 260 18.46 -60.74 -41.57
N THR B 261 19.66 -60.49 -42.10
CA THR B 261 20.91 -60.98 -41.51
C THR B 261 21.98 -59.88 -41.50
N ASP B 262 21.62 -58.67 -41.09
CA ASP B 262 22.63 -57.63 -40.92
C ASP B 262 23.24 -57.71 -39.53
N PRO B 263 24.58 -57.70 -39.42
CA PRO B 263 25.20 -57.78 -38.09
C PRO B 263 25.46 -56.44 -37.43
N THR B 264 24.52 -55.53 -37.46
CA THR B 264 24.64 -54.29 -36.72
C THR B 264 23.76 -54.34 -35.47
N THR B 265 24.38 -54.11 -34.31
CA THR B 265 23.63 -54.11 -33.07
C THR B 265 23.18 -52.69 -32.76
N ALA B 266 22.39 -52.56 -31.69
CA ALA B 266 21.90 -51.25 -31.30
C ALA B 266 22.98 -50.40 -30.68
N SER B 267 23.97 -51.02 -30.03
CA SER B 267 25.00 -50.28 -29.33
C SER B 267 25.99 -49.62 -30.27
N GLN B 268 26.12 -50.12 -31.48
CA GLN B 268 26.94 -49.45 -32.47
C GLN B 268 26.26 -48.25 -33.07
N LEU B 269 24.95 -48.13 -32.85
CA LEU B 269 24.17 -47.01 -33.37
C LEU B 269 23.96 -45.92 -32.35
N VAL B 270 23.99 -46.24 -31.06
CA VAL B 270 23.95 -45.26 -29.99
C VAL B 270 25.31 -44.59 -29.80
N ALA B 271 26.39 -45.31 -30.10
CA ALA B 271 27.73 -44.83 -29.80
C ALA B 271 28.29 -43.93 -30.90
N LYS B 272 27.74 -43.99 -32.11
CA LYS B 272 28.22 -43.11 -33.16
C LYS B 272 27.33 -41.89 -33.35
N GLU B 273 26.30 -41.77 -32.51
CA GLU B 273 25.43 -40.60 -32.46
C GLU B 273 24.85 -40.49 -31.05
N PRO B 274 25.62 -40.02 -30.08
CA PRO B 274 25.13 -40.00 -28.71
C PRO B 274 24.15 -38.87 -28.43
N ALA B 275 23.60 -38.85 -27.22
CA ALA B 275 22.62 -37.85 -26.82
C ALA B 275 23.24 -36.94 -25.77
N ILE B 276 23.10 -35.63 -25.98
CA ILE B 276 23.77 -34.61 -25.18
C ILE B 276 22.71 -33.68 -24.62
N PHE B 277 22.78 -33.39 -23.32
CA PHE B 277 21.84 -32.51 -22.65
C PHE B 277 22.29 -31.06 -22.80
N THR B 278 21.33 -30.16 -22.98
CA THR B 278 21.57 -28.73 -23.08
C THR B 278 20.59 -27.98 -22.19
N GLY B 279 21.10 -27.04 -21.40
CA GLY B 279 20.22 -26.18 -20.64
C GLY B 279 19.66 -25.07 -21.53
N SER B 280 18.33 -24.95 -21.57
CA SER B 280 17.62 -24.06 -22.49
C SER B 280 16.15 -24.06 -22.09
N GLU B 281 15.35 -23.26 -22.81
CA GLU B 281 13.92 -23.17 -22.53
C GLU B 281 13.10 -22.82 -23.76
N VAL B 282 11.80 -23.13 -23.68
CA VAL B 282 10.79 -22.74 -24.66
C VAL B 282 9.58 -22.24 -23.88
N ARG B 283 9.04 -21.09 -24.27
CA ARG B 283 7.86 -20.53 -23.62
C ARG B 283 6.85 -20.12 -24.68
N MET B 284 5.62 -20.61 -24.54
CA MET B 284 4.55 -20.34 -25.49
C MET B 284 3.42 -19.63 -24.76
N LEU B 285 3.33 -18.32 -24.95
CA LEU B 285 2.39 -17.47 -24.23
C LEU B 285 1.12 -17.26 -25.03
N ASP B 286 -0.05 -17.42 -24.40
CA ASP B 286 -1.29 -17.26 -25.15
C ASP B 286 -2.30 -16.33 -24.48
N ASP B 287 -2.45 -16.41 -23.17
CA ASP B 287 -3.31 -15.54 -22.35
C ASP B 287 -4.81 -15.67 -22.60
N GLU B 288 -5.25 -16.39 -23.64
CA GLU B 288 -6.66 -16.72 -23.78
C GLU B 288 -7.00 -18.08 -23.21
N ILE B 289 -5.99 -18.83 -22.77
CA ILE B 289 -6.13 -20.14 -22.15
C ILE B 289 -6.28 -19.90 -20.65
N PRO B 290 -7.15 -20.62 -19.95
CA PRO B 290 -7.36 -20.32 -18.53
C PRO B 290 -6.32 -20.88 -17.57
N LEU B 291 -5.67 -21.99 -17.89
CA LEU B 291 -4.70 -22.62 -16.99
C LEU B 291 -3.34 -22.72 -17.66
N ALA B 292 -2.29 -22.70 -16.85
CA ALA B 292 -0.91 -22.77 -17.33
C ALA B 292 -0.26 -24.08 -16.96
N GLN B 293 0.58 -24.60 -17.86
CA GLN B 293 1.23 -25.89 -17.71
C GLN B 293 2.71 -25.77 -18.06
N PHE B 294 3.56 -26.42 -17.27
CA PHE B 294 5.01 -26.33 -17.45
C PHE B 294 5.70 -27.53 -16.80
N ALA B 295 6.92 -27.78 -17.24
CA ALA B 295 7.79 -28.83 -16.70
C ALA B 295 9.22 -28.34 -16.62
N VAL B 296 9.91 -28.68 -15.54
CA VAL B 296 11.31 -28.35 -15.32
C VAL B 296 12.09 -29.63 -15.03
N ALA B 297 13.22 -29.82 -15.71
CA ALA B 297 13.88 -31.11 -15.74
C ALA B 297 15.39 -31.00 -15.60
N PHE B 298 15.97 -31.95 -14.87
CA PHE B 298 17.40 -32.20 -14.80
C PHE B 298 17.75 -33.40 -15.68
N GLU B 299 19.03 -33.53 -15.99
CA GLU B 299 19.52 -34.74 -16.63
C GLU B 299 19.57 -35.88 -15.62
N GLY B 300 19.20 -37.08 -16.07
CA GLY B 300 19.18 -38.23 -15.18
C GLY B 300 20.08 -39.37 -15.63
N ALA B 301 19.75 -40.58 -15.20
CA ALA B 301 20.60 -41.75 -15.40
C ALA B 301 20.10 -42.63 -16.52
N SER B 302 20.99 -43.48 -17.02
CA SER B 302 20.64 -44.44 -18.06
C SER B 302 20.09 -45.71 -17.43
N TRP B 303 19.94 -46.76 -18.22
CA TRP B 303 19.29 -47.97 -17.73
C TRP B 303 20.20 -48.78 -16.80
N LYS B 304 21.43 -49.05 -17.22
CA LYS B 304 22.34 -49.92 -16.49
C LYS B 304 23.13 -49.21 -15.41
N ASP B 305 22.90 -47.94 -15.21
CA ASP B 305 23.59 -47.15 -14.19
C ASP B 305 23.16 -47.62 -12.82
N PRO B 306 24.09 -47.85 -11.89
CA PRO B 306 23.69 -48.29 -10.55
C PRO B 306 22.96 -47.22 -9.74
N ASP B 307 22.93 -46.00 -10.19
CA ASP B 307 22.33 -44.89 -9.46
C ASP B 307 20.89 -44.71 -9.91
N SER B 308 20.43 -45.56 -10.84
CA SER B 308 19.06 -45.48 -11.33
C SER B 308 18.03 -45.83 -10.27
N ILE B 309 18.38 -46.74 -9.37
CA ILE B 309 17.45 -47.14 -8.33
C ILE B 309 17.27 -46.03 -7.31
N ALA B 310 18.30 -45.21 -7.09
CA ALA B 310 18.19 -44.10 -6.17
C ALA B 310 17.44 -42.91 -6.75
N LEU B 311 17.37 -42.78 -8.07
CA LEU B 311 16.55 -41.75 -8.69
C LEU B 311 15.09 -42.15 -8.79
N MET B 312 14.76 -43.41 -8.52
CA MET B 312 13.39 -43.86 -8.35
C MET B 312 12.91 -43.73 -6.92
N VAL B 313 13.81 -43.87 -5.95
CA VAL B 313 13.45 -43.61 -4.56
C VAL B 313 13.23 -42.11 -4.36
N MET B 314 14.03 -41.28 -5.02
CA MET B 314 13.91 -39.84 -4.89
C MET B 314 12.64 -39.31 -5.55
N GLN B 315 12.18 -39.93 -6.63
CA GLN B 315 10.92 -39.56 -7.27
C GLN B 315 9.73 -39.84 -6.37
N ALA B 316 9.80 -40.87 -5.54
CA ALA B 316 8.75 -41.18 -4.58
C ALA B 316 8.80 -40.29 -3.35
N MET B 317 9.83 -39.48 -3.20
CA MET B 317 9.89 -38.49 -2.14
C MET B 317 9.25 -37.17 -2.51
N LEU B 318 9.35 -36.77 -3.75
CA LEU B 318 8.78 -35.53 -4.31
C LEU B 318 7.30 -35.85 -4.38
N GLY B 319 6.84 -36.98 -4.89
CA GLY B 319 5.45 -37.41 -4.79
C GLY B 319 4.47 -36.96 -5.83
N SER B 320 3.18 -36.80 -5.49
CA SER B 320 2.12 -36.38 -6.45
C SER B 320 0.89 -35.95 -5.69
N TRP B 321 0.31 -34.85 -6.02
CA TRP B 321 -0.91 -34.34 -5.40
C TRP B 321 -1.86 -33.95 -6.50
N ASN B 322 -3.11 -34.22 -6.29
CA ASN B 322 -4.18 -33.84 -7.22
C ASN B 322 -5.24 -33.30 -6.34
N LYS B 323 -6.11 -32.60 -6.87
CA LYS B 323 -7.22 -31.91 -6.22
C LYS B 323 -8.38 -32.82 -5.87
N THR B 324 -8.42 -34.03 -6.43
CA THR B 324 -9.45 -34.99 -6.14
C THR B 324 -9.00 -36.05 -5.14
N ALA B 325 -7.78 -35.96 -4.66
CA ALA B 325 -7.17 -37.03 -3.88
C ALA B 325 -7.65 -37.01 -2.44
N GLY B 326 -7.65 -38.18 -1.82
CA GLY B 326 -8.13 -38.32 -0.46
C GLY B 326 -7.09 -38.05 0.60
N GLY B 327 -5.82 -37.93 0.20
CA GLY B 327 -4.78 -37.59 1.16
C GLY B 327 -4.93 -36.18 1.71
N GLY B 328 -5.14 -35.21 0.83
CA GLY B 328 -5.47 -33.87 1.22
C GLY B 328 -4.30 -33.05 1.72
N LYS B 329 -4.31 -32.70 3.00
CA LYS B 329 -3.23 -31.94 3.61
C LYS B 329 -2.30 -32.80 4.43
N HIS B 330 -2.41 -34.13 4.31
CA HIS B 330 -1.81 -35.05 5.27
C HIS B 330 -0.80 -36.00 4.63
N MET B 331 -0.31 -35.69 3.44
CA MET B 331 0.55 -36.62 2.71
C MET B 331 1.95 -36.67 3.30
N GLY B 332 2.63 -37.79 3.08
CA GLY B 332 4.03 -37.96 3.48
C GLY B 332 5.01 -36.97 2.89
N SER B 333 4.92 -36.75 1.59
CA SER B 333 5.83 -35.87 0.89
C SER B 333 5.61 -34.42 1.31
N GLU B 334 6.72 -33.68 1.46
CA GLU B 334 6.65 -32.30 1.89
C GLU B 334 6.43 -31.32 0.75
N LEU B 335 6.73 -31.69 -0.49
CA LEU B 335 6.28 -30.90 -1.62
C LEU B 335 4.78 -30.99 -1.83
N ALA B 336 4.17 -32.12 -1.53
CA ALA B 336 2.72 -32.26 -1.64
C ALA B 336 1.98 -31.62 -0.48
N GLN B 337 2.64 -31.39 0.64
CA GLN B 337 2.02 -30.62 1.71
C GLN B 337 2.07 -29.12 1.43
N ARG B 338 3.11 -28.64 0.73
CA ARG B 338 3.15 -27.24 0.38
C ARG B 338 2.10 -26.88 -0.65
N VAL B 339 1.95 -27.72 -1.68
CA VAL B 339 0.95 -27.50 -2.71
C VAL B 339 -0.45 -27.67 -2.15
N GLY B 340 -0.61 -28.64 -1.25
CA GLY B 340 -1.94 -28.97 -0.76
C GLY B 340 -2.51 -28.01 0.27
N ILE B 341 -1.66 -27.49 1.16
CA ILE B 341 -2.13 -26.61 2.23
C ILE B 341 -2.51 -25.24 1.69
N ASN B 342 -1.72 -24.69 0.79
CA ASN B 342 -1.89 -23.32 0.32
C ASN B 342 -2.73 -23.20 -0.95
N GLU B 343 -3.07 -24.35 -1.55
CA GLU B 343 -3.87 -24.37 -2.81
C GLU B 343 -3.16 -23.51 -3.87
N VAL B 344 -1.96 -23.93 -4.29
CA VAL B 344 -1.24 -23.17 -5.30
C VAL B 344 -1.14 -23.91 -6.62
N ALA B 345 -1.84 -25.04 -6.77
CA ALA B 345 -1.87 -25.74 -8.05
C ALA B 345 -3.17 -26.54 -8.17
N GLU B 346 -3.41 -27.01 -9.40
CA GLU B 346 -4.44 -27.97 -9.73
C GLU B 346 -3.95 -29.40 -9.61
N SER B 347 -2.73 -29.67 -10.08
CA SER B 347 -2.10 -30.98 -9.96
C SER B 347 -0.59 -30.83 -10.09
N MET B 348 0.14 -31.78 -9.52
CA MET B 348 1.60 -31.81 -9.46
C MET B 348 2.05 -33.25 -9.63
N MET B 349 3.14 -33.47 -10.35
CA MET B 349 3.63 -34.83 -10.60
C MET B 349 5.12 -34.83 -10.86
N ALA B 350 5.85 -35.74 -10.21
CA ALA B 350 7.27 -35.93 -10.48
C ALA B 350 7.50 -37.10 -11.43
N PHE B 351 8.42 -36.92 -12.37
CA PHE B 351 8.69 -37.94 -13.37
C PHE B 351 10.16 -38.36 -13.35
N ASN B 352 10.44 -39.48 -14.02
CA ASN B 352 11.78 -40.05 -14.09
C ASN B 352 11.82 -40.98 -15.29
N THR B 353 12.57 -40.60 -16.32
CA THR B 353 12.66 -41.37 -17.56
C THR B 353 14.07 -41.88 -17.74
N ASN B 354 14.22 -43.11 -18.21
CA ASN B 354 15.53 -43.70 -18.46
C ASN B 354 15.68 -43.99 -19.94
N TYR B 355 16.91 -43.91 -20.43
CA TYR B 355 17.22 -44.24 -21.81
C TYR B 355 18.50 -45.05 -21.84
N LYS B 356 19.02 -45.41 -22.95
CA LYS B 356 20.23 -46.23 -23.08
C LYS B 356 21.47 -45.49 -22.67
N ASP B 357 21.63 -44.21 -23.00
CA ASP B 357 22.71 -43.31 -22.56
C ASP B 357 22.33 -42.13 -21.65
N THR B 358 21.09 -41.67 -21.50
CA THR B 358 20.74 -40.44 -20.78
C THR B 358 19.47 -40.67 -19.98
N GLY B 359 18.85 -39.59 -19.53
CA GLY B 359 17.59 -39.68 -18.83
C GLY B 359 17.09 -38.30 -18.51
N LEU B 360 15.95 -38.25 -17.83
CA LEU B 360 15.32 -37.00 -17.43
C LEU B 360 14.68 -37.16 -16.06
N PHE B 361 14.84 -36.17 -15.20
CA PHE B 361 14.30 -36.18 -13.86
C PHE B 361 13.69 -34.80 -13.59
N GLY B 362 12.45 -34.75 -13.10
CA GLY B 362 11.83 -33.46 -12.91
C GLY B 362 10.45 -33.46 -12.30
N VAL B 363 9.71 -32.36 -12.49
CA VAL B 363 8.38 -32.13 -11.93
C VAL B 363 7.52 -31.48 -13.01
N TYR B 364 6.25 -31.91 -13.12
CA TYR B 364 5.26 -31.31 -14.01
C TYR B 364 4.08 -30.80 -13.18
N ALA B 365 3.57 -29.60 -13.50
CA ALA B 365 2.53 -28.97 -12.71
C ALA B 365 1.52 -28.22 -13.58
N VAL B 366 0.28 -28.11 -13.07
CA VAL B 366 -0.82 -27.37 -13.70
C VAL B 366 -1.38 -26.41 -12.66
N ALA B 367 -1.51 -25.13 -13.02
CA ALA B 367 -1.97 -24.12 -12.08
C ALA B 367 -2.58 -22.93 -12.80
N LYS B 368 -3.24 -22.04 -12.02
CA LYS B 368 -3.87 -20.75 -12.30
C LYS B 368 -2.81 -19.66 -12.38
N PRO B 369 -3.01 -18.64 -13.22
CA PRO B 369 -1.90 -17.72 -13.53
C PRO B 369 -1.47 -16.77 -12.43
N ASP B 370 -2.16 -16.74 -11.29
CA ASP B 370 -1.76 -15.87 -10.20
C ASP B 370 -1.14 -16.64 -9.06
N CYS B 371 -0.70 -17.88 -9.31
CA CYS B 371 -0.13 -18.73 -8.27
C CYS B 371 1.27 -19.19 -8.64
N LEU B 372 1.84 -18.69 -9.72
CA LEU B 372 3.03 -19.27 -10.31
C LEU B 372 4.31 -18.89 -9.59
N ASP B 373 4.27 -17.90 -8.71
CA ASP B 373 5.46 -17.50 -7.96
C ASP B 373 5.67 -18.35 -6.73
N ASP B 374 4.61 -18.57 -5.95
CA ASP B 374 4.67 -19.39 -4.76
C ASP B 374 4.73 -20.87 -5.07
N LEU B 375 4.31 -21.27 -6.26
CA LEU B 375 4.47 -22.66 -6.67
C LEU B 375 5.89 -22.95 -7.12
N SER B 376 6.52 -22.01 -7.81
CA SER B 376 7.87 -22.22 -8.29
C SER B 376 8.89 -22.13 -7.17
N TYR B 377 8.56 -21.39 -6.10
CA TYR B 377 9.43 -21.36 -4.93
C TYR B 377 9.43 -22.71 -4.24
N ALA B 378 8.25 -23.34 -4.12
CA ALA B 378 8.11 -24.58 -3.36
C ALA B 378 8.72 -25.76 -4.10
N ILE B 379 8.67 -25.74 -5.43
CA ILE B 379 9.23 -26.83 -6.22
C ILE B 379 10.75 -26.82 -6.11
N MET B 380 11.36 -25.64 -6.28
CA MET B 380 12.81 -25.53 -6.24
C MET B 380 13.38 -25.65 -4.84
N TYR B 381 12.61 -25.31 -3.81
CA TYR B 381 13.10 -25.44 -2.45
C TYR B 381 13.25 -26.89 -2.02
N GLU B 382 12.37 -27.78 -2.47
CA GLU B 382 12.36 -29.14 -1.97
C GLU B 382 13.20 -30.08 -2.80
N THR B 383 13.50 -29.73 -4.04
CA THR B 383 14.41 -30.52 -4.85
C THR B 383 15.85 -30.28 -4.42
N THR B 384 16.20 -29.04 -4.11
CA THR B 384 17.55 -28.70 -3.70
C THR B 384 17.84 -29.18 -2.28
N LYS B 385 16.81 -29.33 -1.47
CA LYS B 385 16.98 -29.81 -0.09
C LYS B 385 17.41 -31.27 -0.01
N LEU B 386 17.24 -32.04 -1.08
CA LEU B 386 17.71 -33.42 -1.10
C LEU B 386 19.21 -33.54 -1.06
N ALA B 387 19.95 -32.49 -1.42
CA ALA B 387 21.40 -32.46 -1.41
C ALA B 387 21.97 -32.00 -0.07
N TYR B 388 21.11 -31.57 0.85
CA TYR B 388 21.52 -30.99 2.12
C TYR B 388 21.01 -31.77 3.33
N ARG B 389 19.72 -32.06 3.40
CA ARG B 389 19.08 -32.37 4.68
C ARG B 389 18.02 -33.43 4.46
N VAL B 390 18.34 -34.69 4.68
CA VAL B 390 17.44 -35.81 4.38
C VAL B 390 17.05 -36.53 5.66
N SER B 391 15.75 -36.56 5.96
CA SER B 391 15.24 -37.25 7.11
C SER B 391 15.26 -38.76 6.90
N ASP B 392 15.28 -39.50 8.00
CA ASP B 392 15.33 -40.96 7.91
C ASP B 392 13.95 -41.61 7.78
N ASP B 393 12.91 -40.93 8.23
CA ASP B 393 11.56 -41.42 7.97
C ASP B 393 11.10 -41.12 6.55
N ASP B 394 11.74 -40.16 5.89
CA ASP B 394 11.40 -39.85 4.51
C ASP B 394 11.82 -40.94 3.55
N VAL B 395 12.97 -41.57 3.80
CA VAL B 395 13.52 -42.56 2.88
C VAL B 395 12.97 -43.94 3.19
N THR B 396 12.64 -44.20 4.45
CA THR B 396 12.00 -45.47 4.78
C THR B 396 10.60 -45.55 4.19
N ARG B 397 9.88 -44.44 4.19
CA ARG B 397 8.55 -44.42 3.60
C ARG B 397 8.60 -44.49 2.08
N ALA B 398 9.58 -43.83 1.46
CA ALA B 398 9.75 -43.86 0.02
C ALA B 398 10.38 -45.14 -0.50
N ARG B 399 10.97 -45.94 0.37
CA ARG B 399 11.42 -47.28 -0.02
C ARG B 399 10.28 -48.29 0.09
N ASN B 400 9.40 -48.13 1.07
CA ASN B 400 8.24 -49.00 1.20
C ASN B 400 7.23 -48.78 0.09
N GLN B 401 7.18 -47.57 -0.47
CA GLN B 401 6.26 -47.25 -1.54
C GLN B 401 6.74 -47.69 -2.91
N LEU B 402 8.05 -47.70 -3.14
CA LEU B 402 8.57 -48.15 -4.43
C LEU B 402 8.60 -49.66 -4.53
N LYS B 403 8.84 -50.36 -3.42
CA LYS B 403 8.73 -51.81 -3.39
C LYS B 403 7.32 -52.26 -3.73
N SER B 404 6.33 -51.55 -3.22
CA SER B 404 4.95 -51.97 -3.38
C SER B 404 4.40 -51.59 -4.74
N SER B 405 4.82 -50.46 -5.32
CA SER B 405 4.25 -50.07 -6.59
C SER B 405 4.83 -50.82 -7.77
N LEU B 406 6.04 -51.36 -7.65
CA LEU B 406 6.62 -52.12 -8.74
C LEU B 406 6.04 -53.52 -8.84
N LEU B 407 5.51 -54.05 -7.74
CA LEU B 407 4.97 -55.40 -7.74
C LEU B 407 3.45 -55.43 -7.85
N LEU B 408 2.75 -54.40 -7.36
CA LEU B 408 1.30 -54.35 -7.53
C LEU B 408 0.88 -54.11 -8.95
N TYR B 409 1.81 -53.68 -9.79
CA TYR B 409 1.58 -53.41 -11.19
C TYR B 409 1.62 -54.67 -12.05
N ILE B 410 2.27 -55.72 -11.59
CA ILE B 410 2.39 -56.97 -12.34
C ILE B 410 1.25 -57.87 -11.90
N ASP B 411 0.14 -57.78 -12.62
CA ASP B 411 -1.13 -58.43 -12.25
C ASP B 411 -1.83 -58.92 -13.53
N GLY B 412 -1.60 -60.18 -13.88
CA GLY B 412 -2.23 -60.77 -15.04
C GLY B 412 -1.18 -61.27 -16.01
N THR B 413 -1.65 -61.78 -17.15
CA THR B 413 -0.75 -62.41 -18.10
C THR B 413 -0.03 -61.41 -18.99
N SER B 414 -0.67 -60.32 -19.35
CA SER B 414 -0.02 -59.29 -20.15
C SER B 414 0.93 -58.37 -19.39
N PRO B 415 0.71 -57.96 -18.13
CA PRO B 415 1.82 -57.30 -17.40
C PRO B 415 3.04 -58.17 -17.16
N VAL B 416 2.88 -59.48 -17.06
CA VAL B 416 4.03 -60.36 -16.88
C VAL B 416 4.88 -60.40 -18.14
N ALA B 417 4.25 -60.52 -19.31
CA ALA B 417 4.99 -60.71 -20.54
C ALA B 417 5.66 -59.44 -21.02
N GLU B 418 5.10 -58.27 -20.73
CA GLU B 418 5.79 -57.03 -21.07
C GLU B 418 6.88 -56.71 -20.06
N ASP B 419 6.83 -57.34 -18.89
CA ASP B 419 7.95 -57.23 -17.95
C ASP B 419 9.13 -58.07 -18.41
N ILE B 420 8.88 -59.24 -18.98
CA ILE B 420 9.95 -60.10 -19.47
C ILE B 420 10.60 -59.49 -20.71
N GLY B 421 9.78 -59.01 -21.64
CA GLY B 421 10.32 -58.61 -22.92
C GLY B 421 11.04 -57.27 -22.88
N ARG B 422 10.58 -56.38 -22.02
CA ARG B 422 11.21 -55.06 -21.92
C ARG B 422 12.50 -55.13 -21.12
N GLN B 423 12.60 -56.04 -20.16
CA GLN B 423 13.81 -56.15 -19.35
C GLN B 423 14.93 -56.92 -20.03
N LEU B 424 14.62 -57.83 -20.95
CA LEU B 424 15.68 -58.46 -21.72
C LEU B 424 16.31 -57.50 -22.72
N LEU B 425 15.60 -56.46 -23.11
CA LEU B 425 16.14 -55.47 -24.02
C LEU B 425 16.95 -54.39 -23.31
N THR B 426 16.65 -54.09 -22.04
CA THR B 426 17.37 -53.02 -21.38
C THR B 426 18.50 -53.52 -20.48
N TYR B 427 18.31 -54.63 -19.75
CA TYR B 427 19.37 -55.18 -18.92
C TYR B 427 20.03 -56.41 -19.48
N GLY B 428 19.46 -57.05 -20.50
CA GLY B 428 19.97 -58.31 -20.98
C GLY B 428 19.56 -59.50 -20.17
N ARG B 429 18.80 -59.31 -19.11
CA ARG B 429 18.37 -60.36 -18.21
C ARG B 429 17.12 -59.88 -17.50
N ARG B 430 16.42 -60.80 -16.86
CA ARG B 430 15.33 -60.45 -15.97
C ARG B 430 15.82 -60.50 -14.54
N ILE B 431 15.64 -59.41 -13.82
CA ILE B 431 16.11 -59.27 -12.44
C ILE B 431 15.08 -59.95 -11.54
N PRO B 432 15.50 -60.90 -10.70
CA PRO B 432 14.54 -61.54 -9.78
C PRO B 432 14.08 -60.57 -8.70
N PHE B 433 12.96 -60.91 -8.07
CA PHE B 433 12.30 -60.02 -7.11
C PHE B 433 13.09 -59.87 -5.82
N ALA B 434 14.00 -60.77 -5.51
CA ALA B 434 14.75 -60.68 -4.27
C ALA B 434 16.01 -59.85 -4.39
N GLU B 435 16.64 -59.81 -5.57
CA GLU B 435 17.72 -58.89 -5.82
C GLU B 435 17.24 -57.46 -5.94
N LEU B 436 16.10 -57.23 -6.61
CA LEU B 436 15.55 -55.90 -6.80
C LEU B 436 15.14 -55.27 -5.48
N PHE B 437 14.63 -56.07 -4.55
CA PHE B 437 14.34 -55.56 -3.22
C PHE B 437 15.61 -55.32 -2.42
N ALA B 438 16.70 -56.02 -2.73
CA ALA B 438 17.96 -55.84 -2.03
C ALA B 438 18.73 -54.61 -2.48
N ARG B 439 18.49 -54.16 -3.71
CA ARG B 439 19.09 -52.93 -4.18
C ARG B 439 18.31 -51.70 -3.73
N ILE B 440 17.04 -51.87 -3.36
CA ILE B 440 16.23 -50.72 -2.94
C ILE B 440 16.57 -50.33 -1.51
N ASP B 441 16.67 -51.29 -0.61
CA ASP B 441 16.96 -50.95 0.77
C ASP B 441 18.44 -50.73 1.06
N ALA B 442 19.28 -50.70 0.03
CA ALA B 442 20.66 -50.25 0.14
C ALA B 442 20.78 -48.78 -0.23
N VAL B 443 19.69 -48.04 -0.15
CA VAL B 443 19.64 -46.61 -0.44
C VAL B 443 19.20 -45.97 0.87
N ASP B 444 20.14 -45.44 1.62
CA ASP B 444 19.85 -44.80 2.90
C ASP B 444 20.02 -43.30 2.73
N ALA B 445 19.98 -42.57 3.86
CA ALA B 445 20.00 -41.11 3.82
C ALA B 445 21.31 -40.55 3.27
N SER B 446 22.41 -41.27 3.45
CA SER B 446 23.67 -40.84 2.89
C SER B 446 23.78 -41.10 1.40
N THR B 447 23.08 -42.12 0.90
CA THR B 447 23.08 -42.39 -0.54
C THR B 447 22.27 -41.35 -1.29
N ILE B 448 21.21 -40.83 -0.65
CA ILE B 448 20.35 -39.82 -1.26
C ILE B 448 21.14 -38.54 -1.52
N LYS B 449 21.91 -38.07 -0.53
CA LYS B 449 22.68 -36.85 -0.67
C LYS B 449 23.80 -36.96 -1.69
N ARG B 450 24.34 -38.14 -1.92
CA ARG B 450 25.45 -38.28 -2.84
C ARG B 450 24.98 -38.30 -4.29
N VAL B 451 23.83 -38.92 -4.55
CA VAL B 451 23.24 -38.90 -5.88
C VAL B 451 22.61 -37.54 -6.16
N ALA B 452 22.11 -36.85 -5.13
CA ALA B 452 21.56 -35.51 -5.32
C ALA B 452 22.65 -34.50 -5.65
N ASN B 453 23.84 -34.66 -5.07
CA ASN B 453 24.95 -33.79 -5.42
C ASN B 453 25.49 -34.07 -6.80
N ARG B 454 25.31 -35.25 -7.35
CA ARG B 454 25.74 -35.54 -8.74
C ARG B 454 24.78 -35.06 -9.81
N PHE B 455 23.48 -35.04 -9.54
CA PHE B 455 22.50 -34.80 -10.58
C PHE B 455 21.76 -33.48 -10.45
N ILE B 456 21.65 -32.94 -9.23
CA ILE B 456 20.77 -31.81 -8.95
C ILE B 456 21.55 -30.56 -8.59
N TYR B 457 22.55 -30.69 -7.73
CA TYR B 457 23.20 -29.54 -7.11
C TYR B 457 24.05 -28.78 -8.11
N ASP B 458 23.70 -27.51 -8.34
CA ASP B 458 24.44 -26.56 -9.19
C ASP B 458 24.57 -27.08 -10.62
N LYS B 459 23.43 -27.42 -11.22
CA LYS B 459 23.39 -28.02 -12.54
C LYS B 459 22.41 -27.25 -13.43
N ASP B 460 22.55 -27.45 -14.74
CA ASP B 460 21.64 -26.83 -15.68
C ASP B 460 20.30 -27.55 -15.73
N ILE B 461 19.27 -26.84 -16.15
CA ILE B 461 17.90 -27.34 -16.23
C ILE B 461 17.34 -27.05 -17.61
N ALA B 462 16.21 -27.66 -17.91
CA ALA B 462 15.46 -27.37 -19.13
C ALA B 462 14.01 -27.16 -18.76
N ILE B 463 13.39 -26.12 -19.34
CA ILE B 463 12.02 -25.72 -19.04
C ILE B 463 11.22 -25.66 -20.33
N ALA B 464 9.97 -26.09 -20.29
CA ALA B 464 9.00 -25.84 -21.36
C ALA B 464 7.68 -25.45 -20.71
N ALA B 465 7.10 -24.33 -21.16
CA ALA B 465 5.91 -23.77 -20.52
C ALA B 465 4.92 -23.31 -21.57
N MET B 466 3.64 -23.25 -21.18
CA MET B 466 2.57 -22.92 -22.12
C MET B 466 1.39 -22.34 -21.37
N GLY B 467 0.79 -21.28 -21.92
CA GLY B 467 -0.41 -20.70 -21.37
C GLY B 467 -0.30 -19.27 -20.92
N PRO B 468 -1.03 -18.90 -19.87
CA PRO B 468 -0.86 -17.58 -19.27
C PRO B 468 0.33 -17.50 -18.33
N ILE B 469 1.53 -17.53 -18.89
CA ILE B 469 2.77 -17.76 -18.16
C ILE B 469 3.61 -16.49 -18.01
N GLN B 470 3.00 -15.31 -18.01
CA GLN B 470 3.75 -14.07 -17.82
C GLN B 470 4.26 -13.88 -16.41
N ARG B 471 3.76 -14.63 -15.44
CA ARG B 471 4.18 -14.47 -14.07
C ARG B 471 5.05 -15.63 -13.59
N LEU B 472 5.41 -16.54 -14.48
CA LEU B 472 6.39 -17.57 -14.19
C LEU B 472 7.80 -16.96 -14.24
N PRO B 473 8.67 -17.23 -13.24
CA PRO B 473 10.01 -16.63 -13.21
C PRO B 473 10.90 -17.02 -14.38
N ASP B 474 11.97 -16.28 -14.60
CA ASP B 474 12.79 -16.51 -15.79
C ASP B 474 13.95 -17.46 -15.47
N TYR B 475 14.82 -17.66 -16.47
CA TYR B 475 15.83 -18.72 -16.41
C TYR B 475 16.88 -18.45 -15.34
N ASN B 476 17.30 -17.21 -15.16
CA ASN B 476 18.28 -16.88 -14.15
C ASN B 476 17.73 -17.02 -12.74
N TRP B 477 16.43 -16.88 -12.57
CA TRP B 477 15.81 -17.14 -11.27
C TRP B 477 15.86 -18.61 -10.93
N PHE B 478 15.64 -19.47 -11.92
CA PHE B 478 15.60 -20.90 -11.73
C PHE B 478 16.99 -21.49 -11.56
N ARG B 479 17.95 -21.01 -12.36
CA ARG B 479 19.32 -21.52 -12.33
C ARG B 479 20.03 -21.17 -11.04
N ARG B 480 19.71 -20.03 -10.46
CA ARG B 480 20.29 -19.61 -9.20
C ARG B 480 19.84 -20.46 -8.04
N ARG B 481 18.62 -21.00 -8.09
CA ARG B 481 18.04 -21.71 -6.96
C ARG B 481 18.33 -23.21 -6.99
N THR B 482 19.32 -23.63 -7.77
CA THR B 482 19.85 -24.98 -7.71
C THR B 482 20.94 -25.12 -6.66
N TYR B 483 21.20 -24.06 -5.89
CA TYR B 483 22.08 -24.14 -4.75
C TYR B 483 21.57 -23.18 -3.69
N TRP B 484 22.09 -23.33 -2.49
CA TRP B 484 21.62 -22.56 -1.35
C TRP B 484 22.78 -21.74 -0.85
N ASN B 485 22.70 -20.42 -1.02
CA ASN B 485 23.77 -19.60 -0.47
C ASN B 485 23.58 -19.26 0.99
N ARG B 486 23.33 -20.25 1.84
CA ARG B 486 22.98 -20.03 3.23
C ARG B 486 23.58 -21.06 4.18
N TYR B 487 24.15 -22.14 3.67
CA TYR B 487 24.68 -23.23 4.51
C TYR B 487 26.17 -23.39 4.34
N MET C 1 -1.59 -12.60 1.34
CA MET C 1 -1.53 -13.58 2.41
C MET C 1 -1.39 -14.90 1.71
N ARG C 2 -0.97 -15.95 2.45
CA ARG C 2 -1.29 -17.37 2.20
C ARG C 2 -1.38 -18.06 3.57
N ASN C 3 -1.65 -19.36 3.55
CA ASN C 3 -1.97 -20.07 4.78
C ASN C 3 -0.72 -20.35 5.62
N GLN C 4 0.43 -20.59 4.99
CA GLN C 4 1.71 -20.67 5.67
C GLN C 4 2.73 -19.88 4.87
N ARG C 5 3.95 -19.84 5.36
CA ARG C 5 4.93 -18.91 4.76
C ARG C 5 5.61 -19.43 3.53
N PHE C 6 6.32 -18.54 2.93
CA PHE C 6 6.97 -18.74 1.64
C PHE C 6 8.22 -17.89 1.71
N SER C 7 8.73 -17.51 0.54
CA SER C 7 9.86 -16.59 0.49
C SER C 7 9.73 -15.43 1.48
N LEU C 8 10.78 -15.21 2.26
CA LEU C 8 10.78 -14.25 3.34
C LEU C 8 10.78 -12.80 2.85
N LEU C 9 11.16 -12.56 1.60
CA LEU C 9 11.09 -11.22 1.04
C LEU C 9 9.66 -10.78 0.75
N LYS C 10 8.68 -11.68 0.79
CA LYS C 10 7.29 -11.33 0.57
C LYS C 10 6.53 -11.19 1.89
N GLN C 11 7.25 -11.03 3.00
CA GLN C 11 6.73 -10.76 4.33
C GLN C 11 6.62 -9.25 4.54
N PRO C 12 5.62 -8.81 5.35
CA PRO C 12 5.40 -7.39 5.62
C PRO C 12 6.59 -6.57 6.09
N ILE C 13 7.53 -7.18 6.83
CA ILE C 13 8.73 -6.49 7.27
C ILE C 13 9.64 -6.12 6.11
N SER C 14 9.50 -6.76 4.95
CA SER C 14 10.38 -6.46 3.83
C SER C 14 9.60 -6.37 2.53
N SER C 15 8.35 -5.90 2.59
CA SER C 15 7.55 -5.78 1.37
C SER C 15 7.86 -4.50 0.62
N THR C 16 8.01 -3.40 1.34
CA THR C 16 8.32 -2.10 0.76
C THR C 16 9.70 -2.10 0.11
N LEU C 17 10.62 -2.93 0.59
CA LEU C 17 11.91 -3.09 -0.05
C LEU C 17 11.86 -4.08 -1.20
N ASN C 18 10.99 -5.07 -1.13
CA ASN C 18 10.89 -6.06 -2.20
C ASN C 18 10.23 -5.48 -3.43
N GLN C 19 9.06 -4.87 -3.26
CA GLN C 19 8.27 -4.43 -4.39
C GLN C 19 8.78 -3.13 -4.99
N HIS C 20 9.71 -2.44 -4.31
CA HIS C 20 10.24 -1.19 -4.84
C HIS C 20 11.73 -1.23 -5.14
N LEU C 21 12.46 -2.26 -4.69
CA LEU C 21 13.89 -2.31 -4.96
C LEU C 21 14.38 -3.61 -5.54
N ILE C 22 13.57 -4.67 -5.57
CA ILE C 22 13.98 -5.97 -6.07
C ILE C 22 13.08 -6.43 -7.21
N ASP C 23 11.77 -6.52 -6.96
CA ASP C 23 10.84 -7.03 -7.93
C ASP C 23 10.20 -5.96 -8.80
N TYR C 24 10.68 -4.72 -8.74
CA TYR C 24 10.01 -3.62 -9.39
C TYR C 24 10.15 -3.71 -10.92
N PRO C 25 9.07 -3.64 -11.68
CA PRO C 25 9.14 -3.85 -13.13
C PRO C 25 9.70 -2.64 -13.86
N THR C 26 10.68 -2.88 -14.71
CA THR C 26 11.49 -1.89 -15.37
C THR C 26 11.47 -2.14 -16.87
N PRO C 27 11.47 -1.11 -17.72
CA PRO C 27 11.60 -1.33 -19.16
C PRO C 27 12.93 -1.97 -19.50
N SER C 28 12.91 -2.88 -20.45
CA SER C 28 14.09 -3.69 -20.70
C SER C 28 15.12 -3.01 -21.58
N ASN C 29 14.80 -1.88 -22.19
CA ASN C 29 15.76 -1.24 -23.07
C ASN C 29 16.40 0.03 -22.48
N LEU C 30 16.45 0.18 -21.16
CA LEU C 30 17.07 1.35 -20.54
C LEU C 30 18.57 1.33 -20.73
N SER C 31 19.14 2.47 -21.13
CA SER C 31 20.57 2.59 -21.39
C SER C 31 21.31 3.10 -20.15
N TYR C 32 22.57 3.49 -20.32
CA TYR C 32 23.38 3.91 -19.19
C TYR C 32 23.07 5.33 -18.74
N TRP C 33 22.32 6.10 -19.53
CA TRP C 33 21.81 7.39 -19.12
C TRP C 33 20.77 7.30 -18.03
N TRP C 34 20.22 6.12 -17.76
CA TRP C 34 19.32 5.91 -16.65
C TRP C 34 20.07 5.49 -15.39
N GLY C 35 21.38 5.69 -15.36
CA GLY C 35 22.17 5.32 -14.22
C GLY C 35 22.62 6.42 -13.30
N PHE C 36 22.40 7.68 -13.68
CA PHE C 36 22.91 8.82 -12.94
C PHE C 36 22.03 9.24 -11.77
N GLY C 37 20.95 8.53 -11.50
CA GLY C 37 20.06 8.88 -10.43
C GLY C 37 20.40 8.20 -9.13
N SER C 38 20.83 6.94 -9.19
CA SER C 38 21.38 6.28 -8.01
C SER C 38 22.80 6.73 -7.71
N LEU C 39 23.49 7.24 -8.71
CA LEU C 39 24.81 7.80 -8.54
C LEU C 39 24.76 9.12 -7.77
N ALA C 40 23.68 9.88 -7.92
CA ALA C 40 23.48 11.11 -7.18
C ALA C 40 23.02 10.88 -5.75
N GLY C 41 22.44 9.73 -5.46
CA GLY C 41 22.09 9.41 -4.09
C GLY C 41 23.25 8.84 -3.29
N ILE C 42 24.29 8.40 -3.98
CA ILE C 42 25.52 8.00 -3.32
C ILE C 42 26.37 9.23 -3.02
N CYS C 43 26.36 10.22 -3.92
CA CYS C 43 27.09 11.46 -3.68
C CYS C 43 26.50 12.27 -2.53
N LEU C 44 25.21 12.11 -2.25
CA LEU C 44 24.61 12.78 -1.10
C LEU C 44 24.96 12.08 0.21
N VAL C 45 25.16 10.76 0.18
CA VAL C 45 25.51 10.03 1.40
C VAL C 45 26.97 10.25 1.76
N ILE C 46 27.84 10.39 0.75
CA ILE C 46 29.24 10.71 0.97
C ILE C 46 29.40 12.08 1.62
N GLN C 47 28.60 13.06 1.21
CA GLN C 47 28.70 14.39 1.79
C GLN C 47 28.21 14.42 3.22
N ILE C 48 27.23 13.60 3.58
CA ILE C 48 26.74 13.59 4.94
C ILE C 48 27.73 12.92 5.88
N VAL C 49 28.31 11.79 5.48
CA VAL C 49 29.22 11.04 6.35
C VAL C 49 30.53 11.78 6.53
N THR C 50 31.05 12.39 5.47
CA THR C 50 32.30 13.12 5.55
C THR C 50 32.16 14.41 6.35
N GLY C 51 31.02 15.08 6.25
CA GLY C 51 30.79 16.32 6.96
C GLY C 51 30.51 16.16 8.43
N VAL C 52 29.94 15.03 8.84
CA VAL C 52 29.73 14.76 10.26
C VAL C 52 31.06 14.57 10.98
N PHE C 53 32.06 13.99 10.33
CA PHE C 53 33.37 13.84 10.92
C PHE C 53 34.21 15.10 10.80
N LEU C 54 33.96 15.94 9.79
CA LEU C 54 34.64 17.22 9.72
C LEU C 54 34.18 18.18 10.79
N ALA C 55 32.96 18.05 11.28
CA ALA C 55 32.40 19.00 12.24
C ALA C 55 32.80 18.70 13.67
N MET C 56 33.52 17.61 13.91
CA MET C 56 34.11 17.29 15.20
C MET C 56 35.43 18.01 15.42
N HIS C 57 35.93 18.74 14.42
CA HIS C 57 37.18 19.46 14.56
C HIS C 57 37.13 20.90 14.05
N TYR C 58 35.95 21.45 13.81
CA TYR C 58 35.81 22.78 13.23
C TYR C 58 35.24 23.73 14.27
N THR C 59 35.72 24.98 14.28
CA THR C 59 35.23 25.99 15.22
C THR C 59 34.61 27.16 14.47
N PRO C 60 33.30 27.41 14.61
CA PRO C 60 32.68 28.55 13.91
C PRO C 60 32.87 29.90 14.59
N HIS C 61 34.09 30.42 14.57
CA HIS C 61 34.39 31.73 15.15
C HIS C 61 35.40 32.41 14.25
N VAL C 62 35.28 33.72 14.10
CA VAL C 62 36.12 34.44 13.13
C VAL C 62 37.59 34.47 13.51
N ASP C 63 37.90 34.27 14.78
CA ASP C 63 39.27 34.20 15.23
C ASP C 63 39.85 32.80 15.18
N LEU C 64 39.01 31.79 14.92
CA LEU C 64 39.43 30.40 15.05
C LEU C 64 39.09 29.51 13.87
N ALA C 65 38.42 30.00 12.83
CA ALA C 65 37.87 29.17 11.77
C ALA C 65 38.89 28.76 10.71
N PHE C 66 39.74 29.69 10.29
CA PHE C 66 40.76 29.37 9.30
C PHE C 66 41.81 28.42 9.87
N ASN C 67 42.12 28.53 11.14
CA ASN C 67 43.12 27.71 11.78
C ASN C 67 42.60 26.34 12.21
N SER C 68 41.28 26.14 12.20
CA SER C 68 40.73 24.82 12.46
C SER C 68 40.77 23.93 11.22
N VAL C 69 40.72 24.52 10.05
CA VAL C 69 40.81 23.77 8.81
C VAL C 69 42.25 23.36 8.51
N GLU C 70 43.23 24.17 8.89
CA GLU C 70 44.62 23.75 8.78
C GLU C 70 45.04 22.77 9.86
N HIS C 71 44.31 22.73 10.96
CA HIS C 71 44.60 21.74 11.99
C HIS C 71 44.14 20.35 11.56
N VAL C 72 43.06 20.29 10.77
CA VAL C 72 42.59 19.02 10.22
C VAL C 72 43.57 18.49 9.19
N MET C 73 44.06 19.37 8.32
CA MET C 73 44.97 18.99 7.26
C MET C 73 46.34 18.54 7.77
N ARG C 74 46.71 18.90 8.99
CA ARG C 74 48.07 18.70 9.46
C ARG C 74 48.19 17.80 10.66
N ASP C 75 47.24 17.80 11.58
CA ASP C 75 47.41 17.10 12.84
C ASP C 75 46.43 15.97 13.08
N VAL C 76 45.39 15.83 12.29
CA VAL C 76 44.39 14.79 12.48
C VAL C 76 44.76 13.62 11.59
N GLU C 77 44.60 12.40 12.12
CA GLU C 77 44.96 11.17 11.42
C GLU C 77 44.08 10.98 10.19
N GLY C 78 44.69 11.04 9.01
CA GLY C 78 43.93 10.95 7.79
C GLY C 78 43.06 12.15 7.49
N GLY C 79 43.30 13.28 8.14
CA GLY C 79 42.40 14.42 8.04
C GLY C 79 42.45 15.12 6.70
N TRP C 80 43.55 15.00 5.97
CA TRP C 80 43.61 15.58 4.64
C TRP C 80 42.71 14.82 3.66
N LEU C 81 42.47 13.55 3.93
CA LEU C 81 41.54 12.76 3.14
C LEU C 81 40.10 13.16 3.44
N LEU C 82 39.80 13.47 4.70
CA LEU C 82 38.46 13.93 5.08
C LEU C 82 38.11 15.28 4.48
N ARG C 83 39.08 16.17 4.27
CA ARG C 83 38.75 17.44 3.65
C ARG C 83 38.68 17.37 2.14
N TYR C 84 39.62 16.70 1.50
CA TYR C 84 39.64 16.63 0.06
C TYR C 84 38.50 15.80 -0.51
N MET C 85 37.98 14.83 0.24
CA MET C 85 36.78 14.11 -0.17
C MET C 85 35.55 14.98 -0.11
N HIS C 86 35.54 15.97 0.78
CA HIS C 86 34.36 16.81 0.97
C HIS C 86 34.35 18.03 0.06
N ALA C 87 35.52 18.58 -0.25
CA ALA C 87 35.61 19.73 -1.13
C ALA C 87 35.45 19.33 -2.59
N ASN C 88 36.09 18.23 -2.99
CA ASN C 88 35.94 17.74 -4.34
C ASN C 88 34.68 16.93 -4.50
N GLY C 89 34.10 16.44 -3.41
CA GLY C 89 32.87 15.67 -3.50
C GLY C 89 31.66 16.50 -3.80
N ALA C 90 31.72 17.80 -3.53
CA ALA C 90 30.65 18.71 -3.93
C ALA C 90 30.70 19.05 -5.40
N SER C 91 31.84 18.86 -6.04
CA SER C 91 31.91 18.99 -7.49
C SER C 91 31.41 17.74 -8.20
N MET C 92 31.52 16.56 -7.57
CA MET C 92 31.00 15.34 -8.17
C MET C 92 29.50 15.26 -8.06
N PHE C 93 28.94 15.82 -6.99
CA PHE C 93 27.50 15.84 -6.79
C PHE C 93 26.81 16.77 -7.79
N LEU C 94 27.53 17.75 -8.33
CA LEU C 94 26.95 18.64 -9.32
C LEU C 94 27.20 18.19 -10.76
N ILE C 95 28.25 17.41 -11.03
CA ILE C 95 28.44 16.85 -12.37
C ILE C 95 27.38 15.80 -12.65
N VAL C 96 27.07 14.98 -11.65
CA VAL C 96 26.14 13.87 -11.82
C VAL C 96 24.72 14.36 -11.99
N VAL C 97 24.31 15.37 -11.22
CA VAL C 97 22.97 15.94 -11.34
C VAL C 97 22.80 16.76 -12.61
N HIS C 98 23.85 17.38 -13.14
CA HIS C 98 23.73 18.09 -14.41
C HIS C 98 23.56 17.14 -15.59
N LEU C 99 24.16 15.96 -15.56
CA LEU C 99 23.92 14.95 -16.59
C LEU C 99 22.59 14.24 -16.40
N HIS C 100 22.05 14.26 -15.19
CA HIS C 100 20.71 13.74 -14.93
C HIS C 100 19.65 14.60 -15.58
N ILE C 101 19.79 15.92 -15.47
CA ILE C 101 18.78 16.87 -15.97
C ILE C 101 18.75 16.88 -17.49
N PHE C 102 19.88 16.74 -18.13
CA PHE C 102 19.91 16.77 -19.59
C PHE C 102 19.44 15.48 -20.23
N ARG C 103 19.37 14.38 -19.48
CA ARG C 103 18.65 13.19 -19.92
C ARG C 103 17.16 13.47 -20.02
N GLY C 104 16.60 14.10 -18.98
CA GLY C 104 15.18 14.37 -18.93
C GLY C 104 14.70 15.40 -19.94
N LEU C 105 15.59 16.20 -20.49
CA LEU C 105 15.22 17.15 -21.53
C LEU C 105 15.30 16.53 -22.92
N TYR C 106 16.19 15.56 -23.12
CA TYR C 106 16.33 14.91 -24.42
C TYR C 106 15.18 13.95 -24.68
N HIS C 107 14.75 13.20 -23.68
CA HIS C 107 13.72 12.19 -23.84
C HIS C 107 12.37 12.67 -23.35
N ALA C 108 12.26 13.95 -22.99
CA ALA C 108 11.02 14.64 -22.59
C ALA C 108 10.34 13.95 -21.40
N SER C 109 11.13 13.70 -20.38
CA SER C 109 10.68 12.94 -19.22
C SER C 109 9.78 13.73 -18.29
N TYR C 110 9.60 15.03 -18.54
CA TYR C 110 8.75 15.86 -17.70
C TYR C 110 7.27 15.70 -18.04
N SER C 111 6.98 15.17 -19.23
CA SER C 111 5.64 15.03 -19.78
C SER C 111 4.70 14.18 -18.93
N SER C 112 3.42 14.19 -19.31
CA SER C 112 2.40 13.43 -18.61
C SER C 112 2.68 11.94 -18.70
N PRO C 113 2.46 11.18 -17.63
CA PRO C 113 1.89 11.56 -16.34
C PRO C 113 2.91 11.94 -15.26
N ARG C 114 4.03 12.53 -15.65
CA ARG C 114 5.17 12.65 -14.75
C ARG C 114 5.52 14.12 -14.48
N GLU C 115 4.51 14.94 -14.22
CA GLU C 115 4.73 16.35 -13.93
C GLU C 115 5.19 16.61 -12.51
N PHE C 116 4.73 15.82 -11.54
CA PHE C 116 5.13 15.96 -10.15
C PHE C 116 6.53 15.46 -9.89
N VAL C 117 7.06 14.61 -10.77
CA VAL C 117 8.45 14.16 -10.65
C VAL C 117 9.40 15.27 -11.09
N ARG C 118 9.01 16.06 -12.08
CA ARG C 118 9.82 17.18 -12.53
C ARG C 118 9.82 18.31 -11.51
N CYS C 119 8.66 18.61 -10.92
CA CYS C 119 8.54 19.75 -10.04
C CYS C 119 9.12 19.49 -8.66
N LEU C 120 9.18 18.24 -8.23
CA LEU C 120 9.89 17.92 -7.01
C LEU C 120 11.39 17.96 -7.18
N GLY C 121 11.89 17.88 -8.40
CA GLY C 121 13.31 17.97 -8.66
C GLY C 121 13.81 19.36 -8.92
N VAL C 122 12.95 20.30 -9.26
CA VAL C 122 13.35 21.70 -9.31
C VAL C 122 13.50 22.26 -7.89
N VAL C 123 12.72 21.77 -6.94
CA VAL C 123 12.92 22.11 -5.54
C VAL C 123 14.23 21.51 -5.01
N ILE C 124 14.64 20.34 -5.48
CA ILE C 124 15.88 19.72 -5.03
C ILE C 124 17.08 20.52 -5.54
N PHE C 125 17.01 21.02 -6.76
CA PHE C 125 18.08 21.83 -7.32
C PHE C 125 18.23 23.17 -6.61
N LEU C 126 17.17 23.67 -6.00
CA LEU C 126 17.25 24.90 -5.25
C LEU C 126 17.86 24.68 -3.86
N LEU C 127 17.58 23.54 -3.23
CA LEU C 127 18.18 23.23 -1.94
C LEU C 127 19.66 22.87 -2.05
N MET C 128 20.11 22.41 -3.21
CA MET C 128 21.51 22.11 -3.43
C MET C 128 22.34 23.37 -3.62
N ILE C 129 21.76 24.40 -4.21
CA ILE C 129 22.47 25.65 -4.45
C ILE C 129 22.66 26.43 -3.15
N VAL C 130 21.65 26.47 -2.29
CA VAL C 130 21.75 27.17 -1.02
C VAL C 130 22.72 26.45 -0.09
N THR C 131 22.78 25.12 -0.14
CA THR C 131 23.64 24.37 0.76
C THR C 131 25.12 24.52 0.40
N ALA C 132 25.44 24.51 -0.89
CA ALA C 132 26.83 24.64 -1.31
C ALA C 132 27.35 26.06 -1.12
N PHE C 133 26.50 27.07 -1.24
CA PHE C 133 26.91 28.46 -1.08
C PHE C 133 27.18 28.78 0.38
N THR C 134 26.27 28.39 1.27
CA THR C 134 26.33 28.61 2.70
C THR C 134 27.46 27.82 3.36
N GLY C 135 27.91 26.74 2.74
CA GLY C 135 29.02 25.97 3.25
C GLY C 135 30.38 26.41 2.77
N TYR C 136 30.43 27.21 1.71
CA TYR C 136 31.68 27.75 1.20
C TYR C 136 32.20 28.92 2.03
N VAL C 137 31.39 29.46 2.92
CA VAL C 137 31.77 30.50 3.87
C VAL C 137 32.53 29.97 5.11
N PRO C 138 32.21 28.80 5.71
CA PRO C 138 32.96 28.33 6.91
C PRO C 138 34.48 28.27 6.85
N PRO C 139 35.16 28.04 5.71
CA PRO C 139 36.64 28.14 5.77
C PRO C 139 37.17 29.54 6.02
N TRP C 140 36.40 30.60 5.71
CA TRP C 140 36.67 32.00 6.06
C TRP C 140 37.98 32.50 5.46
N GLY C 141 38.10 32.35 4.15
CA GLY C 141 39.19 32.91 3.39
C GLY C 141 38.75 34.15 2.63
N GLN C 142 39.62 34.61 1.74
CA GLN C 142 39.33 35.84 1.02
C GLN C 142 38.22 35.67 -0.01
N MET C 143 37.91 34.45 -0.43
CA MET C 143 36.80 34.24 -1.34
C MET C 143 35.54 33.78 -0.61
N SER C 144 35.66 33.41 0.66
CA SER C 144 34.52 33.13 1.50
C SER C 144 33.93 34.39 2.11
N PHE C 145 34.64 35.51 2.07
CA PHE C 145 34.14 36.78 2.55
C PHE C 145 33.64 37.68 1.42
N TRP C 146 34.36 37.74 0.32
CA TRP C 146 33.99 38.60 -0.79
C TRP C 146 33.04 37.94 -1.77
N GLY C 147 32.51 36.77 -1.43
CA GLY C 147 31.47 36.15 -2.19
C GLY C 147 30.16 36.18 -1.44
N ALA C 148 30.24 36.17 -0.12
CA ALA C 148 29.06 36.36 0.72
C ALA C 148 28.65 37.83 0.82
N THR C 149 29.53 38.75 0.43
CA THR C 149 29.24 40.17 0.36
C THR C 149 28.56 40.54 -0.95
N VAL C 150 29.01 39.94 -2.05
CA VAL C 150 28.45 40.22 -3.37
C VAL C 150 27.06 39.63 -3.56
N ILE C 151 26.69 38.61 -2.79
CA ILE C 151 25.42 37.94 -3.04
C ILE C 151 24.37 38.40 -2.05
N THR C 152 24.73 38.58 -0.79
CA THR C 152 23.73 38.97 0.19
C THR C 152 23.34 40.44 0.10
N SER C 153 24.18 41.27 -0.52
CA SER C 153 23.83 42.67 -0.75
C SER C 153 22.99 42.85 -2.00
N LEU C 154 22.70 41.79 -2.73
CA LEU C 154 21.93 41.86 -3.96
C LEU C 154 20.44 41.88 -3.65
N ALA C 155 20.07 41.68 -2.39
CA ALA C 155 18.70 41.82 -1.92
C ALA C 155 18.39 43.23 -1.46
N SER C 156 19.29 44.18 -1.70
CA SER C 156 19.07 45.57 -1.34
C SER C 156 18.51 46.37 -2.51
N ALA C 157 18.12 45.70 -3.59
CA ALA C 157 17.45 46.35 -4.70
C ALA C 157 15.96 46.04 -4.75
N ILE C 158 15.48 45.20 -3.84
CA ILE C 158 14.04 44.96 -3.65
C ILE C 158 13.43 46.23 -3.09
N PRO C 159 12.21 46.60 -3.59
CA PRO C 159 11.52 47.86 -3.32
C PRO C 159 11.81 48.66 -2.05
N VAL C 160 10.97 48.55 -1.06
CA VAL C 160 11.34 49.42 0.08
C VAL C 160 11.26 48.70 1.43
N VAL C 161 11.24 47.37 1.39
CA VAL C 161 11.46 46.49 2.57
C VAL C 161 12.61 45.69 1.96
N GLY C 162 13.85 46.06 2.22
CA GLY C 162 15.01 45.47 1.52
C GLY C 162 16.13 46.42 1.85
N ASP C 163 16.69 46.29 3.01
CA ASP C 163 17.64 47.22 3.63
C ASP C 163 17.33 46.78 5.04
N THR C 164 16.10 46.30 5.25
CA THR C 164 15.69 45.62 6.49
C THR C 164 15.81 44.12 6.20
N ILE C 165 15.86 43.67 4.93
CA ILE C 165 16.12 42.26 4.67
C ILE C 165 17.59 41.92 4.88
N VAL C 166 18.49 42.78 4.40
CA VAL C 166 19.90 42.45 4.39
C VAL C 166 20.51 42.56 5.79
N THR C 167 20.03 43.48 6.62
CA THR C 167 20.56 43.62 7.97
C THR C 167 19.94 42.66 8.95
N TRP C 168 18.93 41.92 8.53
CA TRP C 168 18.39 40.81 9.29
C TRP C 168 19.02 39.49 8.91
N LEU C 169 19.39 39.35 7.63
CA LEU C 169 20.17 38.20 7.19
C LEU C 169 21.58 38.26 7.74
N TRP C 170 22.17 39.45 7.81
CA TRP C 170 23.54 39.60 8.28
C TRP C 170 23.64 39.52 9.79
N GLY C 171 22.64 40.00 10.51
CA GLY C 171 22.77 40.12 11.94
C GLY C 171 23.55 41.33 12.40
N GLY C 172 23.70 42.32 11.52
CA GLY C 172 24.50 43.50 11.84
C GLY C 172 24.60 44.38 10.62
N PHE C 173 25.71 45.12 10.54
CA PHE C 173 25.93 46.04 9.45
C PHE C 173 26.87 45.51 8.38
N SER C 174 27.41 44.30 8.58
CA SER C 174 28.33 43.70 7.62
C SER C 174 28.34 42.21 7.84
N VAL C 175 29.11 41.50 7.01
CA VAL C 175 29.38 40.09 7.23
C VAL C 175 30.41 39.96 8.35
N ASP C 176 30.04 39.28 9.42
CA ASP C 176 30.92 39.12 10.58
C ASP C 176 30.51 37.89 11.38
N ASN C 177 30.89 37.84 12.66
CA ASN C 177 30.75 36.61 13.45
C ASN C 177 29.30 36.21 13.69
N ALA C 178 28.36 37.16 13.63
CA ALA C 178 26.96 36.77 13.69
C ALA C 178 26.51 36.07 12.42
N THR C 179 27.15 36.35 11.29
CA THR C 179 26.83 35.71 10.03
C THR C 179 27.51 34.36 9.86
N LEU C 180 28.73 34.20 10.37
CA LEU C 180 29.42 32.92 10.28
C LEU C 180 28.81 31.88 11.22
N ASN C 181 28.24 32.33 12.34
CA ASN C 181 27.66 31.37 13.28
C ASN C 181 26.31 30.86 12.81
N ARG C 182 25.52 31.67 12.11
CA ARG C 182 24.22 31.21 11.65
C ARG C 182 24.30 30.50 10.32
N PHE C 183 25.36 30.72 9.56
CA PHE C 183 25.58 29.95 8.34
C PHE C 183 26.04 28.53 8.65
N PHE C 184 26.61 28.30 9.83
CA PHE C 184 26.99 26.96 10.24
C PHE C 184 25.81 26.15 10.73
N SER C 185 24.86 26.78 11.43
CA SER C 185 23.71 26.07 11.94
C SER C 185 22.76 25.64 10.83
N LEU C 186 22.62 26.47 9.80
CA LEU C 186 21.75 26.13 8.69
C LEU C 186 22.35 25.09 7.79
N HIS C 187 23.67 24.93 7.83
CA HIS C 187 24.38 24.02 6.98
C HIS C 187 24.38 22.59 7.49
N HIS C 188 24.18 22.39 8.78
CA HIS C 188 23.94 21.07 9.30
C HIS C 188 22.50 20.64 9.07
N LEU C 189 21.58 21.60 8.90
CA LEU C 189 20.16 21.29 8.81
C LEU C 189 19.70 20.99 7.38
N LEU C 190 20.15 21.77 6.41
CA LEU C 190 19.63 21.65 5.05
C LEU C 190 19.95 20.36 4.29
N PRO C 191 21.07 19.64 4.53
CA PRO C 191 21.19 18.30 3.95
C PRO C 191 20.19 17.26 4.43
N PHE C 192 19.57 17.43 5.59
CA PHE C 192 18.57 16.49 6.06
C PHE C 192 17.17 16.79 5.53
N ILE C 193 16.93 18.00 5.08
CA ILE C 193 15.73 18.31 4.31
C ILE C 193 15.86 17.76 2.90
N LEU C 194 17.05 17.86 2.33
CA LEU C 194 17.40 17.32 1.03
C LEU C 194 17.26 15.80 0.96
N VAL C 195 17.37 15.11 2.08
CA VAL C 195 17.16 13.66 2.14
C VAL C 195 15.69 13.32 2.08
N GLY C 196 14.86 14.04 2.84
CA GLY C 196 13.44 13.76 2.85
C GLY C 196 12.72 14.16 1.58
N ALA C 197 13.28 15.11 0.85
CA ALA C 197 12.74 15.53 -0.44
C ALA C 197 13.22 14.65 -1.59
N SER C 198 14.17 13.76 -1.34
CA SER C 198 14.60 12.79 -2.33
C SER C 198 13.85 11.48 -2.22
N LEU C 199 13.43 11.09 -1.03
CA LEU C 199 12.55 9.95 -0.87
C LEU C 199 11.14 10.24 -1.34
N LEU C 200 10.72 11.49 -1.28
CA LEU C 200 9.42 11.92 -1.77
C LEU C 200 9.40 11.99 -3.28
N HIS C 201 10.54 12.33 -3.87
CA HIS C 201 10.71 12.43 -5.31
C HIS C 201 10.75 11.07 -5.98
N LEU C 202 11.03 10.01 -5.22
CA LEU C 202 11.03 8.64 -5.70
C LEU C 202 9.71 7.92 -5.54
N ALA C 203 8.90 8.31 -4.57
CA ALA C 203 7.56 7.79 -4.49
C ALA C 203 6.67 8.28 -5.61
N ALA C 204 7.00 9.41 -6.21
CA ALA C 204 6.24 9.92 -7.33
C ALA C 204 6.59 9.23 -8.64
N LEU C 205 7.78 8.66 -8.75
CA LEU C 205 8.13 7.89 -9.94
C LEU C 205 7.63 6.46 -9.86
N HIS C 206 7.49 5.90 -8.67
CA HIS C 206 6.99 4.54 -8.55
C HIS C 206 5.48 4.46 -8.60
N GLN C 207 4.79 5.53 -8.97
CA GLN C 207 3.37 5.49 -9.28
C GLN C 207 3.11 5.22 -10.76
N TYR C 208 4.02 5.58 -11.64
CA TYR C 208 3.84 5.32 -13.06
C TYR C 208 5.00 4.59 -13.70
N GLY C 209 6.09 4.39 -13.01
CA GLY C 209 7.25 3.76 -13.62
C GLY C 209 8.11 4.75 -14.37
N SER C 210 9.02 4.19 -15.14
CA SER C 210 10.07 4.94 -15.82
C SER C 210 9.78 5.07 -17.31
N ASN C 211 10.37 6.09 -17.91
CA ASN C 211 10.32 6.33 -19.34
C ASN C 211 11.41 5.49 -20.00
N ASN C 212 11.40 5.43 -21.32
CA ASN C 212 12.38 4.60 -22.00
C ASN C 212 12.94 5.32 -23.21
N PRO C 213 14.10 4.86 -23.77
CA PRO C 213 14.67 5.54 -24.94
C PRO C 213 13.83 5.63 -26.21
N LEU C 214 12.72 4.91 -26.30
CA LEU C 214 11.84 5.03 -27.45
C LEU C 214 10.64 5.92 -27.20
N GLY C 215 10.28 6.13 -25.93
CA GLY C 215 9.24 7.07 -25.57
C GLY C 215 7.84 6.52 -25.56
N VAL C 216 7.68 5.20 -25.60
CA VAL C 216 6.41 4.59 -25.92
C VAL C 216 5.83 3.90 -24.70
N HIS C 217 4.62 3.38 -24.86
CA HIS C 217 3.99 2.51 -23.88
C HIS C 217 4.75 1.19 -23.81
N SER C 218 5.22 0.82 -22.62
CA SER C 218 6.19 -0.24 -22.50
C SER C 218 5.77 -1.41 -21.62
N GLU C 219 4.48 -1.58 -21.33
CA GLU C 219 4.09 -2.59 -20.36
C GLU C 219 4.04 -4.01 -20.92
N MET C 220 4.42 -4.22 -22.17
CA MET C 220 4.41 -5.57 -22.73
C MET C 220 5.78 -6.24 -22.68
N ASP C 221 6.87 -5.49 -22.43
CA ASP C 221 8.22 -6.05 -22.33
C ASP C 221 8.95 -5.43 -21.14
N GLN C 222 8.78 -6.01 -19.96
CA GLN C 222 9.38 -5.48 -18.74
C GLN C 222 9.97 -6.60 -17.89
N ILE C 223 11.15 -6.34 -17.33
CA ILE C 223 11.87 -7.27 -16.48
C ILE C 223 12.02 -6.65 -15.10
N SER C 224 12.62 -7.36 -14.18
CA SER C 224 12.73 -6.89 -12.81
C SER C 224 14.06 -6.19 -12.56
N PHE C 225 14.09 -5.40 -11.49
CA PHE C 225 15.26 -4.57 -11.20
C PHE C 225 16.45 -5.42 -10.76
N TYR C 226 16.23 -6.35 -9.90
CA TYR C 226 17.28 -7.28 -9.53
C TYR C 226 17.15 -8.57 -10.34
N PRO C 227 18.21 -9.06 -10.99
CA PRO C 227 19.60 -8.61 -10.99
C PRO C 227 20.01 -7.72 -12.14
N TYR C 228 19.09 -7.32 -13.00
CA TYR C 228 19.48 -6.82 -14.31
C TYR C 228 19.93 -5.37 -14.31
N PHE C 229 19.26 -4.50 -13.57
CA PHE C 229 19.68 -3.12 -13.51
C PHE C 229 20.46 -2.81 -12.24
N TYR C 230 20.64 -3.80 -11.38
CA TYR C 230 21.60 -3.70 -10.30
C TYR C 230 23.03 -3.97 -10.73
N VAL C 231 23.27 -4.95 -11.62
CA VAL C 231 24.64 -5.25 -12.02
C VAL C 231 25.15 -4.28 -13.08
N LYS C 232 24.27 -3.52 -13.73
CA LYS C 232 24.79 -2.52 -14.65
C LYS C 232 24.82 -1.13 -14.02
N ASP C 233 24.18 -0.98 -12.86
CA ASP C 233 24.43 0.15 -11.99
C ASP C 233 25.72 -0.02 -11.20
N LEU C 234 26.16 -1.26 -10.97
CA LEU C 234 27.41 -1.51 -10.26
C LEU C 234 28.62 -1.24 -11.13
N VAL C 235 28.52 -1.41 -12.45
CA VAL C 235 29.55 -0.94 -13.36
C VAL C 235 29.70 0.56 -13.33
N GLY C 236 28.65 1.29 -12.96
CA GLY C 236 28.71 2.72 -12.90
C GLY C 236 29.23 3.29 -11.60
N TRP C 237 29.11 2.52 -10.52
CA TRP C 237 29.66 2.95 -9.24
C TRP C 237 31.14 2.67 -9.11
N VAL C 238 31.71 1.85 -9.98
CA VAL C 238 33.14 1.57 -9.95
C VAL C 238 33.88 2.46 -10.94
N ALA C 239 33.26 2.78 -12.07
CA ALA C 239 33.82 3.75 -12.99
C ALA C 239 33.80 5.16 -12.44
N PHE C 240 32.92 5.44 -11.49
CA PHE C 240 32.83 6.71 -10.79
C PHE C 240 33.92 6.85 -9.74
N ALA C 241 34.21 5.78 -8.99
CA ALA C 241 35.19 5.82 -7.93
C ALA C 241 36.62 5.86 -8.45
N ILE C 242 36.85 5.50 -9.70
CA ILE C 242 38.17 5.73 -10.30
C ILE C 242 38.35 7.21 -10.64
N PHE C 243 37.36 7.81 -11.28
CA PHE C 243 37.35 9.21 -11.65
C PHE C 243 37.42 10.14 -10.45
N PHE C 244 36.80 9.76 -9.35
CA PHE C 244 36.82 10.50 -8.09
C PHE C 244 38.16 10.38 -7.37
N SER C 245 38.95 9.36 -7.66
CA SER C 245 40.23 9.15 -7.02
C SER C 245 41.38 9.80 -7.75
N ILE C 246 41.18 10.33 -8.95
CA ILE C 246 42.16 11.16 -9.61
C ILE C 246 41.96 12.64 -9.24
N TRP C 247 40.98 12.92 -8.41
CA TRP C 247 40.78 14.27 -7.92
C TRP C 247 41.17 14.40 -6.45
N ILE C 248 41.47 13.31 -5.78
CA ILE C 248 41.77 13.36 -4.35
C ILE C 248 43.24 13.14 -4.14
N PHE C 249 43.83 12.25 -4.94
CA PHE C 249 45.20 11.84 -4.76
C PHE C 249 46.18 12.50 -5.71
N TYR C 250 45.72 12.96 -6.87
CA TYR C 250 46.64 13.50 -7.85
C TYR C 250 46.35 14.92 -8.30
N ALA C 251 45.17 15.44 -8.06
CA ALA C 251 44.91 16.84 -8.37
C ALA C 251 43.89 17.45 -7.41
N PRO C 252 44.18 17.59 -6.11
CA PRO C 252 43.13 17.99 -5.17
C PRO C 252 42.81 19.47 -5.15
N ASN C 253 43.56 20.31 -5.87
CA ASN C 253 43.33 21.76 -5.82
C ASN C 253 43.11 22.37 -7.20
N VAL C 254 42.86 21.55 -8.22
CA VAL C 254 42.65 22.09 -9.56
C VAL C 254 41.30 22.81 -9.67
N LEU C 255 40.28 22.29 -9.00
CA LEU C 255 38.92 22.79 -9.10
C LEU C 255 38.59 23.89 -8.09
N GLY C 256 39.59 24.54 -7.49
CA GLY C 256 39.36 25.59 -6.54
C GLY C 256 40.04 26.89 -6.92
N HIS C 257 39.99 27.85 -5.98
CA HIS C 257 40.69 29.12 -6.15
C HIS C 257 41.82 29.25 -5.13
N PRO C 258 42.97 29.77 -5.56
CA PRO C 258 44.07 30.01 -4.63
C PRO C 258 43.77 31.07 -3.57
N ASP C 259 42.88 32.02 -3.85
CA ASP C 259 42.59 33.12 -2.95
C ASP C 259 41.90 32.68 -1.66
N ASN C 260 41.41 31.46 -1.58
CA ASN C 260 40.81 30.95 -0.36
C ASN C 260 41.87 30.34 0.57
N TYR C 261 43.15 30.54 0.27
CA TYR C 261 44.24 30.22 1.17
C TYR C 261 44.84 31.46 1.81
N ILE C 262 44.30 32.63 1.53
CA ILE C 262 44.61 33.86 2.26
C ILE C 262 43.52 34.07 3.29
N PRO C 263 43.85 34.36 4.55
CA PRO C 263 42.80 34.61 5.55
C PRO C 263 42.05 35.90 5.26
N ALA C 264 40.79 35.96 5.71
CA ALA C 264 39.86 36.99 5.28
C ALA C 264 40.23 38.37 5.81
N ASN C 265 40.37 39.32 4.90
CA ASN C 265 40.69 40.71 5.23
C ASN C 265 39.62 41.61 4.64
N PRO C 266 38.79 42.27 5.44
CA PRO C 266 37.78 43.17 4.86
C PRO C 266 38.30 44.52 4.39
N MET C 267 39.58 44.85 4.55
CA MET C 267 40.05 46.12 4.00
C MET C 267 40.44 46.07 2.51
N PRO C 268 41.20 45.09 2.00
CA PRO C 268 41.37 45.02 0.55
C PRO C 268 40.40 44.04 -0.10
N THR C 269 40.17 44.27 -1.38
CA THR C 269 39.40 43.49 -2.31
C THR C 269 40.32 42.65 -3.16
N PRO C 270 39.97 41.39 -3.46
CA PRO C 270 40.73 40.64 -4.43
C PRO C 270 40.56 41.24 -5.82
N PRO C 271 41.52 41.01 -6.72
CA PRO C 271 41.40 41.59 -8.07
C PRO C 271 40.24 41.07 -8.89
N HIS C 272 39.91 39.79 -8.76
CA HIS C 272 38.81 39.19 -9.51
C HIS C 272 38.06 38.26 -8.58
N ILE C 273 36.75 38.45 -8.47
CA ILE C 273 35.90 37.61 -7.64
C ILE C 273 35.14 36.67 -8.57
N VAL C 274 35.49 35.40 -8.54
CA VAL C 274 34.92 34.38 -9.41
C VAL C 274 34.38 33.25 -8.53
N PRO C 275 33.18 32.72 -8.78
CA PRO C 275 32.69 31.59 -7.98
C PRO C 275 33.25 30.25 -8.45
N GLU C 276 32.76 29.19 -7.82
CA GLU C 276 33.05 27.83 -8.27
C GLU C 276 32.44 27.60 -9.63
N TRP C 277 32.98 26.61 -10.36
CA TRP C 277 32.61 26.36 -11.76
C TRP C 277 31.13 26.07 -11.95
N TYR C 278 30.47 25.50 -10.94
CA TYR C 278 29.07 25.13 -11.09
C TYR C 278 28.11 26.25 -10.80
N PHE C 279 28.59 27.45 -10.49
CA PHE C 279 27.73 28.61 -10.35
C PHE C 279 27.97 29.63 -11.45
N LEU C 280 28.90 29.37 -12.35
CA LEU C 280 29.27 30.27 -13.44
C LEU C 280 28.19 30.57 -14.47
N PRO C 281 27.25 29.66 -14.83
CA PRO C 281 26.20 30.11 -15.76
C PRO C 281 25.19 31.08 -15.16
N ILE C 282 24.78 30.92 -13.90
CA ILE C 282 23.83 31.89 -13.33
C ILE C 282 24.53 33.16 -12.89
N HIS C 283 25.86 33.13 -12.74
CA HIS C 283 26.63 34.32 -12.45
C HIS C 283 26.79 35.21 -13.68
N ALA C 284 26.68 34.66 -14.88
CA ALA C 284 26.81 35.47 -16.08
C ALA C 284 25.49 36.09 -16.52
N ILE C 285 24.37 35.49 -16.13
CA ILE C 285 23.06 36.09 -16.35
C ILE C 285 22.82 37.22 -15.37
N LEU C 286 23.25 37.04 -14.12
CA LEU C 286 23.12 38.01 -13.05
C LEU C 286 23.94 39.27 -13.28
N ARG C 287 25.04 39.19 -14.05
CA ARG C 287 25.86 40.35 -14.35
C ARG C 287 25.61 40.88 -15.74
N SER C 288 24.68 40.29 -16.47
CA SER C 288 24.37 40.71 -17.83
C SER C 288 23.39 41.87 -17.88
N ILE C 289 22.61 42.06 -16.83
CA ILE C 289 21.64 43.15 -16.76
C ILE C 289 22.38 44.37 -16.24
N PRO C 290 22.25 45.54 -16.86
CA PRO C 290 22.94 46.72 -16.35
C PRO C 290 22.17 47.44 -15.24
N ASP C 291 21.06 46.86 -14.80
CA ASP C 291 20.34 47.29 -13.62
C ASP C 291 20.37 46.15 -12.62
N LYS C 292 20.46 46.49 -11.33
CA LYS C 292 20.66 45.45 -10.34
C LYS C 292 19.34 44.82 -9.92
N SER C 293 18.27 45.61 -9.81
CA SER C 293 16.98 45.07 -9.46
C SER C 293 16.39 44.22 -10.57
N GLY C 294 16.82 44.44 -11.81
CA GLY C 294 16.54 43.58 -12.93
C GLY C 294 17.49 42.41 -13.07
N GLY C 295 18.42 42.25 -12.14
CA GLY C 295 19.31 41.11 -12.14
C GLY C 295 18.78 40.01 -11.25
N VAL C 296 18.16 40.39 -10.13
CA VAL C 296 17.49 39.45 -9.25
C VAL C 296 16.23 38.97 -9.97
N ALA C 297 15.65 39.83 -10.80
CA ALA C 297 14.47 39.50 -11.57
C ALA C 297 14.78 38.83 -12.89
N ALA C 298 16.00 38.33 -13.08
CA ALA C 298 16.32 37.45 -14.18
C ALA C 298 16.77 36.08 -13.68
N ILE C 299 17.01 35.95 -12.38
CA ILE C 299 17.27 34.66 -11.75
C ILE C 299 15.99 33.95 -11.38
N ALA C 300 14.97 34.66 -10.94
CA ALA C 300 13.67 34.07 -10.66
C ALA C 300 12.90 33.62 -11.90
N PRO C 301 13.00 34.23 -13.08
CA PRO C 301 12.47 33.57 -14.28
C PRO C 301 13.31 32.42 -14.83
N VAL C 302 14.45 32.11 -14.23
CA VAL C 302 15.12 30.87 -14.61
C VAL C 302 14.41 29.71 -13.93
N PHE C 303 14.00 29.91 -12.68
CA PHE C 303 13.32 28.88 -11.91
C PHE C 303 11.81 28.92 -12.10
N ILE C 304 11.30 29.84 -12.90
CA ILE C 304 9.88 29.85 -13.26
C ILE C 304 9.65 29.14 -14.59
N CYS C 305 10.50 29.38 -15.57
CA CYS C 305 10.42 28.66 -16.83
C CYS C 305 10.91 27.22 -16.74
N LEU C 306 11.54 26.82 -15.63
CA LEU C 306 11.86 25.42 -15.39
C LEU C 306 10.69 24.67 -14.79
N LEU C 307 9.99 25.29 -13.88
CA LEU C 307 8.82 24.82 -13.19
C LEU C 307 7.57 24.87 -14.03
N ALA C 308 7.64 25.36 -15.27
CA ALA C 308 6.48 25.52 -16.12
C ALA C 308 6.71 24.91 -17.49
N LEU C 309 7.70 24.03 -17.59
CA LEU C 309 7.83 23.16 -18.76
C LEU C 309 6.74 22.07 -18.87
N PRO C 310 6.42 21.28 -17.83
CA PRO C 310 5.51 20.16 -18.10
C PRO C 310 4.04 20.52 -18.21
N PHE C 311 3.67 21.79 -18.38
CA PHE C 311 2.26 22.17 -18.42
C PHE C 311 1.82 22.78 -19.74
N PHE C 312 2.65 22.68 -20.77
CA PHE C 312 2.23 22.93 -22.14
C PHE C 312 1.80 21.62 -22.77
N LYS C 313 0.63 21.59 -23.40
CA LYS C 313 0.24 20.33 -24.03
C LYS C 313 -0.20 20.57 -25.46
N SER C 314 0.56 20.04 -26.42
CA SER C 314 0.06 19.07 -27.39
C SER C 314 1.28 18.40 -28.03
N MET C 315 1.78 17.31 -27.48
CA MET C 315 3.00 16.67 -27.94
C MET C 315 2.88 15.19 -27.64
N TYR C 316 2.60 14.41 -28.66
CA TYR C 316 2.37 13.01 -28.42
C TYR C 316 3.62 12.18 -28.59
N VAL C 317 4.58 12.65 -29.39
CA VAL C 317 5.90 12.04 -29.50
C VAL C 317 6.77 12.61 -28.39
N ARG C 318 7.42 11.73 -27.64
CA ARG C 318 8.28 12.13 -26.52
C ARG C 318 9.75 12.19 -26.90
N SER C 319 10.30 11.10 -27.41
CA SER C 319 11.74 10.95 -27.58
C SER C 319 12.25 11.76 -28.75
N SER C 320 13.45 12.31 -28.61
CA SER C 320 14.11 13.08 -29.66
C SER C 320 14.66 12.21 -30.77
N SER C 321 14.55 10.89 -30.67
CA SER C 321 14.99 10.01 -31.74
C SER C 321 14.11 10.14 -32.98
N PHE C 322 12.83 10.40 -32.80
CA PHE C 322 11.89 10.47 -33.90
C PHE C 322 11.55 11.91 -34.26
N ARG C 323 12.15 12.92 -33.65
CA ARG C 323 11.86 14.36 -33.76
C ARG C 323 13.09 15.09 -34.27
N PRO C 324 13.34 15.24 -35.58
CA PRO C 324 14.64 15.73 -36.07
C PRO C 324 14.91 17.21 -35.87
N ILE C 325 13.92 18.04 -35.62
CA ILE C 325 14.12 19.48 -35.49
C ILE C 325 14.36 19.88 -34.04
N HIS C 326 13.57 19.35 -33.11
CA HIS C 326 13.79 19.60 -31.69
C HIS C 326 15.08 18.96 -31.19
N GLN C 327 15.58 17.94 -31.90
CA GLN C 327 16.86 17.35 -31.58
C GLN C 327 18.01 18.28 -31.89
N GLY C 328 17.91 19.06 -32.96
CA GLY C 328 18.95 20.03 -33.27
C GLY C 328 18.93 21.27 -32.41
N ILE C 329 17.80 21.56 -31.77
CA ILE C 329 17.69 22.64 -30.79
C ILE C 329 18.27 22.23 -29.44
N PHE C 330 18.26 20.94 -29.11
CA PHE C 330 18.89 20.46 -27.89
C PHE C 330 20.41 20.65 -27.90
N TRP C 331 21.07 20.40 -29.02
CA TRP C 331 22.52 20.53 -29.08
C TRP C 331 22.95 21.98 -29.20
N LEU C 332 22.01 22.87 -29.51
CA LEU C 332 22.24 24.28 -29.65
C LEU C 332 21.94 25.04 -28.36
N LEU C 333 21.23 24.42 -27.42
CA LEU C 333 21.09 24.93 -26.07
C LEU C 333 22.25 24.52 -25.17
N LEU C 334 22.76 23.31 -25.35
CA LEU C 334 23.91 22.83 -24.61
C LEU C 334 25.18 23.60 -24.94
N ALA C 335 25.31 24.08 -26.18
CA ALA C 335 26.41 24.96 -26.55
C ALA C 335 26.26 26.35 -25.95
N ASP C 336 25.08 26.71 -25.46
CA ASP C 336 24.84 28.01 -24.87
C ASP C 336 25.04 28.03 -23.38
N ARG C 337 24.79 26.92 -22.69
CA ARG C 337 25.05 26.85 -21.27
C ARG C 337 26.54 26.66 -20.98
N LEU C 338 27.31 26.18 -21.95
CA LEU C 338 28.76 26.12 -21.82
C LEU C 338 29.44 27.41 -22.22
N LEU C 339 28.77 28.26 -23.00
CA LEU C 339 29.29 29.57 -23.34
C LEU C 339 28.94 30.61 -22.29
N LEU C 340 27.84 30.44 -21.57
CA LEU C 340 27.53 31.26 -20.41
C LEU C 340 28.40 30.94 -19.21
N GLY C 341 29.06 29.80 -19.19
CA GLY C 341 29.94 29.47 -18.08
C GLY C 341 31.31 30.05 -18.31
N TRP C 342 31.68 30.20 -19.58
CA TRP C 342 32.95 30.83 -19.93
C TRP C 342 32.92 32.32 -19.63
N ILE C 343 31.79 32.97 -19.96
CA ILE C 343 31.61 34.41 -19.75
C ILE C 343 31.63 34.76 -18.28
N GLY C 344 31.12 33.89 -17.41
CA GLY C 344 31.04 34.15 -15.99
C GLY C 344 32.34 34.13 -15.22
N CYS C 345 33.48 33.93 -15.90
CA CYS C 345 34.78 34.04 -15.24
C CYS C 345 35.71 34.99 -16.00
N GLN C 346 35.14 35.90 -16.77
CA GLN C 346 35.85 36.89 -17.55
C GLN C 346 35.64 38.27 -16.94
N PRO C 347 36.48 39.26 -17.27
CA PRO C 347 36.25 40.62 -16.79
C PRO C 347 35.01 41.24 -17.43
N VAL C 348 34.39 42.18 -16.72
CA VAL C 348 33.22 42.87 -17.25
C VAL C 348 33.73 44.01 -18.11
N GLU C 349 33.95 43.73 -19.39
CA GLU C 349 34.48 44.71 -20.33
C GLU C 349 34.11 44.27 -21.74
N ALA C 350 34.63 44.99 -22.73
CA ALA C 350 34.51 44.55 -24.10
C ALA C 350 35.49 43.39 -24.35
N PRO C 351 35.11 42.40 -25.16
CA PRO C 351 33.85 42.25 -25.90
C PRO C 351 32.82 41.44 -25.14
N PHE C 352 33.09 41.11 -23.89
CA PHE C 352 32.29 40.16 -23.13
C PHE C 352 30.99 40.75 -22.60
N VAL C 353 30.64 41.98 -23.00
CA VAL C 353 29.36 42.54 -22.60
C VAL C 353 28.28 42.28 -23.65
N THR C 354 28.66 42.09 -24.91
CA THR C 354 27.73 41.74 -25.97
C THR C 354 27.55 40.24 -26.06
N ILE C 355 28.65 39.49 -25.88
CA ILE C 355 28.64 38.02 -25.93
C ILE C 355 28.10 37.47 -24.61
N GLY C 356 27.73 38.35 -23.69
CA GLY C 356 27.14 37.92 -22.45
C GLY C 356 25.74 38.43 -22.30
N GLN C 357 25.21 39.09 -23.34
CA GLN C 357 23.84 39.56 -23.38
C GLN C 357 22.98 38.80 -24.38
N ILE C 358 23.57 38.34 -25.47
CA ILE C 358 22.89 37.48 -26.43
C ILE C 358 22.67 36.07 -25.88
N PRO C 359 23.61 35.35 -25.23
CA PRO C 359 23.30 34.03 -24.68
C PRO C 359 22.29 34.02 -23.53
N PRO C 360 22.12 35.08 -22.73
CA PRO C 360 20.92 35.10 -21.88
C PRO C 360 19.63 35.25 -22.66
N LEU C 361 19.66 35.79 -23.87
CA LEU C 361 18.44 35.86 -24.66
C LEU C 361 18.16 34.51 -25.33
N VAL C 362 19.20 33.84 -25.81
CA VAL C 362 19.06 32.54 -26.46
C VAL C 362 18.67 31.47 -25.44
N PHE C 363 19.10 31.64 -24.19
CA PHE C 363 18.70 30.74 -23.13
C PHE C 363 17.22 30.84 -22.79
N PHE C 364 16.61 32.01 -22.96
CA PHE C 364 15.20 32.17 -22.69
C PHE C 364 14.34 31.96 -23.93
N LEU C 365 14.94 31.85 -25.11
CA LEU C 365 14.19 31.45 -26.31
C LEU C 365 14.07 29.95 -26.46
N PHE C 366 14.63 29.16 -25.55
CA PHE C 366 14.39 27.72 -25.60
C PHE C 366 13.04 27.36 -25.02
N PHE C 367 12.57 28.10 -24.03
CA PHE C 367 11.34 27.77 -23.33
C PHE C 367 10.12 28.45 -23.93
N ALA C 368 10.30 29.23 -24.98
CA ALA C 368 9.19 29.80 -25.73
C ALA C 368 9.04 29.18 -27.12
N ILE C 369 10.06 28.51 -27.62
CA ILE C 369 9.99 27.84 -28.91
C ILE C 369 9.89 26.33 -28.70
N THR C 370 9.63 25.91 -27.48
CA THR C 370 9.09 24.57 -27.34
C THR C 370 7.61 24.47 -27.69
N PRO C 371 6.67 25.31 -27.20
CA PRO C 371 5.26 25.01 -27.44
C PRO C 371 4.79 25.27 -28.86
N ILE C 372 5.58 25.93 -29.69
CA ILE C 372 5.17 26.19 -31.06
C ILE C 372 5.33 24.91 -31.89
N PRO C 373 6.36 24.06 -31.69
CA PRO C 373 6.23 22.67 -32.14
C PRO C 373 5.11 21.86 -31.49
N GLY C 374 4.50 22.34 -30.40
CA GLY C 374 3.31 21.69 -29.88
C GLY C 374 2.06 22.06 -30.64
N ARG C 375 2.17 22.92 -31.65
CA ARG C 375 1.03 23.29 -32.48
C ARG C 375 1.25 22.88 -33.93
N VAL C 376 2.42 23.19 -34.49
CA VAL C 376 2.72 22.85 -35.87
C VAL C 376 2.94 21.35 -36.02
N GLY C 377 3.35 20.68 -34.95
CA GLY C 377 3.65 19.27 -35.02
C GLY C 377 2.45 18.36 -34.99
N ARG C 378 1.33 18.81 -34.44
CA ARG C 378 0.14 17.95 -34.34
C ARG C 378 -0.70 17.94 -35.61
N GLY C 379 -0.20 18.54 -36.69
CA GLY C 379 -0.85 18.44 -37.98
C GLY C 379 -0.02 17.64 -38.95
N ILE C 380 0.94 16.90 -38.43
CA ILE C 380 1.78 15.97 -39.18
C ILE C 380 1.04 14.71 -39.62
N PRO C 381 0.22 14.01 -38.79
CA PRO C 381 -0.45 12.80 -39.30
C PRO C 381 -1.52 13.06 -40.36
N ASN C 382 -1.95 14.29 -40.55
CA ASN C 382 -2.93 14.63 -41.57
C ASN C 382 -2.29 15.13 -42.86
N SER C 383 -0.96 15.17 -42.94
CA SER C 383 -0.29 15.66 -44.14
C SER C 383 0.63 14.61 -44.74
N TYR C 384 1.35 13.89 -43.90
CA TYR C 384 2.38 12.97 -44.40
C TYR C 384 1.79 11.62 -44.75
N THR C 385 0.51 11.41 -44.46
CA THR C 385 -0.18 10.12 -44.59
C THR C 385 -0.11 9.49 -45.97
N ASP C 386 0.12 8.18 -45.99
CA ASP C 386 0.27 7.38 -47.19
C ASP C 386 -0.72 6.24 -47.16
N GLU D 1 49.28 46.06 -19.95
CA GLU D 1 49.87 44.72 -20.05
C GLU D 1 50.68 44.37 -18.82
N ALA D 2 50.96 45.36 -18.00
CA ALA D 2 51.74 45.17 -16.79
C ALA D 2 50.85 45.20 -15.56
N GLU D 3 49.58 44.85 -15.74
CA GLU D 3 48.60 44.94 -14.68
C GLU D 3 48.43 43.66 -13.89
N HIS D 4 48.74 42.50 -14.48
CA HIS D 4 48.80 41.25 -13.76
C HIS D 4 50.20 40.68 -13.64
N GLY D 5 51.16 41.22 -14.37
CA GLY D 5 52.53 40.78 -14.33
C GLY D 5 52.95 40.13 -15.63
N LEU D 6 54.18 39.64 -15.61
CA LEU D 6 54.70 38.77 -16.65
C LEU D 6 54.44 37.32 -16.26
N ALA D 7 54.32 36.46 -17.25
CA ALA D 7 54.03 35.05 -17.04
C ALA D 7 55.32 34.28 -16.82
N CYS D 8 55.33 33.43 -15.80
CA CYS D 8 56.51 32.66 -15.44
C CYS D 8 56.59 31.36 -16.24
N PRO D 9 57.79 30.87 -16.53
CA PRO D 9 57.90 29.59 -17.25
C PRO D 9 57.67 28.38 -16.37
N SER D 10 57.91 27.18 -16.89
CA SER D 10 57.70 25.94 -16.16
C SER D 10 59.04 25.25 -15.94
N TYR D 11 59.37 25.00 -14.68
CA TYR D 11 60.62 24.37 -14.28
C TYR D 11 60.38 22.92 -13.88
N PRO D 12 61.26 22.01 -14.24
CA PRO D 12 61.08 20.61 -13.84
C PRO D 12 61.48 20.34 -12.40
N TRP D 13 60.58 20.56 -11.46
CA TRP D 13 60.89 20.36 -10.05
C TRP D 13 61.09 18.87 -9.75
N PRO D 14 61.96 18.51 -8.81
CA PRO D 14 62.20 17.08 -8.54
C PRO D 14 61.08 16.37 -7.80
N HIS D 15 60.02 17.07 -7.39
CA HIS D 15 58.89 16.42 -6.75
C HIS D 15 57.66 16.39 -7.63
N GLN D 16 57.82 16.68 -8.92
CA GLN D 16 56.70 16.67 -9.86
C GLN D 16 56.72 15.36 -10.65
N GLY D 17 55.64 14.60 -10.54
CA GLY D 17 55.56 13.28 -11.12
C GLY D 17 54.61 12.43 -10.31
N ILE D 18 54.21 11.31 -10.91
CA ILE D 18 53.22 10.47 -10.24
C ILE D 18 53.86 9.58 -9.18
N LEU D 19 55.16 9.35 -9.27
CA LEU D 19 55.88 8.59 -8.24
C LEU D 19 57.11 9.33 -7.73
N SER D 20 57.16 10.64 -7.89
CA SER D 20 58.30 11.43 -7.47
C SER D 20 58.13 11.94 -6.04
N SER D 21 59.24 12.02 -5.31
CA SER D 21 59.24 12.43 -3.92
C SER D 21 59.97 13.76 -3.75
N TYR D 22 59.99 14.25 -2.51
CA TYR D 22 60.77 15.43 -2.17
C TYR D 22 62.25 15.07 -2.09
N ASP D 23 63.09 16.00 -2.51
CA ASP D 23 64.53 15.91 -2.24
C ASP D 23 64.78 16.40 -0.83
N HIS D 24 65.03 15.48 0.10
CA HIS D 24 65.08 15.84 1.51
C HIS D 24 66.38 16.53 1.91
N ALA D 25 67.43 16.41 1.13
CA ALA D 25 68.63 17.19 1.34
C ALA D 25 68.50 18.61 0.82
N SER D 26 67.49 18.87 -0.01
CA SER D 26 67.22 20.22 -0.47
C SER D 26 66.19 20.93 0.40
N ILE D 27 65.37 20.19 1.14
CA ILE D 27 64.55 20.78 2.19
C ILE D 27 65.43 21.20 3.36
N ARG D 28 66.43 20.38 3.67
CA ARG D 28 67.39 20.65 4.74
C ARG D 28 68.18 21.93 4.49
N ARG D 29 68.57 22.17 3.24
CA ARG D 29 69.30 23.37 2.89
C ARG D 29 68.41 24.60 2.77
N GLY D 30 67.12 24.42 2.55
CA GLY D 30 66.23 25.55 2.34
C GLY D 30 65.70 26.11 3.64
N HIS D 31 65.67 25.31 4.67
CA HIS D 31 65.40 25.78 6.02
C HIS D 31 66.51 26.68 6.54
N GLN D 32 67.73 26.50 6.05
CA GLN D 32 68.84 27.35 6.41
C GLN D 32 68.87 28.66 5.65
N VAL D 33 68.38 28.69 4.40
CA VAL D 33 68.17 29.94 3.72
C VAL D 33 67.05 30.75 4.37
N TYR D 34 66.00 30.09 4.85
CA TYR D 34 64.90 30.79 5.50
C TYR D 34 65.33 31.40 6.81
N THR D 35 66.01 30.63 7.65
CA THR D 35 66.22 31.06 9.03
C THR D 35 67.30 32.12 9.16
N GLN D 36 68.06 32.40 8.10
CA GLN D 36 69.09 33.41 8.12
C GLN D 36 68.81 34.61 7.24
N VAL D 37 68.05 34.45 6.16
CA VAL D 37 67.76 35.54 5.24
C VAL D 37 66.31 36.01 5.35
N CYS D 38 65.39 35.14 5.74
CA CYS D 38 63.97 35.38 5.57
C CYS D 38 63.20 35.59 6.86
N ALA D 39 63.60 34.95 7.95
CA ALA D 39 62.82 34.96 9.19
C ALA D 39 62.88 36.29 9.93
N SER D 40 63.67 37.25 9.47
CA SER D 40 63.76 38.53 10.14
C SER D 40 62.55 39.40 9.88
N CYS D 41 61.83 39.17 8.78
CA CYS D 41 60.63 39.93 8.49
C CYS D 41 59.42 39.12 8.07
N HIS D 42 59.54 37.80 7.96
CA HIS D 42 58.43 36.93 7.60
C HIS D 42 58.17 35.93 8.70
N SER D 43 56.91 35.54 8.84
CA SER D 43 56.52 34.54 9.80
C SER D 43 56.05 33.28 9.08
N MET D 44 56.03 32.16 9.79
CA MET D 44 55.39 30.95 9.30
C MET D 44 54.17 30.62 10.13
N SER D 45 54.37 30.43 11.44
CA SER D 45 53.34 30.38 12.48
C SER D 45 52.37 29.20 12.39
N LEU D 46 52.48 28.36 11.37
CA LEU D 46 51.74 27.11 11.30
C LEU D 46 52.63 25.90 11.51
N ILE D 47 53.93 26.03 11.30
CA ILE D 47 54.88 24.92 11.40
C ILE D 47 55.51 24.95 12.78
N SER D 48 55.56 23.79 13.43
CA SER D 48 56.19 23.60 14.73
C SER D 48 57.61 23.09 14.56
N TYR D 49 58.30 22.92 15.69
CA TYR D 49 59.65 22.38 15.63
C TYR D 49 59.63 20.87 15.49
N ARG D 50 58.64 20.21 16.02
CA ARG D 50 58.48 18.76 15.93
C ARG D 50 58.13 18.28 14.53
N ASP D 51 57.90 19.16 13.55
CA ASP D 51 57.52 18.76 12.21
C ASP D 51 58.70 18.54 11.29
N LEU D 52 59.91 18.92 11.71
CA LEU D 52 61.11 18.68 10.92
C LEU D 52 61.80 17.38 11.29
N VAL D 53 61.43 16.77 12.41
CA VAL D 53 62.05 15.54 12.89
C VAL D 53 61.65 14.40 11.97
N GLY D 54 62.63 13.74 11.37
CA GLY D 54 62.36 12.71 10.40
C GLY D 54 62.20 13.20 8.99
N VAL D 55 62.19 14.50 8.76
CA VAL D 55 62.13 15.07 7.44
C VAL D 55 63.48 15.63 7.00
N ALA D 56 64.13 16.42 7.85
CA ALA D 56 65.43 16.97 7.50
C ALA D 56 66.42 16.93 8.67
N TYR D 57 65.95 16.68 9.88
CA TYR D 57 66.79 16.74 11.06
C TYR D 57 66.47 15.59 11.99
N THR D 58 67.43 15.26 12.85
CA THR D 58 67.28 14.26 13.90
C THR D 58 66.65 14.96 15.12
N GLU D 59 66.09 14.16 16.03
CA GLU D 59 65.44 14.72 17.22
C GLU D 59 66.43 15.43 18.14
N GLU D 60 67.70 14.99 18.15
CA GLU D 60 68.70 15.66 18.97
C GLU D 60 69.10 17.00 18.38
N GLU D 61 69.06 17.14 17.06
CA GLU D 61 69.40 18.41 16.44
C GLU D 61 68.30 19.43 16.59
N VAL D 62 67.05 19.01 16.71
CA VAL D 62 65.95 19.93 16.90
C VAL D 62 65.83 20.32 18.36
N LYS D 63 66.25 19.46 19.28
CA LYS D 63 66.26 19.82 20.69
C LYS D 63 67.40 20.77 21.05
N ALA D 64 68.27 21.10 20.12
CA ALA D 64 69.31 22.10 20.34
C ALA D 64 69.13 23.29 19.42
N MET D 65 68.29 23.16 18.40
CA MET D 65 67.85 24.29 17.58
C MET D 65 66.73 25.06 18.25
N ALA D 66 65.83 24.36 18.91
CA ALA D 66 64.70 24.98 19.59
C ALA D 66 65.08 25.62 20.91
N ALA D 67 66.18 25.22 21.53
CA ALA D 67 66.56 25.75 22.83
C ALA D 67 67.39 27.02 22.74
N GLU D 68 67.51 27.59 21.55
CA GLU D 68 68.25 28.82 21.34
C GLU D 68 67.36 30.05 21.28
N ILE D 69 66.05 29.88 21.47
CA ILE D 69 65.12 30.99 21.44
C ILE D 69 64.43 31.09 22.81
N GLU D 70 64.03 32.30 23.18
CA GLU D 70 63.28 32.54 24.41
C GLU D 70 61.80 32.66 24.09
N VAL D 71 60.98 31.90 24.82
CA VAL D 71 59.55 31.84 24.57
C VAL D 71 58.83 32.27 25.84
N VAL D 72 57.75 33.05 25.67
CA VAL D 72 56.98 33.54 26.81
C VAL D 72 56.14 32.40 27.38
N ASP D 73 56.15 32.28 28.70
CA ASP D 73 55.40 31.23 29.37
C ASP D 73 54.46 31.87 30.38
N GLY D 74 53.43 31.11 30.76
CA GLY D 74 52.32 31.60 31.54
C GLY D 74 52.66 32.03 32.95
N PRO D 75 51.65 32.43 33.71
CA PRO D 75 51.92 33.07 35.01
C PRO D 75 52.38 32.07 36.06
N ASN D 76 53.35 32.54 36.86
CA ASN D 76 53.87 31.80 38.01
C ASN D 76 52.94 31.96 39.20
N ASP D 77 53.31 31.48 40.38
CA ASP D 77 52.49 31.63 41.57
C ASP D 77 52.37 33.07 42.05
N GLU D 78 53.20 33.97 41.55
CA GLU D 78 53.09 35.39 41.82
C GLU D 78 52.29 36.14 40.76
N GLY D 79 51.84 35.45 39.71
CA GLY D 79 51.00 36.08 38.71
C GLY D 79 51.75 36.93 37.72
N GLU D 80 52.94 36.53 37.33
CA GLU D 80 53.76 37.31 36.40
C GLU D 80 54.22 36.41 35.27
N MET D 81 54.54 37.01 34.13
CA MET D 81 55.04 36.27 33.00
C MET D 81 56.55 36.14 33.11
N PHE D 82 57.12 35.22 32.33
CA PHE D 82 58.56 35.07 32.24
C PHE D 82 58.90 34.51 30.87
N THR D 83 60.17 34.19 30.67
CA THR D 83 60.63 33.56 29.44
C THR D 83 61.32 32.25 29.79
N ARG D 84 61.32 31.34 28.83
CA ARG D 84 61.93 30.02 28.96
C ARG D 84 62.54 29.67 27.62
N PRO D 85 63.50 28.74 27.58
CA PRO D 85 63.98 28.24 26.29
C PRO D 85 62.91 27.38 25.62
N GLY D 86 62.98 27.32 24.29
CA GLY D 86 61.94 26.65 23.53
C GLY D 86 62.00 25.15 23.63
N LYS D 87 60.92 24.52 23.17
CA LYS D 87 60.78 23.07 23.24
C LYS D 87 60.45 22.55 21.84
N LEU D 88 60.07 21.28 21.76
CA LEU D 88 59.65 20.65 20.51
C LEU D 88 58.25 21.05 20.10
N SER D 89 57.40 21.41 21.05
CA SER D 89 56.00 21.73 20.79
C SER D 89 55.80 23.13 20.25
N ASP D 90 56.81 23.99 20.30
CA ASP D 90 56.62 25.39 20.02
C ASP D 90 56.55 25.64 18.52
N ARG D 91 55.93 26.75 18.16
CA ARG D 91 55.85 27.20 16.78
C ARG D 91 57.08 28.00 16.43
N PHE D 92 57.25 28.26 15.15
CA PHE D 92 58.35 29.11 14.70
C PHE D 92 58.12 30.53 15.21
N PRO D 93 59.17 31.25 15.63
CA PRO D 93 58.97 32.58 16.21
C PRO D 93 58.59 33.61 15.16
N GLN D 94 57.81 34.60 15.61
CA GLN D 94 57.26 35.78 14.96
C GLN D 94 58.25 36.92 14.97
N PRO D 95 58.48 37.60 13.85
CA PRO D 95 59.43 38.71 13.86
C PRO D 95 58.90 39.97 14.52
N TYR D 96 57.58 40.16 14.53
CA TYR D 96 56.99 41.41 15.01
C TYR D 96 55.96 41.08 16.08
N ALA D 97 55.31 42.11 16.62
CA ALA D 97 54.37 41.95 17.71
C ALA D 97 52.93 41.91 17.25
N ASN D 98 52.62 42.51 16.10
CA ASN D 98 51.30 42.46 15.46
C ASN D 98 51.48 42.96 14.03
N GLU D 99 50.37 43.03 13.30
CA GLU D 99 50.38 43.51 11.94
C GLU D 99 50.65 45.01 11.84
N ALA D 100 50.32 45.77 12.88
CA ALA D 100 50.54 47.20 12.86
C ALA D 100 52.01 47.55 13.00
N ALA D 101 52.74 46.84 13.86
CA ALA D 101 54.17 47.04 14.00
C ALA D 101 54.95 46.46 12.84
N ALA D 102 54.34 45.62 12.01
CA ALA D 102 54.99 45.04 10.86
C ALA D 102 54.97 45.95 9.65
N ARG D 103 53.90 46.73 9.47
CA ARG D 103 53.85 47.72 8.41
C ARG D 103 54.71 48.93 8.72
N PHE D 104 54.89 49.25 9.99
CA PHE D 104 55.64 50.43 10.38
C PHE D 104 57.12 50.26 10.11
N ALA D 105 57.65 49.06 10.26
CA ALA D 105 59.05 48.81 9.96
C ALA D 105 59.31 48.50 8.50
N ASN D 106 58.30 48.62 7.64
CA ASN D 106 58.47 48.23 6.25
C ASN D 106 57.88 49.24 5.28
N GLY D 107 57.63 50.47 5.71
CA GLY D 107 57.10 51.48 4.82
C GLY D 107 55.63 51.37 4.55
N GLY D 108 54.84 50.87 5.50
CA GLY D 108 53.42 50.70 5.30
C GLY D 108 53.01 49.36 4.74
N ALA D 109 53.89 48.70 3.99
CA ALA D 109 53.57 47.44 3.34
C ALA D 109 53.76 46.28 4.31
N TYR D 110 52.94 45.28 4.16
CA TYR D 110 52.95 44.15 5.07
C TYR D 110 53.58 42.93 4.40
N PRO D 111 54.59 42.32 4.99
CA PRO D 111 55.15 41.10 4.41
C PRO D 111 54.36 39.89 4.85
N PRO D 112 53.76 39.14 3.90
CA PRO D 112 52.77 38.12 4.26
C PRO D 112 53.32 36.90 5.00
N ASP D 113 52.42 36.01 5.39
CA ASP D 113 52.80 34.75 6.02
C ASP D 113 53.13 33.75 4.93
N LEU D 114 54.23 33.02 5.11
CA LEU D 114 54.76 32.17 4.05
C LEU D 114 54.50 30.68 4.28
N SER D 115 53.64 30.30 5.21
CA SER D 115 53.43 28.88 5.46
C SER D 115 52.52 28.22 4.42
N LEU D 116 51.76 29.01 3.64
CA LEU D 116 50.97 28.47 2.55
C LEU D 116 51.15 29.23 1.25
N ILE D 117 52.31 29.84 1.03
CA ILE D 117 52.47 30.80 -0.07
C ILE D 117 52.64 30.13 -1.42
N THR D 118 52.84 28.82 -1.47
CA THR D 118 52.90 28.21 -2.79
C THR D 118 51.52 27.80 -3.27
N LYS D 119 50.54 27.76 -2.38
CA LYS D 119 49.17 27.48 -2.74
C LYS D 119 48.32 28.72 -2.94
N ALA D 120 48.74 29.88 -2.42
CA ALA D 120 47.94 31.10 -2.43
C ALA D 120 47.98 31.91 -3.72
N PRO D 121 49.07 31.98 -4.50
CA PRO D 121 48.90 32.47 -5.88
C PRO D 121 48.74 31.38 -6.91
N HIS D 122 48.38 31.79 -8.12
CA HIS D 122 48.27 30.91 -9.27
C HIS D 122 49.66 30.58 -9.76
N ASN D 123 49.90 29.29 -10.04
CA ASN D 123 51.19 28.74 -10.43
C ASN D 123 52.27 29.05 -9.38
N GLY D 124 51.98 28.64 -8.16
CA GLY D 124 52.66 29.15 -7.00
C GLY D 124 54.07 28.66 -6.75
N GLN D 125 54.56 27.69 -7.51
CA GLN D 125 55.95 27.28 -7.31
C GLN D 125 56.87 27.91 -8.34
N ASN D 126 56.40 28.06 -9.57
CA ASN D 126 57.15 28.75 -10.59
C ASN D 126 57.09 30.27 -10.45
N TYR D 127 56.20 30.78 -9.60
CA TYR D 127 56.07 32.21 -9.39
C TYR D 127 57.02 32.70 -8.32
N VAL D 128 57.18 31.94 -7.24
CA VAL D 128 58.11 32.34 -6.18
C VAL D 128 59.56 32.19 -6.63
N PHE D 129 59.84 31.19 -7.46
CA PHE D 129 61.19 31.07 -8.00
C PHE D 129 61.53 32.22 -8.95
N ALA D 130 60.62 32.53 -9.87
CA ALA D 130 60.89 33.55 -10.87
C ALA D 130 60.83 34.96 -10.32
N LEU D 131 60.19 35.18 -9.18
CA LEU D 131 60.14 36.50 -8.57
C LEU D 131 61.42 36.82 -7.82
N LEU D 132 61.94 35.87 -7.04
CA LEU D 132 63.14 36.10 -6.25
C LEU D 132 64.40 36.23 -7.10
N THR D 133 64.43 35.62 -8.28
CA THR D 133 65.56 35.71 -9.17
C THR D 133 65.18 36.49 -10.41
N GLY D 134 64.40 37.54 -10.23
CA GLY D 134 63.84 38.24 -11.36
C GLY D 134 63.96 39.74 -11.33
N TYR D 135 64.68 40.27 -10.34
CA TYR D 135 64.87 41.71 -10.24
C TYR D 135 65.72 42.22 -11.40
N ARG D 136 65.12 43.05 -12.24
CA ARG D 136 65.77 43.54 -13.45
C ARG D 136 65.85 45.05 -13.43
N ASP D 137 66.29 45.64 -14.53
CA ASP D 137 66.27 47.10 -14.71
C ASP D 137 65.06 47.49 -15.53
N PRO D 138 64.40 48.60 -15.20
CA PRO D 138 63.10 48.94 -15.83
C PRO D 138 63.26 49.24 -17.31
N PRO D 139 62.19 49.10 -18.09
CA PRO D 139 62.28 49.46 -19.52
C PRO D 139 62.23 50.96 -19.74
N ALA D 140 62.39 51.39 -20.98
CA ALA D 140 62.52 52.81 -21.30
C ALA D 140 61.16 53.47 -21.19
N GLY D 141 61.02 54.37 -20.23
CA GLY D 141 59.79 55.12 -20.04
C GLY D 141 59.09 54.88 -18.74
N VAL D 142 59.49 53.88 -17.95
CA VAL D 142 58.87 53.60 -16.67
C VAL D 142 59.72 54.19 -15.56
N SER D 143 59.06 54.87 -14.62
CA SER D 143 59.70 55.43 -13.45
C SER D 143 59.13 54.76 -12.21
N ILE D 144 59.99 54.57 -11.21
CA ILE D 144 59.62 53.92 -9.96
C ILE D 144 59.74 54.97 -8.85
N ARG D 145 58.91 54.84 -7.82
CA ARG D 145 59.01 55.69 -6.63
C ARG D 145 60.29 55.40 -5.85
N GLU D 146 60.51 56.17 -4.81
CA GLU D 146 61.62 55.92 -3.90
C GLU D 146 61.19 54.88 -2.86
N GLY D 147 62.08 53.93 -2.60
CA GLY D 147 61.75 52.84 -1.71
C GLY D 147 61.03 51.68 -2.35
N LEU D 148 60.86 51.71 -3.67
CA LEU D 148 60.23 50.65 -4.42
C LEU D 148 61.17 50.21 -5.54
N HIS D 149 61.12 48.92 -5.86
CA HIS D 149 62.04 48.32 -6.81
C HIS D 149 61.25 47.69 -7.95
N TYR D 150 61.92 47.45 -9.07
CA TYR D 150 61.25 46.98 -10.28
C TYR D 150 61.40 45.47 -10.39
N ASN D 151 60.30 44.76 -10.20
CA ASN D 151 60.21 43.34 -10.47
C ASN D 151 59.12 43.12 -11.52
N PRO D 152 59.43 42.59 -12.70
CA PRO D 152 58.39 42.46 -13.74
C PRO D 152 57.36 41.39 -13.46
N TYR D 153 57.60 40.47 -12.53
CA TYR D 153 56.67 39.41 -12.24
C TYR D 153 55.65 39.77 -11.17
N PHE D 154 55.90 40.83 -10.41
CA PHE D 154 54.94 41.31 -9.45
C PHE D 154 53.84 42.06 -10.17
N PRO D 155 52.56 41.82 -9.85
CA PRO D 155 51.48 42.57 -10.51
C PRO D 155 51.49 44.05 -10.19
N GLY D 156 51.81 44.87 -11.18
CA GLY D 156 52.00 46.28 -10.98
C GLY D 156 53.38 46.73 -11.40
N GLY D 157 54.38 45.89 -11.15
CA GLY D 157 55.74 46.18 -11.53
C GLY D 157 56.59 46.85 -10.48
N ALA D 158 56.06 47.07 -9.27
CA ALA D 158 56.78 47.84 -8.26
C ALA D 158 56.51 47.20 -6.90
N ILE D 159 57.51 46.49 -6.38
CA ILE D 159 57.39 45.74 -5.14
C ILE D 159 58.13 46.49 -4.05
N ALA D 160 57.70 46.30 -2.81
CA ALA D 160 58.28 46.98 -1.66
C ALA D 160 59.31 46.13 -0.92
N MET D 161 59.71 45.00 -1.49
CA MET D 161 60.76 44.15 -0.98
C MET D 161 62.04 44.36 -1.77
N PRO D 162 63.17 44.61 -1.11
CA PRO D 162 64.43 44.72 -1.85
C PRO D 162 64.99 43.35 -2.20
N LYS D 163 65.90 43.34 -3.17
CA LYS D 163 66.54 42.10 -3.59
C LYS D 163 67.41 41.55 -2.49
N MET D 164 67.12 40.32 -2.06
CA MET D 164 67.72 39.76 -0.86
C MET D 164 68.55 38.51 -1.07
N LEU D 165 68.45 37.86 -2.23
CA LEU D 165 69.24 36.66 -2.52
C LEU D 165 70.45 37.10 -3.35
N ASN D 166 71.53 37.45 -2.68
CA ASN D 166 72.79 37.77 -3.32
C ASN D 166 73.74 36.61 -3.17
N ASP D 167 74.78 36.59 -4.00
CA ASP D 167 75.71 35.47 -4.05
C ASP D 167 76.50 35.34 -2.75
N GLY D 168 76.45 34.15 -2.16
CA GLY D 168 77.19 33.88 -0.95
C GLY D 168 76.55 34.39 0.31
N ALA D 169 75.23 34.58 0.34
CA ALA D 169 74.59 35.09 1.54
C ALA D 169 74.42 34.03 2.63
N VAL D 170 74.64 32.76 2.31
CA VAL D 170 74.45 31.65 3.23
C VAL D 170 75.68 30.75 3.11
N GLU D 171 76.15 30.23 4.25
CA GLU D 171 77.21 29.23 4.28
C GLU D 171 76.60 27.85 4.37
N TYR D 172 76.60 27.12 3.26
CA TYR D 172 76.04 25.77 3.23
C TYR D 172 76.95 24.80 3.95
N GLU D 173 76.36 23.90 4.74
CA GLU D 173 77.13 23.03 5.62
C GLU D 173 77.48 21.70 4.97
N ASP D 174 77.41 21.63 3.66
CA ASP D 174 77.67 20.34 2.96
C ASP D 174 78.50 20.56 1.70
N GLY D 175 79.04 21.76 1.53
CA GLY D 175 79.95 21.99 0.43
C GLY D 175 79.26 22.35 -0.86
N THR D 176 78.06 22.86 -0.79
CA THR D 176 77.39 23.29 -2.01
C THR D 176 77.70 24.76 -2.26
N PRO D 177 78.02 25.15 -3.50
CA PRO D 177 78.22 26.57 -3.78
C PRO D 177 76.91 27.33 -3.70
N ALA D 178 76.87 28.31 -2.80
CA ALA D 178 75.64 29.05 -2.53
C ALA D 178 75.51 30.18 -3.54
N THR D 179 75.06 29.81 -4.73
CA THR D 179 74.83 30.76 -5.79
C THR D 179 73.43 31.36 -5.61
N GLU D 180 73.06 32.32 -6.45
CA GLU D 180 71.73 32.91 -6.37
C GLU D 180 70.66 31.91 -6.81
N SER D 181 70.89 31.25 -7.95
CA SER D 181 69.95 30.27 -8.48
C SER D 181 69.89 29.00 -7.65
N GLN D 182 70.94 28.71 -6.88
CA GLN D 182 70.94 27.55 -6.00
C GLN D 182 70.11 27.79 -4.75
N MET D 183 70.26 28.96 -4.12
CA MET D 183 69.46 29.26 -2.94
C MET D 183 68.01 29.50 -3.28
N GLY D 184 67.72 29.96 -4.50
CA GLY D 184 66.34 30.15 -4.90
C GLY D 184 65.61 28.84 -5.10
N LYS D 185 66.28 27.87 -5.72
CA LYS D 185 65.71 26.54 -5.90
C LYS D 185 65.56 25.80 -4.58
N ASP D 186 66.49 25.97 -3.65
CA ASP D 186 66.43 25.28 -2.37
C ASP D 186 65.40 25.84 -1.41
N VAL D 187 65.09 27.14 -1.49
CA VAL D 187 64.10 27.69 -0.58
C VAL D 187 62.68 27.41 -1.08
N VAL D 188 62.49 27.16 -2.37
CA VAL D 188 61.15 26.84 -2.86
C VAL D 188 60.81 25.37 -2.54
N SER D 189 61.80 24.48 -2.54
CA SER D 189 61.55 23.10 -2.12
C SER D 189 61.23 23.02 -0.64
N PHE D 190 61.75 23.94 0.16
CA PHE D 190 61.36 23.99 1.57
C PHE D 190 59.95 24.53 1.73
N LEU D 191 59.61 25.56 0.95
CA LEU D 191 58.29 26.18 1.03
C LEU D 191 57.20 25.31 0.42
N SER D 192 57.56 24.46 -0.54
CA SER D 192 56.61 23.50 -1.10
C SER D 192 56.24 22.44 -0.09
N TRP D 193 57.23 21.90 0.64
CA TRP D 193 56.98 20.95 1.70
C TRP D 193 56.12 21.55 2.80
N ALA D 194 56.33 22.82 3.13
CA ALA D 194 55.63 23.44 4.25
C ALA D 194 54.16 23.64 3.97
N ALA D 195 53.81 23.94 2.72
CA ALA D 195 52.40 24.05 2.35
C ALA D 195 51.73 22.68 2.31
N GLU D 196 52.41 21.69 1.74
CA GLU D 196 51.86 20.35 1.53
C GLU D 196 52.77 19.30 2.16
N PRO D 197 52.68 19.09 3.46
CA PRO D 197 53.53 18.06 4.08
C PRO D 197 52.98 16.65 3.96
N GLU D 198 51.93 16.45 3.17
CA GLU D 198 51.27 15.15 3.10
C GLU D 198 51.47 14.48 1.74
N MET D 199 52.20 15.10 0.81
CA MET D 199 52.24 14.72 -0.59
C MET D 199 52.82 13.33 -0.83
N GLU D 200 53.68 12.83 0.05
CA GLU D 200 54.24 11.50 -0.13
C GLU D 200 53.37 10.39 0.44
N GLU D 201 52.64 10.64 1.51
CA GLU D 201 51.63 9.72 2.00
C GLU D 201 50.42 9.65 1.09
N ARG D 202 50.24 10.65 0.23
CA ARG D 202 49.10 10.81 -0.66
C ARG D 202 49.31 10.17 -2.01
N LYS D 203 50.48 10.33 -2.61
CA LYS D 203 50.76 9.70 -3.89
C LYS D 203 50.99 8.19 -3.77
N LEU D 204 51.32 7.70 -2.59
CA LEU D 204 51.49 6.27 -2.37
C LEU D 204 50.18 5.56 -2.06
N MET D 205 49.23 6.25 -1.44
CA MET D 205 47.90 5.72 -1.24
C MET D 205 47.05 5.78 -2.51
N GLY D 206 47.33 6.71 -3.41
CA GLY D 206 46.56 6.76 -4.63
C GLY D 206 46.99 5.83 -5.72
N PHE D 207 48.19 5.28 -5.64
CA PHE D 207 48.63 4.27 -6.59
C PHE D 207 48.11 2.89 -6.20
N LYS D 208 47.98 2.65 -4.91
CA LYS D 208 47.45 1.40 -4.40
C LYS D 208 45.97 1.21 -4.71
N TRP D 209 45.19 2.29 -4.75
CA TRP D 209 43.74 2.16 -4.88
C TRP D 209 43.20 2.46 -6.26
N ILE D 210 43.95 3.13 -7.12
CA ILE D 210 43.54 3.18 -8.52
C ILE D 210 43.83 1.85 -9.20
N PHE D 211 44.93 1.19 -8.85
CA PHE D 211 45.24 -0.12 -9.41
C PHE D 211 44.26 -1.19 -8.96
N VAL D 212 43.90 -1.20 -7.68
CA VAL D 212 42.98 -2.19 -7.12
C VAL D 212 41.55 -1.99 -7.62
N LEU D 213 41.19 -0.76 -7.96
CA LEU D 213 39.86 -0.47 -8.48
C LEU D 213 39.72 -0.73 -9.97
N THR D 214 40.80 -0.82 -10.74
CA THR D 214 40.71 -1.24 -12.13
C THR D 214 40.68 -2.75 -12.29
N LEU D 215 40.84 -3.49 -11.20
CA LEU D 215 40.58 -4.92 -11.21
C LEU D 215 39.12 -5.24 -10.92
N ALA D 216 38.48 -4.42 -10.09
CA ALA D 216 37.06 -4.60 -9.81
C ALA D 216 36.20 -4.13 -10.97
N LEU D 217 36.75 -3.31 -11.85
CA LEU D 217 36.05 -2.92 -13.07
C LEU D 217 36.07 -4.01 -14.11
N LEU D 218 37.08 -4.87 -14.11
CA LEU D 218 37.10 -6.00 -15.02
C LEU D 218 36.23 -7.15 -14.53
N GLN D 219 36.04 -7.28 -13.23
CA GLN D 219 35.11 -8.25 -12.67
C GLN D 219 33.66 -7.86 -12.93
N ALA D 220 33.35 -6.57 -12.85
CA ALA D 220 31.99 -6.10 -12.95
C ALA D 220 31.47 -6.01 -14.37
N GLY D 221 32.36 -5.95 -15.35
CA GLY D 221 31.94 -6.02 -16.73
C GLY D 221 31.77 -7.41 -17.26
N TYR D 222 32.35 -8.39 -16.57
CA TYR D 222 32.09 -9.79 -16.85
C TYR D 222 30.79 -10.24 -16.20
N TYR D 223 30.60 -9.86 -14.94
CA TYR D 223 29.38 -10.13 -14.20
C TYR D 223 28.16 -9.52 -14.85
N ARG D 224 28.31 -8.39 -15.52
CA ARG D 224 27.20 -7.76 -16.21
C ARG D 224 26.85 -8.52 -17.48
N ARG D 225 27.85 -8.87 -18.28
CA ARG D 225 27.59 -9.54 -19.55
C ARG D 225 27.23 -11.00 -19.39
N LEU D 226 27.37 -11.57 -18.20
CA LEU D 226 26.97 -12.93 -17.94
C LEU D 226 25.50 -13.04 -17.56
N ARG D 227 25.00 -12.09 -16.77
CA ARG D 227 23.59 -12.06 -16.41
C ARG D 227 22.70 -11.58 -17.53
N TRP D 228 23.24 -10.99 -18.59
CA TRP D 228 22.42 -10.41 -19.64
C TRP D 228 22.45 -11.21 -20.92
N SER D 229 23.02 -12.41 -20.91
CA SER D 229 23.25 -13.12 -22.16
C SER D 229 22.05 -13.95 -22.59
N VAL D 230 21.18 -14.34 -21.66
CA VAL D 230 19.97 -15.05 -22.02
C VAL D 230 18.98 -14.13 -22.72
N LEU D 231 18.90 -12.87 -22.31
CA LEU D 231 18.09 -11.87 -22.98
C LEU D 231 18.68 -11.39 -24.29
N LYS D 232 20.00 -11.24 -24.38
CA LYS D 232 20.60 -10.65 -25.56
C LYS D 232 20.71 -11.60 -26.74
N SER D 233 20.38 -12.88 -26.55
CA SER D 233 20.46 -13.85 -27.62
C SER D 233 19.17 -14.62 -27.86
N ARG D 234 18.08 -14.24 -27.21
CA ARG D 234 16.83 -14.97 -27.35
C ARG D 234 16.21 -14.79 -28.72
N LYS D 235 15.35 -15.72 -29.12
CA LYS D 235 14.63 -15.66 -30.38
C LYS D 235 13.15 -15.44 -30.08
N LEU D 236 12.46 -14.69 -30.93
CA LEU D 236 11.09 -14.25 -30.68
C LEU D 236 10.30 -14.23 -31.98
N VAL D 237 9.16 -14.92 -32.01
CA VAL D 237 8.25 -14.90 -33.17
C VAL D 237 6.91 -14.32 -32.72
N LEU D 238 6.25 -13.55 -33.59
CA LEU D 238 5.27 -12.61 -33.09
C LEU D 238 3.92 -12.58 -33.79
N ASP D 239 3.93 -12.93 -35.10
CA ASP D 239 2.73 -12.89 -36.03
C ASP D 239 2.57 -11.64 -36.92
N VAL D 240 2.89 -10.46 -36.51
CA VAL D 240 2.76 -9.22 -37.29
C VAL D 240 3.80 -9.15 -38.40
N VAL D 241 3.51 -8.45 -39.45
CA VAL D 241 4.37 -8.25 -40.61
C VAL D 241 4.69 -6.77 -40.79
N ASN D 242 3.65 -5.96 -40.99
CA ASN D 242 3.86 -4.52 -41.11
C ASN D 242 3.07 -3.76 -40.07
N GLU E 1 -2.46 -19.40 -45.32
CA GLU E 1 -1.35 -18.90 -44.52
C GLU E 1 -1.59 -18.98 -43.01
N ILE E 2 -0.82 -19.85 -42.37
CA ILE E 2 -0.90 -20.14 -40.93
C ILE E 2 -0.17 -19.03 -40.18
N PRO E 3 -0.67 -18.60 -39.01
CA PRO E 3 0.10 -17.70 -38.15
C PRO E 3 1.43 -18.31 -37.71
N ALA E 4 2.44 -17.44 -37.57
CA ALA E 4 3.80 -17.90 -37.25
C ALA E 4 3.89 -18.45 -35.84
N THR E 5 3.14 -17.89 -34.90
CA THR E 5 3.13 -18.45 -33.55
C THR E 5 2.28 -19.71 -33.45
N VAL E 6 1.35 -19.93 -34.38
CA VAL E 6 0.57 -21.17 -34.40
C VAL E 6 1.36 -22.31 -35.03
N ALA E 7 2.14 -22.02 -36.07
CA ALA E 7 2.96 -23.02 -36.73
C ALA E 7 4.22 -23.36 -35.96
N ALA E 8 4.42 -22.81 -34.77
CA ALA E 8 5.55 -23.13 -33.92
C ALA E 8 5.18 -23.99 -32.73
N VAL E 9 3.93 -23.98 -32.30
CA VAL E 9 3.43 -24.92 -31.29
C VAL E 9 3.11 -26.26 -31.90
N LYS E 10 2.90 -26.34 -33.21
CA LYS E 10 2.57 -27.58 -33.90
C LYS E 10 3.77 -28.30 -34.47
N ASN E 11 4.98 -27.74 -34.36
CA ASN E 11 6.18 -28.36 -34.93
C ASN E 11 7.33 -28.23 -33.96
N PRO E 12 7.46 -29.15 -33.01
CA PRO E 12 8.61 -29.13 -32.10
C PRO E 12 9.89 -29.63 -32.75
N SER E 13 10.56 -28.75 -33.50
CA SER E 13 11.82 -29.11 -34.15
C SER E 13 12.97 -29.04 -33.16
N SER E 14 13.94 -29.94 -33.33
CA SER E 14 15.12 -30.01 -32.48
C SER E 14 16.32 -29.30 -33.07
N LYS E 15 16.10 -28.35 -33.97
CA LYS E 15 17.16 -27.54 -34.55
C LYS E 15 16.82 -26.08 -34.27
N ILE E 16 17.24 -25.59 -33.13
CA ILE E 16 16.88 -24.25 -32.68
C ILE E 16 18.02 -23.29 -33.01
N VAL E 17 17.65 -22.12 -33.53
CA VAL E 17 18.59 -21.06 -33.87
C VAL E 17 18.36 -19.89 -32.92
N TYR E 18 19.42 -19.40 -32.31
CA TYR E 18 19.33 -18.25 -31.44
C TYR E 18 19.81 -17.00 -32.16
N ASP E 19 19.79 -15.88 -31.44
CA ASP E 19 20.32 -14.63 -31.99
C ASP E 19 21.82 -14.54 -31.69
N GLU E 20 22.62 -14.43 -32.74
CA GLU E 20 24.07 -14.46 -32.58
C GLU E 20 24.73 -13.17 -33.06
N HIS E 21 24.16 -12.03 -32.68
CA HIS E 21 24.78 -10.74 -32.97
C HIS E 21 25.68 -10.25 -31.84
N ASN E 22 25.34 -10.56 -30.59
CA ASN E 22 26.15 -10.15 -29.45
C ASN E 22 26.96 -11.30 -28.86
N HIS E 23 26.42 -12.52 -28.85
CA HIS E 23 27.10 -13.66 -28.27
C HIS E 23 27.10 -14.81 -29.26
N GLU E 24 28.22 -15.48 -29.38
CA GLU E 24 28.36 -16.73 -30.11
C GLU E 24 28.27 -17.89 -29.12
N ARG E 25 27.78 -19.03 -29.58
CA ARG E 25 27.55 -20.16 -28.69
C ARG E 25 28.69 -21.16 -28.78
N TYR E 26 28.92 -21.88 -27.69
CA TYR E 26 29.81 -23.02 -27.68
C TYR E 26 29.08 -24.16 -28.38
N PRO E 27 29.72 -24.84 -29.34
CA PRO E 27 29.03 -25.86 -30.14
C PRO E 27 28.59 -27.04 -29.30
N PRO E 28 27.42 -27.65 -29.61
CA PRO E 28 26.83 -28.67 -28.73
C PRO E 28 27.68 -29.92 -28.57
N GLY E 29 28.00 -30.22 -27.32
CA GLY E 29 28.99 -31.23 -27.01
C GLY E 29 30.23 -30.67 -26.33
N ASP E 30 30.10 -29.54 -25.64
CA ASP E 30 31.16 -28.92 -24.88
C ASP E 30 30.78 -28.86 -23.40
N PRO E 31 31.75 -28.91 -22.49
CA PRO E 31 31.44 -28.76 -21.07
C PRO E 31 31.00 -27.34 -20.72
N SER E 32 30.45 -27.18 -19.53
CA SER E 32 29.95 -25.89 -19.08
C SER E 32 31.06 -25.09 -18.41
N LYS E 33 31.08 -23.78 -18.68
CA LYS E 33 32.04 -22.87 -18.09
C LYS E 33 31.58 -22.31 -16.76
N ARG E 34 31.14 -23.17 -15.84
CA ARG E 34 30.64 -22.72 -14.55
C ARG E 34 31.79 -22.47 -13.57
N ALA E 35 32.86 -23.27 -13.65
CA ALA E 35 33.97 -23.09 -12.74
C ALA E 35 34.80 -21.86 -13.08
N PHE E 36 34.93 -21.53 -14.37
CA PHE E 36 35.60 -20.29 -14.74
C PHE E 36 34.79 -19.07 -14.33
N ALA E 37 33.47 -19.16 -14.40
CA ALA E 37 32.60 -18.04 -14.04
C ALA E 37 32.59 -17.77 -12.54
N TYR E 38 32.97 -18.74 -11.73
CA TYR E 38 33.09 -18.47 -10.30
C TYR E 38 34.40 -17.80 -9.92
N PHE E 39 35.49 -18.09 -10.61
CA PHE E 39 36.80 -17.59 -10.19
C PHE E 39 37.02 -16.16 -10.66
N VAL E 40 36.31 -15.72 -11.71
CA VAL E 40 36.36 -14.30 -12.06
C VAL E 40 35.57 -13.47 -11.06
N LEU E 41 34.48 -14.01 -10.53
CA LEU E 41 33.66 -13.28 -9.58
C LEU E 41 34.20 -13.31 -8.15
N THR E 42 35.31 -14.01 -7.91
CA THR E 42 35.96 -14.03 -6.59
C THR E 42 37.00 -12.95 -6.45
N GLY E 43 37.75 -12.67 -7.52
CA GLY E 43 38.81 -11.70 -7.48
C GLY E 43 38.34 -10.25 -7.51
N GLY E 44 37.03 -10.05 -7.60
CA GLY E 44 36.45 -8.74 -7.42
C GLY E 44 35.79 -8.66 -6.07
N ARG E 45 35.26 -9.78 -5.58
CA ARG E 45 34.80 -9.83 -4.20
C ARG E 45 35.95 -9.84 -3.19
N PHE E 46 37.18 -10.09 -3.64
CA PHE E 46 38.36 -9.75 -2.86
C PHE E 46 38.49 -8.25 -2.67
N VAL E 47 38.21 -7.50 -3.75
CA VAL E 47 38.45 -6.07 -3.81
C VAL E 47 37.44 -5.28 -2.99
N TYR E 48 36.17 -5.67 -3.03
CA TYR E 48 35.14 -4.98 -2.24
C TYR E 48 35.31 -5.21 -0.75
N ALA E 49 35.98 -6.30 -0.36
CA ALA E 49 36.32 -6.50 1.04
C ALA E 49 37.40 -5.52 1.49
N SER E 50 38.31 -5.15 0.58
CA SER E 50 39.41 -4.28 0.94
C SER E 50 38.99 -2.80 0.95
N LEU E 51 38.05 -2.43 0.07
CA LEU E 51 37.56 -1.06 0.05
C LEU E 51 36.71 -0.72 1.25
N VAL E 52 35.99 -1.70 1.79
CA VAL E 52 35.24 -1.50 3.02
C VAL E 52 36.22 -1.49 4.18
N ARG E 53 37.34 -2.19 4.04
CA ARG E 53 38.37 -2.19 5.08
C ARG E 53 39.07 -0.85 5.18
N LEU E 54 39.34 -0.19 4.05
CA LEU E 54 40.06 1.08 4.09
C LEU E 54 39.20 2.20 4.64
N LEU E 55 37.93 2.25 4.23
CA LEU E 55 37.09 3.39 4.58
C LEU E 55 36.73 3.40 6.05
N ILE E 56 36.33 2.24 6.60
CA ILE E 56 35.88 2.15 7.99
C ILE E 56 37.01 2.45 8.96
N LEU E 57 38.23 2.03 8.65
CA LEU E 57 39.36 2.34 9.50
C LEU E 57 39.77 3.80 9.44
N LYS E 58 39.57 4.46 8.30
CA LYS E 58 39.99 5.85 8.19
C LYS E 58 39.02 6.79 8.90
N PHE E 59 37.75 6.41 8.98
CA PHE E 59 36.77 7.22 9.71
C PHE E 59 36.90 7.02 11.22
N VAL E 60 37.32 5.83 11.66
CA VAL E 60 37.35 5.54 13.10
C VAL E 60 38.69 5.93 13.72
N LEU E 61 39.75 6.03 12.91
CA LEU E 61 41.06 6.37 13.48
C LEU E 61 41.26 7.87 13.62
N SER E 62 40.48 8.67 12.90
CA SER E 62 40.55 10.12 13.03
C SER E 62 39.98 10.63 14.34
N MET E 63 39.31 9.78 15.11
CA MET E 63 38.73 10.15 16.39
C MET E 63 39.67 9.84 17.56
N SER E 64 40.89 9.36 17.30
CA SER E 64 41.67 8.73 18.35
C SER E 64 42.42 9.74 19.22
N ALA E 65 43.42 10.41 18.63
CA ALA E 65 44.24 11.42 19.32
C ALA E 65 45.12 12.12 18.31
N SER E 66 45.26 13.42 18.45
CA SER E 66 45.92 14.23 17.44
C SER E 66 47.41 14.35 17.75
N LYS E 67 48.17 14.82 16.76
CA LYS E 67 49.61 14.95 16.91
C LYS E 67 50.02 16.07 17.85
N ASP E 68 49.15 17.05 18.08
CA ASP E 68 49.42 18.12 19.02
C ASP E 68 49.02 17.78 20.44
N VAL E 69 48.06 16.85 20.60
CA VAL E 69 47.75 16.33 21.93
C VAL E 69 48.85 15.41 22.42
N LEU E 70 49.43 14.61 21.54
CA LEU E 70 50.51 13.70 21.92
C LEU E 70 51.83 14.42 22.15
N ALA E 71 51.99 15.64 21.64
CA ALA E 71 53.21 16.40 21.87
C ALA E 71 53.25 17.05 23.25
N LEU E 72 52.14 17.04 23.99
CA LEU E 72 52.06 17.66 25.31
C LEU E 72 51.92 16.61 26.40
N ALA E 73 52.63 15.49 26.30
CA ALA E 73 52.37 14.32 27.13
C ALA E 73 53.49 13.99 28.10
N SER E 74 54.59 14.74 28.11
CA SER E 74 55.69 14.48 29.02
C SER E 74 56.53 15.74 29.20
N LEU E 75 56.68 16.18 30.47
CA LEU E 75 57.42 17.40 30.79
C LEU E 75 57.74 17.45 32.29
N GLU E 76 58.37 18.53 32.74
CA GLU E 76 59.05 18.64 34.03
C GLU E 76 58.60 19.93 34.72
N VAL E 77 58.00 19.84 35.92
CA VAL E 77 57.52 21.02 36.65
C VAL E 77 57.84 20.87 38.14
N ASP E 78 57.71 21.97 38.89
CA ASP E 78 58.24 22.12 40.25
C ASP E 78 57.13 22.37 41.26
N LEU E 79 57.47 22.21 42.54
CA LEU E 79 56.55 22.42 43.66
C LEU E 79 57.15 23.37 44.69
N SER E 80 56.39 23.62 45.76
CA SER E 80 56.83 24.41 46.92
C SER E 80 56.55 23.63 48.20
N SER E 81 56.86 24.27 49.34
CA SER E 81 56.88 23.57 50.62
C SER E 81 55.65 23.87 51.47
N ILE E 82 55.24 22.86 52.24
CA ILE E 82 54.22 22.94 53.28
C ILE E 82 54.64 22.09 54.48
N GLU E 83 53.85 22.14 55.55
CA GLU E 83 54.17 21.55 56.84
C GLU E 83 53.59 20.15 56.96
N PRO E 84 54.10 19.29 57.91
CA PRO E 84 53.64 17.89 57.97
C PRO E 84 52.16 17.65 58.23
N GLY E 85 51.47 17.17 57.20
CA GLY E 85 50.09 16.75 57.30
C GLY E 85 49.07 17.60 56.56
N THR E 86 49.49 18.46 55.64
CA THR E 86 48.56 19.35 54.96
C THR E 86 48.61 19.08 53.44
N THR E 87 47.94 19.91 52.64
CA THR E 87 47.62 19.61 51.26
C THR E 87 47.81 20.82 50.34
N VAL E 88 48.58 20.65 49.27
CA VAL E 88 48.65 21.63 48.19
C VAL E 88 49.06 20.93 46.89
N THR E 89 48.40 21.29 45.79
CA THR E 89 48.50 20.58 44.52
C THR E 89 49.13 21.49 43.48
N VAL E 90 49.79 20.92 42.48
CA VAL E 90 50.25 21.71 41.33
C VAL E 90 50.11 20.88 40.06
N LYS E 91 49.89 21.57 38.94
CA LYS E 91 49.39 21.00 37.70
C LYS E 91 50.54 20.52 36.80
N TRP E 92 50.28 19.44 36.06
CA TRP E 92 51.31 18.92 35.16
C TRP E 92 50.96 19.00 33.68
N ARG E 93 50.06 18.16 33.16
CA ARG E 93 49.59 18.25 31.73
C ARG E 93 48.14 18.74 31.69
N GLY E 94 47.19 17.89 32.04
CA GLY E 94 45.79 18.35 32.20
C GLY E 94 45.23 17.96 33.57
N LYS E 95 46.01 17.33 34.46
CA LYS E 95 45.47 16.82 35.76
C LYS E 95 46.37 17.25 36.92
N PRO E 96 46.01 17.15 38.22
CA PRO E 96 46.96 17.54 39.28
C PRO E 96 47.83 16.43 39.85
N VAL E 97 48.51 16.73 40.97
CA VAL E 97 49.44 15.83 41.64
C VAL E 97 49.16 15.88 43.15
N PHE E 98 48.65 14.77 43.71
CA PHE E 98 48.29 14.64 45.13
C PHE E 98 49.50 14.78 46.04
N ILE E 99 49.23 14.85 47.35
CA ILE E 99 50.20 15.39 48.29
C ILE E 99 49.92 14.85 49.70
N ARG E 100 50.98 14.39 50.37
CA ARG E 100 50.96 14.08 51.79
C ARG E 100 52.38 14.01 52.31
N ARG E 101 52.60 14.59 53.50
CA ARG E 101 53.74 14.30 54.38
C ARG E 101 53.12 14.06 55.77
N ARG E 102 52.83 12.79 56.04
CA ARG E 102 51.98 12.50 57.19
C ARG E 102 52.80 12.32 58.46
N THR E 103 52.11 12.52 59.58
CA THR E 103 52.76 12.74 60.87
C THR E 103 53.08 11.42 61.56
N GLU E 104 53.58 11.54 62.80
CA GLU E 104 54.07 10.40 63.57
C GLU E 104 52.92 9.57 64.13
N ASP E 105 51.77 10.19 64.40
CA ASP E 105 50.58 9.41 64.72
C ASP E 105 50.05 8.62 63.53
N ASP E 106 50.42 9.02 62.31
CA ASP E 106 49.97 8.35 61.11
C ASP E 106 50.88 7.18 60.71
N ILE E 107 51.95 6.92 61.46
CA ILE E 107 52.78 5.75 61.21
C ILE E 107 52.04 4.48 61.66
N LYS E 108 51.24 4.55 62.73
CA LYS E 108 50.55 3.36 63.23
C LYS E 108 49.43 2.90 62.31
N LEU E 109 48.40 3.74 62.12
CA LEU E 109 47.13 3.29 61.55
C LEU E 109 47.17 3.00 60.04
N ALA E 110 48.39 3.12 59.51
CA ALA E 110 48.55 3.06 58.06
C ALA E 110 48.88 1.67 57.56
N ASN E 111 50.03 1.12 57.97
CA ASN E 111 50.53 -0.10 57.30
C ASN E 111 50.38 -1.39 58.10
N SER E 112 50.14 -1.34 59.40
CA SER E 112 50.10 -2.61 60.10
C SER E 112 48.70 -3.22 60.15
N VAL E 113 47.80 -2.79 59.26
CA VAL E 113 46.51 -3.45 59.14
C VAL E 113 46.61 -4.56 58.10
N ASP E 114 45.51 -5.30 57.93
CA ASP E 114 45.51 -6.58 57.22
C ASP E 114 45.89 -6.42 55.75
N VAL E 115 46.90 -7.19 55.34
CA VAL E 115 47.29 -7.25 53.93
C VAL E 115 46.36 -8.15 53.13
N GLY E 116 45.71 -9.13 53.77
CA GLY E 116 44.76 -9.99 53.09
C GLY E 116 43.39 -9.39 52.90
N SER E 117 43.13 -8.23 53.49
CA SER E 117 41.87 -7.53 53.34
C SER E 117 41.92 -6.43 52.28
N LEU E 118 43.00 -6.36 51.51
CA LEU E 118 43.16 -5.36 50.48
C LEU E 118 42.58 -5.85 49.17
N ARG E 119 42.03 -4.91 48.38
CA ARG E 119 41.56 -5.26 47.05
C ARG E 119 42.71 -5.68 46.15
N ASP E 120 43.88 -5.05 46.31
CA ASP E 120 45.14 -5.53 45.78
C ASP E 120 46.18 -5.45 46.90
N PRO E 121 46.79 -6.56 47.29
CA PRO E 121 47.72 -6.54 48.44
C PRO E 121 49.11 -6.12 48.01
N GLN E 122 49.60 -5.01 48.58
CA GLN E 122 50.99 -4.65 48.45
C GLN E 122 51.37 -3.80 49.66
N GLN E 123 52.61 -3.97 50.12
CA GLN E 123 53.23 -3.19 51.18
C GLN E 123 53.16 -1.68 50.93
N ASP E 124 53.08 -0.93 52.04
CA ASP E 124 53.15 0.52 52.00
C ASP E 124 54.55 1.00 51.62
N ALA E 125 55.56 0.17 51.88
CA ALA E 125 56.96 0.57 51.74
C ALA E 125 57.35 0.78 50.28
N GLU E 126 56.69 0.08 49.35
CA GLU E 126 57.00 0.24 47.95
C GLU E 126 56.25 1.42 47.33
N ARG E 127 55.03 1.71 47.80
CA ARG E 127 54.28 2.87 47.32
C ARG E 127 54.93 4.18 47.79
N VAL E 128 55.58 4.16 48.97
CA VAL E 128 56.36 5.30 49.42
C VAL E 128 57.75 5.19 48.84
N LYS E 129 58.38 6.35 48.65
CA LYS E 129 59.81 6.41 48.37
C LYS E 129 60.55 7.14 49.48
N ASN E 130 59.82 7.77 50.39
CA ASN E 130 60.27 8.48 51.57
C ASN E 130 59.58 7.84 52.76
N PRO E 131 60.21 7.86 53.94
CA PRO E 131 59.56 7.25 55.12
C PRO E 131 58.36 8.02 55.66
N GLU E 132 58.14 9.28 55.26
CA GLU E 132 56.98 10.04 55.73
C GLU E 132 56.23 10.80 54.64
N TRP E 133 56.85 11.02 53.49
CA TRP E 133 56.19 11.71 52.38
C TRP E 133 55.40 10.74 51.49
N LEU E 134 54.38 11.28 50.82
CA LEU E 134 53.64 10.59 49.75
C LEU E 134 53.04 11.66 48.84
N ILE E 135 53.61 11.82 47.65
CA ILE E 135 53.09 12.73 46.63
C ILE E 135 53.05 12.02 45.29
N VAL E 136 51.87 11.73 44.67
CA VAL E 136 51.77 10.95 43.39
C VAL E 136 50.59 11.45 42.55
N ILE E 137 50.67 11.43 41.19
CA ILE E 137 49.62 11.94 40.23
C ILE E 137 48.15 11.98 40.74
N GLY E 138 47.46 13.16 40.92
CA GLY E 138 46.21 13.26 41.65
C GLY E 138 44.93 12.97 40.90
N VAL E 139 44.77 11.74 40.42
CA VAL E 139 43.53 11.26 39.82
C VAL E 139 43.27 9.87 40.37
N CYS E 140 42.05 9.65 40.87
CA CYS E 140 41.69 8.36 41.42
C CYS E 140 41.59 7.32 40.30
N THR E 141 42.07 6.11 40.59
CA THR E 141 42.09 5.02 39.63
C THR E 141 40.69 4.45 39.36
N HIS E 142 39.69 4.89 40.13
CA HIS E 142 38.33 4.37 40.00
C HIS E 142 37.60 4.98 38.81
N LEU E 143 37.33 6.29 38.84
CA LEU E 143 36.54 6.90 37.78
C LEU E 143 37.09 8.23 37.27
N GLY E 144 38.38 8.49 37.42
CA GLY E 144 38.93 9.72 36.88
C GLY E 144 38.61 10.98 37.68
N CYS E 145 37.86 10.88 38.77
CA CYS E 145 37.59 12.02 39.62
C CYS E 145 38.77 12.28 40.53
N ILE E 146 39.09 13.54 40.77
CA ILE E 146 39.86 13.93 41.94
C ILE E 146 38.98 13.72 43.16
N PRO E 147 39.38 12.90 44.13
CA PRO E 147 38.61 12.82 45.38
C PRO E 147 38.78 14.06 46.24
N LEU E 148 37.94 14.16 47.28
CA LEU E 148 38.00 15.28 48.21
C LEU E 148 38.83 14.89 49.43
N PRO E 149 39.79 15.71 49.84
CA PRO E 149 40.46 15.49 51.13
C PRO E 149 39.58 15.96 52.29
N ASN E 150 40.13 15.79 53.50
CA ASN E 150 39.56 16.29 54.77
C ASN E 150 38.20 15.66 55.10
N ALA E 151 37.96 14.44 54.62
CA ALA E 151 36.71 13.71 54.90
C ALA E 151 36.92 12.24 54.61
N GLY E 152 35.88 11.45 54.86
CA GLY E 152 35.89 10.02 54.58
C GLY E 152 35.74 9.18 55.83
N ASP E 153 35.90 7.87 55.66
CA ASP E 153 35.88 6.91 56.75
C ASP E 153 37.20 6.86 57.52
N PHE E 154 38.20 7.61 57.07
CA PHE E 154 39.48 7.78 57.75
C PHE E 154 39.84 9.25 57.95
N GLY E 155 39.32 10.15 57.13
CA GLY E 155 39.97 11.40 56.86
C GLY E 155 40.81 11.38 55.59
N GLY E 156 40.61 10.40 54.73
CA GLY E 156 41.41 10.24 53.53
C GLY E 156 40.85 11.00 52.34
N TRP E 157 41.04 10.44 51.16
CA TRP E 157 40.54 11.07 49.94
C TRP E 157 39.15 10.54 49.59
N PHE E 158 38.14 11.15 50.23
CA PHE E 158 36.71 10.94 49.97
C PHE E 158 36.46 11.16 48.50
N CYS E 159 35.91 10.17 47.81
CA CYS E 159 35.42 10.43 46.46
C CYS E 159 33.94 10.12 46.40
N PRO E 160 33.08 11.14 46.32
CA PRO E 160 31.64 10.90 46.25
C PRO E 160 31.13 10.70 44.83
N CYS E 161 32.04 10.38 43.91
CA CYS E 161 31.66 10.08 42.54
C CYS E 161 30.87 8.78 42.45
N HIS E 162 31.47 7.68 42.89
CA HIS E 162 30.75 6.43 43.05
C HIS E 162 31.09 5.74 44.37
N GLY E 163 31.68 6.45 45.32
CA GLY E 163 31.90 5.89 46.63
C GLY E 163 33.22 5.16 46.83
N SER E 164 34.33 5.88 46.63
CA SER E 164 35.66 5.39 46.98
C SER E 164 36.08 6.05 48.29
N HIS E 165 36.07 5.27 49.36
CA HIS E 165 36.61 5.68 50.65
C HIS E 165 38.06 5.18 50.73
N TYR E 166 39.01 6.10 50.59
CA TYR E 166 40.44 5.79 50.68
C TYR E 166 40.92 5.85 52.12
N ASP E 167 42.22 5.59 52.22
CA ASP E 167 42.96 5.85 53.46
C ASP E 167 44.02 6.85 52.92
N ILE E 168 44.76 7.63 53.72
CA ILE E 168 45.73 8.65 53.34
C ILE E 168 46.98 8.03 52.72
N SER E 169 47.23 6.74 52.99
CA SER E 169 48.34 6.02 52.37
C SER E 169 48.15 5.86 50.88
N GLY E 170 46.91 5.81 50.42
CA GLY E 170 46.62 5.79 49.01
C GLY E 170 45.99 4.52 48.50
N ARG E 171 46.32 3.36 49.14
CA ARG E 171 45.75 2.02 48.76
C ARG E 171 44.31 1.91 49.29
N ILE E 172 43.36 1.39 48.52
CA ILE E 172 41.92 1.51 48.71
C ILE E 172 41.49 0.68 49.92
N ARG E 173 40.53 1.20 50.68
CA ARG E 173 39.89 0.51 51.79
C ARG E 173 38.56 -0.13 51.41
N LYS E 174 37.61 0.66 50.92
CA LYS E 174 36.24 0.23 50.66
C LYS E 174 35.77 0.92 49.40
N GLY E 175 35.70 0.18 48.30
CA GLY E 175 35.31 0.76 47.03
C GLY E 175 35.72 -0.10 45.84
N PRO E 176 35.29 0.29 44.65
CA PRO E 176 35.60 -0.49 43.45
C PRO E 176 36.82 -0.06 42.63
N ALA E 177 37.73 0.75 43.17
CA ALA E 177 38.92 1.16 42.41
C ALA E 177 39.85 -0.02 42.18
N PRO E 178 40.06 -0.46 40.94
CA PRO E 178 40.65 -1.79 40.70
C PRO E 178 42.14 -1.88 41.01
N TYR E 179 42.85 -0.76 41.11
CA TYR E 179 44.27 -0.75 41.36
C TYR E 179 44.56 0.11 42.59
N ASN E 180 45.84 0.17 42.93
CA ASN E 180 46.32 1.24 43.79
C ASN E 180 46.56 2.48 42.95
N LEU E 181 46.92 3.57 43.62
CA LEU E 181 47.17 4.82 42.92
C LEU E 181 48.52 4.70 42.23
N GLU E 182 48.69 5.44 41.13
CA GLU E 182 49.90 5.34 40.33
C GLU E 182 51.09 5.89 41.12
N VAL E 183 52.23 5.21 41.01
CA VAL E 183 53.43 5.64 41.71
C VAL E 183 54.53 6.05 40.72
N PRO E 184 54.77 7.35 40.54
CA PRO E 184 55.84 7.79 39.64
C PRO E 184 57.18 7.92 40.35
N THR E 185 58.21 8.39 39.66
CA THR E 185 59.58 8.38 40.16
C THR E 185 60.04 9.80 40.47
N TYR E 186 60.59 9.99 41.66
CA TYR E 186 61.00 11.29 42.18
C TYR E 186 61.84 11.09 43.44
N THR E 187 62.90 11.88 43.56
CA THR E 187 63.72 11.92 44.78
C THR E 187 64.20 13.37 44.94
N PHE E 188 64.90 13.63 46.04
CA PHE E 188 65.33 14.95 46.47
C PHE E 188 66.38 15.55 45.55
N LEU E 189 66.63 16.85 45.73
CA LEU E 189 67.90 17.44 45.29
C LEU E 189 68.81 17.67 46.49
N GLU E 190 68.41 18.54 47.41
CA GLU E 190 68.90 18.53 48.79
C GLU E 190 67.79 18.40 49.81
N GLU E 191 66.75 19.23 49.72
CA GLU E 191 65.95 19.46 50.91
C GLU E 191 64.48 19.07 50.84
N ASN E 192 63.68 19.71 49.99
CA ASN E 192 62.25 19.47 50.05
C ASN E 192 61.55 19.48 48.70
N LYS E 193 62.19 19.94 47.63
CA LYS E 193 61.59 19.97 46.31
C LYS E 193 61.90 18.66 45.60
N LEU E 194 60.87 17.86 45.37
CA LEU E 194 60.99 16.55 44.74
C LEU E 194 60.19 16.62 43.44
N LEU E 195 60.82 16.26 42.33
CA LEU E 195 60.37 16.75 41.03
C LEU E 195 59.35 15.83 40.37
N ILE E 196 58.31 16.45 39.80
CA ILE E 196 57.34 15.76 38.95
C ILE E 196 57.98 15.48 37.59
N GLN F 1 -1.25 24.44 -42.42
CA GLN F 1 -1.31 25.62 -43.27
C GLN F 1 -0.59 25.40 -44.60
N SER F 2 0.41 26.24 -44.88
CA SER F 2 1.06 26.27 -46.19
C SER F 2 2.53 25.94 -46.13
N PHE F 3 3.06 25.58 -44.95
CA PHE F 3 4.48 25.31 -44.75
C PHE F 3 4.68 23.89 -44.24
N ILE F 4 3.69 23.02 -44.43
CA ILE F 4 3.77 21.70 -43.86
C ILE F 4 3.41 20.66 -44.92
N ASP F 5 2.83 21.10 -46.02
CA ASP F 5 2.43 20.17 -47.07
C ASP F 5 3.63 19.77 -47.91
N PRO F 6 3.96 18.48 -48.01
CA PRO F 6 5.22 18.07 -48.64
C PRO F 6 5.19 18.01 -50.16
N LYS F 7 4.04 18.18 -50.81
CA LYS F 7 4.00 18.10 -52.27
C LYS F 7 3.94 19.51 -52.89
N LYS F 8 4.21 20.50 -52.05
CA LYS F 8 4.34 21.89 -52.47
C LYS F 8 5.64 22.46 -51.96
N ASN F 9 6.00 22.07 -50.73
CA ASN F 9 7.21 22.55 -50.09
C ASN F 9 8.34 21.55 -50.26
N TRP F 10 9.58 22.05 -50.25
CA TRP F 10 10.73 21.19 -50.36
C TRP F 10 11.33 20.80 -49.03
N PHE F 11 11.25 21.67 -48.02
CA PHE F 11 11.80 21.39 -46.71
C PHE F 11 10.83 20.63 -45.82
N ALA F 12 9.61 20.37 -46.30
CA ALA F 12 8.71 19.46 -45.63
C ALA F 12 8.72 18.07 -46.26
N ALA F 13 9.26 17.94 -47.46
CA ALA F 13 9.46 16.65 -48.10
C ALA F 13 10.82 16.06 -47.77
N GLN F 14 11.63 16.77 -46.99
CA GLN F 14 12.83 16.21 -46.38
C GLN F 14 12.68 15.99 -44.89
N HIS F 15 11.76 16.69 -44.23
CA HIS F 15 11.37 16.34 -42.87
C HIS F 15 10.49 15.11 -42.85
N MET F 16 9.82 14.83 -43.95
CA MET F 16 8.93 13.68 -44.03
C MET F 16 9.72 12.38 -44.18
N LYS F 17 10.74 12.38 -45.03
CA LYS F 17 11.52 11.18 -45.23
C LYS F 17 12.56 10.96 -44.15
N ALA F 18 12.78 11.93 -43.27
CA ALA F 18 13.65 11.71 -42.13
C ALA F 18 12.97 10.94 -41.03
N ILE F 19 11.68 11.18 -40.78
CA ILE F 19 10.92 10.39 -39.82
C ILE F 19 10.51 9.05 -40.41
N SER F 20 10.33 8.98 -41.72
CA SER F 20 10.00 7.72 -42.39
C SER F 20 11.17 6.76 -42.36
N LYS F 21 12.40 7.28 -42.46
CA LYS F 21 13.59 6.45 -42.38
C LYS F 21 13.79 5.89 -40.97
N ARG F 22 13.56 6.70 -39.96
CA ARG F 22 13.79 6.30 -38.58
C ARG F 22 12.71 5.41 -38.02
N LEU F 23 11.51 5.41 -38.61
CA LEU F 23 10.46 4.53 -38.13
C LEU F 23 10.60 3.12 -38.68
N ARG F 24 11.08 2.98 -39.92
CA ARG F 24 11.24 1.68 -40.57
C ARG F 24 12.24 0.76 -39.90
N ARG F 25 13.27 1.30 -39.26
CA ARG F 25 14.30 0.46 -38.69
C ARG F 25 13.86 -0.24 -37.43
N PHE F 26 12.85 0.29 -36.75
CA PHE F 26 12.23 -0.42 -35.65
C PHE F 26 10.92 -1.07 -36.05
N GLY F 27 10.46 -0.84 -37.28
CA GLY F 27 9.22 -1.41 -37.75
C GLY F 27 7.98 -0.82 -37.12
N LEU F 28 8.01 0.45 -36.78
CA LEU F 28 6.91 1.11 -36.11
C LEU F 28 6.11 1.96 -37.08
N ARG F 29 4.87 2.22 -36.71
CA ARG F 29 4.03 3.19 -37.37
C ARG F 29 3.98 4.45 -36.50
N TYR F 30 3.59 5.56 -37.12
CA TYR F 30 3.53 6.82 -36.41
C TYR F 30 2.48 6.84 -35.30
N ASP F 31 1.42 6.04 -35.41
CA ASP F 31 0.38 6.02 -34.39
C ASP F 31 0.74 5.16 -33.21
N ASP F 32 1.81 4.38 -33.28
CA ASP F 32 2.25 3.58 -32.13
C ASP F 32 2.93 4.42 -31.08
N LEU F 33 3.29 5.65 -31.40
CA LEU F 33 3.93 6.57 -30.48
C LEU F 33 2.95 7.29 -29.58
N TYR F 34 1.65 7.04 -29.74
CA TYR F 34 0.62 7.70 -28.95
C TYR F 34 0.34 6.88 -27.71
N ASP F 35 0.56 7.44 -26.58
CA ASP F 35 0.57 6.77 -25.30
C ASP F 35 -0.78 6.94 -24.62
N PRO F 36 -1.43 5.87 -24.13
CA PRO F 36 -2.67 6.06 -23.38
C PRO F 36 -2.48 6.64 -21.99
N TYR F 37 -1.24 6.79 -21.53
CA TYR F 37 -0.93 7.45 -20.28
C TYR F 37 -0.67 8.93 -20.44
N TYR F 38 -0.26 9.38 -21.63
CA TYR F 38 -0.11 10.79 -21.88
C TYR F 38 -1.45 11.48 -21.97
N ASP F 39 -2.33 10.98 -22.84
CA ASP F 39 -3.63 11.56 -23.09
C ASP F 39 -4.73 10.55 -22.87
N LEU F 40 -5.59 10.80 -21.89
CA LEU F 40 -6.72 9.95 -21.52
C LEU F 40 -7.73 9.74 -22.65
N ASP F 41 -7.78 10.65 -23.62
CA ASP F 41 -8.57 10.45 -24.83
C ASP F 41 -8.01 9.40 -25.78
N VAL F 42 -6.70 9.13 -25.74
CA VAL F 42 -6.12 8.08 -26.55
C VAL F 42 -6.48 6.73 -25.98
N LYS F 43 -6.70 6.66 -24.67
CA LYS F 43 -7.16 5.42 -24.03
C LYS F 43 -8.55 5.04 -24.48
N GLU F 44 -9.38 6.01 -24.81
CA GLU F 44 -10.77 5.75 -25.20
C GLU F 44 -10.88 5.38 -26.67
N ALA F 45 -10.03 5.97 -27.51
CA ALA F 45 -10.05 5.66 -28.92
C ALA F 45 -9.61 4.24 -29.21
N LEU F 46 -8.83 3.64 -28.32
CA LEU F 46 -8.34 2.27 -28.48
C LEU F 46 -9.30 1.22 -27.95
N ASN F 47 -10.24 1.60 -27.09
CA ASN F 47 -11.27 0.68 -26.62
C ASN F 47 -12.42 0.53 -27.59
N ARG F 48 -12.53 1.41 -28.58
CA ARG F 48 -13.59 1.34 -29.56
C ARG F 48 -13.13 0.67 -30.85
N LEU F 49 -11.89 0.22 -30.90
CA LEU F 49 -11.32 -0.39 -32.07
C LEU F 49 -11.43 -1.90 -31.96
N PRO F 50 -11.47 -2.62 -33.09
CA PRO F 50 -11.52 -4.08 -33.03
C PRO F 50 -10.29 -4.69 -32.41
N LYS F 51 -10.47 -5.86 -31.79
CA LYS F 51 -9.43 -6.54 -31.03
C LYS F 51 -8.23 -6.94 -31.89
N GLU F 52 -8.45 -7.24 -33.17
CA GLU F 52 -7.37 -7.63 -34.05
C GLU F 52 -6.49 -6.47 -34.48
N VAL F 53 -7.02 -5.24 -34.43
CA VAL F 53 -6.23 -4.06 -34.78
C VAL F 53 -5.37 -3.60 -33.62
N VAL F 54 -5.88 -3.69 -32.39
CA VAL F 54 -5.09 -3.35 -31.20
C VAL F 54 -4.04 -4.40 -30.89
N ASP F 55 -4.27 -5.67 -31.24
CA ASP F 55 -3.29 -6.73 -31.03
C ASP F 55 -2.09 -6.63 -31.94
N ALA F 56 -2.26 -6.13 -33.16
CA ALA F 56 -1.12 -5.92 -34.03
C ALA F 56 -0.27 -4.74 -33.58
N ARG F 57 -0.86 -3.79 -32.85
CA ARG F 57 -0.12 -2.66 -32.30
C ARG F 57 0.75 -3.10 -31.14
N HIS F 58 0.25 -3.96 -30.27
CA HIS F 58 1.01 -4.49 -29.14
C HIS F 58 2.15 -5.40 -29.56
N GLN F 59 2.09 -5.99 -30.75
CA GLN F 59 3.14 -6.84 -31.27
C GLN F 59 4.20 -6.09 -32.06
N ARG F 60 3.86 -4.96 -32.64
CA ARG F 60 4.84 -4.09 -33.23
C ARG F 60 5.65 -3.37 -32.17
N LEU F 61 5.04 -3.08 -31.03
CA LEU F 61 5.73 -2.41 -29.94
C LEU F 61 6.66 -3.34 -29.19
N LYS F 62 6.37 -4.63 -29.16
CA LYS F 62 7.23 -5.59 -28.47
C LYS F 62 8.42 -5.97 -29.34
N ARG F 63 8.23 -6.04 -30.65
CA ARG F 63 9.32 -6.30 -31.57
C ARG F 63 10.34 -5.18 -31.56
N ALA F 64 9.92 -3.95 -31.34
CA ALA F 64 10.80 -2.79 -31.36
C ALA F 64 11.50 -2.54 -30.03
N MET F 65 10.89 -2.88 -28.90
CA MET F 65 11.59 -2.81 -27.63
C MET F 65 12.63 -3.89 -27.48
N ASP F 66 12.53 -4.95 -28.29
CA ASP F 66 13.51 -6.02 -28.37
C ASP F 66 14.68 -5.68 -29.26
N LEU F 67 14.46 -4.88 -30.29
CA LEU F 67 15.54 -4.47 -31.18
C LEU F 67 16.43 -3.42 -30.57
N SER F 68 15.93 -2.61 -29.65
CA SER F 68 16.73 -1.56 -29.05
C SER F 68 17.46 -2.01 -27.80
N MET F 69 17.02 -3.09 -27.15
CA MET F 69 17.82 -3.71 -26.11
C MET F 69 19.05 -4.40 -26.69
N LYS F 70 18.92 -4.99 -27.87
CA LYS F 70 20.00 -5.72 -28.51
C LYS F 70 20.90 -4.84 -29.36
N HIS F 71 20.56 -3.56 -29.49
CA HIS F 71 21.27 -2.57 -30.31
C HIS F 71 21.38 -3.02 -31.76
N GLU F 72 20.23 -3.26 -32.40
CA GLU F 72 20.22 -3.60 -33.81
C GLU F 72 18.93 -3.14 -34.44
N TYR F 73 18.80 -3.38 -35.74
CA TYR F 73 17.70 -2.91 -36.55
C TYR F 73 17.02 -4.10 -37.20
N LEU F 74 15.91 -3.84 -37.87
CA LEU F 74 15.27 -4.87 -38.69
C LEU F 74 16.17 -5.18 -39.88
N PRO F 75 16.19 -6.43 -40.33
CA PRO F 75 16.95 -6.75 -41.55
C PRO F 75 16.27 -6.15 -42.76
N GLU F 76 17.03 -5.94 -43.82
CA GLU F 76 16.56 -5.13 -44.94
C GLU F 76 15.52 -5.86 -45.82
N ASP F 77 15.23 -7.10 -45.54
CA ASP F 77 14.12 -7.77 -46.21
C ASP F 77 12.86 -7.24 -45.58
N LEU F 78 12.83 -7.23 -44.28
CA LEU F 78 11.65 -6.80 -43.54
C LEU F 78 11.46 -5.30 -43.56
N GLN F 79 12.50 -4.52 -43.88
CA GLN F 79 12.37 -3.08 -43.90
C GLN F 79 11.70 -2.56 -45.14
N ALA F 80 11.72 -3.32 -46.23
CA ALA F 80 10.99 -2.93 -47.43
C ALA F 80 9.51 -3.28 -47.36
N MET F 81 9.08 -4.02 -46.35
CA MET F 81 7.69 -4.39 -46.17
C MET F 81 6.95 -3.51 -45.18
N GLN F 82 7.58 -2.45 -44.71
CA GLN F 82 7.01 -1.64 -43.65
C GLN F 82 6.27 -0.46 -44.23
N THR F 83 5.13 -0.14 -43.64
CA THR F 83 4.33 1.01 -43.98
C THR F 83 4.19 1.92 -42.77
N PRO F 84 5.08 2.88 -42.57
CA PRO F 84 4.74 3.99 -41.68
C PRO F 84 3.77 4.91 -42.41
N PHE F 85 3.09 5.75 -41.62
CA PHE F 85 2.07 6.72 -42.04
C PHE F 85 0.77 6.07 -42.52
N ARG F 86 0.66 4.74 -42.52
CA ARG F 86 -0.63 4.10 -42.67
C ARG F 86 -1.31 4.05 -41.31
N GLY F 87 -2.39 4.80 -41.14
CA GLY F 87 -2.95 5.08 -39.85
C GLY F 87 -4.11 4.17 -39.48
N TYR F 88 -4.36 4.11 -38.18
CA TYR F 88 -5.51 3.38 -37.67
C TYR F 88 -6.21 4.14 -36.54
N LEU F 89 -5.72 5.31 -36.14
CA LEU F 89 -6.12 5.92 -34.89
C LEU F 89 -6.65 7.35 -35.00
N GLN F 90 -6.34 8.08 -36.06
CA GLN F 90 -6.60 9.51 -36.09
C GLN F 90 -8.09 9.84 -36.21
N GLU F 91 -8.84 9.01 -36.94
CA GLU F 91 -10.26 9.27 -37.15
C GLU F 91 -11.10 8.97 -35.92
N MET F 92 -10.78 7.91 -35.19
CA MET F 92 -11.47 7.60 -33.96
C MET F 92 -11.12 8.58 -32.84
N LEU F 93 -9.91 9.11 -32.82
CA LEU F 93 -9.52 10.10 -31.82
C LEU F 93 -10.14 11.46 -32.09
N ALA F 94 -10.39 11.83 -33.34
CA ALA F 94 -11.09 13.07 -33.63
C ALA F 94 -12.56 12.98 -33.25
N LEU F 95 -13.14 11.79 -33.29
CA LEU F 95 -14.54 11.62 -32.93
C LEU F 95 -14.74 11.72 -31.42
N VAL F 96 -13.82 11.17 -30.63
CA VAL F 96 -13.89 11.25 -29.18
C VAL F 96 -13.72 12.68 -28.71
N LYS F 97 -12.88 13.46 -29.37
CA LYS F 97 -12.65 14.84 -29.02
C LYS F 97 -13.80 15.75 -29.45
N ARG F 98 -14.48 15.40 -30.53
CA ARG F 98 -15.64 16.15 -30.99
C ARG F 98 -16.84 15.93 -30.09
N GLU F 99 -16.99 14.75 -29.51
CA GLU F 99 -18.05 14.48 -28.56
C GLU F 99 -17.81 15.13 -27.22
N LYS F 100 -16.57 15.44 -26.89
CA LYS F 100 -16.25 16.09 -25.63
C LYS F 100 -16.42 17.59 -25.69
N ALA F 101 -16.24 18.17 -26.88
CA ALA F 101 -16.50 19.60 -27.06
C ALA F 101 -17.99 19.90 -27.10
N GLU F 102 -18.82 18.91 -27.39
CA GLU F 102 -20.26 19.07 -27.36
C GLU F 102 -20.83 18.91 -25.96
N ARG F 103 -20.27 18.03 -25.15
CA ARG F 103 -20.72 17.85 -23.78
C ARG F 103 -20.30 18.98 -22.85
N GLU F 104 -19.42 19.88 -23.29
CA GLU F 104 -19.00 21.00 -22.46
C GLU F 104 -19.72 22.29 -22.79
N SER F 105 -20.11 22.48 -24.05
CA SER F 105 -20.85 23.68 -24.43
C SER F 105 -22.28 23.63 -23.96
N LEU F 106 -22.75 22.46 -23.54
CA LEU F 106 -24.15 22.21 -23.25
C LEU F 106 -24.34 21.84 -21.79
N GLY F 107 -23.29 21.97 -21.00
CA GLY F 107 -23.29 21.47 -19.64
C GLY F 107 -23.12 19.96 -19.61
N GLY F 108 -22.74 19.46 -18.44
CA GLY F 108 -22.52 18.03 -18.35
C GLY F 108 -21.13 17.68 -17.90
N LEU F 109 -21.04 16.79 -16.95
CA LEU F 109 -19.81 16.34 -16.33
C LEU F 109 -18.97 15.54 -17.31
N PRO F 110 -17.64 15.53 -17.15
CA PRO F 110 -16.80 14.74 -18.04
C PRO F 110 -16.92 13.25 -17.73
N LEU F 111 -16.75 12.44 -18.78
CA LEU F 111 -16.95 11.00 -18.66
C LEU F 111 -15.79 10.31 -17.96
N TYR F 112 -14.57 10.82 -18.10
CA TYR F 112 -13.40 10.31 -17.39
C TYR F 112 -12.50 11.47 -17.01
N GLN F 113 -11.97 11.45 -15.80
CA GLN F 113 -11.09 12.49 -15.30
C GLN F 113 -9.73 11.91 -14.95
N ARG F 114 -8.72 12.77 -14.95
CA ARG F 114 -7.37 12.37 -14.58
C ARG F 114 -7.22 12.33 -13.05
N THR F 115 -6.54 11.30 -12.56
CA THR F 115 -6.19 11.17 -11.16
C THR F 115 -5.10 12.17 -10.79
N ILE F 116 -5.21 12.76 -9.60
CA ILE F 116 -4.28 13.80 -9.15
C ILE F 116 -3.11 13.20 -8.38
N PRO F 117 -1.88 13.23 -8.94
CA PRO F 117 -0.71 12.56 -8.38
C PRO F 117 0.11 13.44 -7.46
N LYS G 1 -3.01 -1.73 -14.56
CA LYS G 1 -1.77 -1.09 -14.14
C LYS G 1 -0.55 -1.65 -14.86
N GLY G 2 -0.56 -2.94 -15.17
CA GLY G 2 0.59 -3.55 -15.79
C GLY G 2 0.29 -4.74 -16.68
N PHE G 3 -0.96 -4.90 -17.14
CA PHE G 3 -1.30 -6.08 -17.90
C PHE G 3 -1.66 -5.75 -19.33
N VAL G 4 -0.94 -6.36 -20.25
CA VAL G 4 -1.25 -6.37 -21.68
C VAL G 4 -1.32 -7.84 -22.09
N PRO G 5 -2.49 -8.35 -22.44
CA PRO G 5 -2.58 -9.74 -22.92
C PRO G 5 -1.89 -9.91 -24.26
N MET G 6 -1.17 -11.02 -24.40
CA MET G 6 -0.14 -11.15 -25.41
C MET G 6 -0.15 -12.56 -25.98
N LYS G 7 0.56 -12.74 -27.09
CA LYS G 7 0.74 -14.06 -27.70
C LYS G 7 2.06 -14.08 -28.47
N ALA G 8 3.03 -14.88 -27.99
CA ALA G 8 4.35 -14.96 -28.59
C ALA G 8 5.04 -16.25 -28.15
N VAL G 9 6.11 -16.60 -28.85
CA VAL G 9 6.94 -17.76 -28.53
C VAL G 9 8.39 -17.29 -28.39
N THR G 10 9.03 -17.61 -27.26
CA THR G 10 10.44 -17.26 -27.02
C THR G 10 11.26 -18.50 -26.75
N TYR G 11 12.48 -18.52 -27.30
CA TYR G 11 13.49 -19.53 -27.03
C TYR G 11 14.69 -18.89 -26.35
N GLY G 12 15.36 -19.62 -25.48
CA GLY G 12 16.53 -19.08 -24.80
C GLY G 12 17.52 -20.15 -24.40
N LEU G 13 18.80 -19.80 -24.43
CA LEU G 13 19.91 -20.68 -24.08
C LEU G 13 20.33 -20.46 -22.62
N SER G 14 21.29 -21.21 -22.17
CA SER G 14 21.87 -21.08 -20.84
C SER G 14 23.05 -20.13 -20.87
N PRO G 15 23.36 -19.43 -19.77
CA PRO G 15 24.55 -18.57 -19.74
C PRO G 15 25.85 -19.30 -19.94
N PHE G 16 25.98 -20.52 -19.42
CA PHE G 16 27.20 -21.30 -19.54
C PHE G 16 27.17 -22.20 -20.78
N GLN G 17 26.78 -21.62 -21.91
CA GLN G 17 26.89 -22.30 -23.20
C GLN G 17 27.35 -21.34 -24.29
N GLN G 18 27.68 -20.09 -23.93
CA GLN G 18 27.96 -19.02 -24.88
C GLN G 18 29.31 -18.41 -24.55
N LYS G 19 29.77 -17.51 -25.43
CA LYS G 19 31.04 -16.81 -25.23
C LYS G 19 30.76 -15.39 -24.78
N ILE G 20 31.14 -15.08 -23.53
CA ILE G 20 30.68 -13.86 -22.87
C ILE G 20 31.43 -12.61 -23.34
N MET G 21 32.76 -12.62 -23.32
CA MET G 21 33.60 -11.47 -23.65
C MET G 21 33.88 -11.13 -25.12
N PRO G 22 34.19 -12.09 -26.07
CA PRO G 22 34.68 -11.69 -27.40
C PRO G 22 33.77 -10.85 -28.30
N GLY G 23 32.55 -10.56 -27.89
CA GLY G 23 31.66 -9.75 -28.71
C GLY G 23 31.81 -8.25 -28.52
N LEU G 24 32.97 -7.82 -28.03
CA LEU G 24 33.27 -6.40 -27.85
C LEU G 24 34.21 -5.89 -28.93
N TRP G 25 35.32 -6.59 -29.17
CA TRP G 25 36.28 -6.21 -30.21
C TRP G 25 35.99 -6.95 -31.51
N LYS G 26 34.74 -6.88 -31.96
CA LYS G 26 34.30 -7.79 -33.01
C LYS G 26 34.55 -7.17 -34.37
N ASP G 27 33.82 -6.09 -34.68
CA ASP G 27 34.06 -5.33 -35.95
C ASP G 27 34.20 -3.84 -35.63
N LEU G 28 35.14 -3.44 -34.79
CA LEU G 28 35.29 -2.05 -34.37
C LEU G 28 35.54 -1.01 -35.47
N PRO G 29 36.16 -1.32 -36.62
CA PRO G 29 36.07 -0.37 -37.74
C PRO G 29 34.66 -0.13 -38.25
N THR G 30 33.84 -1.17 -38.34
CA THR G 30 32.47 -1.01 -38.82
C THR G 30 31.61 -0.30 -37.78
N LYS G 31 31.87 -0.55 -36.51
CA LYS G 31 31.11 0.08 -35.43
C LYS G 31 31.39 1.58 -35.35
N ILE G 32 32.62 2.00 -35.64
CA ILE G 32 32.99 3.40 -35.54
C ILE G 32 32.39 4.22 -36.67
N HIS G 33 32.36 3.65 -37.88
CA HIS G 33 31.84 4.34 -39.05
C HIS G 33 30.33 4.58 -38.96
N HIS G 34 29.63 3.75 -38.19
CA HIS G 34 28.19 3.85 -38.07
C HIS G 34 27.82 4.98 -37.12
N LYS G 35 28.68 5.24 -36.13
CA LYS G 35 28.38 6.25 -35.13
C LYS G 35 28.71 7.65 -35.62
N VAL G 36 29.66 7.80 -36.55
CA VAL G 36 30.14 9.13 -36.89
C VAL G 36 29.55 9.61 -38.21
N SER G 37 28.94 8.72 -38.99
CA SER G 37 28.20 9.13 -40.17
C SER G 37 26.72 9.28 -39.86
N GLU G 38 26.36 9.24 -38.59
CA GLU G 38 24.99 9.43 -38.14
C GLU G 38 24.89 10.46 -37.04
N ASN G 39 26.02 10.89 -36.48
CA ASN G 39 26.04 11.90 -35.43
C ASN G 39 27.07 12.97 -35.76
N TRP G 40 26.95 13.56 -36.94
CA TRP G 40 27.93 14.58 -37.40
C TRP G 40 27.19 15.87 -37.63
N ILE G 41 25.94 15.96 -37.26
CA ILE G 41 25.24 17.27 -37.39
C ILE G 41 24.87 17.65 -35.99
N SER G 42 25.26 16.86 -35.03
CA SER G 42 24.87 17.10 -33.63
C SER G 42 26.14 17.51 -32.93
N ALA G 43 27.24 17.39 -33.60
CA ALA G 43 28.53 17.79 -33.05
C ALA G 43 28.93 19.04 -33.78
N THR G 44 28.49 19.30 -35.01
CA THR G 44 28.65 20.55 -35.76
C THR G 44 27.70 21.56 -35.17
N LEU G 45 26.70 21.14 -34.36
CA LEU G 45 25.87 22.07 -33.63
C LEU G 45 26.30 22.26 -32.18
N LEU G 46 27.26 21.48 -31.69
CA LEU G 46 27.76 21.64 -30.34
C LEU G 46 29.11 22.32 -30.27
N LEU G 47 30.01 22.02 -31.20
CA LEU G 47 31.35 22.61 -31.21
C LEU G 47 31.47 23.81 -32.14
N GLY G 48 30.61 23.90 -33.14
CA GLY G 48 30.58 24.98 -34.09
C GLY G 48 30.48 26.39 -33.51
N PRO G 49 29.46 26.68 -32.71
CA PRO G 49 29.37 28.02 -32.11
C PRO G 49 30.39 28.31 -31.02
N LEU G 50 31.18 27.31 -30.61
CA LEU G 50 32.21 27.52 -29.61
C LEU G 50 33.58 27.78 -30.20
N VAL G 51 33.92 27.11 -31.31
CA VAL G 51 35.14 27.39 -32.05
C VAL G 51 35.07 28.74 -32.76
N GLY G 52 33.88 29.16 -33.18
CA GLY G 52 33.74 30.42 -33.89
C GLY G 52 33.70 31.62 -32.97
N VAL G 53 33.29 31.44 -31.72
CA VAL G 53 33.29 32.53 -30.76
C VAL G 53 34.68 32.72 -30.16
N TYR G 54 35.39 31.63 -29.91
CA TYR G 54 36.76 31.72 -29.42
C TYR G 54 37.70 32.33 -30.45
N SER G 55 37.38 32.21 -31.73
CA SER G 55 38.18 32.87 -32.76
C SER G 55 37.93 34.37 -32.79
N TYR G 56 36.71 34.80 -32.46
CA TYR G 56 36.38 36.22 -32.46
C TYR G 56 37.06 36.94 -31.30
N VAL G 57 37.06 36.34 -30.12
CA VAL G 57 37.64 36.95 -28.92
C VAL G 57 39.16 37.07 -29.02
N GLN G 58 39.84 36.06 -29.55
CA GLN G 58 41.29 36.13 -29.69
C GLN G 58 41.76 37.10 -30.76
N ASN G 59 40.89 37.44 -31.71
CA ASN G 59 41.21 38.42 -32.73
C ASN G 59 40.90 39.84 -32.25
N TYR G 60 39.86 39.99 -31.44
CA TYR G 60 39.54 41.28 -30.84
C TYR G 60 40.61 41.71 -29.84
N GLN G 61 41.12 40.76 -29.06
CA GLN G 61 42.11 41.07 -28.04
C GLN G 61 43.52 41.20 -28.60
N GLU G 62 43.74 40.89 -29.88
CA GLU G 62 45.05 41.04 -30.49
C GLU G 62 45.09 42.28 -31.38
N LYS G 63 44.01 43.04 -31.41
CA LYS G 63 44.00 44.31 -32.12
C LYS G 63 43.79 45.49 -31.20
N GLU G 64 43.40 45.30 -29.94
CA GLU G 64 43.44 46.39 -28.98
C GLU G 64 44.67 46.30 -28.10
N LYS G 65 45.47 45.25 -28.26
CA LYS G 65 46.78 45.14 -27.62
C LYS G 65 47.87 45.77 -28.46
N LEU G 66 47.76 45.68 -29.78
CA LEU G 66 48.69 46.33 -30.70
C LEU G 66 48.30 47.76 -31.03
N SER G 67 47.20 48.27 -30.48
CA SER G 67 46.85 49.67 -30.66
C SER G 67 47.18 50.50 -29.43
N HIS G 68 47.57 49.88 -28.33
CA HIS G 68 48.00 50.59 -27.14
C HIS G 68 49.50 50.71 -27.04
N ARG G 69 50.25 50.04 -27.91
CA ARG G 69 51.70 50.05 -27.86
C ARG G 69 52.25 51.26 -28.60
N TYR G 70 53.24 51.90 -28.00
CA TYR G 70 53.82 53.10 -28.58
C TYR G 70 55.01 52.73 -29.45
N PRO H 1 81.75 31.80 -7.49
CA PRO H 1 80.52 31.22 -8.04
C PRO H 1 79.74 32.18 -8.94
N VAL H 2 80.01 32.15 -10.24
CA VAL H 2 79.20 32.92 -11.19
C VAL H 2 77.85 32.23 -11.35
N ASP H 3 76.81 33.04 -11.54
CA ASP H 3 75.45 32.52 -11.47
C ASP H 3 75.11 31.72 -12.71
N GLN H 4 74.50 30.54 -12.51
CA GLN H 4 74.20 29.66 -13.63
C GLN H 4 73.10 30.22 -14.52
N LYS H 5 72.14 30.95 -13.93
CA LYS H 5 71.02 31.47 -14.70
C LYS H 5 71.48 32.61 -15.60
N LYS H 6 72.24 33.56 -15.05
CA LYS H 6 72.70 34.70 -15.83
C LYS H 6 73.76 34.28 -16.84
N TYR H 7 74.46 33.18 -16.58
CA TYR H 7 75.31 32.54 -17.57
C TYR H 7 74.48 32.08 -18.77
N LEU H 8 73.36 31.40 -18.49
CA LEU H 8 72.51 30.89 -19.55
C LEU H 8 71.73 32.01 -20.24
N GLU H 9 71.38 33.05 -19.49
CA GLU H 9 70.62 34.16 -20.05
C GLU H 9 71.44 35.01 -21.01
N GLU H 10 72.69 34.63 -21.09
CA GLU H 10 73.61 35.34 -21.97
C GLU H 10 73.80 34.44 -23.20
N SER H 11 73.67 33.14 -22.99
CA SER H 11 73.90 32.19 -24.10
C SER H 11 72.59 31.78 -24.76
N CYS H 12 71.53 32.55 -24.56
CA CYS H 12 70.21 32.27 -25.18
C CYS H 12 69.86 33.44 -26.07
N LYS H 13 70.70 34.49 -26.04
CA LYS H 13 70.40 35.63 -26.96
C LYS H 13 70.65 35.30 -28.44
N PRO H 14 71.57 34.44 -28.87
CA PRO H 14 71.64 34.11 -30.29
C PRO H 14 70.54 33.16 -30.71
N LYS H 15 69.36 33.19 -30.09
CA LYS H 15 68.22 32.41 -30.55
C LYS H 15 66.99 33.29 -30.63
N CYS H 16 67.10 34.53 -30.17
CA CYS H 16 65.98 35.45 -30.13
C CYS H 16 66.38 36.84 -30.60
N VAL H 17 67.02 36.88 -31.77
CA VAL H 17 67.50 38.11 -32.38
C VAL H 17 66.38 38.99 -32.91
N LYS H 18 65.15 38.49 -32.94
CA LYS H 18 64.01 39.20 -33.52
C LYS H 18 63.24 40.00 -32.48
N ALA H 19 62.92 39.40 -31.33
CA ALA H 19 62.25 40.12 -30.26
C ALA H 19 63.13 41.18 -29.61
N LEU H 20 64.45 41.08 -29.77
CA LEU H 20 65.37 42.09 -29.28
C LEU H 20 65.41 43.30 -30.20
N LEU H 21 65.43 43.05 -31.51
CA LEU H 21 65.48 44.09 -32.54
C LEU H 21 64.18 44.89 -32.56
N GLU H 22 63.09 44.32 -32.09
CA GLU H 22 61.85 45.05 -31.95
C GLU H 22 61.78 45.86 -30.67
N TYR H 23 62.67 45.58 -29.71
CA TYR H 23 62.75 46.42 -28.51
C TYR H 23 63.67 47.60 -28.74
N GLN H 24 64.72 47.42 -29.54
CA GLN H 24 65.66 48.50 -29.85
C GLN H 24 64.98 49.59 -30.67
N ALA H 25 64.06 49.21 -31.54
CA ALA H 25 63.34 50.18 -32.36
C ALA H 25 62.33 50.98 -31.56
N CYS H 26 61.90 50.47 -30.40
CA CYS H 26 60.94 51.19 -29.58
C CYS H 26 61.56 52.35 -28.81
N VAL H 27 62.81 52.22 -28.37
CA VAL H 27 63.44 53.30 -27.63
C VAL H 27 63.86 54.43 -28.58
N LYS H 28 63.98 54.15 -29.87
CA LYS H 28 64.14 55.20 -30.87
C LYS H 28 62.88 56.06 -30.99
N ARG H 29 61.72 55.41 -31.00
CA ARG H 29 60.47 56.14 -31.21
C ARG H 29 60.07 56.98 -30.00
N ILE H 30 60.67 56.73 -28.84
CA ILE H 30 60.41 57.54 -27.66
C ILE H 30 61.68 58.26 -27.20
N GLN H 31 62.70 58.30 -28.05
CA GLN H 31 63.89 59.07 -27.74
C GLN H 31 63.61 60.56 -27.83
N GLY H 32 64.03 61.30 -26.81
CA GLY H 32 63.70 62.70 -26.72
C GLY H 32 62.22 62.89 -26.50
N ASP H 33 61.68 62.30 -25.42
CA ASP H 33 60.25 62.32 -25.16
C ASP H 33 59.78 63.72 -24.82
N GLU H 34 58.48 63.97 -25.03
CA GLU H 34 57.88 65.28 -24.83
C GLU H 34 57.12 65.38 -23.51
N THR H 35 56.26 64.41 -23.22
CA THR H 35 55.29 64.52 -22.15
C THR H 35 55.38 63.38 -21.13
N GLY H 36 56.35 62.50 -21.27
CA GLY H 36 56.23 61.21 -20.61
C GLY H 36 55.25 60.36 -21.38
N ASN H 37 54.55 59.48 -20.67
CA ASN H 37 53.40 58.71 -21.15
C ASN H 37 53.69 57.79 -22.34
N LYS H 38 54.95 57.56 -22.68
CA LYS H 38 55.32 56.76 -23.84
C LYS H 38 56.43 55.81 -23.43
N HIS H 39 56.05 54.60 -23.03
CA HIS H 39 56.99 53.59 -22.56
C HIS H 39 57.15 52.48 -23.61
N CYS H 40 57.97 51.50 -23.25
CA CYS H 40 58.12 50.31 -24.09
C CYS H 40 57.90 49.05 -23.27
N THR H 41 56.83 49.02 -22.49
CA THR H 41 56.54 47.89 -21.61
C THR H 41 56.17 46.64 -22.39
N GLY H 42 55.48 46.79 -23.51
CA GLY H 42 55.01 45.66 -24.28
C GLY H 42 56.10 44.86 -24.96
N GLN H 43 56.99 45.55 -25.67
CA GLN H 43 58.11 44.89 -26.33
C GLN H 43 59.18 44.44 -25.35
N TYR H 44 59.17 44.97 -24.13
CA TYR H 44 60.01 44.44 -23.06
C TYR H 44 59.49 43.10 -22.56
N PHE H 45 58.16 42.96 -22.44
CA PHE H 45 57.55 41.72 -21.96
C PHE H 45 57.54 40.64 -23.02
N ASP H 46 57.76 41.02 -24.28
CA ASP H 46 57.88 40.05 -25.36
C ASP H 46 59.27 39.48 -25.50
N TYR H 47 60.30 40.19 -25.06
CA TYR H 47 61.67 39.73 -25.17
C TYR H 47 62.08 38.83 -24.00
N TRP H 48 61.59 39.10 -22.80
CA TRP H 48 61.93 38.30 -21.65
C TRP H 48 61.05 37.07 -21.50
N SER H 49 60.08 36.89 -22.38
CA SER H 49 59.30 35.66 -22.42
C SER H 49 59.94 34.63 -23.34
N CYS H 50 60.56 35.11 -24.40
CA CYS H 50 61.60 34.37 -25.12
C CYS H 50 62.71 33.83 -24.24
N ILE H 51 63.40 34.71 -23.52
CA ILE H 51 64.62 34.34 -22.80
C ILE H 51 64.30 33.40 -21.65
N ASP H 52 63.16 33.63 -20.98
CA ASP H 52 62.75 32.75 -19.89
C ASP H 52 62.36 31.35 -20.35
N LYS H 53 62.13 31.14 -21.65
CA LYS H 53 61.68 29.82 -22.07
C LYS H 53 62.83 28.85 -22.33
N CYS H 54 63.99 29.29 -22.78
CA CYS H 54 65.08 28.32 -22.96
C CYS H 54 65.71 27.97 -21.63
N VAL H 55 65.85 28.96 -20.75
CA VAL H 55 66.59 28.78 -19.51
C VAL H 55 65.85 27.86 -18.56
N ALA H 56 64.51 27.78 -18.66
CA ALA H 56 63.74 26.84 -17.85
C ALA H 56 64.03 25.40 -18.26
N GLN H 57 64.44 25.18 -19.50
CA GLN H 57 64.73 23.84 -19.97
C GLN H 57 66.04 23.30 -19.41
N LYS H 58 67.03 24.17 -19.21
CA LYS H 58 68.41 23.74 -18.99
C LYS H 58 68.97 24.09 -17.63
N LEU H 59 68.27 24.88 -16.82
CA LEU H 59 68.86 25.36 -15.56
C LEU H 59 68.92 24.27 -14.52
N PHE H 60 67.82 23.53 -14.33
CA PHE H 60 67.70 22.63 -13.20
C PHE H 60 68.60 21.41 -13.31
N SER H 61 69.16 21.14 -14.49
CA SER H 61 70.15 20.09 -14.66
C SER H 61 71.58 20.60 -14.44
N LYS H 62 71.72 21.84 -14.00
CA LYS H 62 73.02 22.41 -13.68
C LYS H 62 73.13 22.77 -12.21
N LEU H 63 72.06 22.58 -11.46
CA LEU H 63 72.02 22.89 -10.04
C LEU H 63 72.05 21.59 -9.24
N LYS H 64 72.77 21.62 -8.13
CA LYS H 64 72.91 20.43 -7.30
C LYS H 64 71.68 20.26 -6.39
N GLY I 1 43.40 -27.29 -18.14
CA GLY I 1 42.07 -26.93 -17.66
C GLY I 1 41.67 -27.68 -16.41
N GLY I 2 42.51 -28.63 -15.99
CA GLY I 2 42.21 -29.48 -14.86
C GLY I 2 42.34 -28.83 -13.50
N ILE I 3 42.89 -27.63 -13.43
CA ILE I 3 42.91 -26.92 -12.16
C ILE I 3 41.58 -26.22 -11.91
N PHE I 4 40.76 -26.05 -12.95
CA PHE I 4 39.51 -25.34 -12.75
C PHE I 4 38.44 -26.21 -12.09
N GLU I 5 38.39 -27.52 -12.36
CA GLU I 5 37.41 -28.32 -11.63
C GLU I 5 37.93 -28.63 -10.24
N ALA I 6 39.26 -28.76 -10.10
CA ALA I 6 39.88 -29.16 -8.85
C ALA I 6 39.85 -28.05 -7.81
N LEU I 7 39.84 -26.80 -8.25
CA LEU I 7 39.76 -25.72 -7.28
C LEU I 7 38.33 -25.52 -6.79
N TYR I 8 37.34 -25.85 -7.62
CA TYR I 8 35.94 -25.85 -7.17
C TYR I 8 35.60 -27.17 -6.48
N LYS I 9 36.45 -28.19 -6.66
CA LYS I 9 36.28 -29.51 -6.04
C LYS I 9 36.30 -29.46 -4.52
N VAL I 10 37.08 -28.57 -3.94
CA VAL I 10 37.47 -28.67 -2.53
C VAL I 10 36.73 -27.66 -1.65
N LEU I 11 36.54 -26.42 -2.11
CA LEU I 11 36.29 -25.32 -1.19
C LEU I 11 34.83 -24.90 -1.10
N MET I 12 34.30 -24.28 -2.19
CA MET I 12 32.93 -23.68 -2.16
C MET I 12 31.80 -24.60 -2.68
N ARG I 13 31.45 -25.67 -1.97
CA ARG I 13 30.13 -26.33 -2.13
C ARG I 13 29.55 -25.90 -0.79
N ARG I 14 30.21 -24.94 -0.13
CA ARG I 14 29.90 -24.56 1.27
C ARG I 14 29.89 -23.02 1.40
N ASN I 15 29.27 -22.41 2.44
CA ASN I 15 29.15 -20.91 2.38
C ASN I 15 29.77 -20.15 3.54
N SER I 16 30.72 -20.74 4.22
CA SER I 16 31.34 -20.13 5.42
C SER I 16 32.82 -20.26 5.13
N VAL I 17 33.19 -21.33 4.43
CA VAL I 17 34.57 -21.53 3.93
C VAL I 17 34.73 -20.39 2.94
N TYR I 18 33.78 -20.28 2.00
CA TYR I 18 33.81 -19.20 0.98
C TYR I 18 34.11 -17.87 1.67
N VAL I 19 33.29 -17.47 2.65
CA VAL I 19 33.66 -16.21 3.36
C VAL I 19 35.05 -16.29 4.02
N THR I 20 35.73 -17.45 4.10
CA THR I 20 37.08 -17.35 4.61
C THR I 20 37.97 -16.86 3.48
N PHE I 21 37.73 -17.41 2.28
CA PHE I 21 38.56 -17.20 1.11
C PHE I 21 38.52 -15.77 0.60
N VAL I 22 37.41 -15.06 0.78
CA VAL I 22 37.32 -13.67 0.32
C VAL I 22 37.83 -12.71 1.37
N ILE I 23 37.80 -13.10 2.65
CA ILE I 23 38.41 -12.25 3.67
C ILE I 23 39.91 -12.50 3.74
N ALA I 24 40.30 -13.78 3.86
CA ALA I 24 41.72 -14.09 3.91
C ALA I 24 42.41 -13.91 2.55
N GLY I 25 41.67 -13.94 1.45
CA GLY I 25 42.30 -13.59 0.18
C GLY I 25 42.37 -12.11 -0.04
N ALA I 26 41.64 -11.34 0.76
CA ALA I 26 41.77 -9.88 0.68
C ALA I 26 43.07 -9.38 1.32
N PHE I 27 43.70 -10.21 2.18
CA PHE I 27 44.92 -9.88 2.89
C PHE I 27 46.19 -10.20 2.10
N VAL I 28 46.26 -11.39 1.51
CA VAL I 28 47.47 -11.77 0.78
C VAL I 28 47.56 -10.90 -0.45
N GLY I 29 46.40 -10.54 -1.00
CA GLY I 29 46.39 -9.60 -2.10
C GLY I 29 46.71 -8.16 -1.73
N GLU I 30 46.31 -7.72 -0.52
CA GLU I 30 46.60 -6.35 -0.12
C GLU I 30 48.08 -6.20 0.24
N ARG I 31 48.71 -7.26 0.75
CA ARG I 31 50.15 -7.29 1.00
C ARG I 31 50.97 -7.60 -0.25
N ALA I 32 50.41 -8.25 -1.25
CA ALA I 32 51.15 -8.38 -2.50
C ALA I 32 51.20 -7.10 -3.30
N VAL I 33 50.28 -6.17 -3.09
CA VAL I 33 50.27 -4.94 -3.86
C VAL I 33 50.92 -3.79 -3.11
N ASP I 34 50.84 -3.79 -1.77
CA ASP I 34 51.54 -2.81 -0.96
C ASP I 34 53.04 -3.02 -1.00
N TYR I 35 53.50 -4.25 -1.22
CA TYR I 35 54.91 -4.56 -1.39
C TYR I 35 55.47 -4.06 -2.72
N GLY I 36 54.68 -4.04 -3.78
CA GLY I 36 55.19 -3.68 -5.08
C GLY I 36 55.17 -2.19 -5.33
N VAL I 37 54.23 -1.51 -4.69
CA VAL I 37 54.22 -0.06 -4.72
C VAL I 37 55.36 0.48 -3.85
N HIS I 38 55.64 -0.17 -2.73
CA HIS I 38 56.75 0.21 -1.86
C HIS I 38 58.11 -0.22 -2.36
N LYS I 39 58.23 -0.92 -3.48
CA LYS I 39 59.54 -1.12 -4.11
C LYS I 39 59.69 -0.45 -5.45
N LEU I 40 58.61 -0.05 -6.10
CA LEU I 40 58.74 0.82 -7.26
C LEU I 40 58.95 2.27 -6.85
N TRP I 41 58.64 2.61 -5.60
CA TRP I 41 58.86 3.95 -5.07
C TRP I 41 60.34 4.20 -4.78
N GLU I 42 61.00 3.26 -4.09
CA GLU I 42 62.38 3.51 -3.67
C GLU I 42 63.37 3.09 -4.75
N HIS I 43 62.92 3.06 -6.00
CA HIS I 43 63.77 2.70 -7.11
C HIS I 43 63.72 3.83 -8.12
N ASN I 44 62.66 4.63 -8.04
CA ASN I 44 62.56 5.84 -8.83
C ASN I 44 63.24 7.02 -8.12
N ASN I 45 63.44 6.92 -6.81
CA ASN I 45 64.01 8.00 -6.01
C ASN I 45 65.21 7.46 -5.23
N VAL I 46 66.39 7.45 -5.84
CA VAL I 46 67.62 7.07 -5.18
C VAL I 46 68.42 8.34 -4.90
N GLY I 47 68.89 8.48 -3.66
CA GLY I 47 69.61 9.65 -3.25
C GLY I 47 68.75 10.78 -2.76
N LYS I 48 67.45 10.54 -2.57
CA LYS I 48 66.51 11.59 -2.21
C LYS I 48 65.80 11.31 -0.90
N ARG I 49 66.11 10.23 -0.21
CA ARG I 49 65.42 9.92 1.02
C ARG I 49 65.99 10.71 2.18
N TYR I 50 65.48 10.44 3.37
CA TYR I 50 65.94 11.11 4.57
C TYR I 50 67.23 10.50 5.11
N GLU I 51 67.42 9.20 4.94
CA GLU I 51 68.65 8.56 5.39
C GLU I 51 69.80 8.73 4.42
N ASP I 52 69.61 9.48 3.34
CA ASP I 52 70.67 9.73 2.38
C ASP I 52 71.24 11.14 2.52
N ILE I 53 71.11 11.72 3.71
CA ILE I 53 71.61 13.05 4.02
C ILE I 53 73.01 12.89 4.59
N SER I 54 73.99 13.49 3.92
CA SER I 54 75.39 13.24 4.25
C SER I 54 75.81 13.90 5.56
N VAL I 55 75.09 14.92 6.01
CA VAL I 55 75.45 15.67 7.20
C VAL I 55 74.42 15.46 8.30
N LEU I 56 73.81 14.28 8.37
CA LEU I 56 72.64 14.06 9.20
C LEU I 56 72.94 14.18 10.68
N GLY I 57 73.87 13.38 11.18
CA GLY I 57 74.24 13.40 12.59
C GLY I 57 74.81 14.71 13.11
N GLN I 58 75.44 15.52 12.25
CA GLN I 58 76.27 16.63 12.69
C GLN I 58 75.62 17.96 12.35
N ARG I 59 74.99 18.58 13.35
CA ARG I 59 74.62 19.98 13.20
C ARG I 59 75.60 20.86 13.95
N GLN I 60 75.67 20.67 15.28
CA GLN I 60 76.46 21.48 16.22
C GLN I 60 76.37 22.99 16.00
N ILE J 1 19.84 -28.98 11.35
CA ILE J 1 19.48 -29.64 12.59
C ILE J 1 20.86 -29.75 13.27
N GLN J 2 21.50 -30.89 12.96
CA GLN J 2 22.89 -31.27 13.10
C GLN J 2 23.71 -30.73 11.92
N PRO J 3 23.21 -30.67 10.67
CA PRO J 3 23.88 -29.81 9.70
C PRO J 3 23.90 -28.34 10.09
N THR J 4 22.80 -27.78 10.60
CA THR J 4 22.74 -26.36 10.94
C THR J 4 23.59 -26.04 12.17
N ASP J 5 23.91 -27.07 12.99
CA ASP J 5 24.86 -26.92 14.07
C ASP J 5 26.24 -26.56 13.53
N VAL J 6 26.80 -27.58 12.85
CA VAL J 6 28.16 -27.45 12.28
C VAL J 6 28.17 -26.29 11.30
N LYS J 7 27.06 -26.04 10.62
CA LYS J 7 27.02 -24.97 9.58
C LYS J 7 26.86 -23.68 10.35
N ALA J 8 26.70 -23.79 11.67
CA ALA J 8 26.70 -22.55 12.49
C ALA J 8 28.15 -22.39 12.91
N ALA J 9 28.85 -23.51 12.96
CA ALA J 9 30.23 -23.54 13.50
C ALA J 9 31.29 -23.10 12.48
N ALA J 10 31.18 -23.59 11.24
CA ALA J 10 32.07 -23.17 10.15
C ALA J 10 32.12 -21.64 9.96
N MET J 11 31.00 -20.92 10.08
CA MET J 11 31.10 -19.46 9.85
C MET J 11 31.17 -18.78 11.22
N TRP J 12 31.16 -19.57 12.31
CA TRP J 12 31.40 -19.01 13.67
C TRP J 12 32.91 -18.99 13.84
N GLY J 13 33.61 -19.87 13.11
CA GLY J 13 35.07 -19.84 13.05
C GLY J 13 35.50 -18.95 11.90
N VAL J 14 34.56 -18.24 11.26
CA VAL J 14 34.94 -17.24 10.22
C VAL J 14 35.08 -15.88 10.94
N ALA J 15 34.07 -15.51 11.72
CA ALA J 15 34.13 -14.26 12.51
C ALA J 15 35.44 -14.28 13.26
N ALA J 16 35.64 -15.32 14.08
CA ALA J 16 36.85 -15.45 14.92
C ALA J 16 38.06 -15.18 14.06
N ALA J 17 38.05 -15.74 12.85
CA ALA J 17 39.29 -15.63 12.08
C ALA J 17 39.03 -14.64 10.94
N THR J 18 38.06 -13.70 11.16
CA THR J 18 37.75 -12.57 10.23
C THR J 18 37.85 -11.25 11.01
N GLY J 19 37.67 -11.31 12.33
CA GLY J 19 37.98 -10.14 13.17
C GLY J 19 39.36 -10.49 13.70
N GLY J 20 39.84 -11.68 13.42
CA GLY J 20 41.24 -11.94 13.76
C GLY J 20 41.95 -11.62 12.46
N LEU J 21 41.32 -10.74 11.67
CA LEU J 21 41.78 -10.48 10.27
C LEU J 21 41.49 -9.03 9.88
N TYR J 22 41.28 -8.17 10.88
CA TYR J 22 41.11 -6.71 10.58
C TYR J 22 41.80 -5.86 11.65
N LEU J 23 42.30 -6.45 12.77
CA LEU J 23 42.82 -5.48 13.74
C LEU J 23 44.28 -5.82 14.08
N ILE J 24 44.61 -6.84 14.92
CA ILE J 24 46.00 -7.32 15.18
C ILE J 24 46.43 -7.87 13.82
N GLN J 25 47.69 -7.68 13.34
CA GLN J 25 47.81 -8.05 11.91
C GLN J 25 49.20 -8.63 11.62
N PRO J 26 49.52 -9.87 12.06
CA PRO J 26 50.77 -10.50 11.68
C PRO J 26 50.62 -10.56 10.15
N TRP J 27 51.45 -9.84 9.40
CA TRP J 27 51.19 -9.69 7.93
C TRP J 27 52.18 -10.39 6.99
N GLY J 28 53.28 -10.98 7.49
CA GLY J 28 54.00 -11.74 6.48
C GLY J 28 53.33 -13.00 6.00
N TRP J 29 52.50 -13.64 6.84
CA TRP J 29 51.95 -14.94 6.49
C TRP J 29 50.63 -14.83 5.72
N ALA K 1 -45.41 36.58 -3.61
CA ALA K 1 -46.52 35.77 -4.09
C ALA K 1 -47.42 35.36 -2.92
N PRO K 2 -48.74 35.38 -3.14
CA PRO K 2 -49.67 35.06 -2.06
C PRO K 2 -49.64 33.58 -1.72
N PRO K 3 -50.17 33.20 -0.53
CA PRO K 3 -50.37 31.78 -0.24
C PRO K 3 -51.34 31.12 -1.21
N LEU K 4 -51.35 29.81 -1.32
CA LEU K 4 -51.99 29.10 -2.43
C LEU K 4 -53.48 28.98 -2.22
N ASP K 5 -54.01 29.55 -1.17
CA ASP K 5 -55.48 29.68 -0.94
C ASP K 5 -56.00 30.94 -1.60
N PHE K 6 -55.14 31.86 -2.05
CA PHE K 6 -55.54 33.13 -2.63
C PHE K 6 -55.06 33.21 -4.07
N PRO K 7 -55.91 33.66 -5.00
CA PRO K 7 -55.52 33.66 -6.42
C PRO K 7 -54.45 34.70 -6.73
N LEU K 8 -53.62 34.37 -7.70
CA LEU K 8 -52.60 35.30 -8.18
C LEU K 8 -53.24 36.34 -9.09
N PRO K 9 -52.86 37.61 -8.95
CA PRO K 9 -53.56 38.68 -9.68
C PRO K 9 -53.40 38.74 -11.19
N GLY K 10 -52.17 38.88 -11.67
CA GLY K 10 -51.98 39.35 -13.04
C GLY K 10 -51.75 38.33 -14.12
N VAL K 11 -52.69 37.41 -14.34
CA VAL K 11 -52.50 36.32 -15.31
C VAL K 11 -53.74 36.24 -16.21
N THR K 12 -53.51 35.99 -17.49
CA THR K 12 -54.60 35.79 -18.43
C THR K 12 -55.16 34.38 -18.32
N LEU K 13 -56.48 34.26 -18.41
CA LEU K 13 -57.16 32.98 -18.29
C LEU K 13 -57.85 32.67 -19.63
N PRO K 14 -57.60 31.49 -20.22
CA PRO K 14 -58.30 31.11 -21.45
C PRO K 14 -59.79 30.92 -21.23
N SER K 15 -60.60 31.19 -22.23
CA SER K 15 -62.05 30.98 -22.07
C SER K 15 -62.37 29.49 -22.18
N PRO K 16 -63.21 28.96 -21.30
CA PRO K 16 -63.39 27.50 -21.22
C PRO K 16 -64.14 26.92 -22.39
N LEU K 17 -64.08 25.62 -22.51
CA LEU K 17 -64.72 24.73 -23.47
C LEU K 17 -66.19 24.55 -23.09
N PRO K 18 -67.07 24.23 -24.04
CA PRO K 18 -68.46 23.93 -23.68
C PRO K 18 -68.60 22.59 -22.98
N ASP K 19 -69.79 22.28 -22.50
CA ASP K 19 -70.01 21.04 -21.80
C ASP K 19 -70.18 19.83 -22.72
N HIS K 20 -70.41 20.05 -24.01
CA HIS K 20 -70.54 18.96 -24.98
C HIS K 20 -69.63 19.26 -26.15
N VAL K 21 -68.43 18.71 -26.13
CA VAL K 21 -67.52 18.81 -27.27
C VAL K 21 -67.76 17.61 -28.17
N ALA K 22 -68.01 17.88 -29.46
CA ALA K 22 -68.32 16.81 -30.40
C ALA K 22 -67.05 16.04 -30.78
N PRO K 23 -67.07 14.72 -30.73
CA PRO K 23 -65.85 13.94 -30.98
C PRO K 23 -65.49 13.91 -32.46
N GLY K 24 -64.20 13.73 -32.72
CA GLY K 24 -63.68 13.70 -34.07
C GLY K 24 -63.63 12.30 -34.64
N LYS K 25 -63.50 12.22 -35.95
CA LYS K 25 -63.44 10.95 -36.64
C LYS K 25 -62.02 10.74 -37.18
N THR K 26 -61.59 9.47 -37.22
CA THR K 26 -60.25 9.13 -37.65
C THR K 26 -60.08 9.34 -39.15
N ILE K 27 -59.02 10.05 -39.54
CA ILE K 27 -58.74 10.34 -40.93
C ILE K 27 -57.48 9.57 -41.32
N VAL K 28 -57.58 8.77 -42.39
CA VAL K 28 -56.49 7.91 -42.86
C VAL K 28 -56.08 8.38 -44.24
N THR K 29 -54.77 8.48 -44.48
CA THR K 29 -54.20 8.92 -45.73
C THR K 29 -53.10 7.97 -46.17
N THR K 30 -53.19 7.48 -47.41
CA THR K 30 -52.20 6.58 -47.96
C THR K 30 -51.34 7.32 -48.98
N LEU K 31 -50.03 7.28 -48.78
CA LEU K 31 -49.04 7.88 -49.65
C LEU K 31 -48.76 6.97 -50.84
N PRO K 32 -48.16 7.49 -51.91
CA PRO K 32 -47.85 6.63 -53.08
C PRO K 32 -46.92 5.47 -52.81
N ASN K 33 -46.01 5.58 -51.84
CA ASN K 33 -45.10 4.48 -51.56
C ASN K 33 -45.73 3.40 -50.70
N GLY K 34 -46.89 3.65 -50.09
CA GLY K 34 -47.59 2.65 -49.31
C GLY K 34 -47.68 2.93 -47.83
N ILE K 35 -47.22 4.07 -47.35
CA ILE K 35 -47.27 4.38 -45.93
C ILE K 35 -48.59 5.06 -45.61
N LYS K 36 -49.07 4.89 -44.39
CA LYS K 36 -50.41 5.33 -44.00
C LYS K 36 -50.34 6.20 -42.76
N LEU K 37 -50.73 7.46 -42.91
CA LEU K 37 -50.78 8.40 -41.79
C LEU K 37 -52.21 8.48 -41.30
N ALA K 38 -52.39 8.40 -39.98
CA ALA K 38 -53.71 8.33 -39.37
C ALA K 38 -53.78 9.24 -38.16
N SER K 39 -54.81 10.08 -38.09
CA SER K 39 -54.86 11.13 -37.08
C SER K 39 -56.26 11.25 -36.50
N GLU K 40 -56.33 11.78 -35.29
CA GLU K 40 -57.58 11.96 -34.55
C GLU K 40 -57.37 12.99 -33.45
N THR K 41 -58.30 13.94 -33.34
CA THR K 41 -58.20 15.02 -32.35
C THR K 41 -58.76 14.57 -31.00
N SER K 42 -58.49 15.38 -29.97
CA SER K 42 -58.96 15.09 -28.62
C SER K 42 -59.15 16.38 -27.86
N ALA K 43 -59.61 16.24 -26.61
CA ALA K 43 -60.00 17.38 -25.78
C ALA K 43 -59.10 17.57 -24.56
N GLY K 44 -57.97 16.86 -24.49
CA GLY K 44 -56.95 17.14 -23.51
C GLY K 44 -55.95 18.13 -24.05
N PRO K 45 -54.99 18.54 -23.20
CA PRO K 45 -53.89 19.38 -23.67
C PRO K 45 -52.67 18.63 -24.19
N ALA K 46 -52.71 17.31 -24.30
CA ALA K 46 -51.54 16.51 -24.61
C ALA K 46 -51.77 15.66 -25.85
N ALA K 47 -50.66 15.36 -26.53
CA ALA K 47 -50.63 14.55 -27.74
C ALA K 47 -49.93 13.23 -27.45
N SER K 48 -50.09 12.29 -28.37
CA SER K 48 -49.46 10.97 -28.25
C SER K 48 -49.25 10.42 -29.64
N ILE K 49 -48.00 10.32 -30.07
CA ILE K 49 -47.65 9.91 -31.42
C ILE K 49 -46.92 8.57 -31.33
N GLY K 50 -47.26 7.66 -32.23
CA GLY K 50 -46.63 6.36 -32.25
C GLY K 50 -46.32 5.94 -33.66
N LEU K 51 -45.37 5.00 -33.79
CA LEU K 51 -44.99 4.44 -35.07
C LEU K 51 -44.97 2.92 -34.94
N TYR K 52 -45.70 2.24 -35.80
CA TYR K 52 -45.93 0.80 -35.66
C TYR K 52 -45.48 0.09 -36.93
N VAL K 53 -44.73 -0.99 -36.77
CA VAL K 53 -44.14 -1.71 -37.88
C VAL K 53 -44.66 -3.15 -37.86
N ASP K 54 -44.88 -3.72 -39.05
CA ASP K 54 -45.41 -5.07 -39.20
C ASP K 54 -44.45 -6.16 -38.77
N CYS K 55 -43.16 -5.86 -38.64
CA CYS K 55 -42.14 -6.83 -38.28
C CYS K 55 -42.30 -7.32 -36.85
N GLY K 56 -41.60 -8.39 -36.50
CA GLY K 56 -41.72 -8.96 -35.18
C GLY K 56 -40.80 -10.14 -35.03
N SER K 57 -41.13 -11.01 -34.09
CA SER K 57 -40.30 -12.16 -33.78
C SER K 57 -40.58 -13.37 -34.63
N ILE K 58 -41.47 -13.28 -35.61
CA ILE K 58 -41.73 -14.39 -36.51
C ILE K 58 -40.96 -14.27 -37.82
N TYR K 59 -40.25 -13.16 -38.04
CA TYR K 59 -39.45 -12.98 -39.23
C TYR K 59 -37.99 -13.32 -38.99
N GLU K 60 -37.72 -14.16 -38.00
CA GLU K 60 -36.36 -14.44 -37.55
C GLU K 60 -35.91 -15.80 -38.09
N THR K 61 -35.08 -15.76 -39.11
CA THR K 61 -34.38 -16.93 -39.63
C THR K 61 -33.30 -17.31 -38.63
N PRO K 62 -32.73 -18.53 -38.70
CA PRO K 62 -31.75 -18.94 -37.67
C PRO K 62 -30.44 -18.17 -37.66
N LEU K 63 -30.20 -17.23 -38.56
CA LEU K 63 -29.02 -16.39 -38.46
C LEU K 63 -29.25 -15.16 -37.62
N THR K 64 -30.51 -14.76 -37.39
CA THR K 64 -30.86 -13.55 -36.67
C THR K 64 -31.76 -13.83 -35.47
N PHE K 65 -31.52 -14.90 -34.72
CA PHE K 65 -32.30 -15.13 -33.50
C PHE K 65 -31.94 -14.11 -32.44
N GLY K 66 -32.95 -13.68 -31.69
CA GLY K 66 -32.79 -12.67 -30.67
C GLY K 66 -32.71 -11.24 -31.16
N ALA K 67 -32.93 -11.00 -32.44
CA ALA K 67 -32.66 -9.70 -33.04
C ALA K 67 -33.84 -8.75 -33.00
N THR K 68 -34.89 -9.06 -32.23
CA THR K 68 -35.93 -8.09 -31.95
C THR K 68 -36.09 -7.79 -30.47
N HIS K 69 -35.60 -8.65 -29.59
CA HIS K 69 -35.44 -8.27 -28.21
C HIS K 69 -34.32 -7.26 -28.03
N LEU K 70 -33.36 -7.24 -28.96
CA LEU K 70 -32.27 -6.28 -28.90
C LEU K 70 -32.63 -4.96 -29.58
N LEU K 71 -33.48 -4.99 -30.61
CA LEU K 71 -33.92 -3.75 -31.25
C LEU K 71 -34.81 -2.91 -30.33
N GLU K 72 -35.40 -3.50 -29.31
CA GLU K 72 -36.13 -2.79 -28.27
C GLU K 72 -35.21 -2.08 -27.30
N ARG K 73 -33.97 -2.55 -27.15
CA ARG K 73 -32.99 -1.91 -26.31
C ARG K 73 -32.12 -0.91 -27.06
N MET K 74 -32.13 -0.94 -28.37
CA MET K 74 -31.32 -0.05 -29.19
C MET K 74 -32.15 1.06 -29.79
N ALA K 75 -33.25 1.42 -29.14
CA ALA K 75 -34.34 2.10 -29.83
C ALA K 75 -34.04 3.57 -30.10
N PHE K 76 -33.88 4.38 -29.07
CA PHE K 76 -33.66 5.81 -29.26
C PHE K 76 -32.19 6.17 -29.00
N LYS K 77 -31.32 5.78 -29.93
CA LYS K 77 -29.88 5.95 -29.75
C LYS K 77 -29.32 6.69 -30.95
N SER K 78 -28.01 6.63 -31.14
CA SER K 78 -27.29 7.43 -32.13
C SER K 78 -27.80 7.20 -33.54
N THR K 79 -28.05 8.29 -34.25
CA THR K 79 -28.48 8.25 -35.64
C THR K 79 -27.41 8.89 -36.51
N ARG K 80 -27.68 9.07 -37.78
CA ARG K 80 -26.77 9.76 -38.69
C ARG K 80 -26.74 11.25 -38.45
N ASN K 81 -27.72 11.80 -37.73
CA ASN K 81 -27.84 13.23 -37.54
C ASN K 81 -27.69 13.68 -36.10
N ARG K 82 -27.82 12.79 -35.14
CA ARG K 82 -27.82 13.14 -33.73
C ARG K 82 -27.03 12.07 -32.98
N THR K 83 -26.23 12.50 -32.01
CA THR K 83 -25.61 11.52 -31.13
C THR K 83 -26.60 11.09 -30.06
N HIS K 84 -26.20 10.09 -29.28
CA HIS K 84 -27.02 9.64 -28.17
C HIS K 84 -27.09 10.67 -27.06
N PHE K 85 -26.14 11.61 -26.97
CA PHE K 85 -26.21 12.67 -25.99
C PHE K 85 -27.23 13.73 -26.42
N ARG K 86 -27.36 14.06 -27.68
CA ARG K 86 -28.29 15.06 -28.18
C ARG K 86 -29.71 14.49 -28.20
N VAL K 87 -29.94 13.21 -28.34
CA VAL K 87 -31.29 12.66 -28.32
C VAL K 87 -31.87 12.72 -26.91
N VAL K 88 -31.05 12.39 -25.91
CA VAL K 88 -31.50 12.40 -24.53
C VAL K 88 -31.77 13.83 -24.06
N ARG K 89 -30.98 14.79 -24.51
CA ARG K 89 -31.13 16.16 -24.08
C ARG K 89 -32.27 16.89 -24.77
N GLU K 90 -32.66 16.47 -25.97
CA GLU K 90 -33.78 17.06 -26.70
C GLU K 90 -35.13 16.61 -26.19
N VAL K 91 -35.21 15.43 -25.60
CA VAL K 91 -36.47 14.88 -25.09
C VAL K 91 -36.71 15.50 -23.73
N GLU K 92 -35.66 15.66 -22.94
CA GLU K 92 -35.76 16.31 -21.64
C GLU K 92 -35.95 17.81 -21.72
N ALA K 93 -35.65 18.43 -22.85
CA ALA K 93 -35.81 19.86 -22.97
C ALA K 93 -37.27 20.27 -23.05
N ILE K 94 -38.14 19.39 -23.56
CA ILE K 94 -39.55 19.68 -23.68
C ILE K 94 -40.39 18.90 -22.67
N GLY K 95 -39.76 18.06 -21.85
CA GLY K 95 -40.46 17.26 -20.88
C GLY K 95 -41.28 16.13 -21.46
N GLY K 96 -40.70 15.39 -22.40
CA GLY K 96 -41.38 14.28 -23.02
C GLY K 96 -41.07 12.94 -22.37
N ASN K 97 -41.78 11.91 -22.84
CA ASN K 97 -41.55 10.52 -22.47
C ASN K 97 -41.44 9.71 -23.74
N VAL K 98 -40.51 8.77 -23.77
CA VAL K 98 -40.24 8.01 -24.98
C VAL K 98 -40.17 6.53 -24.58
N GLN K 99 -40.58 5.65 -25.49
CA GLN K 99 -40.78 4.24 -25.12
C GLN K 99 -40.86 3.38 -26.38
N ALA K 100 -40.52 2.09 -26.22
CA ALA K 100 -40.60 1.11 -27.30
C ALA K 100 -41.04 -0.24 -26.75
N SER K 101 -41.57 -1.09 -27.63
CA SER K 101 -41.93 -2.46 -27.27
C SER K 101 -41.90 -3.35 -28.49
N ALA K 102 -41.72 -4.66 -28.25
CA ALA K 102 -41.63 -5.65 -29.31
C ALA K 102 -42.54 -6.82 -29.00
N SER K 103 -43.23 -7.33 -30.04
CA SER K 103 -44.13 -8.52 -29.97
C SER K 103 -43.70 -9.61 -30.93
N ARG K 104 -44.50 -10.65 -31.11
CA ARG K 104 -44.23 -11.71 -32.10
C ARG K 104 -44.79 -11.26 -33.42
N GLU K 105 -45.60 -10.23 -33.44
CA GLU K 105 -46.01 -9.76 -34.76
C GLU K 105 -45.94 -8.26 -34.96
N GLN K 106 -45.67 -7.51 -33.88
CA GLN K 106 -45.68 -6.02 -33.97
C GLN K 106 -44.55 -5.30 -33.25
N MET K 107 -43.90 -4.29 -33.87
CA MET K 107 -42.96 -3.40 -33.19
C MET K 107 -43.57 -2.01 -33.08
N GLY K 108 -43.38 -1.35 -31.95
CA GLY K 108 -43.97 -0.04 -31.75
C GLY K 108 -43.13 0.96 -30.98
N TYR K 109 -43.04 2.19 -31.50
CA TYR K 109 -42.24 3.28 -30.92
C TYR K 109 -43.14 4.47 -30.64
N THR K 110 -43.15 4.95 -29.40
CA THR K 110 -44.09 5.99 -28.99
C THR K 110 -43.38 7.21 -28.41
N PHE K 111 -44.11 8.33 -28.39
CA PHE K 111 -43.70 9.65 -27.90
C PHE K 111 -44.96 10.29 -27.35
N ASP K 112 -44.86 11.06 -26.26
CA ASP K 112 -45.96 11.93 -25.85
C ASP K 112 -45.45 13.17 -25.14
N ALA K 113 -45.96 14.32 -25.55
CA ALA K 113 -45.66 15.60 -24.93
C ALA K 113 -46.89 16.49 -25.06
N LEU K 114 -46.78 17.73 -24.62
CA LEU K 114 -47.86 18.70 -24.77
C LEU K 114 -48.03 19.07 -26.25
N LYS K 115 -49.23 19.54 -26.60
CA LYS K 115 -49.59 19.79 -28.00
C LYS K 115 -48.83 20.95 -28.63
N THR K 116 -48.07 21.73 -27.86
CA THR K 116 -47.23 22.76 -28.43
C THR K 116 -46.06 22.17 -29.21
N HIS K 117 -45.63 20.97 -28.87
CA HIS K 117 -44.37 20.39 -29.32
C HIS K 117 -44.59 19.32 -30.38
N VAL K 118 -45.58 19.48 -31.24
CA VAL K 118 -45.90 18.46 -32.23
C VAL K 118 -44.88 18.41 -33.39
N PRO K 119 -44.39 19.52 -33.98
CA PRO K 119 -43.34 19.36 -35.00
C PRO K 119 -42.01 18.82 -34.49
N GLU K 120 -41.68 19.04 -33.22
CA GLU K 120 -40.48 18.45 -32.62
C GLU K 120 -40.64 16.96 -32.39
N MET K 121 -41.81 16.54 -31.90
CA MET K 121 -42.10 15.15 -31.59
C MET K 121 -42.09 14.25 -32.80
N VAL K 122 -42.41 14.77 -33.98
CA VAL K 122 -42.53 13.96 -35.19
C VAL K 122 -41.16 13.71 -35.81
N GLU K 123 -40.34 14.74 -35.98
CA GLU K 123 -39.09 14.56 -36.70
C GLU K 123 -38.02 13.85 -35.88
N LEU K 124 -38.13 13.82 -34.56
CA LEU K 124 -37.24 12.96 -33.79
C LEU K 124 -37.68 11.51 -33.87
N LEU K 125 -38.97 11.25 -33.99
CA LEU K 125 -39.47 9.89 -34.06
C LEU K 125 -39.17 9.27 -35.41
N VAL K 126 -39.25 10.05 -36.48
CA VAL K 126 -38.97 9.51 -37.80
C VAL K 126 -37.48 9.26 -37.99
N ASP K 127 -36.63 10.15 -37.50
CA ASP K 127 -35.19 10.01 -37.63
C ASP K 127 -34.62 8.86 -36.82
N CYS K 128 -35.20 8.56 -35.67
CA CYS K 128 -34.68 7.49 -34.83
C CYS K 128 -35.08 6.10 -35.31
N VAL K 129 -35.96 6.00 -36.30
CA VAL K 129 -36.45 4.72 -36.78
C VAL K 129 -35.99 4.52 -38.22
N ARG K 130 -35.83 5.59 -38.95
CA ARG K 130 -35.44 5.54 -40.36
C ARG K 130 -33.94 5.54 -40.55
N ASN K 131 -33.20 6.16 -39.66
CA ASN K 131 -31.76 6.29 -39.85
C ASN K 131 -30.95 5.87 -38.64
N PRO K 132 -31.02 4.60 -38.20
CA PRO K 132 -30.12 4.20 -37.12
C PRO K 132 -28.78 3.68 -37.60
N VAL K 133 -27.70 4.28 -37.15
CA VAL K 133 -26.38 3.65 -37.23
C VAL K 133 -26.28 2.73 -36.04
N PHE K 134 -25.59 1.61 -36.19
CA PHE K 134 -25.43 0.67 -35.09
C PHE K 134 -23.95 0.57 -34.78
N LEU K 135 -23.50 1.34 -33.81
CA LEU K 135 -22.09 1.44 -33.44
C LEU K 135 -21.78 0.33 -32.46
N ASP K 136 -20.62 -0.32 -32.63
CA ASP K 136 -20.32 -1.54 -31.90
C ASP K 136 -20.14 -1.32 -30.41
N TRP K 137 -19.72 -0.13 -30.00
CA TRP K 137 -19.53 0.11 -28.57
C TRP K 137 -20.83 0.43 -27.88
N GLU K 138 -21.88 0.78 -28.63
CA GLU K 138 -23.20 0.94 -28.05
C GLU K 138 -23.98 -0.37 -28.04
N VAL K 139 -23.79 -1.21 -29.06
CA VAL K 139 -24.47 -2.51 -29.11
C VAL K 139 -23.90 -3.45 -28.06
N ASN K 140 -22.59 -3.43 -27.85
CA ASN K 140 -21.94 -4.31 -26.88
C ASN K 140 -22.28 -3.98 -25.45
N GLU K 141 -22.61 -2.73 -25.13
CA GLU K 141 -23.00 -2.44 -23.77
C GLU K 141 -24.46 -2.72 -23.51
N GLN K 142 -25.27 -2.89 -24.57
CA GLN K 142 -26.63 -3.38 -24.40
C GLN K 142 -26.73 -4.89 -24.37
N LEU K 143 -25.83 -5.59 -25.07
CA LEU K 143 -25.77 -7.05 -25.02
C LEU K 143 -25.38 -7.56 -23.65
N LEU K 144 -24.57 -6.82 -22.92
CA LEU K 144 -24.08 -7.27 -21.63
C LEU K 144 -25.13 -7.15 -20.54
N LYS K 145 -26.20 -6.39 -20.78
CA LYS K 145 -27.34 -6.34 -19.89
C LYS K 145 -28.38 -7.39 -20.19
N VAL K 146 -28.53 -7.78 -21.46
CA VAL K 146 -29.38 -8.90 -21.83
C VAL K 146 -28.77 -10.21 -21.38
N LYS K 147 -27.44 -10.31 -21.40
CA LYS K 147 -26.74 -11.49 -20.90
C LYS K 147 -26.82 -11.63 -19.39
N ALA K 148 -26.98 -10.53 -18.66
CA ALA K 148 -27.13 -10.59 -17.21
C ALA K 148 -28.58 -10.64 -16.77
N GLU K 149 -29.53 -10.68 -17.70
CA GLU K 149 -30.92 -10.92 -17.37
C GLU K 149 -31.42 -12.26 -17.89
N VAL K 150 -30.68 -12.90 -18.80
CA VAL K 150 -30.90 -14.31 -19.08
C VAL K 150 -30.18 -15.16 -18.05
N GLY K 151 -29.36 -14.55 -17.21
CA GLY K 151 -28.81 -15.22 -16.04
C GLY K 151 -29.90 -15.67 -15.09
N GLU K 152 -30.96 -14.87 -14.95
CA GLU K 152 -32.13 -15.31 -14.21
C GLU K 152 -33.39 -14.74 -14.88
N ALA K 153 -34.22 -15.64 -15.39
CA ALA K 153 -35.60 -15.32 -15.74
C ALA K 153 -36.59 -16.13 -14.92
N SER K 154 -36.10 -16.83 -13.90
CA SER K 154 -36.88 -17.84 -13.18
C SER K 154 -37.70 -17.24 -12.04
N LYS K 155 -37.94 -15.94 -12.08
CA LYS K 155 -38.69 -15.25 -11.03
C LYS K 155 -40.02 -14.75 -11.57
N ASN K 156 -40.32 -15.06 -12.82
CA ASN K 156 -41.61 -14.75 -13.40
C ASN K 156 -42.18 -16.03 -14.01
N PRO K 157 -42.76 -16.91 -13.19
CA PRO K 157 -43.27 -18.18 -13.73
C PRO K 157 -44.67 -18.06 -14.31
N GLN K 158 -44.93 -17.02 -15.09
CA GLN K 158 -46.15 -16.98 -15.88
C GLN K 158 -45.81 -16.43 -17.25
N ASP K 159 -44.58 -15.95 -17.43
CA ASP K 159 -44.01 -15.78 -18.76
C ASP K 159 -42.96 -16.82 -19.07
N LEU K 160 -42.47 -17.54 -18.06
CA LEU K 160 -41.75 -18.78 -18.34
C LEU K 160 -42.69 -19.81 -18.95
N LEU K 161 -43.88 -19.96 -18.36
CA LEU K 161 -44.84 -20.92 -18.87
C LEU K 161 -45.47 -20.45 -20.18
N LEU K 162 -45.83 -19.17 -20.29
CA LEU K 162 -46.51 -18.66 -21.48
C LEU K 162 -45.63 -18.70 -22.71
N GLU K 163 -44.31 -18.73 -22.55
CA GLU K 163 -43.43 -18.99 -23.67
C GLU K 163 -43.30 -20.48 -23.95
N ALA K 164 -43.46 -21.31 -22.92
CA ALA K 164 -43.38 -22.75 -23.05
C ALA K 164 -44.69 -23.39 -23.53
N ILE K 165 -45.78 -22.63 -23.60
CA ILE K 165 -47.01 -23.11 -24.23
C ILE K 165 -47.00 -22.57 -25.66
N HIS K 166 -45.83 -22.17 -26.09
CA HIS K 166 -45.82 -21.56 -27.41
C HIS K 166 -44.84 -22.33 -28.26
N SER K 167 -43.67 -22.71 -27.73
CA SER K 167 -42.75 -23.51 -28.52
C SER K 167 -43.27 -24.93 -28.66
N ALA K 168 -43.55 -25.59 -27.54
CA ALA K 168 -44.31 -26.83 -27.56
C ALA K 168 -45.75 -26.50 -27.92
N GLY K 169 -46.14 -26.78 -29.16
CA GLY K 169 -47.47 -26.42 -29.61
C GLY K 169 -47.48 -25.89 -31.02
N TYR K 170 -46.40 -25.29 -31.48
CA TYR K 170 -46.32 -24.81 -32.85
C TYR K 170 -45.05 -25.37 -33.48
N SER K 171 -44.90 -25.14 -34.79
CA SER K 171 -43.78 -25.73 -35.51
C SER K 171 -42.89 -24.66 -36.14
N GLY K 172 -43.49 -23.73 -36.86
CA GLY K 172 -42.73 -22.79 -37.66
C GLY K 172 -42.41 -21.48 -36.98
N ALA K 173 -43.06 -20.42 -37.45
CA ALA K 173 -42.74 -19.05 -37.05
C ALA K 173 -43.18 -18.74 -35.62
N LEU K 174 -44.34 -19.23 -35.22
CA LEU K 174 -44.91 -18.88 -33.92
C LEU K 174 -44.21 -19.62 -32.79
N ALA K 175 -43.30 -20.52 -33.11
CA ALA K 175 -42.46 -21.18 -32.13
C ALA K 175 -41.10 -20.51 -31.94
N ASN K 176 -40.81 -19.45 -32.70
CA ASN K 176 -39.58 -18.69 -32.50
C ASN K 176 -39.67 -17.97 -31.16
N PRO K 177 -38.64 -18.05 -30.33
CA PRO K 177 -38.73 -17.49 -28.98
C PRO K 177 -38.55 -15.98 -28.98
N LEU K 178 -39.22 -15.34 -28.03
CA LEU K 178 -39.22 -13.89 -27.93
C LEU K 178 -37.97 -13.43 -27.20
N LEU K 179 -37.81 -13.84 -25.96
CA LEU K 179 -36.61 -13.58 -25.18
C LEU K 179 -35.66 -14.77 -25.32
N ALA K 180 -34.50 -14.55 -25.93
CA ALA K 180 -33.64 -15.62 -26.41
C ALA K 180 -32.61 -16.05 -25.37
N SER K 181 -31.94 -17.16 -25.68
CA SER K 181 -31.01 -17.85 -24.80
C SER K 181 -29.59 -17.32 -24.93
N GLU K 182 -28.63 -18.04 -24.35
CA GLU K 182 -27.24 -17.58 -24.24
C GLU K 182 -26.41 -17.72 -25.52
N SER K 183 -26.70 -18.69 -26.38
CA SER K 183 -25.85 -18.91 -27.55
C SER K 183 -26.17 -17.98 -28.72
N ALA K 184 -27.43 -17.57 -28.87
CA ALA K 184 -27.80 -16.63 -29.93
C ALA K 184 -27.48 -15.19 -29.56
N LEU K 185 -27.07 -14.95 -28.31
CA LEU K 185 -26.52 -13.66 -27.93
C LEU K 185 -25.04 -13.56 -28.23
N ASN K 186 -24.41 -14.65 -28.68
CA ASN K 186 -23.01 -14.65 -29.01
C ASN K 186 -22.74 -14.55 -30.50
N GLY K 187 -23.75 -14.74 -31.34
CA GLY K 187 -23.63 -14.50 -32.75
C GLY K 187 -24.21 -13.18 -33.21
N LEU K 188 -24.56 -12.29 -32.30
CA LEU K 188 -25.21 -11.04 -32.62
C LEU K 188 -24.22 -9.88 -32.50
N ASN K 189 -24.22 -9.01 -33.49
CA ASN K 189 -23.41 -7.79 -33.43
C ASN K 189 -24.15 -6.69 -34.17
N GLY K 190 -23.44 -5.59 -34.40
CA GLY K 190 -24.04 -4.40 -34.97
C GLY K 190 -24.31 -4.45 -36.45
N SER K 191 -23.83 -5.48 -37.16
CA SER K 191 -24.12 -5.64 -38.57
C SER K 191 -25.23 -6.64 -38.83
N ILE K 192 -25.57 -7.47 -37.86
CA ILE K 192 -26.75 -8.32 -37.97
C ILE K 192 -28.01 -7.49 -37.80
N LEU K 193 -28.01 -6.59 -36.82
CA LEU K 193 -29.12 -5.67 -36.60
C LEU K 193 -29.28 -4.70 -37.76
N GLU K 194 -28.17 -4.34 -38.41
CA GLU K 194 -28.17 -3.32 -39.44
C GLU K 194 -28.84 -3.77 -40.73
N GLU K 195 -28.67 -5.03 -41.13
CA GLU K 195 -29.31 -5.53 -42.34
C GLU K 195 -30.59 -6.30 -42.09
N PHE K 196 -30.89 -6.64 -40.83
CA PHE K 196 -32.23 -7.09 -40.47
C PHE K 196 -33.24 -5.97 -40.57
N VAL K 197 -32.80 -4.73 -40.32
CA VAL K 197 -33.68 -3.57 -40.35
C VAL K 197 -33.83 -3.02 -41.76
N ALA K 198 -32.76 -3.06 -42.56
CA ALA K 198 -32.81 -2.58 -43.94
C ALA K 198 -33.63 -3.47 -44.86
N GLU K 199 -33.97 -4.68 -44.41
CA GLU K 199 -34.79 -5.62 -45.14
C GLU K 199 -36.23 -5.64 -44.68
N ASN K 200 -36.48 -5.44 -43.39
CA ASN K 200 -37.78 -5.66 -42.79
C ASN K 200 -38.51 -4.38 -42.39
N TYR K 201 -37.90 -3.21 -42.56
CA TYR K 201 -38.56 -1.94 -42.20
C TYR K 201 -38.81 -1.18 -43.49
N THR K 202 -39.88 -1.52 -44.17
CA THR K 202 -40.20 -0.94 -45.46
C THR K 202 -41.51 -0.18 -45.40
N ALA K 203 -41.68 0.75 -46.33
CA ALA K 203 -42.84 1.62 -46.47
C ALA K 203 -44.20 0.95 -46.48
N PRO K 204 -44.43 -0.25 -47.10
CA PRO K 204 -45.76 -0.87 -46.95
C PRO K 204 -46.03 -1.52 -45.60
N ARG K 205 -45.14 -1.36 -44.63
CA ARG K 205 -45.31 -2.00 -43.33
C ARG K 205 -45.26 -1.00 -42.18
N ILE K 206 -45.36 0.30 -42.47
CA ILE K 206 -45.18 1.35 -41.47
C ILE K 206 -46.47 2.17 -41.39
N VAL K 207 -46.91 2.47 -40.16
CA VAL K 207 -48.11 3.27 -39.91
C VAL K 207 -47.79 4.31 -38.84
N LEU K 208 -48.05 5.58 -39.13
CA LEU K 208 -47.92 6.66 -38.15
C LEU K 208 -49.29 7.04 -37.61
N ALA K 209 -49.44 7.03 -36.29
CA ALA K 209 -50.75 7.20 -35.67
C ALA K 209 -50.67 8.24 -34.56
N ALA K 210 -51.52 9.27 -34.65
CA ALA K 210 -51.51 10.38 -33.72
C ALA K 210 -52.86 10.52 -33.04
N SER K 211 -52.83 10.99 -31.82
CA SER K 211 -54.06 11.20 -31.02
C SER K 211 -54.02 12.56 -30.36
N GLY K 212 -54.68 13.55 -30.91
CA GLY K 212 -54.70 14.89 -30.33
C GLY K 212 -54.01 15.85 -31.25
N VAL K 213 -53.95 15.49 -32.50
CA VAL K 213 -53.25 16.30 -33.50
C VAL K 213 -54.23 16.45 -34.62
N GLU K 214 -54.29 17.57 -35.27
CA GLU K 214 -55.10 17.79 -36.46
C GLU K 214 -54.42 17.21 -37.69
N HIS K 215 -55.22 16.69 -38.62
CA HIS K 215 -54.69 15.90 -39.73
C HIS K 215 -53.92 16.74 -40.73
N GLU K 216 -54.17 18.04 -40.82
CA GLU K 216 -53.40 18.86 -41.74
C GLU K 216 -52.09 19.35 -41.14
N GLU K 217 -51.93 19.27 -39.82
CA GLU K 217 -50.64 19.54 -39.20
C GLU K 217 -49.68 18.37 -39.38
N LEU K 218 -50.19 17.15 -39.22
CA LEU K 218 -49.41 15.93 -39.34
C LEU K 218 -48.95 15.67 -40.77
N LEU K 219 -49.54 16.34 -41.74
CA LEU K 219 -49.11 16.22 -43.13
C LEU K 219 -48.15 17.33 -43.56
N SER K 220 -48.07 18.43 -42.83
CA SER K 220 -47.08 19.44 -43.12
C SER K 220 -45.71 19.06 -42.55
N ILE K 221 -45.67 18.17 -41.58
CA ILE K 221 -44.44 17.76 -40.92
C ILE K 221 -43.94 16.43 -41.46
N ALA K 222 -44.78 15.40 -41.39
CA ALA K 222 -44.33 14.03 -41.64
C ALA K 222 -44.29 13.65 -43.10
N GLU K 223 -44.92 14.41 -43.98
CA GLU K 223 -44.88 14.06 -45.40
C GLU K 223 -43.56 14.40 -46.11
N PRO K 224 -42.87 15.52 -45.86
CA PRO K 224 -41.55 15.68 -46.49
C PRO K 224 -40.45 14.80 -45.90
N LEU K 225 -40.72 13.92 -44.98
CA LEU K 225 -39.63 13.17 -44.35
C LEU K 225 -39.87 11.72 -44.61
N LEU K 226 -40.97 11.35 -45.26
CA LEU K 226 -41.29 9.91 -45.39
C LEU K 226 -41.69 9.56 -46.82
N SER K 227 -41.83 10.50 -47.69
CA SER K 227 -42.36 10.24 -49.02
C SER K 227 -41.37 9.56 -49.95
N ASP K 228 -40.08 9.59 -49.63
CA ASP K 228 -39.07 9.08 -50.56
C ASP K 228 -38.53 7.70 -50.17
N LEU K 229 -39.12 7.03 -49.19
CA LEU K 229 -38.86 5.61 -49.01
C LEU K 229 -39.36 4.86 -50.23
N PRO K 230 -38.67 3.82 -50.68
CA PRO K 230 -39.07 3.16 -51.93
C PRO K 230 -40.25 2.23 -51.75
N ASN K 231 -41.01 2.09 -52.83
CA ASN K 231 -42.12 1.15 -52.88
C ASN K 231 -41.58 -0.22 -53.26
N VAL K 232 -41.69 -1.18 -52.34
CA VAL K 232 -41.19 -2.53 -52.56
C VAL K 232 -42.36 -3.49 -52.41
N PRO K 233 -42.32 -4.65 -53.03
CA PRO K 233 -43.34 -5.67 -52.74
C PRO K 233 -43.21 -6.19 -51.32
N ARG K 234 -44.32 -6.40 -50.64
CA ARG K 234 -44.25 -6.99 -49.29
C ARG K 234 -43.84 -8.42 -49.48
N PRO K 235 -43.31 -9.09 -48.45
CA PRO K 235 -42.92 -10.50 -48.54
C PRO K 235 -44.11 -11.41 -48.33
N GLU K 236 -43.88 -12.72 -48.33
CA GLU K 236 -44.93 -13.67 -48.00
C GLU K 236 -44.91 -13.90 -46.49
N GLU K 237 -46.09 -13.99 -45.90
CA GLU K 237 -46.20 -14.04 -44.45
C GLU K 237 -45.76 -15.42 -43.95
N PRO K 238 -44.97 -15.47 -42.88
CA PRO K 238 -44.44 -16.76 -42.40
C PRO K 238 -45.54 -17.65 -41.84
N LYS K 239 -45.37 -18.95 -42.09
CA LYS K 239 -46.39 -19.95 -41.85
C LYS K 239 -45.96 -20.88 -40.73
N SER K 240 -46.95 -21.41 -40.03
CA SER K 240 -46.75 -22.44 -39.03
C SER K 240 -48.04 -23.23 -38.94
N VAL K 241 -47.99 -24.37 -38.23
CA VAL K 241 -49.17 -25.20 -38.02
C VAL K 241 -49.30 -25.48 -36.54
N TYR K 242 -50.54 -25.63 -36.07
CA TYR K 242 -50.77 -26.01 -34.69
C TYR K 242 -50.74 -27.52 -34.58
N THR K 243 -49.62 -28.04 -34.12
CA THR K 243 -49.60 -29.41 -33.67
C THR K 243 -49.97 -29.42 -32.19
N GLY K 244 -50.01 -30.59 -31.57
CA GLY K 244 -50.05 -30.68 -30.14
C GLY K 244 -48.66 -30.61 -29.55
N GLY K 245 -48.56 -30.90 -28.28
CA GLY K 245 -47.25 -30.99 -27.67
C GLY K 245 -47.33 -31.03 -26.18
N ASP K 246 -46.29 -31.62 -25.58
CA ASP K 246 -46.10 -31.60 -24.15
C ASP K 246 -44.76 -30.94 -23.88
N TYR K 247 -44.65 -30.32 -22.72
CA TYR K 247 -43.39 -29.75 -22.29
C TYR K 247 -43.36 -29.83 -20.78
N ARG K 248 -42.19 -30.10 -20.23
CA ARG K 248 -42.01 -30.09 -18.79
C ARG K 248 -40.55 -29.83 -18.50
N CYS K 249 -40.31 -29.09 -17.44
CA CYS K 249 -38.98 -28.84 -16.94
C CYS K 249 -39.09 -28.90 -15.43
N HIS K 250 -38.57 -29.97 -14.85
CA HIS K 250 -38.30 -29.95 -13.42
C HIS K 250 -37.35 -28.81 -13.13
N THR K 251 -37.74 -27.97 -12.18
CA THR K 251 -37.19 -26.64 -11.99
C THR K 251 -35.70 -26.63 -11.68
N GLU K 252 -35.10 -25.45 -11.71
CA GLU K 252 -33.68 -25.27 -11.46
C GLU K 252 -33.38 -25.66 -10.02
N SER K 253 -32.22 -26.30 -9.84
CA SER K 253 -31.95 -27.24 -8.74
C SER K 253 -31.91 -26.62 -7.35
N GLY K 254 -32.18 -25.32 -7.21
CA GLY K 254 -32.22 -24.67 -5.92
C GLY K 254 -33.61 -24.24 -5.47
N HIS K 255 -34.54 -24.21 -6.46
CA HIS K 255 -35.94 -23.74 -6.26
C HIS K 255 -36.69 -24.40 -5.11
N ILE K 256 -36.86 -25.73 -5.18
CA ILE K 256 -37.48 -26.45 -4.03
C ILE K 256 -36.68 -26.11 -2.78
N LEU K 257 -37.40 -25.66 -1.67
CA LEU K 257 -36.61 -25.60 -0.41
C LEU K 257 -37.34 -26.53 0.57
N ASN K 258 -38.19 -25.85 1.47
CA ASN K 258 -39.06 -26.70 2.31
C ASN K 258 -40.44 -26.73 1.61
N GLY K 259 -40.94 -25.60 1.13
CA GLY K 259 -42.22 -25.53 0.40
C GLY K 259 -42.03 -25.81 -1.08
N GLN K 260 -43.07 -26.19 -1.80
CA GLN K 260 -42.78 -26.54 -3.22
C GLN K 260 -43.96 -26.10 -4.07
N ARG K 261 -43.67 -25.35 -5.12
CA ARG K 261 -44.72 -24.86 -6.00
C ARG K 261 -45.00 -25.88 -7.11
N THR K 262 -46.08 -25.62 -7.80
CA THR K 262 -46.36 -26.43 -8.99
C THR K 262 -47.00 -25.40 -9.92
N HIS K 263 -46.47 -25.27 -11.10
CA HIS K 263 -47.12 -24.36 -12.04
C HIS K 263 -47.40 -25.14 -13.31
N PHE K 264 -48.68 -25.39 -13.60
CA PHE K 264 -49.00 -26.06 -14.86
C PHE K 264 -50.06 -25.29 -15.61
N ALA K 265 -50.36 -25.73 -16.84
CA ALA K 265 -51.30 -25.03 -17.71
C ALA K 265 -51.70 -25.91 -18.88
N LEU K 266 -52.84 -25.58 -19.50
CA LEU K 266 -53.38 -26.30 -20.63
C LEU K 266 -53.73 -25.30 -21.71
N ALA K 267 -53.96 -25.77 -22.94
CA ALA K 267 -54.22 -24.85 -24.03
C ALA K 267 -54.94 -25.57 -25.16
N PHE K 268 -55.47 -24.76 -26.10
CA PHE K 268 -56.16 -25.25 -27.27
C PHE K 268 -55.94 -24.28 -28.43
N GLU K 269 -56.75 -24.37 -29.48
CA GLU K 269 -56.52 -23.58 -30.67
C GLU K 269 -57.84 -23.38 -31.40
N LEU K 270 -57.93 -22.29 -32.17
CA LEU K 270 -59.13 -22.00 -32.95
C LEU K 270 -58.76 -21.15 -34.17
N PRO K 271 -59.00 -21.69 -35.41
CA PRO K 271 -58.24 -21.32 -36.62
C PRO K 271 -58.01 -19.86 -36.99
N GLY K 272 -59.02 -19.00 -36.89
CA GLY K 272 -58.84 -17.59 -37.14
C GLY K 272 -58.75 -16.80 -35.85
N GLY K 273 -57.98 -15.67 -35.90
CA GLY K 273 -57.96 -14.89 -34.69
C GLY K 273 -58.51 -13.49 -34.77
N TRP K 274 -58.29 -12.78 -35.87
CA TRP K 274 -58.86 -11.44 -35.98
C TRP K 274 -59.47 -11.14 -37.33
N HIS K 275 -59.16 -11.92 -38.37
CA HIS K 275 -59.82 -11.75 -39.65
C HIS K 275 -61.15 -12.47 -39.70
N LYS K 276 -61.38 -13.39 -38.79
CA LYS K 276 -62.71 -13.88 -38.49
C LYS K 276 -63.14 -13.16 -37.21
N LEU K 277 -63.89 -12.09 -37.43
CA LEU K 277 -64.16 -11.11 -36.38
C LEU K 277 -65.17 -11.61 -35.37
N LYS K 278 -66.21 -12.30 -35.85
CA LYS K 278 -67.33 -12.73 -35.01
C LYS K 278 -66.91 -13.69 -33.91
N ASP K 279 -65.90 -14.53 -34.17
CA ASP K 279 -65.52 -15.58 -33.25
C ASP K 279 -64.64 -15.09 -32.12
N ALA K 280 -63.88 -14.03 -32.33
CA ALA K 280 -62.95 -13.55 -31.31
C ALA K 280 -63.65 -12.84 -30.17
N MET K 281 -64.75 -12.15 -30.46
CA MET K 281 -65.49 -11.47 -29.41
C MET K 281 -66.24 -12.43 -28.52
N VAL K 282 -66.56 -13.62 -29.02
CA VAL K 282 -67.17 -14.64 -28.18
C VAL K 282 -66.18 -15.12 -27.15
N LEU K 283 -64.90 -15.22 -27.52
CA LEU K 283 -63.90 -15.77 -26.63
C LEU K 283 -63.45 -14.76 -25.58
N THR K 284 -63.52 -13.46 -25.90
CA THR K 284 -63.25 -12.46 -24.87
C THR K 284 -64.35 -12.45 -23.82
N VAL K 285 -65.59 -12.72 -24.23
CA VAL K 285 -66.67 -12.87 -23.27
C VAL K 285 -66.46 -14.14 -22.43
N LEU K 286 -66.00 -15.21 -23.07
CA LEU K 286 -65.74 -16.46 -22.35
C LEU K 286 -64.55 -16.34 -21.43
N GLN K 287 -63.66 -15.37 -21.67
CA GLN K 287 -62.56 -15.15 -20.76
C GLN K 287 -63.03 -14.48 -19.48
N MET K 288 -63.88 -13.45 -19.61
CA MET K 288 -64.45 -12.80 -18.43
C MET K 288 -65.50 -13.66 -17.76
N LEU K 289 -66.09 -14.62 -18.49
CA LEU K 289 -67.03 -15.54 -17.87
C LEU K 289 -66.31 -16.55 -16.99
N LEU K 290 -65.19 -17.08 -17.47
CA LEU K 290 -64.41 -18.03 -16.69
C LEU K 290 -63.62 -17.30 -15.61
N GLY K 291 -62.75 -16.37 -16.01
CA GLY K 291 -62.12 -15.43 -15.11
C GLY K 291 -61.20 -15.97 -14.05
N GLY K 292 -61.55 -15.75 -12.78
CA GLY K 292 -60.76 -16.25 -11.67
C GLY K 292 -59.63 -15.32 -11.33
N GLY K 293 -58.89 -15.66 -10.27
CA GLY K 293 -57.76 -14.87 -9.84
C GLY K 293 -56.87 -15.59 -8.85
N GLY K 294 -56.03 -14.85 -8.14
CA GLY K 294 -55.17 -15.44 -7.13
C GLY K 294 -55.81 -15.39 -5.76
N SER K 295 -56.83 -14.53 -5.63
CA SER K 295 -57.81 -14.48 -4.55
C SER K 295 -57.29 -14.05 -3.17
N PHE K 296 -55.98 -13.90 -2.99
CA PHE K 296 -55.48 -13.27 -1.78
C PHE K 296 -55.18 -11.80 -2.02
N SER K 297 -55.36 -11.36 -3.27
CA SER K 297 -55.43 -9.95 -3.59
C SER K 297 -56.70 -9.37 -3.00
N ALA K 298 -56.58 -8.21 -2.38
CA ALA K 298 -57.70 -7.59 -1.66
C ALA K 298 -58.02 -6.23 -2.26
N GLY K 299 -58.81 -6.25 -3.34
CA GLY K 299 -59.29 -5.04 -3.96
C GLY K 299 -60.68 -4.70 -3.44
N GLY K 300 -61.68 -4.80 -4.30
CA GLY K 300 -63.05 -4.61 -3.91
C GLY K 300 -63.99 -5.28 -4.88
N PRO K 301 -65.29 -4.89 -4.82
CA PRO K 301 -66.22 -5.33 -5.82
C PRO K 301 -65.60 -4.91 -7.15
N GLY K 302 -65.84 -5.64 -8.23
CA GLY K 302 -65.30 -5.16 -9.50
C GLY K 302 -64.52 -6.14 -10.36
N LYS K 303 -63.52 -6.85 -9.84
CA LYS K 303 -62.64 -7.64 -10.74
C LYS K 303 -62.62 -9.18 -10.70
N GLY K 304 -63.73 -9.94 -10.74
CA GLY K 304 -63.64 -11.41 -10.87
C GLY K 304 -63.97 -12.22 -9.63
N MET K 305 -64.67 -11.68 -8.68
CA MET K 305 -65.17 -12.31 -7.43
C MET K 305 -66.36 -13.23 -7.76
N TYR K 306 -67.11 -12.91 -8.83
CA TYR K 306 -68.28 -13.72 -9.14
C TYR K 306 -68.14 -14.36 -10.50
N SER K 307 -66.97 -14.94 -10.77
CA SER K 307 -66.74 -15.72 -11.98
C SER K 307 -66.86 -17.19 -11.65
N ARG K 308 -66.94 -18.01 -12.70
CA ARG K 308 -67.06 -19.46 -12.56
C ARG K 308 -65.81 -20.05 -11.90
N LEU K 309 -64.63 -19.61 -12.32
CA LEU K 309 -63.39 -20.15 -11.76
C LEU K 309 -63.05 -19.59 -10.39
N TYR K 310 -63.91 -18.73 -9.85
CA TYR K 310 -63.71 -18.14 -8.53
C TYR K 310 -64.58 -18.85 -7.50
N LEU K 311 -65.89 -18.89 -7.70
CA LEU K 311 -66.78 -19.47 -6.69
C LEU K 311 -67.03 -20.96 -6.94
N ARG K 312 -66.35 -21.54 -7.92
CA ARG K 312 -66.40 -22.99 -8.08
C ARG K 312 -65.02 -23.63 -8.02
N VAL K 313 -63.94 -22.88 -7.78
CA VAL K 313 -62.65 -23.51 -7.51
C VAL K 313 -62.06 -23.01 -6.19
N LEU K 314 -61.68 -21.73 -6.13
CA LEU K 314 -60.91 -21.27 -4.97
C LEU K 314 -61.80 -21.04 -3.75
N ASN K 315 -63.12 -21.01 -3.93
CA ASN K 315 -63.99 -20.72 -2.80
C ASN K 315 -64.23 -21.96 -1.94
N GLU K 316 -63.84 -23.14 -2.43
CA GLU K 316 -64.00 -24.34 -1.62
C GLU K 316 -62.80 -25.28 -1.67
N TYR K 317 -61.87 -25.07 -2.59
CA TYR K 317 -60.59 -25.78 -2.59
C TYR K 317 -59.51 -24.82 -2.14
N PRO K 318 -59.13 -24.80 -0.86
CA PRO K 318 -58.13 -23.81 -0.40
C PRO K 318 -56.71 -24.13 -0.78
N GLN K 319 -56.44 -25.27 -1.41
CA GLN K 319 -55.05 -25.61 -1.74
C GLN K 319 -54.59 -24.90 -3.00
N PHE K 320 -55.53 -24.43 -3.83
CA PHE K 320 -55.16 -23.57 -4.94
C PHE K 320 -54.66 -22.22 -4.42
N HIS K 321 -53.71 -21.65 -5.15
CA HIS K 321 -53.23 -20.30 -4.87
C HIS K 321 -53.40 -19.37 -6.07
N SER K 322 -53.59 -19.94 -7.27
CA SER K 322 -53.92 -19.16 -8.45
C SER K 322 -54.60 -20.04 -9.48
N ILE K 323 -55.66 -19.53 -10.09
CA ILE K 323 -56.22 -20.12 -11.30
C ILE K 323 -56.87 -19.01 -12.12
N SER K 324 -56.55 -18.97 -13.40
CA SER K 324 -57.07 -17.93 -14.28
C SER K 324 -57.00 -18.40 -15.72
N ALA K 325 -57.90 -17.90 -16.53
CA ALA K 325 -57.85 -18.19 -17.96
C ALA K 325 -56.86 -17.23 -18.62
N PHE K 326 -56.58 -17.48 -19.91
CA PHE K 326 -55.58 -16.72 -20.70
C PHE K 326 -55.88 -16.86 -22.19
N ASN K 327 -55.93 -15.77 -22.89
CA ASN K 327 -56.08 -15.82 -24.35
C ASN K 327 -54.90 -15.10 -25.00
N ASN K 328 -54.34 -15.68 -26.03
CA ASN K 328 -53.31 -14.99 -26.80
C ASN K 328 -53.69 -15.01 -28.27
N ILE K 329 -54.49 -14.03 -28.67
CA ILE K 329 -54.96 -13.97 -30.05
C ILE K 329 -53.90 -13.27 -30.88
N TYR K 330 -53.76 -13.69 -32.08
CA TYR K 330 -52.82 -13.31 -33.13
C TYR K 330 -53.64 -13.14 -34.29
N ASN K 331 -53.04 -13.19 -35.48
CA ASN K 331 -53.79 -12.79 -36.69
C ASN K 331 -54.67 -13.95 -37.16
N ASN K 332 -54.14 -15.01 -37.72
CA ASN K 332 -54.99 -16.05 -38.28
C ASN K 332 -54.73 -17.28 -37.49
N THR K 333 -54.72 -17.17 -36.20
CA THR K 333 -54.59 -18.35 -35.36
C THR K 333 -54.71 -17.81 -33.97
N GLY K 334 -54.86 -18.69 -33.05
CA GLY K 334 -55.15 -18.20 -31.71
C GLY K 334 -54.98 -19.27 -30.64
N ILE K 335 -54.94 -18.88 -29.37
CA ILE K 335 -54.67 -19.79 -28.26
C ILE K 335 -55.59 -19.39 -27.10
N PHE K 336 -56.23 -20.38 -26.50
CA PHE K 336 -57.01 -20.18 -25.28
C PHE K 336 -56.64 -21.28 -24.30
N GLY K 337 -56.56 -20.95 -23.03
CA GLY K 337 -56.16 -21.92 -22.03
C GLY K 337 -56.46 -21.51 -20.60
N ILE K 338 -55.75 -22.13 -19.67
CA ILE K 338 -55.96 -21.95 -18.24
C ILE K 338 -54.68 -22.23 -17.47
N GLN K 339 -54.24 -21.26 -16.66
CA GLN K 339 -53.00 -21.38 -15.89
C GLN K 339 -53.33 -21.59 -14.42
N VAL K 340 -52.63 -22.55 -13.80
CA VAL K 340 -52.90 -22.95 -12.43
C VAL K 340 -51.58 -23.09 -11.70
N THR K 341 -51.53 -22.59 -10.46
CA THR K 341 -50.58 -23.09 -9.48
C THR K 341 -51.41 -23.76 -8.39
N THR K 342 -50.81 -24.79 -7.76
CA THR K 342 -51.43 -25.52 -6.67
C THR K 342 -50.29 -26.00 -5.79
N GLY K 343 -50.52 -26.95 -4.89
CA GLY K 343 -49.44 -27.50 -4.09
C GLY K 343 -48.84 -28.71 -4.76
N SER K 344 -47.72 -29.20 -4.21
CA SER K 344 -47.02 -30.33 -4.80
C SER K 344 -47.66 -31.64 -4.37
N ASP K 345 -48.30 -31.63 -3.19
CA ASP K 345 -49.00 -32.80 -2.70
C ASP K 345 -50.45 -32.79 -3.15
N PHE K 346 -50.88 -31.67 -3.72
CA PHE K 346 -52.21 -31.50 -4.28
C PHE K 346 -52.07 -31.09 -5.73
N VAL K 347 -51.80 -32.03 -6.63
CA VAL K 347 -51.47 -31.61 -7.99
C VAL K 347 -52.33 -32.33 -9.03
N SER K 348 -52.40 -33.66 -8.99
CA SER K 348 -52.94 -34.40 -10.14
C SER K 348 -54.44 -34.27 -10.24
N LYS K 349 -55.12 -34.15 -9.09
CA LYS K 349 -56.54 -33.89 -9.10
C LYS K 349 -56.81 -32.43 -9.42
N ALA K 350 -55.82 -31.55 -9.24
CA ALA K 350 -55.99 -30.17 -9.66
C ALA K 350 -56.01 -30.06 -11.18
N ILE K 351 -55.39 -31.03 -11.87
CA ILE K 351 -55.65 -31.22 -13.29
C ILE K 351 -57.09 -31.69 -13.50
N ASP K 352 -57.61 -32.52 -12.61
CA ASP K 352 -58.98 -33.02 -12.77
C ASP K 352 -60.01 -31.96 -12.44
N ILE K 353 -59.82 -31.18 -11.37
CA ILE K 353 -60.68 -30.03 -11.10
C ILE K 353 -60.65 -29.03 -12.27
N THR K 354 -59.50 -28.88 -12.92
CA THR K 354 -59.35 -27.93 -14.02
C THR K 354 -60.16 -28.35 -15.23
N VAL K 355 -60.07 -29.62 -15.63
CA VAL K 355 -60.53 -30.09 -16.94
C VAL K 355 -62.05 -30.12 -17.00
N ASN K 356 -62.65 -30.56 -15.89
CA ASN K 356 -64.12 -30.60 -15.77
C ASN K 356 -64.67 -29.24 -16.17
N GLU K 357 -64.14 -28.17 -15.61
CA GLU K 357 -64.63 -26.80 -15.84
C GLU K 357 -64.62 -26.48 -17.33
N LEU K 358 -63.59 -26.95 -18.05
CA LEU K 358 -63.61 -26.87 -19.50
C LEU K 358 -64.62 -27.83 -20.11
N LEU K 359 -65.02 -28.87 -19.38
CA LEU K 359 -66.09 -29.77 -19.83
C LEU K 359 -67.46 -29.24 -19.46
N ALA K 360 -67.54 -28.44 -18.39
CA ALA K 360 -68.83 -27.91 -17.95
C ALA K 360 -69.38 -26.88 -18.92
N VAL K 361 -68.52 -26.07 -19.54
CA VAL K 361 -69.00 -25.09 -20.50
C VAL K 361 -69.21 -25.71 -21.87
N ALA K 362 -68.68 -26.91 -22.11
CA ALA K 362 -68.99 -27.64 -23.34
C ALA K 362 -70.40 -28.21 -23.31
N THR K 363 -70.96 -28.37 -22.11
CA THR K 363 -72.34 -28.78 -21.95
C THR K 363 -73.27 -27.63 -22.31
N SER K 364 -74.39 -28.00 -22.92
CA SER K 364 -75.45 -26.98 -23.05
C SER K 364 -76.29 -27.17 -21.78
N GLY K 365 -76.37 -26.19 -20.88
CA GLY K 365 -77.24 -26.32 -19.71
C GLY K 365 -76.59 -25.85 -18.42
N GLN K 366 -75.31 -26.13 -18.26
CA GLN K 366 -74.63 -25.76 -17.01
C GLN K 366 -74.46 -24.24 -16.82
N VAL K 367 -74.61 -23.39 -17.85
CA VAL K 367 -74.34 -21.98 -17.60
C VAL K 367 -75.67 -21.24 -17.53
N ASP K 368 -75.74 -20.24 -16.65
CA ASP K 368 -76.97 -19.48 -16.48
C ASP K 368 -77.10 -18.42 -17.55
N GLN K 369 -78.25 -17.75 -17.60
CA GLN K 369 -78.38 -16.56 -18.41
C GLN K 369 -78.25 -15.32 -17.56
N VAL K 370 -78.12 -15.50 -16.24
CA VAL K 370 -77.70 -14.42 -15.34
C VAL K 370 -76.18 -14.37 -15.19
N GLN K 371 -75.48 -15.43 -15.59
CA GLN K 371 -74.02 -15.42 -15.64
C GLN K 371 -73.51 -14.89 -16.97
N LEU K 372 -74.23 -15.16 -18.05
CA LEU K 372 -73.88 -14.62 -19.35
C LEU K 372 -74.05 -13.11 -19.42
N ASP K 373 -75.10 -12.57 -18.80
CA ASP K 373 -75.31 -11.13 -18.80
C ASP K 373 -74.28 -10.38 -17.98
N ARG K 374 -73.75 -11.01 -16.93
CA ARG K 374 -72.69 -10.36 -16.15
C ARG K 374 -71.40 -10.28 -16.96
N ALA K 375 -71.03 -11.36 -17.64
CA ALA K 375 -69.84 -11.37 -18.47
C ALA K 375 -69.99 -10.51 -19.71
N LYS K 376 -71.22 -10.23 -20.11
CA LYS K 376 -71.49 -9.36 -21.24
C LYS K 376 -71.48 -7.89 -20.85
N GLN K 377 -71.74 -7.56 -19.57
CA GLN K 377 -71.64 -6.19 -19.09
C GLN K 377 -70.23 -5.84 -18.68
N ALA K 378 -69.51 -6.78 -18.08
CA ALA K 378 -68.16 -6.55 -17.60
C ALA K 378 -67.14 -6.49 -18.74
N THR K 379 -67.56 -6.87 -19.95
CA THR K 379 -66.71 -6.81 -21.14
C THR K 379 -66.89 -5.53 -21.92
N LYS K 380 -68.12 -5.02 -22.04
CA LYS K 380 -68.32 -3.76 -22.73
C LYS K 380 -67.80 -2.57 -21.93
N SER K 381 -67.76 -2.68 -20.60
CA SER K 381 -67.24 -1.57 -19.81
C SER K 381 -65.73 -1.59 -19.77
N ALA K 382 -65.12 -2.78 -19.83
CA ALA K 382 -63.67 -2.87 -19.82
C ALA K 382 -63.07 -2.33 -21.11
N ILE K 383 -63.81 -2.41 -22.21
CA ILE K 383 -63.36 -1.78 -23.45
C ILE K 383 -63.54 -0.27 -23.35
N LEU K 384 -64.62 0.17 -22.72
CA LEU K 384 -64.95 1.59 -22.70
C LEU K 384 -64.12 2.38 -21.70
N MET K 385 -63.82 1.80 -20.54
CA MET K 385 -62.99 2.51 -19.57
C MET K 385 -61.53 2.53 -19.99
N ASN K 386 -61.09 1.54 -20.75
CA ASN K 386 -59.68 1.48 -21.13
C ASN K 386 -59.37 2.50 -22.21
N LEU K 387 -60.35 2.85 -23.04
CA LEU K 387 -60.18 3.84 -24.10
C LEU K 387 -60.22 5.27 -23.60
N GLU K 388 -60.17 5.57 -22.31
CA GLU K 388 -60.11 6.95 -21.85
C GLU K 388 -58.72 7.54 -21.95
N SER K 389 -57.68 6.72 -21.84
CA SER K 389 -56.31 7.17 -21.94
C SER K 389 -55.96 7.53 -23.37
N ARG K 390 -55.15 8.56 -23.52
CA ARG K 390 -54.67 8.96 -24.84
C ARG K 390 -53.63 7.99 -25.38
N MET K 391 -53.03 7.15 -24.53
CA MET K 391 -52.02 6.23 -24.98
C MET K 391 -52.61 4.93 -25.51
N VAL K 392 -53.72 4.48 -24.92
CA VAL K 392 -54.45 3.34 -25.47
C VAL K 392 -55.15 3.72 -26.76
N VAL K 393 -55.57 4.99 -26.90
CA VAL K 393 -56.24 5.43 -28.12
C VAL K 393 -55.29 5.43 -29.31
N SER K 394 -54.07 5.96 -29.15
CA SER K 394 -53.10 5.94 -30.23
C SER K 394 -52.63 4.54 -30.56
N GLU K 395 -52.56 3.66 -29.57
CA GLU K 395 -52.19 2.27 -29.79
C GLU K 395 -53.28 1.48 -30.49
N ASP K 396 -54.53 1.95 -30.46
CA ASP K 396 -55.62 1.31 -31.16
C ASP K 396 -55.64 1.67 -32.64
N ILE K 397 -55.35 2.93 -32.98
CA ILE K 397 -55.22 3.33 -34.38
C ILE K 397 -54.00 2.68 -35.03
N GLY K 398 -53.01 2.30 -34.25
CA GLY K 398 -51.85 1.67 -34.85
C GLY K 398 -52.08 0.22 -35.18
N ARG K 399 -52.41 -0.61 -34.24
CA ARG K 399 -52.62 -2.04 -34.49
C ARG K 399 -53.97 -2.37 -35.12
N GLN K 400 -54.79 -1.44 -35.58
CA GLN K 400 -55.96 -1.77 -36.37
C GLN K 400 -55.80 -1.39 -37.84
N VAL K 401 -54.87 -0.52 -38.16
CA VAL K 401 -54.55 -0.22 -39.55
C VAL K 401 -53.36 -1.07 -39.98
N LEU K 402 -52.99 -2.03 -39.14
CA LEU K 402 -52.01 -3.04 -39.50
C LEU K 402 -52.66 -4.39 -39.71
N THR K 403 -53.93 -4.50 -39.34
CA THR K 403 -54.67 -5.75 -39.44
C THR K 403 -55.84 -5.62 -40.42
N TYR K 404 -56.49 -4.47 -40.49
CA TYR K 404 -57.68 -4.34 -41.30
C TYR K 404 -57.51 -3.30 -42.39
N GLY K 405 -56.47 -2.49 -42.29
CA GLY K 405 -56.29 -1.36 -43.20
C GLY K 405 -57.18 -0.18 -42.91
N GLU K 406 -57.94 -0.21 -41.81
CA GLU K 406 -58.86 0.84 -41.43
C GLU K 406 -59.19 0.66 -39.95
N ARG K 407 -59.64 1.73 -39.33
CA ARG K 407 -60.06 1.68 -37.94
C ARG K 407 -61.57 1.43 -37.87
N LYS K 408 -61.95 0.38 -37.14
CA LYS K 408 -63.36 0.07 -36.93
C LYS K 408 -63.90 0.89 -35.78
N PRO K 409 -65.05 1.54 -35.93
CA PRO K 409 -65.64 2.30 -34.82
C PRO K 409 -66.03 1.39 -33.67
N VAL K 410 -66.08 1.96 -32.47
CA VAL K 410 -66.28 1.15 -31.28
C VAL K 410 -67.75 0.76 -31.15
N GLU K 411 -68.63 1.41 -31.91
CA GLU K 411 -70.03 1.01 -31.96
C GLU K 411 -70.21 -0.38 -32.56
N ASP K 412 -69.34 -0.76 -33.50
CA ASP K 412 -69.37 -2.11 -34.05
C ASP K 412 -68.79 -3.15 -33.10
N PHE K 413 -68.10 -2.75 -32.04
CA PHE K 413 -67.65 -3.68 -31.02
C PHE K 413 -68.71 -3.89 -29.94
N LEU K 414 -69.49 -2.87 -29.63
CA LEU K 414 -70.58 -3.04 -28.67
C LEU K 414 -71.81 -3.65 -29.29
N LYS K 415 -71.95 -3.53 -30.61
CA LYS K 415 -73.08 -4.14 -31.31
C LYS K 415 -72.96 -5.66 -31.31
N ALA K 416 -71.75 -6.19 -31.49
CA ALA K 416 -71.55 -7.61 -31.66
C ALA K 416 -71.23 -8.34 -30.37
N VAL K 417 -71.26 -7.65 -29.23
CA VAL K 417 -71.21 -8.33 -27.94
C VAL K 417 -72.64 -8.57 -27.45
N ASP K 418 -73.55 -7.70 -27.88
CA ASP K 418 -74.99 -7.85 -27.62
C ASP K 418 -75.54 -9.14 -28.21
N GLU K 419 -75.11 -9.48 -29.42
CA GLU K 419 -75.74 -10.55 -30.17
C GLU K 419 -75.36 -11.95 -29.67
N VAL K 420 -74.35 -12.05 -28.82
CA VAL K 420 -73.89 -13.32 -28.28
C VAL K 420 -74.97 -13.94 -27.37
N THR K 421 -75.33 -15.19 -27.64
CA THR K 421 -76.35 -15.91 -26.89
C THR K 421 -75.72 -17.06 -26.10
N LEU K 422 -76.57 -17.90 -25.51
CA LEU K 422 -76.14 -19.03 -24.70
C LEU K 422 -75.66 -20.21 -25.52
N LYS K 423 -75.86 -20.17 -26.83
CA LYS K 423 -75.48 -21.30 -27.69
C LYS K 423 -74.21 -21.01 -28.48
N ASP K 424 -73.84 -19.73 -28.64
CA ASP K 424 -72.54 -19.39 -29.17
C ASP K 424 -71.44 -19.66 -28.14
N ILE K 425 -71.77 -19.51 -26.85
CA ILE K 425 -70.87 -19.93 -25.79
C ILE K 425 -70.65 -21.44 -25.81
N ALA K 426 -71.63 -22.20 -26.29
CA ALA K 426 -71.50 -23.65 -26.37
C ALA K 426 -70.87 -24.15 -27.66
N SER K 427 -71.10 -23.49 -28.79
CA SER K 427 -70.63 -24.03 -30.06
C SER K 427 -69.14 -23.76 -30.27
N ILE K 428 -68.72 -22.52 -30.05
CA ILE K 428 -67.31 -22.15 -30.20
C ILE K 428 -66.45 -22.82 -29.14
N SER K 429 -66.97 -23.04 -27.94
CA SER K 429 -66.24 -23.83 -26.96
C SER K 429 -66.32 -25.33 -27.23
N GLN K 430 -67.15 -25.77 -28.17
CA GLN K 430 -67.10 -27.14 -28.66
C GLN K 430 -66.23 -27.25 -29.90
N LYS K 431 -65.97 -26.14 -30.59
CA LYS K 431 -64.97 -26.11 -31.64
C LYS K 431 -63.60 -25.85 -31.04
N LEU K 432 -63.54 -25.59 -29.74
CA LEU K 432 -62.28 -25.34 -29.08
C LEU K 432 -61.67 -26.66 -28.68
N ILE K 433 -62.45 -27.53 -28.04
CA ILE K 433 -61.94 -28.85 -27.73
C ILE K 433 -62.31 -29.77 -28.88
N SER K 434 -61.58 -29.64 -29.97
CA SER K 434 -61.53 -30.62 -31.05
C SER K 434 -60.10 -30.69 -31.56
N SER K 435 -59.18 -30.10 -30.80
CA SER K 435 -57.80 -29.90 -31.20
C SER K 435 -56.93 -30.50 -30.11
N PRO K 436 -55.67 -30.84 -30.40
CA PRO K 436 -54.86 -31.52 -29.39
C PRO K 436 -54.49 -30.63 -28.22
N LEU K 437 -54.23 -31.26 -27.10
CA LEU K 437 -54.02 -30.59 -25.82
C LEU K 437 -52.56 -30.19 -25.71
N THR K 438 -52.31 -28.90 -25.56
CA THR K 438 -50.95 -28.44 -25.25
C THR K 438 -50.79 -28.32 -23.74
N MET K 439 -49.78 -28.98 -23.19
CA MET K 439 -49.54 -28.96 -21.76
C MET K 439 -48.12 -28.45 -21.49
N ALA K 440 -47.96 -27.73 -20.38
CA ALA K 440 -46.67 -27.27 -19.92
C ALA K 440 -46.65 -27.30 -18.40
N SER K 441 -45.45 -27.36 -17.84
CA SER K 441 -45.33 -27.46 -16.40
C SER K 441 -43.98 -26.91 -15.96
N TYR K 442 -43.87 -26.65 -14.65
CA TYR K 442 -42.67 -26.11 -14.03
C TYR K 442 -42.75 -26.43 -12.54
N GLY K 443 -41.62 -26.29 -11.85
CA GLY K 443 -41.60 -26.63 -10.44
C GLY K 443 -41.38 -28.12 -10.25
N ASP K 444 -41.91 -28.70 -9.16
CA ASP K 444 -41.83 -30.17 -8.96
C ASP K 444 -42.69 -30.81 -10.00
N VAL K 445 -42.07 -31.34 -11.02
CA VAL K 445 -42.67 -31.96 -12.20
C VAL K 445 -42.95 -33.45 -11.99
N ILE K 446 -42.33 -34.06 -10.97
CA ILE K 446 -42.35 -35.51 -10.79
C ILE K 446 -43.76 -36.03 -10.51
N TYR K 447 -44.58 -35.24 -9.80
CA TYR K 447 -45.86 -35.73 -9.32
C TYR K 447 -47.02 -35.48 -10.29
N VAL K 448 -46.74 -35.11 -11.54
CA VAL K 448 -47.81 -34.73 -12.46
C VAL K 448 -48.06 -35.88 -13.40
N PRO K 449 -49.24 -35.95 -14.03
CA PRO K 449 -49.47 -36.96 -15.08
C PRO K 449 -48.73 -36.69 -16.39
N ASN K 450 -49.00 -37.52 -17.38
CA ASN K 450 -48.34 -37.39 -18.68
C ASN K 450 -49.39 -37.08 -19.73
N TYR K 451 -48.92 -36.87 -20.97
CA TYR K 451 -49.70 -36.35 -22.09
C TYR K 451 -50.95 -37.17 -22.41
N GLU K 452 -50.78 -38.47 -22.69
CA GLU K 452 -51.91 -39.29 -23.11
C GLU K 452 -52.81 -39.68 -21.96
N SER K 453 -52.35 -39.49 -20.72
CA SER K 453 -53.22 -39.66 -19.55
C SER K 453 -54.29 -38.59 -19.47
N VAL K 454 -54.07 -37.44 -20.11
CA VAL K 454 -54.95 -36.29 -20.01
C VAL K 454 -55.62 -35.98 -21.34
N SER K 455 -54.89 -36.15 -22.45
CA SER K 455 -55.37 -35.75 -23.76
C SER K 455 -56.53 -36.61 -24.25
N SER K 456 -56.64 -37.84 -23.75
CA SER K 456 -57.74 -38.71 -24.13
C SER K 456 -58.96 -38.50 -23.23
N LYS K 457 -58.86 -37.59 -22.26
CA LYS K 457 -60.03 -37.16 -21.52
C LYS K 457 -60.81 -36.06 -22.21
N PHE K 458 -60.42 -35.65 -23.42
CA PHE K 458 -61.20 -34.61 -24.05
C PHE K 458 -61.96 -35.06 -25.29
N ARG K 459 -61.32 -35.11 -26.46
CA ARG K 459 -61.65 -36.01 -27.56
C ARG K 459 -60.38 -36.58 -28.18
N SER K 460 -59.55 -35.66 -28.69
CA SER K 460 -58.49 -35.90 -29.67
C SER K 460 -57.92 -34.55 -30.12
N SER L 1 6.95 -3.80 -52.43
CA SER L 1 6.67 -4.81 -51.40
C SER L 1 6.09 -4.46 -50.01
N PRO L 2 5.54 -3.27 -49.76
CA PRO L 2 4.55 -3.15 -48.70
C PRO L 2 3.29 -3.94 -49.04
N PRO L 3 2.68 -4.59 -48.05
CA PRO L 3 1.40 -5.29 -48.28
C PRO L 3 0.29 -4.32 -48.68
N PRO L 4 -0.60 -4.73 -49.59
CA PRO L 4 -1.70 -3.86 -49.97
C PRO L 4 -2.70 -3.76 -48.83
N PRO L 5 -3.52 -2.69 -48.78
CA PRO L 5 -4.41 -2.52 -47.62
C PRO L 5 -5.68 -3.34 -47.67
N ASN L 6 -5.58 -4.60 -48.10
CA ASN L 6 -6.64 -5.57 -47.94
C ASN L 6 -6.06 -6.95 -47.68
N ALA L 7 -4.73 -7.04 -47.59
CA ALA L 7 -4.06 -8.32 -47.54
C ALA L 7 -4.03 -8.91 -46.15
N MET L 8 -3.73 -8.11 -45.15
CA MET L 8 -3.68 -8.55 -43.76
C MET L 8 -5.06 -8.32 -43.15
N VAL L 9 -5.44 -9.18 -42.21
CA VAL L 9 -6.74 -9.09 -41.58
C VAL L 9 -6.85 -7.82 -40.74
N TYR L 10 -5.77 -7.39 -40.12
CA TYR L 10 -5.79 -6.18 -39.32
C TYR L 10 -5.73 -4.90 -40.16
N ASP L 11 -5.30 -4.97 -41.41
CA ASP L 11 -5.33 -3.81 -42.29
C ASP L 11 -6.67 -3.61 -42.97
N ARG L 12 -7.42 -4.68 -43.22
CA ARG L 12 -8.72 -4.54 -43.85
C ARG L 12 -9.86 -4.56 -42.84
N LEU L 13 -9.59 -4.87 -41.58
CA LEU L 13 -10.51 -4.55 -40.52
C LEU L 13 -10.42 -3.10 -40.08
N ALA L 14 -9.44 -2.36 -40.59
CA ALA L 14 -9.27 -0.96 -40.25
C ALA L 14 -9.80 -0.02 -41.32
N GLU L 15 -9.92 -0.48 -42.55
CA GLU L 15 -10.60 0.28 -43.58
C GLU L 15 -12.10 0.16 -43.48
N ALA L 16 -12.61 -0.77 -42.67
CA ALA L 16 -14.02 -0.90 -42.41
C ALA L 16 -14.47 -0.11 -41.18
N VAL L 17 -13.55 0.32 -40.32
CA VAL L 17 -13.87 1.26 -39.26
C VAL L 17 -13.84 2.69 -39.77
N LYS L 18 -13.01 2.99 -40.75
CA LYS L 18 -13.02 4.31 -41.36
C LYS L 18 -14.22 4.53 -42.26
N ALA L 19 -14.84 3.47 -42.77
CA ALA L 19 -16.03 3.61 -43.61
C ALA L 19 -17.31 3.68 -42.79
N LYS L 20 -17.30 3.14 -41.58
CA LYS L 20 -18.38 3.32 -40.64
C LYS L 20 -18.40 4.72 -40.06
N LEU L 21 -17.27 5.42 -40.05
CA LEU L 21 -17.20 6.74 -39.48
C LEU L 21 -17.42 7.86 -40.48
N ARG L 22 -17.40 7.56 -41.77
CA ARG L 22 -17.65 8.56 -42.81
C ARG L 22 -19.12 8.79 -43.05
N GLN L 23 -19.98 7.98 -42.47
CA GLN L 23 -21.42 8.23 -42.52
C GLN L 23 -21.93 8.91 -41.26
N LEU L 24 -21.03 9.46 -40.46
CA LEU L 24 -21.38 10.30 -39.33
C LEU L 24 -20.98 11.75 -39.58
N GLU L 25 -20.69 12.11 -40.83
CA GLU L 25 -20.03 13.36 -41.16
C GLU L 25 -20.86 14.28 -42.05
N ASN L 26 -21.93 13.78 -42.69
CA ASN L 26 -22.75 14.56 -43.60
C ASN L 26 -24.19 14.59 -43.07
N PRO L 27 -24.51 15.49 -42.16
CA PRO L 27 -25.86 15.52 -41.61
C PRO L 27 -26.86 16.12 -42.59
N ASP L 28 -28.10 15.64 -42.50
CA ASP L 28 -29.17 16.09 -43.36
C ASP L 28 -29.87 17.28 -42.71
N PRO L 29 -29.87 18.46 -43.32
CA PRO L 29 -30.42 19.64 -42.65
C PRO L 29 -31.94 19.72 -42.63
N ARG L 30 -32.64 18.77 -43.22
CA ARG L 30 -34.10 18.72 -43.13
C ARG L 30 -34.59 17.88 -41.97
N PHE L 31 -33.70 17.12 -41.34
CA PHE L 31 -34.01 16.41 -40.11
C PHE L 31 -33.61 17.23 -38.89
N LEU L 32 -33.09 18.43 -39.08
CA LEU L 32 -32.71 19.32 -37.99
C LEU L 32 -33.40 20.66 -38.21
N LYS L 33 -34.68 20.75 -37.86
CA LYS L 33 -35.42 21.97 -38.16
C LYS L 33 -36.19 22.50 -36.96
N TYR L 34 -36.62 21.61 -36.07
CA TYR L 34 -37.47 22.00 -34.96
C TYR L 34 -36.90 21.65 -33.59
N GLY L 35 -36.05 20.64 -33.49
CA GLY L 35 -35.56 20.16 -32.21
C GLY L 35 -34.27 20.85 -31.80
N SER L 36 -34.11 21.07 -30.50
CA SER L 36 -32.95 21.73 -29.95
C SER L 36 -32.63 21.16 -28.57
N PRO L 37 -31.36 20.89 -28.29
CA PRO L 37 -31.00 20.40 -26.95
C PRO L 37 -30.89 21.48 -25.90
N ARG L 38 -30.98 22.76 -26.26
CA ARG L 38 -30.95 23.81 -25.25
C ARG L 38 -32.36 24.08 -24.75
N PRO L 39 -32.58 24.11 -23.45
CA PRO L 39 -33.93 24.40 -22.96
C PRO L 39 -34.26 25.88 -23.05
N THR L 40 -35.46 26.16 -23.54
CA THR L 40 -36.04 27.49 -23.53
C THR L 40 -37.37 27.43 -22.79
N LEU L 41 -37.91 28.59 -22.49
CA LEU L 41 -39.18 28.70 -21.78
C LEU L 41 -40.23 29.21 -22.76
N THR L 42 -41.36 28.52 -22.84
CA THR L 42 -42.36 28.79 -23.87
C THR L 42 -43.73 29.00 -23.26
N ASP L 43 -44.68 29.36 -24.11
CA ASP L 43 -46.02 29.77 -23.70
C ASP L 43 -47.02 28.74 -24.20
N HIS L 44 -47.91 28.31 -23.30
CA HIS L 44 -48.80 27.18 -23.55
C HIS L 44 -50.26 27.59 -23.47
N THR L 45 -50.57 28.86 -23.71
CA THR L 45 -51.90 29.39 -23.40
C THR L 45 -52.97 28.90 -24.36
N ARG L 46 -52.64 28.68 -25.64
CA ARG L 46 -53.62 28.30 -26.65
C ARG L 46 -54.20 26.92 -26.43
N ILE L 47 -53.49 26.03 -25.73
CA ILE L 47 -53.91 24.65 -25.58
C ILE L 47 -54.45 24.35 -24.20
N LEU L 48 -54.47 25.31 -23.29
CA LEU L 48 -54.79 25.06 -21.89
C LEU L 48 -56.27 25.18 -21.56
N ALA L 49 -57.14 25.17 -22.56
CA ALA L 49 -58.57 25.26 -22.30
C ALA L 49 -59.11 23.95 -21.72
N ALA L 50 -60.14 24.07 -20.89
CA ALA L 50 -60.70 22.94 -20.17
C ALA L 50 -62.18 23.21 -19.95
N PRO L 51 -62.96 22.18 -19.59
CA PRO L 51 -64.31 22.45 -19.10
C PRO L 51 -64.30 23.15 -17.75
N GLU L 52 -65.47 23.61 -17.36
CA GLU L 52 -65.62 24.41 -16.15
C GLU L 52 -65.89 23.52 -14.95
N THR L 53 -65.22 23.83 -13.84
CA THR L 53 -65.48 23.17 -12.56
C THR L 53 -66.49 24.00 -11.78
N ARG L 54 -67.59 23.37 -11.40
CA ARG L 54 -68.69 24.06 -10.73
C ARG L 54 -68.80 23.54 -9.29
N VAL L 55 -68.64 24.44 -8.32
CA VAL L 55 -68.67 24.09 -6.91
C VAL L 55 -69.93 24.68 -6.29
N THR L 56 -70.60 23.91 -5.45
CA THR L 56 -71.86 24.31 -4.82
C THR L 56 -71.87 23.82 -3.39
N THR L 57 -72.10 24.73 -2.45
CA THR L 57 -72.06 24.43 -1.01
C THR L 57 -73.49 24.32 -0.48
N LEU L 58 -73.84 23.14 0.02
CA LEU L 58 -75.15 22.92 0.60
C LEU L 58 -75.27 23.61 1.96
N PRO L 59 -76.49 23.87 2.44
CA PRO L 59 -76.63 24.58 3.73
C PRO L 59 -76.15 23.80 4.95
N ASN L 60 -75.94 22.48 4.87
CA ASN L 60 -75.35 21.80 6.02
C ASN L 60 -73.83 21.91 6.02
N GLY L 61 -73.23 22.29 4.90
CA GLY L 61 -71.80 22.50 4.83
C GLY L 61 -71.14 21.66 3.76
N LEU L 62 -71.91 20.77 3.14
CA LEU L 62 -71.39 19.81 2.18
C LEU L 62 -71.13 20.49 0.84
N ARG L 63 -70.00 20.17 0.22
CA ARG L 63 -69.62 20.75 -1.06
C ARG L 63 -69.71 19.71 -2.16
N VAL L 64 -70.26 20.11 -3.31
CA VAL L 64 -70.45 19.24 -4.47
C VAL L 64 -69.77 19.90 -5.66
N ALA L 65 -68.76 19.24 -6.22
CA ALA L 65 -67.99 19.78 -7.33
C ALA L 65 -68.00 18.81 -8.50
N THR L 66 -68.11 19.35 -9.72
CA THR L 66 -68.22 18.52 -10.91
C THR L 66 -67.44 19.14 -12.04
N GLU L 67 -66.95 18.29 -12.94
CA GLU L 67 -66.47 18.71 -14.25
C GLU L 67 -67.15 17.82 -15.28
N SER L 68 -68.02 18.41 -16.08
CA SER L 68 -68.89 17.65 -16.98
C SER L 68 -68.25 17.53 -18.36
N SER L 69 -68.31 16.33 -18.92
CA SER L 69 -67.84 16.05 -20.28
C SER L 69 -68.90 15.14 -20.91
N LEU L 70 -69.89 15.76 -21.56
CA LEU L 70 -71.12 15.07 -21.92
C LEU L 70 -71.02 14.21 -23.16
N ALA L 71 -69.84 14.09 -23.77
CA ALA L 71 -69.65 13.20 -24.91
C ALA L 71 -69.03 11.87 -24.52
N ALA L 72 -68.74 11.66 -23.24
CA ALA L 72 -68.14 10.42 -22.79
C ALA L 72 -69.22 9.38 -22.55
N ARG L 73 -68.79 8.15 -22.25
CA ARG L 73 -69.73 7.07 -21.95
C ARG L 73 -69.51 6.47 -20.57
N THR L 74 -68.65 7.07 -19.75
CA THR L 74 -68.35 6.57 -18.41
C THR L 74 -68.31 7.75 -17.45
N ALA L 75 -68.12 7.45 -16.17
CA ALA L 75 -68.15 8.46 -15.13
C ALA L 75 -67.41 7.93 -13.92
N THR L 76 -67.01 8.85 -13.04
CA THR L 76 -66.40 8.51 -11.76
C THR L 76 -66.97 9.45 -10.72
N VAL L 77 -67.45 8.91 -9.63
CA VAL L 77 -68.07 9.70 -8.57
C VAL L 77 -67.65 9.12 -7.22
N GLY L 78 -67.33 9.99 -6.28
CA GLY L 78 -66.82 9.51 -5.00
C GLY L 78 -66.89 10.56 -3.93
N VAL L 79 -66.44 10.17 -2.74
CA VAL L 79 -66.48 11.00 -1.54
C VAL L 79 -65.06 11.15 -1.01
N TRP L 80 -64.65 12.39 -0.72
CA TRP L 80 -63.35 12.69 -0.14
C TRP L 80 -63.54 13.27 1.26
N ILE L 81 -62.88 12.66 2.25
CA ILE L 81 -63.05 13.03 3.64
C ILE L 81 -61.74 13.59 4.18
N ASP L 82 -61.84 14.54 5.12
CA ASP L 82 -60.67 15.17 5.72
C ASP L 82 -60.36 14.54 7.07
N ALA L 83 -59.92 13.28 7.01
CA ALA L 83 -59.69 12.47 8.20
C ALA L 83 -58.74 11.34 7.85
N GLY L 84 -57.95 10.91 8.83
CA GLY L 84 -56.99 9.87 8.58
C GLY L 84 -56.38 9.35 9.87
N SER L 85 -55.14 8.89 9.77
CA SER L 85 -54.45 8.27 10.89
C SER L 85 -53.97 9.28 11.93
N ARG L 86 -53.78 10.53 11.52
CA ARG L 86 -53.26 11.56 12.42
C ARG L 86 -54.25 11.89 13.53
N PHE L 87 -55.55 11.76 13.25
CA PHE L 87 -56.58 12.19 14.18
C PHE L 87 -57.02 11.09 15.13
N GLU L 88 -56.14 10.15 15.46
CA GLU L 88 -56.40 9.10 16.43
C GLU L 88 -55.56 9.33 17.70
N THR L 89 -55.62 8.40 18.67
CA THR L 89 -55.15 8.68 20.03
C THR L 89 -54.22 7.62 20.64
N GLU L 90 -53.61 6.76 19.81
CA GLU L 90 -52.70 5.65 20.19
C GLU L 90 -53.33 4.52 20.99
N GLU L 91 -54.59 4.66 21.41
CA GLU L 91 -55.34 3.48 21.82
C GLU L 91 -56.35 3.12 20.76
N SER L 92 -56.44 3.94 19.73
CA SER L 92 -57.29 3.72 18.57
C SER L 92 -56.49 3.94 17.31
N ASN L 93 -55.26 3.42 17.27
CA ASN L 93 -54.31 3.83 16.24
C ASN L 93 -54.55 3.15 14.90
N GLY L 94 -55.12 1.95 14.89
CA GLY L 94 -55.44 1.32 13.63
C GLY L 94 -56.88 1.43 13.18
N THR L 95 -57.63 2.40 13.71
CA THR L 95 -59.08 2.39 13.55
C THR L 95 -59.52 2.85 12.18
N ALA L 96 -58.88 3.89 11.63
CA ALA L 96 -59.29 4.42 10.35
C ALA L 96 -58.94 3.51 9.18
N HIS L 97 -58.01 2.59 9.37
CA HIS L 97 -57.75 1.57 8.37
C HIS L 97 -58.63 0.35 8.53
N PHE L 98 -59.01 0.01 9.76
CA PHE L 98 -59.92 -1.10 9.98
C PHE L 98 -61.32 -0.75 9.48
N LEU L 99 -61.75 0.49 9.70
CA LEU L 99 -63.05 0.97 9.24
C LEU L 99 -63.16 1.02 7.73
N GLU L 100 -62.05 1.18 7.01
CA GLU L 100 -62.02 1.09 5.57
C GLU L 100 -62.37 -0.31 5.06
N HIS L 101 -61.84 -1.36 5.69
CA HIS L 101 -62.09 -2.72 5.25
C HIS L 101 -63.42 -3.27 5.75
N MET L 102 -64.09 -2.59 6.67
CA MET L 102 -65.33 -3.06 7.26
C MET L 102 -66.53 -2.27 6.78
N ILE L 103 -66.37 -1.50 5.70
CA ILE L 103 -67.44 -0.66 5.19
C ILE L 103 -68.07 -1.22 3.94
N PHE L 104 -67.46 -2.19 3.27
CA PHE L 104 -68.07 -2.94 2.18
C PHE L 104 -68.70 -4.23 2.66
N LYS L 105 -69.11 -4.30 3.94
CA LYS L 105 -69.58 -5.57 4.51
C LYS L 105 -70.85 -5.45 5.35
N GLY L 106 -71.54 -4.32 5.35
CA GLY L 106 -72.56 -4.10 6.37
C GLY L 106 -73.95 -3.89 5.83
N THR L 107 -74.55 -2.73 6.05
CA THR L 107 -75.87 -2.25 5.55
C THR L 107 -77.07 -3.09 6.03
N GLU L 108 -78.13 -2.42 6.45
CA GLU L 108 -79.38 -3.13 6.85
C GLU L 108 -80.19 -3.42 5.59
N LYS L 109 -79.90 -2.74 4.49
CA LYS L 109 -80.61 -2.94 3.23
C LYS L 109 -79.95 -3.97 2.32
N ARG L 110 -78.62 -4.11 2.35
CA ARG L 110 -77.93 -5.04 1.45
C ARG L 110 -76.73 -5.66 2.15
N ASN L 111 -76.69 -6.99 2.20
CA ASN L 111 -75.61 -7.65 2.92
C ASN L 111 -74.35 -7.69 2.05
N ALA L 112 -73.35 -8.43 2.52
CA ALA L 112 -72.05 -8.46 1.86
C ALA L 112 -72.13 -9.10 0.48
N ARG L 113 -72.95 -10.14 0.33
CA ARG L 113 -73.07 -10.80 -0.97
C ARG L 113 -73.93 -9.98 -1.93
N GLU L 114 -74.95 -9.29 -1.42
CA GLU L 114 -75.82 -8.52 -2.31
C GLU L 114 -75.11 -7.28 -2.82
N LEU L 115 -74.31 -6.63 -1.96
CA LEU L 115 -73.58 -5.44 -2.37
C LEU L 115 -72.51 -5.77 -3.39
N GLU L 116 -71.83 -6.89 -3.20
CA GLU L 116 -70.83 -7.37 -4.13
C GLU L 116 -71.41 -7.76 -5.48
N GLU L 117 -72.68 -8.14 -5.53
CA GLU L 117 -73.32 -8.58 -6.76
C GLU L 117 -73.94 -7.44 -7.56
N GLU L 118 -74.37 -6.37 -6.88
CA GLU L 118 -74.93 -5.24 -7.59
C GLU L 118 -73.88 -4.50 -8.41
N ILE L 119 -72.65 -4.45 -7.92
CA ILE L 119 -71.57 -3.78 -8.62
C ILE L 119 -71.15 -4.58 -9.84
N GLU L 120 -71.06 -5.91 -9.71
CA GLU L 120 -70.55 -6.73 -10.81
C GLU L 120 -71.61 -6.94 -11.89
N ASN L 121 -72.89 -6.85 -11.55
CA ASN L 121 -73.93 -6.96 -12.56
C ASN L 121 -73.94 -5.74 -13.47
N MET L 122 -73.61 -4.56 -12.93
CA MET L 122 -73.51 -3.37 -13.75
C MET L 122 -72.24 -3.38 -14.61
N GLY L 123 -71.16 -3.96 -14.09
CA GLY L 123 -69.88 -3.85 -14.72
C GLY L 123 -69.03 -2.72 -14.17
N GLY L 124 -69.11 -2.46 -12.86
CA GLY L 124 -68.43 -1.35 -12.24
C GLY L 124 -67.39 -1.80 -11.23
N HIS L 125 -66.74 -0.80 -10.64
CA HIS L 125 -65.69 -1.00 -9.65
C HIS L 125 -65.98 -0.13 -8.44
N LEU L 126 -65.32 -0.43 -7.33
CA LEU L 126 -65.58 0.26 -6.07
C LEU L 126 -64.35 0.12 -5.18
N ASN L 127 -63.65 1.23 -4.95
CA ASN L 127 -62.34 1.22 -4.29
C ASN L 127 -62.35 2.09 -3.04
N ALA L 128 -61.26 2.02 -2.29
CA ALA L 128 -61.06 2.80 -1.07
C ALA L 128 -59.59 2.78 -0.70
N TYR L 129 -59.09 3.91 -0.21
CA TYR L 129 -57.74 3.96 0.33
C TYR L 129 -57.64 5.01 1.43
N THR L 130 -56.79 4.75 2.42
CA THR L 130 -56.57 5.62 3.56
C THR L 130 -55.14 6.12 3.55
N SER L 131 -54.93 7.29 4.14
CA SER L 131 -53.60 7.86 4.28
C SER L 131 -53.52 8.47 5.68
N ARG L 132 -52.60 9.33 5.95
CA ARG L 132 -52.44 9.88 7.30
C ARG L 132 -53.35 11.07 7.49
N GLU L 133 -53.84 11.64 6.40
CA GLU L 133 -54.69 12.81 6.53
C GLU L 133 -55.94 12.77 5.66
N GLN L 134 -56.12 11.79 4.79
CA GLN L 134 -57.19 11.80 3.80
C GLN L 134 -57.73 10.39 3.59
N THR L 135 -59.03 10.30 3.30
CA THR L 135 -59.70 9.05 2.98
C THR L 135 -60.53 9.23 1.71
N THR L 136 -60.69 8.14 0.95
CA THR L 136 -61.39 8.17 -0.32
C THR L 136 -62.26 6.92 -0.46
N TYR L 137 -63.48 7.11 -0.97
CA TYR L 137 -64.33 6.02 -1.43
C TYR L 137 -64.89 6.45 -2.77
N TYR L 138 -64.68 5.68 -3.83
CA TYR L 138 -65.14 6.10 -5.14
C TYR L 138 -65.49 4.90 -6.01
N ALA L 139 -66.17 5.18 -7.12
CA ALA L 139 -66.72 4.15 -8.00
C ALA L 139 -66.60 4.56 -9.46
N LYS L 140 -66.22 3.61 -10.32
CA LYS L 140 -66.22 3.80 -11.77
C LYS L 140 -67.40 3.03 -12.35
N VAL L 141 -68.29 3.74 -13.04
CA VAL L 141 -69.48 3.12 -13.62
C VAL L 141 -69.65 3.60 -15.05
N ALA L 142 -70.72 3.15 -15.70
CA ALA L 142 -71.15 3.69 -16.97
C ALA L 142 -72.10 4.86 -16.71
N ASP L 143 -72.39 5.62 -17.77
CA ASP L 143 -73.10 6.89 -17.59
C ASP L 143 -74.57 6.72 -17.24
N LYS L 144 -75.16 5.55 -17.43
CA LYS L 144 -76.54 5.36 -17.04
C LYS L 144 -76.70 4.78 -15.63
N ASP L 145 -75.61 4.37 -14.97
CA ASP L 145 -75.70 3.88 -13.59
C ASP L 145 -75.16 4.87 -12.57
N VAL L 146 -75.00 6.15 -12.95
CA VAL L 146 -74.57 7.15 -11.97
C VAL L 146 -75.57 7.34 -10.82
N PRO L 147 -76.90 7.39 -11.04
CA PRO L 147 -77.79 7.46 -9.88
C PRO L 147 -77.81 6.22 -9.02
N LYS L 148 -77.46 5.05 -9.55
CA LYS L 148 -77.37 3.87 -8.70
C LYS L 148 -76.05 3.84 -7.94
N ALA L 149 -74.97 4.38 -8.52
CA ALA L 149 -73.68 4.39 -7.85
C ALA L 149 -73.68 5.37 -6.68
N LEU L 150 -74.29 6.54 -6.87
CA LEU L 150 -74.44 7.52 -5.81
C LEU L 150 -75.41 7.07 -4.74
N ASP L 151 -76.28 6.11 -5.04
CA ASP L 151 -77.19 5.58 -4.05
C ASP L 151 -76.50 4.62 -3.11
N ILE L 152 -75.43 3.97 -3.57
CA ILE L 152 -74.71 3.01 -2.75
C ILE L 152 -73.72 3.71 -1.82
N LEU L 153 -73.04 4.73 -2.32
CA LEU L 153 -72.07 5.48 -1.52
C LEU L 153 -72.71 6.25 -0.38
N ALA L 154 -73.97 6.65 -0.51
CA ALA L 154 -74.65 7.34 0.56
C ALA L 154 -75.17 6.38 1.62
N ASP L 155 -75.38 5.13 1.25
CA ASP L 155 -75.97 4.18 2.17
C ASP L 155 -74.92 3.42 2.96
N ILE L 156 -73.74 3.25 2.37
CA ILE L 156 -72.64 2.53 3.03
C ILE L 156 -71.84 3.50 3.89
N LEU L 157 -72.01 4.79 3.77
CA LEU L 157 -71.37 5.78 4.66
C LEU L 157 -72.32 6.21 5.77
N GLN L 158 -73.61 5.91 5.75
CA GLN L 158 -74.55 6.34 6.76
C GLN L 158 -75.20 5.21 7.54
N ASN L 159 -75.35 4.03 6.96
CA ASN L 159 -76.21 3.00 7.54
C ASN L 159 -75.51 1.65 7.58
N SER L 160 -74.24 1.67 7.89
CA SER L 160 -73.48 0.42 7.86
C SER L 160 -73.59 -0.26 9.23
N ARG L 161 -73.64 -1.55 9.23
CA ARG L 161 -73.64 -2.32 10.46
C ARG L 161 -72.35 -3.12 10.56
N PHE L 162 -71.86 -3.27 11.77
CA PHE L 162 -70.60 -3.96 12.01
C PHE L 162 -70.87 -5.08 13.01
N ASP L 163 -71.04 -6.30 12.51
CA ASP L 163 -71.38 -7.43 13.37
C ASP L 163 -70.14 -8.20 13.75
N GLU L 164 -70.24 -8.96 14.84
CA GLU L 164 -69.08 -9.57 15.47
C GLU L 164 -68.53 -10.75 14.66
N ASN L 165 -69.38 -11.43 13.90
CA ASN L 165 -68.90 -12.49 13.03
C ASN L 165 -68.07 -11.92 11.88
N ARG L 166 -68.34 -10.67 11.50
CA ARG L 166 -67.60 -10.04 10.41
C ARG L 166 -66.35 -9.34 10.92
N ILE L 167 -66.41 -8.79 12.13
CA ILE L 167 -65.29 -8.09 12.75
C ILE L 167 -64.13 -9.05 12.99
N SER L 168 -64.43 -10.21 13.58
CA SER L 168 -63.38 -11.13 13.96
C SER L 168 -62.78 -11.84 12.75
N ARG L 169 -63.52 -11.94 11.65
CA ARG L 169 -62.94 -12.49 10.43
C ARG L 169 -62.16 -11.46 9.65
N GLU L 170 -62.27 -10.18 10.00
CA GLU L 170 -61.40 -9.16 9.44
C GLU L 170 -60.12 -8.97 10.24
N ARG L 171 -60.10 -9.43 11.49
CA ARG L 171 -58.89 -9.37 12.30
C ARG L 171 -57.81 -10.32 11.82
N ASP L 172 -58.17 -11.33 11.03
CA ASP L 172 -57.19 -12.23 10.45
C ASP L 172 -56.88 -11.90 9.01
N VAL L 173 -57.63 -11.02 8.38
CA VAL L 173 -57.25 -10.50 7.08
C VAL L 173 -56.19 -9.42 7.23
N ILE L 174 -56.35 -8.54 8.22
CA ILE L 174 -55.43 -7.44 8.43
C ILE L 174 -54.13 -7.91 9.07
N LEU L 175 -54.21 -8.89 9.99
CA LEU L 175 -53.00 -9.44 10.61
C LEU L 175 -52.16 -10.27 9.64
N ARG L 176 -52.72 -10.61 8.49
CA ARG L 176 -51.96 -11.18 7.40
C ARG L 176 -51.64 -10.18 6.30
N GLU L 177 -52.28 -9.01 6.31
CA GLU L 177 -51.89 -7.88 5.48
C GLU L 177 -50.68 -7.16 6.05
N MET L 178 -50.51 -7.19 7.37
CA MET L 178 -49.31 -6.65 8.01
C MET L 178 -48.07 -7.40 7.57
N GLU L 179 -48.19 -8.72 7.40
CA GLU L 179 -47.02 -9.57 7.26
C GLU L 179 -46.39 -9.47 5.87
N GLU L 180 -47.16 -9.08 4.87
CA GLU L 180 -46.60 -8.94 3.54
C GLU L 180 -45.84 -7.62 3.40
N VAL L 181 -46.42 -6.57 4.00
CA VAL L 181 -45.77 -5.24 4.05
C VAL L 181 -44.86 -5.22 5.28
N GLU L 182 -43.80 -6.16 5.21
CA GLU L 182 -42.78 -6.19 6.28
C GLU L 182 -41.65 -6.65 5.38
N GLY L 183 -42.03 -6.84 4.07
CA GLY L 183 -41.06 -7.32 3.07
C GLY L 183 -41.01 -6.54 1.77
N GLN L 184 -41.34 -5.25 1.74
CA GLN L 184 -41.26 -4.43 0.54
C GLN L 184 -40.07 -3.48 0.57
N THR L 185 -39.65 -3.09 1.78
CA THR L 185 -38.39 -2.41 2.09
C THR L 185 -38.29 -0.99 1.50
N GLU L 186 -39.28 -0.53 0.74
CA GLU L 186 -39.41 0.89 0.49
C GLU L 186 -40.49 1.51 1.34
N GLU L 187 -41.53 0.77 1.66
CA GLU L 187 -42.51 1.16 2.66
C GLU L 187 -42.04 0.93 4.08
N VAL L 188 -40.93 0.24 4.27
CA VAL L 188 -40.37 0.03 5.60
C VAL L 188 -39.35 1.11 5.94
N ILE L 189 -38.58 1.59 4.95
CA ILE L 189 -37.69 2.71 5.17
C ILE L 189 -38.50 3.97 5.46
N PHE L 190 -39.50 4.25 4.62
CA PHE L 190 -40.29 5.47 4.75
C PHE L 190 -41.21 5.48 5.96
N ASP L 191 -41.39 4.33 6.60
CA ASP L 191 -42.19 4.25 7.81
C ASP L 191 -41.37 4.43 9.08
N HIS L 192 -40.10 4.07 9.06
CA HIS L 192 -39.17 4.37 10.14
C HIS L 192 -38.66 5.80 10.05
N LEU L 193 -38.68 6.39 8.85
CA LEU L 193 -38.29 7.79 8.70
C LEU L 193 -39.31 8.73 9.31
N HIS L 194 -40.60 8.41 9.20
CA HIS L 194 -41.63 9.23 9.81
C HIS L 194 -41.68 9.10 11.31
N ALA L 195 -41.33 7.94 11.86
CA ALA L 195 -41.36 7.71 13.28
C ALA L 195 -40.19 8.35 14.01
N THR L 196 -39.12 8.70 13.29
CA THR L 196 -37.97 9.32 13.94
C THR L 196 -37.90 10.81 13.65
N ALA L 197 -38.50 11.28 12.55
CA ALA L 197 -38.47 12.70 12.25
C ALA L 197 -39.58 13.42 12.98
N PHE L 198 -40.71 12.77 13.18
CA PHE L 198 -41.85 13.39 13.82
C PHE L 198 -42.21 12.62 15.08
N GLN L 199 -41.21 12.29 15.88
CA GLN L 199 -41.44 11.57 17.12
C GLN L 199 -42.14 12.45 18.16
N TYR L 200 -42.96 11.80 18.98
CA TYR L 200 -43.82 12.39 20.00
C TYR L 200 -44.84 13.37 19.45
N THR L 201 -45.22 13.21 18.18
CA THR L 201 -46.26 13.97 17.51
C THR L 201 -47.21 12.95 16.89
N PRO L 202 -48.43 13.34 16.54
CA PRO L 202 -49.34 12.37 15.90
C PRO L 202 -48.98 12.00 14.47
N LEU L 203 -48.07 12.71 13.83
CA LEU L 203 -47.72 12.44 12.45
C LEU L 203 -46.67 11.34 12.34
N GLY L 204 -46.19 10.81 13.46
CA GLY L 204 -45.13 9.83 13.44
C GLY L 204 -45.62 8.40 13.45
N ARG L 205 -46.88 8.19 13.81
CA ARG L 205 -47.48 6.87 13.89
C ARG L 205 -47.67 6.26 12.51
N THR L 206 -47.89 4.94 12.50
CA THR L 206 -48.14 4.24 11.24
C THR L 206 -49.64 4.19 10.93
N ILE L 207 -49.96 3.78 9.71
CA ILE L 207 -51.36 3.74 9.33
C ILE L 207 -52.04 2.47 9.83
N LEU L 208 -51.36 1.32 9.75
CA LEU L 208 -51.99 0.07 10.13
C LEU L 208 -52.06 -0.13 11.63
N GLY L 209 -51.17 0.50 12.39
CA GLY L 209 -51.21 0.42 13.82
C GLY L 209 -50.41 -0.75 14.37
N PRO L 210 -50.22 -0.79 15.68
CA PRO L 210 -49.57 -1.94 16.30
C PRO L 210 -50.43 -3.17 16.23
N ALA L 211 -49.79 -4.34 16.27
CA ALA L 211 -50.51 -5.60 16.14
C ALA L 211 -51.33 -5.94 17.37
N GLN L 212 -51.08 -5.30 18.51
CA GLN L 212 -51.92 -5.55 19.68
C GLN L 212 -53.21 -4.73 19.62
N ASN L 213 -53.19 -3.60 18.92
CA ASN L 213 -54.39 -2.79 18.79
C ASN L 213 -55.44 -3.47 17.93
N ILE L 214 -55.01 -4.21 16.91
CA ILE L 214 -55.90 -4.82 15.95
C ILE L 214 -56.75 -5.94 16.56
N LYS L 215 -56.21 -6.72 17.48
CA LYS L 215 -57.00 -7.76 18.11
C LYS L 215 -57.84 -7.26 19.28
N THR L 216 -57.92 -5.95 19.50
CA THR L 216 -58.71 -5.39 20.58
C THR L 216 -59.89 -4.57 20.07
N ILE L 217 -59.76 -3.93 18.90
CA ILE L 217 -60.74 -3.05 18.28
C ILE L 217 -62.10 -3.72 18.10
N THR L 218 -63.13 -3.12 18.68
CA THR L 218 -64.49 -3.64 18.63
C THR L 218 -65.41 -2.59 18.04
N LYS L 219 -66.71 -2.86 17.92
CA LYS L 219 -67.60 -1.93 17.18
C LYS L 219 -67.70 -0.56 17.85
N ASP L 220 -67.90 -0.48 19.15
CA ASP L 220 -68.04 0.89 19.67
C ASP L 220 -66.93 1.74 19.02
N HIS L 221 -65.67 1.40 19.21
CA HIS L 221 -64.60 2.23 18.65
C HIS L 221 -64.98 2.54 17.21
N LEU L 222 -65.40 1.59 16.37
CA LEU L 222 -65.69 1.94 14.99
C LEU L 222 -66.77 3.00 14.87
N GLN L 223 -67.70 3.07 15.83
CA GLN L 223 -68.84 3.95 15.73
C GLN L 223 -68.59 5.35 16.26
N ASN L 224 -67.71 5.51 17.24
CA ASN L 224 -67.34 6.87 17.64
C ASN L 224 -66.38 7.50 16.65
N TYR L 225 -65.69 6.71 15.84
CA TYR L 225 -64.85 7.32 14.82
C TYR L 225 -65.70 7.86 13.68
N ILE L 226 -66.85 7.25 13.44
CA ILE L 226 -67.67 7.60 12.28
C ILE L 226 -68.71 8.63 12.69
N GLN L 227 -68.76 8.96 13.98
CA GLN L 227 -69.61 10.05 14.45
C GLN L 227 -68.83 11.27 14.89
N THR L 228 -67.51 11.19 15.01
CA THR L 228 -66.70 12.34 15.34
C THR L 228 -66.10 12.99 14.10
N HIS L 229 -65.81 12.22 13.06
CA HIS L 229 -65.00 12.70 11.96
C HIS L 229 -65.76 12.82 10.65
N TYR L 230 -66.69 11.92 10.35
CA TYR L 230 -67.34 11.94 9.04
C TYR L 230 -68.51 12.91 9.08
N THR L 231 -68.22 14.20 9.06
CA THR L 231 -69.24 15.23 9.19
C THR L 231 -69.22 16.14 7.96
N ALA L 232 -70.32 16.87 7.76
CA ALA L 232 -70.56 17.56 6.49
C ALA L 232 -69.56 18.63 6.10
N PRO L 233 -69.00 19.46 7.00
CA PRO L 233 -67.97 20.40 6.52
C PRO L 233 -66.66 19.74 6.11
N ARG L 234 -66.42 18.49 6.48
CA ARG L 234 -65.18 17.80 6.17
C ARG L 234 -65.35 16.74 5.09
N MET L 235 -66.30 16.93 4.18
CA MET L 235 -66.58 15.95 3.14
C MET L 235 -66.82 16.66 1.82
N VAL L 236 -66.34 16.07 0.73
CA VAL L 236 -66.46 16.62 -0.61
C VAL L 236 -66.96 15.52 -1.54
N ILE L 237 -68.04 15.81 -2.27
CA ILE L 237 -68.56 14.92 -3.30
C ILE L 237 -68.07 15.43 -4.64
N ALA L 238 -67.33 14.60 -5.37
CA ALA L 238 -66.73 15.02 -6.62
C ALA L 238 -67.09 14.03 -7.72
N ALA L 239 -67.47 14.55 -8.89
CA ALA L 239 -67.87 13.72 -10.01
C ALA L 239 -67.23 14.26 -11.27
N SER L 240 -66.93 13.38 -12.21
CA SER L 240 -66.33 13.77 -13.47
C SER L 240 -66.74 12.80 -14.55
N GLY L 241 -66.99 13.32 -15.74
CA GLY L 241 -67.38 12.48 -16.86
C GLY L 241 -68.67 12.90 -17.52
N ALA L 242 -69.55 11.95 -17.81
CA ALA L 242 -70.83 12.24 -18.43
C ALA L 242 -71.88 12.44 -17.35
N VAL L 243 -71.71 13.54 -16.61
CA VAL L 243 -72.59 13.90 -15.51
C VAL L 243 -73.09 15.32 -15.74
N LYS L 244 -74.18 15.67 -15.08
CA LYS L 244 -74.69 17.03 -15.08
C LYS L 244 -74.75 17.56 -13.66
N HIS L 245 -74.37 18.83 -13.48
CA HIS L 245 -74.17 19.37 -12.13
C HIS L 245 -75.47 19.55 -11.39
N GLU L 246 -76.50 20.02 -12.06
CA GLU L 246 -77.77 20.34 -11.41
C GLU L 246 -78.57 19.10 -11.08
N ASP L 247 -78.29 17.98 -11.73
CA ASP L 247 -78.96 16.71 -11.46
C ASP L 247 -78.30 15.95 -10.32
N ILE L 248 -77.02 16.18 -10.08
CA ILE L 248 -76.33 15.52 -8.98
C ILE L 248 -76.62 16.21 -7.66
N VAL L 249 -76.73 17.54 -7.69
CA VAL L 249 -77.03 18.33 -6.50
C VAL L 249 -78.39 17.96 -5.91
N GLU L 250 -79.40 17.74 -6.74
CA GLU L 250 -80.70 17.36 -6.20
C GLU L 250 -80.72 15.93 -5.68
N GLN L 251 -79.81 15.08 -6.15
CA GLN L 251 -79.74 13.74 -5.60
C GLN L 251 -79.08 13.73 -4.23
N VAL L 252 -78.00 14.50 -4.06
CA VAL L 252 -77.30 14.50 -2.79
C VAL L 252 -78.07 15.30 -1.74
N LYS L 253 -78.96 16.20 -2.16
CA LYS L 253 -79.76 16.94 -1.20
C LYS L 253 -80.83 16.09 -0.54
N LYS L 254 -81.18 14.94 -1.10
CA LYS L 254 -82.14 14.05 -0.47
C LYS L 254 -81.55 12.73 -0.03
N LEU L 255 -80.30 12.43 -0.37
CA LEU L 255 -79.66 11.19 0.05
C LEU L 255 -78.77 11.36 1.27
N PHE L 256 -78.10 12.50 1.40
CA PHE L 256 -77.21 12.78 2.54
C PHE L 256 -77.93 13.69 3.52
N THR L 257 -78.66 13.08 4.43
CA THR L 257 -79.52 13.82 5.34
C THR L 257 -79.29 13.45 6.80
N LYS L 258 -78.49 12.42 7.07
CA LYS L 258 -78.53 11.77 8.37
C LYS L 258 -77.13 11.69 8.99
N LEU L 259 -76.13 12.28 8.35
CA LEU L 259 -74.80 12.25 8.94
C LEU L 259 -74.69 13.29 10.07
N SER L 260 -73.64 13.16 10.88
CA SER L 260 -73.56 13.80 12.19
C SER L 260 -73.31 15.30 12.08
N THR L 261 -73.38 15.99 13.23
CA THR L 261 -73.45 17.45 13.27
C THR L 261 -72.51 18.01 14.35
N ASP L 262 -71.28 17.53 14.40
CA ASP L 262 -70.30 18.13 15.30
C ASP L 262 -69.60 19.31 14.62
N PRO L 263 -69.50 20.47 15.28
CA PRO L 263 -68.85 21.61 14.63
C PRO L 263 -67.36 21.73 14.92
N THR L 264 -66.63 20.63 14.83
CA THR L 264 -65.18 20.70 14.93
C THR L 264 -64.56 20.54 13.55
N THR L 265 -63.73 21.50 13.16
CA THR L 265 -63.06 21.44 11.89
C THR L 265 -61.71 20.77 12.05
N ALA L 266 -61.02 20.55 10.92
CA ALA L 266 -59.72 19.90 10.97
C ALA L 266 -58.65 20.84 11.50
N SER L 267 -58.82 22.15 11.30
CA SER L 267 -57.79 23.11 11.70
C SER L 267 -57.73 23.29 13.20
N GLN L 268 -58.81 23.02 13.91
CA GLN L 268 -58.78 23.06 15.36
C GLN L 268 -58.11 21.84 15.94
N LEU L 269 -57.91 20.81 15.14
CA LEU L 269 -57.27 19.58 15.57
C LEU L 269 -55.79 19.53 15.23
N VAL L 270 -55.36 20.25 14.19
CA VAL L 270 -53.96 20.39 13.86
C VAL L 270 -53.28 21.40 14.77
N ALA L 271 -54.03 22.39 15.24
CA ALA L 271 -53.44 23.51 15.98
C ALA L 271 -53.27 23.20 17.46
N LYS L 272 -53.99 22.22 17.99
CA LYS L 272 -53.82 21.87 19.39
C LYS L 272 -52.91 20.67 19.59
N GLU L 273 -52.37 20.14 18.49
CA GLU L 273 -51.37 19.09 18.50
C GLU L 273 -50.51 19.20 17.25
N PRO L 274 -49.58 20.14 17.19
CA PRO L 274 -48.83 20.34 15.95
C PRO L 274 -47.74 19.31 15.74
N ALA L 275 -47.08 19.37 14.59
CA ALA L 275 -46.04 18.44 14.22
C ALA L 275 -44.69 19.15 14.23
N ILE L 276 -43.71 18.53 14.89
CA ILE L 276 -42.41 19.14 15.14
C ILE L 276 -41.33 18.22 14.59
N PHE L 277 -40.39 18.78 13.84
CA PHE L 277 -39.29 18.03 13.25
C PHE L 277 -38.15 17.88 14.25
N THR L 278 -37.51 16.72 14.26
CA THR L 278 -36.36 16.45 15.11
C THR L 278 -35.26 15.80 14.28
N GLY L 279 -34.03 16.29 14.42
CA GLY L 279 -32.90 15.63 13.79
C GLY L 279 -32.47 14.43 14.61
N SER L 280 -32.41 13.26 13.97
CA SER L 280 -32.18 11.97 14.62
C SER L 280 -31.97 10.91 13.55
N GLU L 281 -31.72 9.68 13.98
CA GLU L 281 -31.50 8.58 13.05
C GLU L 281 -31.88 7.23 13.62
N VAL L 282 -32.12 6.27 12.72
CA VAL L 282 -32.35 4.85 13.03
C VAL L 282 -31.51 4.05 12.05
N ARG L 283 -30.77 3.07 12.54
CA ARG L 283 -29.97 2.19 11.69
C ARG L 283 -30.20 0.75 12.08
N MET L 284 -30.56 -0.07 11.10
CA MET L 284 -30.87 -1.48 11.30
C MET L 284 -29.88 -2.31 10.48
N LEU L 285 -28.89 -2.88 11.16
CA LEU L 285 -27.80 -3.59 10.51
C LEU L 285 -28.08 -5.09 10.49
N ASP L 286 -27.89 -5.74 9.32
CA ASP L 286 -28.18 -7.16 9.26
C ASP L 286 -27.06 -7.99 8.65
N ASP L 287 -26.40 -7.49 7.60
CA ASP L 287 -25.24 -8.11 6.95
C ASP L 287 -25.50 -9.45 6.25
N GLU L 288 -26.68 -10.07 6.42
CA GLU L 288 -27.05 -11.21 5.60
C GLU L 288 -27.89 -10.82 4.41
N ILE L 289 -28.26 -9.55 4.30
CA ILE L 289 -29.03 -8.99 3.20
C ILE L 289 -28.01 -8.51 2.16
N PRO L 290 -28.24 -8.69 0.86
CA PRO L 290 -27.22 -8.33 -0.12
C PRO L 290 -27.15 -6.84 -0.49
N LEU L 291 -28.25 -6.10 -0.39
CA LEU L 291 -28.28 -4.69 -0.79
C LEU L 291 -28.71 -3.82 0.39
N ALA L 292 -28.24 -2.57 0.40
CA ALA L 292 -28.53 -1.63 1.46
C ALA L 292 -29.43 -0.51 0.96
N GLN L 293 -30.34 -0.06 1.82
CA GLN L 293 -31.33 0.95 1.49
C GLN L 293 -31.40 1.99 2.60
N PHE L 294 -31.51 3.27 2.22
CA PHE L 294 -31.51 4.37 3.16
C PHE L 294 -32.14 5.61 2.54
N ALA L 295 -32.58 6.52 3.41
CA ALA L 295 -33.16 7.79 3.03
C ALA L 295 -32.69 8.89 3.98
N VAL L 296 -32.38 10.06 3.43
CA VAL L 296 -31.96 11.24 4.19
C VAL L 296 -32.86 12.41 3.83
N ALA L 297 -33.38 13.11 4.85
CA ALA L 297 -34.47 14.05 4.65
C ALA L 297 -34.29 15.34 5.42
N PHE L 298 -34.67 16.45 4.80
CA PHE L 298 -34.83 17.75 5.41
C PHE L 298 -36.30 18.02 5.69
N GLU L 299 -36.57 18.99 6.55
CA GLU L 299 -37.92 19.48 6.72
C GLU L 299 -38.33 20.33 5.52
N GLY L 300 -39.58 20.19 5.09
CA GLY L 300 -40.06 20.92 3.95
C GLY L 300 -41.25 21.81 4.23
N ALA L 301 -42.05 22.11 3.22
CA ALA L 301 -43.11 23.10 3.29
C ALA L 301 -44.48 22.44 3.41
N SER L 302 -45.45 23.22 3.87
CA SER L 302 -46.83 22.75 3.99
C SER L 302 -47.55 22.96 2.66
N TRP L 303 -48.87 22.79 2.67
CA TRP L 303 -49.63 22.84 1.42
C TRP L 303 -49.78 24.27 0.90
N LYS L 304 -50.22 25.20 1.75
CA LYS L 304 -50.55 26.56 1.33
C LYS L 304 -49.35 27.50 1.32
N ASP L 305 -48.17 27.00 1.63
CA ASP L 305 -46.95 27.79 1.63
C ASP L 305 -46.60 28.20 0.22
N PRO L 306 -46.28 29.47 -0.03
CA PRO L 306 -45.91 29.88 -1.40
C PRO L 306 -44.60 29.31 -1.89
N ASP L 307 -43.83 28.70 -1.05
CA ASP L 307 -42.49 28.18 -1.38
C ASP L 307 -42.61 26.72 -1.76
N SER L 308 -43.83 26.18 -1.75
CA SER L 308 -44.05 24.78 -2.10
C SER L 308 -43.78 24.51 -3.57
N ILE L 309 -44.06 25.48 -4.43
CA ILE L 309 -43.84 25.30 -5.86
C ILE L 309 -42.35 25.27 -6.18
N ALA L 310 -41.53 25.97 -5.40
CA ALA L 310 -40.09 25.96 -5.61
C ALA L 310 -39.42 24.70 -5.08
N LEU L 311 -40.03 24.00 -4.12
CA LEU L 311 -39.52 22.74 -3.67
C LEU L 311 -39.93 21.57 -4.58
N MET L 312 -40.85 21.81 -5.51
CA MET L 312 -41.16 20.88 -6.58
C MET L 312 -40.27 21.08 -7.80
N VAL L 313 -39.85 22.32 -8.06
CA VAL L 313 -38.87 22.56 -9.11
C VAL L 313 -37.52 22.01 -8.70
N MET L 314 -37.16 22.13 -7.44
CA MET L 314 -35.89 21.64 -6.93
C MET L 314 -35.81 20.12 -6.92
N GLN L 315 -36.93 19.44 -6.69
CA GLN L 315 -36.98 17.99 -6.76
C GLN L 315 -36.75 17.47 -8.17
N ALA L 316 -37.16 18.22 -9.18
CA ALA L 316 -36.91 17.87 -10.57
C ALA L 316 -35.49 18.19 -11.01
N MET L 317 -34.71 18.88 -10.19
CA MET L 317 -33.31 19.11 -10.48
C MET L 317 -32.41 17.99 -9.96
N LEU L 318 -32.75 17.39 -8.85
CA LEU L 318 -32.02 16.28 -8.21
C LEU L 318 -32.34 15.09 -9.10
N GLY L 319 -33.58 14.81 -9.49
CA GLY L 319 -33.89 13.80 -10.51
C GLY L 319 -34.09 12.38 -10.10
N SER L 320 -33.80 11.40 -10.97
CA SER L 320 -34.00 9.95 -10.71
C SER L 320 -33.18 9.15 -11.68
N TRP L 321 -32.48 8.17 -11.27
CA TRP L 321 -31.72 7.28 -12.14
C TRP L 321 -32.01 5.87 -11.70
N ASN L 322 -32.15 5.01 -12.66
CA ASN L 322 -32.36 3.58 -12.42
C ASN L 322 -31.44 2.95 -13.39
N LYS L 323 -31.17 1.75 -13.20
CA LYS L 323 -30.24 0.90 -13.95
C LYS L 323 -30.84 0.37 -15.24
N THR L 324 -32.15 0.45 -15.40
CA THR L 324 -32.82 0.02 -16.62
C THR L 324 -33.16 1.16 -17.55
N ALA L 325 -32.80 2.39 -17.19
CA ALA L 325 -33.27 3.57 -17.89
C ALA L 325 -32.47 3.81 -19.16
N GLY L 326 -33.12 4.45 -20.12
CA GLY L 326 -32.50 4.71 -21.40
C GLY L 326 -31.69 5.98 -21.47
N GLY L 327 -31.78 6.83 -20.44
CA GLY L 327 -30.96 8.02 -20.41
C GLY L 327 -29.49 7.71 -20.24
N GLY L 328 -29.16 6.85 -19.28
CA GLY L 328 -27.81 6.33 -19.14
C GLY L 328 -26.84 7.30 -18.48
N LYS L 329 -25.85 7.75 -19.25
CA LYS L 329 -24.86 8.70 -18.75
C LYS L 329 -25.14 10.12 -19.20
N HIS L 330 -26.31 10.37 -19.78
CA HIS L 330 -26.56 11.58 -20.54
C HIS L 330 -27.67 12.44 -19.96
N MET L 331 -28.08 12.21 -18.71
CA MET L 331 -29.24 12.89 -18.14
C MET L 331 -28.94 14.34 -17.83
N GLY L 332 -29.98 15.17 -17.80
CA GLY L 332 -29.89 16.56 -17.40
C GLY L 332 -29.38 16.82 -16.00
N SER L 333 -29.89 16.09 -15.03
CA SER L 333 -29.53 16.26 -13.64
C SER L 333 -28.08 15.83 -13.41
N GLU L 334 -27.37 16.60 -12.58
CA GLU L 334 -25.98 16.31 -12.30
C GLU L 334 -25.77 15.31 -11.17
N LEU L 335 -26.75 15.11 -10.30
CA LEU L 335 -26.71 13.99 -9.38
C LEU L 335 -26.92 12.66 -10.10
N ALA L 336 -27.71 12.63 -11.16
CA ALA L 336 -27.91 11.42 -11.93
C ALA L 336 -26.75 11.12 -12.86
N GLN L 337 -25.95 12.11 -13.20
CA GLN L 337 -24.72 11.84 -13.93
C GLN L 337 -23.62 11.30 -13.04
N ARG L 338 -23.58 11.69 -11.77
CA ARG L 338 -22.59 11.15 -10.85
C ARG L 338 -22.88 9.69 -10.55
N VAL L 339 -24.13 9.36 -10.27
CA VAL L 339 -24.52 7.98 -9.99
C VAL L 339 -24.38 7.12 -11.24
N GLY L 340 -24.70 7.68 -12.40
CA GLY L 340 -24.74 6.89 -13.62
C GLY L 340 -23.38 6.60 -14.21
N ILE L 341 -22.45 7.55 -14.14
CA ILE L 341 -21.14 7.37 -14.77
C ILE L 341 -20.28 6.38 -13.98
N ASN L 342 -20.30 6.47 -12.66
CA ASN L 342 -19.41 5.69 -11.81
C ASN L 342 -20.02 4.38 -11.32
N GLU L 343 -21.28 4.07 -11.64
CA GLU L 343 -22.09 2.98 -11.11
C GLU L 343 -21.97 2.81 -9.60
N VAL L 344 -22.42 3.74 -8.87
CA VAL L 344 -22.33 3.66 -7.40
C VAL L 344 -23.67 3.37 -6.76
N ALA L 345 -24.71 3.07 -7.54
CA ALA L 345 -25.99 2.67 -6.97
C ALA L 345 -26.75 1.77 -7.94
N GLU L 346 -27.80 1.17 -7.43
CA GLU L 346 -28.81 0.43 -8.18
C GLU L 346 -29.95 1.35 -8.65
N SER L 347 -30.41 2.24 -7.77
CA SER L 347 -31.43 3.22 -8.10
C SER L 347 -31.36 4.38 -7.12
N MET L 348 -31.84 5.55 -7.56
CA MET L 348 -31.81 6.80 -6.80
C MET L 348 -33.10 7.55 -7.09
N MET L 349 -33.66 8.21 -6.08
CA MET L 349 -34.93 8.92 -6.25
C MET L 349 -35.06 10.05 -5.26
N ALA L 350 -35.45 11.22 -5.72
CA ALA L 350 -35.73 12.36 -4.86
C ALA L 350 -37.23 12.48 -4.58
N PHE L 351 -37.59 12.77 -3.33
CA PHE L 351 -38.98 12.86 -2.94
C PHE L 351 -39.29 14.22 -2.34
N ASN L 352 -40.60 14.50 -2.22
CA ASN L 352 -41.09 15.77 -1.68
C ASN L 352 -42.53 15.55 -1.23
N THR L 353 -42.77 15.59 0.07
CA THR L 353 -44.07 15.34 0.66
C THR L 353 -44.58 16.60 1.32
N ASN L 354 -45.87 16.90 1.18
CA ASN L 354 -46.48 18.06 1.80
C ASN L 354 -47.52 17.60 2.80
N TYR L 355 -47.71 18.39 3.86
CA TYR L 355 -48.74 18.12 4.86
C TYR L 355 -49.42 19.43 5.22
N LYS L 356 -50.32 19.48 6.13
CA LYS L 356 -51.07 20.68 6.51
C LYS L 356 -50.20 21.68 7.23
N ASP L 357 -49.31 21.27 8.13
CA ASP L 357 -48.29 22.10 8.80
C ASP L 357 -46.81 21.83 8.48
N THR L 358 -46.36 20.72 7.91
CA THR L 358 -44.94 20.37 7.76
C THR L 358 -44.73 19.74 6.40
N GLY L 359 -43.58 19.09 6.22
CA GLY L 359 -43.28 18.39 5.00
C GLY L 359 -41.96 17.69 5.12
N LEU L 360 -41.56 17.02 4.04
CA LEU L 360 -40.30 16.29 3.99
C LEU L 360 -39.71 16.42 2.59
N PHE L 361 -38.42 16.65 2.52
CA PHE L 361 -37.68 16.80 1.26
C PHE L 361 -36.40 15.98 1.37
N GLY L 362 -36.10 15.17 0.36
CA GLY L 362 -34.92 14.33 0.48
C GLY L 362 -34.61 13.44 -0.72
N VAL L 363 -33.80 12.40 -0.49
CA VAL L 363 -33.32 11.46 -1.50
C VAL L 363 -33.37 10.05 -0.92
N TYR L 364 -33.81 9.07 -1.73
CA TYR L 364 -33.81 7.66 -1.37
C TYR L 364 -32.94 6.89 -2.36
N ALA L 365 -32.12 5.96 -1.88
CA ALA L 365 -31.18 5.24 -2.73
C ALA L 365 -31.03 3.78 -2.33
N VAL L 366 -30.69 2.93 -3.30
CA VAL L 366 -30.42 1.49 -3.13
C VAL L 366 -29.06 1.20 -3.73
N ALA L 367 -28.18 0.54 -2.98
CA ALA L 367 -26.82 0.28 -3.44
C ALA L 367 -26.23 -0.93 -2.73
N LYS L 368 -25.08 -1.40 -3.24
CA LYS L 368 -24.15 -2.44 -2.82
C LYS L 368 -23.26 -1.94 -1.69
N PRO L 369 -22.87 -2.79 -0.73
CA PRO L 369 -22.25 -2.29 0.50
C PRO L 369 -20.84 -1.71 0.38
N ASP L 370 -20.21 -1.80 -0.79
CA ASP L 370 -18.87 -1.24 -0.94
C ASP L 370 -18.90 0.04 -1.77
N CYS L 371 -20.06 0.67 -1.90
CA CYS L 371 -20.21 1.88 -2.70
C CYS L 371 -20.78 3.03 -1.89
N LEU L 372 -20.94 2.86 -0.59
CA LEU L 372 -21.73 3.77 0.22
C LEU L 372 -21.00 5.05 0.57
N ASP L 373 -19.69 5.13 0.38
CA ASP L 373 -18.93 6.32 0.67
C ASP L 373 -18.96 7.32 -0.47
N ASP L 374 -18.74 6.85 -1.69
CA ASP L 374 -18.78 7.70 -2.87
C ASP L 374 -20.20 8.06 -3.28
N LEU L 375 -21.19 7.29 -2.85
CA LEU L 375 -22.58 7.66 -3.09
C LEU L 375 -23.04 8.73 -2.13
N SER L 376 -22.61 8.67 -0.87
CA SER L 376 -23.03 9.65 0.11
C SER L 376 -22.33 10.98 -0.09
N TYR L 377 -21.15 10.96 -0.70
CA TYR L 377 -20.48 12.21 -1.04
C TYR L 377 -21.23 12.93 -2.15
N ALA L 378 -21.69 12.20 -3.15
CA ALA L 378 -22.32 12.79 -4.31
C ALA L 378 -23.71 13.33 -3.99
N ILE L 379 -24.43 12.68 -3.08
CA ILE L 379 -25.76 13.14 -2.68
C ILE L 379 -25.66 14.46 -1.94
N MET L 380 -24.76 14.53 -0.96
CA MET L 380 -24.63 15.73 -0.14
C MET L 380 -23.96 16.88 -0.88
N TYR L 381 -23.13 16.59 -1.87
CA TYR L 381 -22.49 17.65 -2.63
C TYR L 381 -23.47 18.42 -3.50
N GLU L 382 -24.47 17.76 -4.06
CA GLU L 382 -25.34 18.38 -5.03
C GLU L 382 -26.58 19.00 -4.41
N THR L 383 -26.95 18.59 -3.22
CA THR L 383 -28.04 19.23 -2.50
C THR L 383 -27.59 20.56 -1.91
N THR L 384 -26.37 20.60 -1.37
CA THR L 384 -25.85 21.82 -0.77
C THR L 384 -25.47 22.85 -1.83
N LYS L 385 -25.16 22.40 -3.05
CA LYS L 385 -24.81 23.30 -4.15
C LYS L 385 -25.98 24.16 -4.62
N LEU L 386 -27.22 23.77 -4.30
CA LEU L 386 -28.38 24.56 -4.66
C LEU L 386 -28.45 25.89 -3.90
N ALA L 387 -27.74 26.01 -2.80
CA ALA L 387 -27.70 27.23 -1.98
C ALA L 387 -26.58 28.17 -2.42
N TYR L 388 -25.73 27.74 -3.35
CA TYR L 388 -24.54 28.48 -3.76
C TYR L 388 -24.54 28.83 -5.24
N ARG L 389 -24.77 27.87 -6.13
CA ARG L 389 -24.34 28.01 -7.52
C ARG L 389 -25.36 27.34 -8.42
N VAL L 390 -26.31 28.10 -8.96
CA VAL L 390 -27.41 27.55 -9.75
C VAL L 390 -27.32 28.03 -11.19
N SER L 391 -27.20 27.08 -12.11
CA SER L 391 -27.17 27.39 -13.54
C SER L 391 -28.55 27.77 -14.05
N ASP L 392 -28.58 28.51 -15.15
CA ASP L 392 -29.85 28.96 -15.72
C ASP L 392 -30.47 27.95 -16.66
N ASP L 393 -29.67 27.06 -17.25
CA ASP L 393 -30.25 25.97 -18.03
C ASP L 393 -30.78 24.86 -17.14
N ASP L 394 -30.32 24.78 -15.89
CA ASP L 394 -30.81 23.78 -14.95
C ASP L 394 -32.25 24.05 -14.53
N VAL L 395 -32.62 25.31 -14.37
CA VAL L 395 -33.94 25.66 -13.87
C VAL L 395 -34.94 25.76 -15.01
N THR L 396 -34.49 26.13 -16.20
CA THR L 396 -35.37 26.14 -17.35
C THR L 396 -35.78 24.72 -17.73
N ARG L 397 -34.86 23.78 -17.62
CA ARG L 397 -35.18 22.39 -17.92
C ARG L 397 -36.06 21.77 -16.85
N ALA L 398 -35.84 22.10 -15.58
CA ALA L 398 -36.64 21.59 -14.48
C ALA L 398 -37.99 22.29 -14.35
N ARG L 399 -38.19 23.43 -15.01
CA ARG L 399 -39.51 24.03 -15.10
C ARG L 399 -40.31 23.43 -16.23
N ASN L 400 -39.65 23.09 -17.34
CA ASN L 400 -40.33 22.46 -18.45
C ASN L 400 -40.76 21.03 -18.12
N GLN L 401 -40.06 20.38 -17.20
CA GLN L 401 -40.39 19.01 -16.81
C GLN L 401 -41.49 18.94 -15.78
N LEU L 402 -41.61 19.93 -14.91
CA LEU L 402 -42.67 19.92 -13.91
C LEU L 402 -44.01 20.36 -14.51
N LYS L 403 -43.98 21.29 -15.47
CA LYS L 403 -45.19 21.65 -16.21
C LYS L 403 -45.76 20.46 -16.93
N SER L 404 -44.91 19.64 -17.52
CA SER L 404 -45.35 18.54 -18.35
C SER L 404 -45.80 17.35 -17.51
N SER L 405 -45.16 17.09 -16.37
CA SER L 405 -45.52 15.90 -15.61
C SER L 405 -46.79 16.10 -14.79
N LEU L 406 -47.16 17.33 -14.46
CA LEU L 406 -48.38 17.55 -13.71
C LEU L 406 -49.61 17.46 -14.59
N LEU L 407 -49.48 17.68 -15.89
CA LEU L 407 -50.62 17.64 -16.79
C LEU L 407 -50.72 16.33 -17.56
N LEU L 408 -49.61 15.64 -17.82
CA LEU L 408 -49.66 14.33 -18.48
C LEU L 408 -50.23 13.26 -17.59
N TYR L 409 -50.33 13.54 -16.30
CA TYR L 409 -50.87 12.63 -15.30
C TYR L 409 -52.39 12.65 -15.24
N ILE L 410 -53.02 13.73 -15.70
CA ILE L 410 -54.47 13.88 -15.65
C ILE L 410 -55.00 13.39 -16.99
N ASP L 411 -55.34 12.10 -17.05
CA ASP L 411 -55.70 11.41 -18.29
C ASP L 411 -56.81 10.41 -18.00
N GLY L 412 -58.05 10.82 -18.19
CA GLY L 412 -59.19 9.96 -17.97
C GLY L 412 -60.13 10.55 -16.93
N THR L 413 -61.18 9.80 -16.62
CA THR L 413 -62.21 10.32 -15.74
C THR L 413 -61.85 10.21 -14.27
N SER L 414 -61.14 9.17 -13.88
CA SER L 414 -60.70 9.04 -12.50
C SER L 414 -59.50 9.90 -12.09
N PRO L 415 -58.47 10.17 -12.92
CA PRO L 415 -57.50 11.21 -12.54
C PRO L 415 -58.08 12.60 -12.44
N VAL L 416 -59.14 12.93 -13.18
CA VAL L 416 -59.75 14.24 -13.07
C VAL L 416 -60.47 14.40 -11.74
N ALA L 417 -61.22 13.38 -11.32
CA ALA L 417 -62.03 13.50 -10.12
C ALA L 417 -61.22 13.45 -8.84
N GLU L 418 -60.08 12.75 -8.84
CA GLU L 418 -59.23 12.80 -7.65
C GLU L 418 -58.40 14.07 -7.63
N ASP L 419 -58.27 14.76 -8.76
CA ASP L 419 -57.67 16.08 -8.76
C ASP L 419 -58.61 17.12 -8.17
N ILE L 420 -59.90 17.02 -8.45
CA ILE L 420 -60.88 17.96 -7.90
C ILE L 420 -61.02 17.75 -6.40
N GLY L 421 -61.14 16.50 -5.97
CA GLY L 421 -61.49 16.24 -4.58
C GLY L 421 -60.34 16.45 -3.63
N ARG L 422 -59.12 16.19 -4.07
CA ARG L 422 -57.97 16.36 -3.22
C ARG L 422 -57.55 17.81 -3.11
N GLN L 423 -57.81 18.62 -4.14
CA GLN L 423 -57.44 20.02 -4.10
C GLN L 423 -58.44 20.90 -3.36
N LEU L 424 -59.70 20.50 -3.29
CA LEU L 424 -60.64 21.23 -2.45
C LEU L 424 -60.37 21.01 -0.98
N LEU L 425 -59.72 19.92 -0.61
CA LEU L 425 -59.38 19.68 0.78
C LEU L 425 -58.08 20.33 1.19
N THR L 426 -57.14 20.56 0.28
CA THR L 426 -55.87 21.14 0.68
C THR L 426 -55.78 22.64 0.43
N TYR L 427 -56.32 23.14 -0.68
CA TYR L 427 -56.31 24.58 -0.93
C TYR L 427 -57.64 25.27 -0.73
N GLY L 428 -58.74 24.53 -0.61
CA GLY L 428 -60.06 25.12 -0.56
C GLY L 428 -60.62 25.51 -1.89
N ARG L 429 -59.89 25.28 -2.97
CA ARG L 429 -60.28 25.66 -4.32
C ARG L 429 -59.51 24.78 -5.28
N ARG L 430 -59.96 24.77 -6.53
CA ARG L 430 -59.18 24.14 -7.59
C ARG L 430 -58.44 25.23 -8.36
N ILE L 431 -57.13 25.07 -8.48
CA ILE L 431 -56.27 26.03 -9.14
C ILE L 431 -56.35 25.80 -10.64
N PRO L 432 -56.70 26.81 -11.44
CA PRO L 432 -56.74 26.61 -12.89
C PRO L 432 -55.35 26.43 -13.47
N PHE L 433 -55.30 25.86 -14.68
CA PHE L 433 -54.05 25.48 -15.31
C PHE L 433 -53.21 26.67 -15.73
N ALA L 434 -53.78 27.85 -15.86
CA ALA L 434 -53.02 29.02 -16.28
C ALA L 434 -52.37 29.77 -15.14
N GLU L 435 -52.98 29.75 -13.95
CA GLU L 435 -52.31 30.26 -12.77
C GLU L 435 -51.19 29.36 -12.30
N LEU L 436 -51.39 28.04 -12.34
CA LEU L 436 -50.38 27.08 -11.91
C LEU L 436 -49.13 27.14 -12.79
N PHE L 437 -49.31 27.37 -14.08
CA PHE L 437 -48.16 27.58 -14.95
C PHE L 437 -47.50 28.93 -14.72
N ALA L 438 -48.24 29.92 -14.22
CA ALA L 438 -47.69 31.24 -13.94
C ALA L 438 -46.90 31.29 -12.65
N ARG L 439 -47.20 30.40 -11.71
CA ARG L 439 -46.40 30.32 -10.49
C ARG L 439 -45.14 29.48 -10.69
N ILE L 440 -45.10 28.64 -11.72
CA ILE L 440 -43.92 27.81 -11.94
C ILE L 440 -42.80 28.61 -12.59
N ASP L 441 -43.13 29.40 -13.60
CA ASP L 441 -42.09 30.16 -14.28
C ASP L 441 -41.73 31.46 -13.58
N ALA L 442 -42.25 31.70 -12.37
CA ALA L 442 -41.79 32.77 -11.49
C ALA L 442 -40.76 32.25 -10.50
N VAL L 443 -40.11 31.14 -10.83
CA VAL L 443 -39.08 30.53 -10.01
C VAL L 443 -37.82 30.56 -10.87
N ASP L 444 -36.95 31.53 -10.66
CA ASP L 444 -35.73 31.66 -11.43
C ASP L 444 -34.55 31.26 -10.54
N ALA L 445 -33.34 31.52 -11.03
CA ALA L 445 -32.13 31.07 -10.35
C ALA L 445 -31.95 31.75 -9.00
N SER L 446 -32.43 32.97 -8.84
CA SER L 446 -32.36 33.65 -7.56
C SER L 446 -33.39 33.15 -6.56
N THR L 447 -34.53 32.64 -7.05
CA THR L 447 -35.53 32.07 -6.15
C THR L 447 -35.07 30.73 -5.60
N ILE L 448 -34.31 29.98 -6.40
CA ILE L 448 -33.80 28.68 -5.97
C ILE L 448 -32.87 28.82 -4.78
N LYS L 449 -31.93 29.78 -4.86
CA LYS L 449 -30.96 29.99 -3.79
C LYS L 449 -31.59 30.49 -2.50
N ARG L 450 -32.70 31.21 -2.58
CA ARG L 450 -33.31 31.77 -1.38
C ARG L 450 -34.12 30.73 -0.63
N VAL L 451 -34.79 29.83 -1.35
CA VAL L 451 -35.51 28.73 -0.72
C VAL L 451 -34.53 27.65 -0.26
N ALA L 452 -33.40 27.49 -0.95
CA ALA L 452 -32.39 26.54 -0.51
C ALA L 452 -31.71 26.99 0.77
N ASN L 453 -31.51 28.29 0.93
CA ASN L 453 -30.95 28.81 2.19
C ASN L 453 -31.93 28.70 3.33
N ARG L 454 -33.22 28.68 3.10
CA ARG L 454 -34.21 28.50 4.19
C ARG L 454 -34.40 27.06 4.64
N PHE L 455 -34.26 26.09 3.73
CA PHE L 455 -34.64 24.73 4.04
C PHE L 455 -33.46 23.76 4.14
N ILE L 456 -32.35 24.05 3.46
CA ILE L 456 -31.27 23.10 3.28
C ILE L 456 -30.01 23.53 4.03
N TYR L 457 -29.64 24.80 3.91
CA TYR L 457 -28.33 25.27 4.34
C TYR L 457 -28.22 25.30 5.86
N ASP L 458 -27.29 24.51 6.40
CA ASP L 458 -26.94 24.45 7.81
C ASP L 458 -28.16 24.07 8.67
N LYS L 459 -28.78 22.95 8.32
CA LYS L 459 -30.00 22.50 8.96
C LYS L 459 -29.86 21.05 9.40
N ASP L 460 -30.73 20.63 10.32
CA ASP L 460 -30.74 19.26 10.77
C ASP L 460 -31.39 18.34 9.73
N ILE L 461 -31.03 17.07 9.80
CA ILE L 461 -31.51 16.04 8.88
C ILE L 461 -32.03 14.85 9.69
N ALA L 462 -32.72 13.96 9.00
CA ALA L 462 -33.16 12.69 9.59
C ALA L 462 -32.80 11.57 8.63
N ILE L 463 -32.25 10.48 9.16
CA ILE L 463 -31.77 9.35 8.39
C ILE L 463 -32.43 8.07 8.90
N ALA L 464 -32.78 7.17 7.99
CA ALA L 464 -33.17 5.80 8.33
C ALA L 464 -32.51 4.87 7.33
N ALA L 465 -31.82 3.84 7.82
CA ALA L 465 -31.02 2.96 6.98
C ALA L 465 -31.22 1.51 7.39
N MET L 466 -30.98 0.60 6.45
CA MET L 466 -31.23 -0.83 6.67
C MET L 466 -30.35 -1.66 5.76
N GLY L 467 -29.76 -2.73 6.30
CA GLY L 467 -29.00 -3.67 5.51
C GLY L 467 -27.54 -3.80 5.91
N PRO L 468 -26.68 -4.05 4.92
CA PRO L 468 -25.24 -4.05 5.19
C PRO L 468 -24.64 -2.64 5.21
N ILE L 469 -24.94 -1.89 6.26
CA ILE L 469 -24.72 -0.45 6.30
C ILE L 469 -23.59 -0.07 7.23
N GLN L 470 -22.59 -0.94 7.42
CA GLN L 470 -21.45 -0.61 8.27
C GLN L 470 -20.51 0.40 7.63
N ARG L 471 -20.62 0.65 6.33
CA ARG L 471 -19.72 1.58 5.66
C ARG L 471 -20.43 2.88 5.29
N LEU L 472 -21.66 3.05 5.70
CA LEU L 472 -22.36 4.32 5.57
C LEU L 472 -21.87 5.28 6.63
N PRO L 473 -21.54 6.55 6.28
CA PRO L 473 -21.00 7.50 7.26
C PRO L 473 -21.95 7.85 8.39
N ASP L 474 -21.44 8.42 9.48
CA ASP L 474 -22.26 8.64 10.66
C ASP L 474 -22.87 10.04 10.64
N TYR L 475 -23.57 10.38 11.73
CA TYR L 475 -24.41 11.58 11.76
C TYR L 475 -23.60 12.86 11.70
N ASN L 476 -22.44 12.91 12.35
CA ASN L 476 -21.60 14.08 12.32
C ASN L 476 -20.97 14.32 10.97
N TRP L 477 -20.76 13.25 10.19
CA TRP L 477 -20.29 13.40 8.83
C TRP L 477 -21.34 14.05 7.95
N PHE L 478 -22.60 13.67 8.15
CA PHE L 478 -23.71 14.16 7.34
C PHE L 478 -24.08 15.59 7.72
N ARG L 479 -24.10 15.89 9.03
CA ARG L 479 -24.50 17.20 9.52
C ARG L 479 -23.49 18.27 9.15
N ARG L 480 -22.21 17.91 9.08
CA ARG L 480 -21.17 18.85 8.69
C ARG L 480 -21.27 19.25 7.23
N ARG L 481 -21.76 18.37 6.38
CA ARG L 481 -21.75 18.62 4.95
C ARG L 481 -23.02 19.30 4.45
N THR L 482 -23.78 19.91 5.35
CA THR L 482 -24.88 20.79 4.99
C THR L 482 -24.40 22.22 4.77
N TYR L 483 -23.09 22.46 4.84
CA TYR L 483 -22.52 23.75 4.49
C TYR L 483 -21.15 23.50 3.90
N TRP L 484 -20.62 24.52 3.26
CA TRP L 484 -19.36 24.41 2.53
C TRP L 484 -18.39 25.35 3.19
N ASN L 485 -17.38 24.80 3.86
CA ASN L 485 -16.37 25.70 4.42
C ASN L 485 -15.29 26.09 3.44
N ARG L 486 -15.67 26.71 2.36
CA ARG L 486 -14.69 27.02 1.31
C ARG L 486 -15.17 28.40 0.92
N TYR L 487 -15.28 28.70 -0.36
CA TYR L 487 -15.86 30.01 -0.73
C TYR L 487 -14.91 31.09 -0.23
N MET M 1 -9.94 3.22 -7.45
CA MET M 1 -10.18 4.05 -8.62
C MET M 1 -11.67 4.26 -8.64
N ARG M 2 -12.13 5.26 -9.40
CA ARG M 2 -13.45 5.33 -10.04
C ARG M 2 -13.30 6.08 -11.37
N ASN M 3 -14.40 6.24 -12.09
CA ASN M 3 -14.33 6.76 -13.44
C ASN M 3 -14.09 8.27 -13.49
N GLN M 4 -14.61 9.01 -12.52
CA GLN M 4 -14.30 10.42 -12.34
C GLN M 4 -14.05 10.67 -10.86
N ARG M 5 -13.64 11.89 -10.52
CA ARG M 5 -13.15 12.14 -9.18
C ARG M 5 -14.28 12.35 -8.18
N PHE M 6 -13.96 12.35 -6.92
CA PHE M 6 -14.82 12.37 -5.75
C PHE M 6 -14.05 13.18 -4.72
N SER M 7 -14.33 13.01 -3.45
CA SER M 7 -13.56 13.66 -2.39
C SER M 7 -12.06 13.62 -2.65
N LEU M 8 -11.43 14.80 -2.51
CA LEU M 8 -10.02 14.98 -2.86
C LEU M 8 -9.09 14.33 -1.85
N LEU M 9 -9.56 14.00 -0.66
CA LEU M 9 -8.74 13.27 0.30
C LEU M 9 -8.56 11.81 -0.08
N LYS M 10 -9.30 11.29 -1.05
CA LYS M 10 -9.15 9.92 -1.49
C LYS M 10 -8.33 9.84 -2.77
N GLN M 11 -7.58 10.88 -3.10
CA GLN M 11 -6.63 10.96 -4.20
C GLN M 11 -5.26 10.49 -3.73
N PRO M 12 -4.47 9.91 -4.66
CA PRO M 12 -3.13 9.39 -4.32
C PRO M 12 -2.16 10.35 -3.64
N ILE M 13 -2.27 11.66 -3.93
CA ILE M 13 -1.42 12.64 -3.27
C ILE M 13 -1.72 12.78 -1.78
N SER M 14 -2.90 12.34 -1.32
CA SER M 14 -3.24 12.47 0.08
C SER M 14 -3.88 11.20 0.62
N SER M 15 -3.47 10.04 0.10
CA SER M 15 -4.05 8.78 0.57
C SER M 15 -3.39 8.31 1.85
N THR M 16 -2.06 8.41 1.92
CA THR M 16 -1.29 8.02 3.09
C THR M 16 -1.62 8.88 4.30
N LEU M 17 -2.05 10.12 4.09
CA LEU M 17 -2.51 10.97 5.18
C LEU M 17 -3.97 10.72 5.51
N ASN M 18 -4.77 10.31 4.54
CA ASN M 18 -6.18 10.07 4.80
C ASN M 18 -6.38 8.77 5.57
N GLN M 19 -5.80 7.68 5.08
CA GLN M 19 -6.05 6.37 5.66
C GLN M 19 -5.27 6.14 6.94
N HIS M 20 -4.32 6.99 7.27
CA HIS M 20 -3.55 6.83 8.49
C HIS M 20 -3.72 7.95 9.51
N LEU M 21 -4.33 9.07 9.13
CA LEU M 21 -4.48 10.17 10.08
C LEU M 21 -5.90 10.72 10.16
N ILE M 22 -6.80 10.36 9.27
CA ILE M 22 -8.17 10.87 9.27
C ILE M 22 -9.18 9.74 9.37
N ASP M 23 -9.13 8.80 8.43
CA ASP M 23 -10.12 7.73 8.39
C ASP M 23 -9.70 6.48 9.14
N TYR M 24 -8.62 6.52 9.90
CA TYR M 24 -8.07 5.32 10.51
C TYR M 24 -8.98 4.79 11.62
N PRO M 25 -9.35 3.50 11.59
CA PRO M 25 -10.32 2.99 12.57
C PRO M 25 -9.68 2.75 13.93
N THR M 26 -10.34 3.26 14.96
CA THR M 26 -9.85 3.33 16.32
C THR M 26 -10.88 2.72 17.26
N PRO M 27 -10.47 2.02 18.31
CA PRO M 27 -11.44 1.54 19.30
C PRO M 27 -12.14 2.71 19.99
N SER M 28 -13.43 2.54 20.25
CA SER M 28 -14.22 3.66 20.69
C SER M 28 -14.11 3.93 22.18
N ASN M 29 -13.50 3.03 22.95
CA ASN M 29 -13.43 3.24 24.39
C ASN M 29 -12.04 3.64 24.89
N LEU M 30 -11.19 4.24 24.05
CA LEU M 30 -9.87 4.68 24.47
C LEU M 30 -9.96 5.86 25.42
N SER M 31 -9.21 5.79 26.52
CA SER M 31 -9.22 6.84 27.55
C SER M 31 -8.11 7.87 27.30
N TYR M 32 -7.87 8.73 28.28
CA TYR M 32 -6.88 9.78 28.11
C TYR M 32 -5.45 9.28 28.27
N TRP M 33 -5.25 8.07 28.75
CA TRP M 33 -3.95 7.43 28.77
C TRP M 33 -3.44 7.07 27.39
N TRP M 34 -4.30 7.10 26.37
CA TRP M 34 -3.88 6.91 25.00
C TRP M 34 -3.54 8.24 24.34
N GLY M 35 -3.33 9.29 25.11
CA GLY M 35 -3.02 10.58 24.57
C GLY M 35 -1.58 11.04 24.66
N PHE M 36 -0.73 10.29 25.37
CA PHE M 36 0.64 10.70 25.64
C PHE M 36 1.61 10.37 24.53
N GLY M 37 1.14 9.80 23.42
CA GLY M 37 2.02 9.42 22.34
C GLY M 37 2.16 10.51 21.31
N SER M 38 1.07 11.23 21.01
CA SER M 38 1.17 12.42 20.17
C SER M 38 1.73 13.60 20.94
N LEU M 39 1.62 13.57 22.26
CA LEU M 39 2.21 14.59 23.11
C LEU M 39 3.73 14.49 23.13
N ALA M 40 4.27 13.28 22.99
CA ALA M 40 5.71 13.06 22.91
C ALA M 40 6.28 13.39 21.55
N GLY M 41 5.46 13.39 20.50
CA GLY M 41 5.93 13.82 19.19
C GLY M 41 5.91 15.32 19.01
N ILE M 42 5.17 16.02 19.87
CA ILE M 42 5.23 17.48 19.89
C ILE M 42 6.43 17.95 20.70
N CYS M 43 6.78 17.22 21.77
CA CYS M 43 7.95 17.55 22.55
C CYS M 43 9.25 17.33 21.78
N LEU M 44 9.25 16.43 20.81
CA LEU M 44 10.42 16.24 19.97
C LEU M 44 10.56 17.34 18.93
N VAL M 45 9.44 17.90 18.46
CA VAL M 45 9.50 18.97 17.47
C VAL M 45 9.90 20.28 18.12
N ILE M 46 9.48 20.51 19.35
CA ILE M 46 9.89 21.70 20.11
C ILE M 46 11.39 21.70 20.35
N GLN M 47 11.99 20.53 20.65
CA GLN M 47 13.42 20.47 20.89
C GLN M 47 14.22 20.69 19.62
N ILE M 48 13.70 20.29 18.46
CA ILE M 48 14.44 20.49 17.22
C ILE M 48 14.39 21.96 16.80
N VAL M 49 13.25 22.60 16.90
CA VAL M 49 13.10 23.99 16.44
C VAL M 49 13.84 24.95 17.36
N THR M 50 13.78 24.72 18.66
CA THR M 50 14.46 25.58 19.62
C THR M 50 15.98 25.41 19.56
N GLY M 51 16.46 24.21 19.30
CA GLY M 51 17.89 23.96 19.24
C GLY M 51 18.55 24.43 17.97
N VAL M 52 17.81 24.49 16.86
CA VAL M 52 18.35 25.04 15.62
C VAL M 52 18.61 26.53 15.74
N PHE M 53 17.78 27.25 16.49
CA PHE M 53 17.99 28.67 16.74
C PHE M 53 19.01 28.93 17.85
N LEU M 54 19.16 28.01 18.79
CA LEU M 54 20.20 28.14 19.79
C LEU M 54 21.59 27.95 19.22
N ALA M 55 21.73 27.18 18.15
CA ALA M 55 23.02 26.86 17.58
C ALA M 55 23.56 27.93 16.66
N MET M 56 22.79 28.98 16.40
CA MET M 56 23.24 30.16 15.66
C MET M 56 23.98 31.14 16.54
N HIS M 57 24.05 30.88 17.85
CA HIS M 57 24.75 31.78 18.77
C HIS M 57 25.68 31.05 19.73
N TYR M 58 26.00 29.79 19.52
CA TYR M 58 26.79 28.99 20.44
C TYR M 58 28.15 28.69 19.82
N THR M 59 29.20 28.72 20.63
CA THR M 59 30.56 28.42 20.16
C THR M 59 31.13 27.20 20.87
N PRO M 60 31.39 26.09 20.18
CA PRO M 60 31.95 24.91 20.85
C PRO M 60 33.45 24.95 21.07
N HIS M 61 33.91 25.81 21.99
CA HIS M 61 35.32 25.91 22.33
C HIS M 61 35.41 26.14 23.82
N VAL M 62 36.44 25.57 24.46
CA VAL M 62 36.52 25.61 25.92
C VAL M 62 36.78 27.00 26.46
N ASP M 63 37.30 27.90 25.64
CA ASP M 63 37.52 29.28 26.05
C ASP M 63 36.32 30.17 25.76
N LEU M 64 35.31 29.66 25.05
CA LEU M 64 34.23 30.50 24.56
C LEU M 64 32.84 29.95 24.81
N ALA M 65 32.68 28.78 25.40
CA ALA M 65 31.38 28.09 25.47
C ALA M 65 30.49 28.59 26.59
N PHE M 66 31.04 28.83 27.77
CA PHE M 66 30.25 29.34 28.89
C PHE M 66 29.78 30.77 28.63
N ASN M 67 30.58 31.57 27.95
CA ASN M 67 30.25 32.96 27.67
C ASN M 67 29.33 33.12 26.48
N SER M 68 29.13 32.08 25.67
CA SER M 68 28.16 32.14 24.60
C SER M 68 26.75 31.90 25.08
N VAL M 69 26.60 31.13 26.16
CA VAL M 69 25.30 30.90 26.75
C VAL M 69 24.82 32.08 27.56
N GLU M 70 25.71 32.83 28.19
CA GLU M 70 25.32 34.07 28.84
C GLU M 70 25.09 35.21 27.86
N HIS M 71 25.64 35.12 26.68
CA HIS M 71 25.38 36.12 25.66
C HIS M 71 23.98 35.97 25.08
N VAL M 72 23.48 34.74 25.02
CA VAL M 72 22.11 34.48 24.58
C VAL M 72 21.12 35.00 25.62
N MET M 73 21.39 34.74 26.89
CA MET M 73 20.50 35.15 27.97
C MET M 73 20.43 36.65 28.15
N ARG M 74 21.40 37.41 27.66
CA ARG M 74 21.51 38.82 27.97
C ARG M 74 21.42 39.75 26.78
N ASP M 75 21.90 39.36 25.61
CA ASP M 75 21.99 40.28 24.50
C ASP M 75 21.17 39.93 23.28
N VAL M 76 20.60 38.74 23.23
CA VAL M 76 19.82 38.31 22.07
C VAL M 76 18.35 38.59 22.38
N GLU M 77 17.62 39.06 21.37
CA GLU M 77 16.21 39.42 21.51
C GLU M 77 15.37 38.20 21.82
N GLY M 78 14.79 38.16 23.01
CA GLY M 78 14.04 37.00 23.43
C GLY M 78 14.86 35.76 23.69
N GLY M 79 16.17 35.91 23.88
CA GLY M 79 17.06 34.76 23.97
C GLY M 79 16.91 33.97 25.24
N TRP M 80 16.43 34.60 26.31
CA TRP M 80 16.19 33.87 27.55
C TRP M 80 15.01 32.92 27.41
N LEU M 81 14.09 33.23 26.51
CA LEU M 81 12.98 32.34 26.21
C LEU M 81 13.46 31.14 25.38
N LEU M 82 14.40 31.36 24.47
CA LEU M 82 14.97 30.27 23.69
C LEU M 82 15.78 29.29 24.53
N ARG M 83 16.42 29.73 25.60
CA ARG M 83 17.14 28.79 26.42
C ARG M 83 16.26 28.07 27.42
N TYR M 84 15.36 28.77 28.08
CA TYR M 84 14.52 28.17 29.09
C TYR M 84 13.50 27.20 28.50
N MET M 85 13.09 27.41 27.25
CA MET M 85 12.24 26.44 26.55
C MET M 85 12.98 25.17 26.23
N HIS M 86 14.29 25.25 26.06
CA HIS M 86 15.08 24.10 25.65
C HIS M 86 15.61 23.31 26.84
N ALA M 87 15.92 23.98 27.94
CA ALA M 87 16.40 23.29 29.11
C ALA M 87 15.29 22.63 29.89
N ASN M 88 14.16 23.32 30.03
CA ASN M 88 13.00 22.74 30.67
C ASN M 88 12.21 21.86 29.74
N GLY M 89 12.39 22.01 28.43
CA GLY M 89 11.68 21.19 27.48
C GLY M 89 12.19 19.78 27.40
N ALA M 90 13.42 19.54 27.83
CA ALA M 90 13.96 18.19 27.92
C ALA M 90 13.44 17.46 29.15
N SER M 91 12.96 18.18 30.15
CA SER M 91 12.27 17.55 31.26
C SER M 91 10.82 17.21 30.93
N MET M 92 10.19 17.94 30.02
CA MET M 92 8.83 17.61 29.61
C MET M 92 8.79 16.42 28.68
N PHE M 93 9.83 16.27 27.87
CA PHE M 93 9.94 15.15 26.95
C PHE M 93 10.17 13.84 27.70
N LEU M 94 10.71 13.89 28.91
CA LEU M 94 10.90 12.67 29.69
C LEU M 94 9.75 12.38 30.64
N ILE M 95 8.96 13.38 31.06
CA ILE M 95 7.76 13.11 31.86
C ILE M 95 6.72 12.43 31.01
N VAL M 96 6.57 12.86 29.76
CA VAL M 96 5.53 12.36 28.88
C VAL M 96 5.82 10.93 28.45
N VAL M 97 7.09 10.62 28.13
CA VAL M 97 7.48 9.27 27.73
C VAL M 97 7.47 8.29 28.91
N HIS M 98 7.72 8.75 30.13
CA HIS M 98 7.62 7.86 31.29
C HIS M 98 6.18 7.47 31.61
N LEU M 99 5.22 8.36 31.38
CA LEU M 99 3.80 8.01 31.52
C LEU M 99 3.29 7.20 30.35
N HIS M 100 3.96 7.29 29.21
CA HIS M 100 3.64 6.45 28.06
C HIS M 100 3.98 4.99 28.33
N ILE M 101 5.17 4.75 28.91
CA ILE M 101 5.67 3.39 29.14
C ILE M 101 4.85 2.67 30.20
N PHE M 102 4.40 3.38 31.21
CA PHE M 102 3.64 2.72 32.27
C PHE M 102 2.19 2.45 31.89
N ARG M 103 1.68 3.07 30.83
CA ARG M 103 0.43 2.64 30.22
C ARG M 103 0.60 1.26 29.60
N GLY M 104 1.67 1.06 28.83
CA GLY M 104 1.91 -0.20 28.15
C GLY M 104 2.21 -1.37 29.06
N LEU M 105 2.60 -1.11 30.30
CA LEU M 105 2.81 -2.19 31.26
C LEU M 105 1.54 -2.56 32.00
N TYR M 106 0.63 -1.61 32.20
CA TYR M 106 -0.60 -1.88 32.90
C TYR M 106 -1.58 -2.66 32.03
N HIS M 107 -1.67 -2.33 30.75
CA HIS M 107 -2.62 -2.96 29.85
C HIS M 107 -1.97 -4.02 28.97
N ALA M 108 -0.71 -4.35 29.24
CA ALA M 108 0.07 -5.41 28.59
C ALA M 108 0.14 -5.24 27.08
N SER M 109 0.49 -4.03 26.66
CA SER M 109 0.48 -3.65 25.26
C SER M 109 1.64 -4.23 24.46
N TYR M 110 2.59 -4.89 25.12
CA TYR M 110 3.73 -5.48 24.44
C TYR M 110 3.39 -6.83 23.80
N SER M 111 2.29 -7.45 24.24
CA SER M 111 1.85 -8.77 23.83
C SER M 111 1.59 -8.92 22.34
N SER M 112 1.37 -10.16 21.92
CA SER M 112 1.10 -10.46 20.53
C SER M 112 -0.21 -9.81 20.07
N PRO M 113 -0.26 -9.28 18.85
CA PRO M 113 0.74 -9.29 17.79
C PRO M 113 1.68 -8.07 17.76
N ARG M 114 1.97 -7.48 18.92
CA ARG M 114 2.59 -6.17 18.96
C ARG M 114 3.97 -6.21 19.62
N GLU M 115 4.79 -7.18 19.25
CA GLU M 115 6.14 -7.31 19.79
C GLU M 115 7.13 -6.35 19.16
N PHE M 116 6.99 -6.06 17.87
CA PHE M 116 7.87 -5.14 17.16
C PHE M 116 7.60 -3.69 17.52
N VAL M 117 6.42 -3.38 18.05
CA VAL M 117 6.13 -2.03 18.53
C VAL M 117 6.85 -1.77 19.84
N ARG M 118 6.96 -2.79 20.69
CA ARG M 118 7.67 -2.66 21.94
C ARG M 118 9.17 -2.56 21.74
N CYS M 119 9.72 -3.34 20.83
CA CYS M 119 11.16 -3.41 20.64
C CYS M 119 11.70 -2.22 19.88
N LEU M 120 10.88 -1.59 19.04
CA LEU M 120 11.29 -0.33 18.42
C LEU M 120 11.26 0.83 19.38
N GLY M 121 10.53 0.71 20.48
CA GLY M 121 10.49 1.76 21.48
C GLY M 121 11.51 1.64 22.56
N VAL M 122 12.11 0.48 22.76
CA VAL M 122 13.27 0.35 23.63
C VAL M 122 14.51 0.95 22.97
N VAL M 123 14.60 0.87 21.65
CA VAL M 123 15.65 1.57 20.92
C VAL M 123 15.46 3.09 20.99
N ILE M 124 14.23 3.58 21.02
CA ILE M 124 13.97 5.00 21.11
C ILE M 124 14.39 5.54 22.47
N PHE M 125 14.14 4.77 23.53
CA PHE M 125 14.53 5.17 24.88
C PHE M 125 16.04 5.20 25.05
N LEU M 126 16.78 4.44 24.26
CA LEU M 126 18.23 4.47 24.33
C LEU M 126 18.80 5.67 23.58
N LEU M 127 18.18 6.07 22.47
CA LEU M 127 18.64 7.25 21.75
C LEU M 127 18.30 8.54 22.48
N MET M 128 17.28 8.54 23.33
CA MET M 128 16.93 9.71 24.12
C MET M 128 17.91 9.94 25.27
N ILE M 129 18.45 8.87 25.83
CA ILE M 129 19.38 8.97 26.95
C ILE M 129 20.72 9.47 26.49
N VAL M 130 21.21 9.00 25.35
CA VAL M 130 22.48 9.44 24.81
C VAL M 130 22.42 10.89 24.36
N THR M 131 21.27 11.34 23.84
CA THR M 131 21.15 12.69 23.34
C THR M 131 21.09 13.71 24.46
N ALA M 132 20.40 13.40 25.55
CA ALA M 132 20.30 14.35 26.65
C ALA M 132 21.59 14.44 27.45
N PHE M 133 22.36 13.34 27.53
CA PHE M 133 23.62 13.34 28.25
C PHE M 133 24.69 14.12 27.51
N THR M 134 24.83 13.88 26.22
CA THR M 134 25.80 14.52 25.35
C THR M 134 25.52 16.00 25.14
N GLY M 135 24.28 16.44 25.33
CA GLY M 135 23.93 17.83 25.23
C GLY M 135 24.05 18.61 26.51
N TYR M 136 24.15 17.93 27.64
CA TYR M 136 24.35 18.59 28.93
C TYR M 136 25.78 19.03 29.15
N VAL M 137 26.71 18.58 28.32
CA VAL M 137 28.11 19.02 28.33
C VAL M 137 28.35 20.37 27.62
N PRO M 138 27.70 20.74 26.50
CA PRO M 138 27.96 22.05 25.85
C PRO M 138 27.90 23.31 26.69
N PRO M 139 27.09 23.44 27.77
CA PRO M 139 27.24 24.67 28.57
C PRO M 139 28.56 24.80 29.32
N TRP M 140 29.26 23.69 29.60
CA TRP M 140 30.63 23.65 30.12
C TRP M 140 30.76 24.32 31.49
N GLY M 141 29.90 23.87 32.42
CA GLY M 141 29.97 24.26 33.80
C GLY M 141 30.61 23.17 34.64
N GLN M 142 30.52 23.35 35.96
CA GLN M 142 31.15 22.41 36.86
C GLN M 142 30.44 21.07 36.91
N MET M 143 29.18 20.99 36.49
CA MET M 143 28.49 19.72 36.44
C MET M 143 28.48 19.14 35.02
N SER M 144 28.86 19.92 34.03
CA SER M 144 29.06 19.43 32.68
C SER M 144 30.44 18.83 32.49
N PHE M 145 31.37 19.06 33.41
CA PHE M 145 32.70 18.46 33.37
C PHE M 145 32.82 17.26 34.29
N TRP M 146 32.29 17.35 35.50
CA TRP M 146 32.41 16.27 36.47
C TRP M 146 31.29 15.24 36.34
N GLY M 147 30.49 15.31 35.29
CA GLY M 147 29.53 14.28 34.98
C GLY M 147 29.95 13.51 33.76
N ALA M 148 30.67 14.18 32.84
CA ALA M 148 31.28 13.52 31.71
C ALA M 148 32.55 12.77 32.07
N THR M 149 33.12 13.04 33.24
CA THR M 149 34.27 12.33 33.77
C THR M 149 33.85 11.05 34.48
N VAL M 150 32.76 11.11 35.24
CA VAL M 150 32.26 9.98 36.00
C VAL M 150 31.65 8.90 35.11
N ILE M 151 31.19 9.25 33.90
CA ILE M 151 30.49 8.28 33.08
C ILE M 151 31.40 7.70 32.02
N THR M 152 32.24 8.52 31.40
CA THR M 152 33.08 8.00 30.34
C THR M 152 34.26 7.19 30.85
N SER M 153 34.64 7.36 32.12
CA SER M 153 35.67 6.53 32.72
C SER M 153 35.14 5.20 33.23
N LEU M 154 33.84 4.97 33.10
CA LEU M 154 33.22 3.74 33.58
C LEU M 154 33.38 2.62 32.57
N ALA M 155 33.89 2.94 31.39
CA ALA M 155 34.24 1.96 30.37
C ALA M 155 35.67 1.48 30.49
N SER M 156 36.35 1.83 31.59
CA SER M 156 37.71 1.37 31.85
C SER M 156 37.73 0.13 32.72
N ALA M 157 36.58 -0.45 32.82
CA ALA M 157 36.44 -1.68 33.58
C ALA M 157 35.98 -2.78 32.63
N ILE M 158 36.04 -2.57 31.31
CA ILE M 158 35.75 -3.64 30.32
C ILE M 158 37.09 -4.35 30.10
N PRO M 159 37.20 -5.69 30.13
CA PRO M 159 38.48 -6.47 30.08
C PRO M 159 39.82 -5.95 29.53
N VAL M 160 40.32 -6.51 28.44
CA VAL M 160 41.67 -6.12 27.92
C VAL M 160 41.64 -4.85 27.06
N VAL M 161 40.59 -4.61 26.28
CA VAL M 161 40.58 -3.43 25.36
C VAL M 161 40.37 -2.18 26.22
N GLY M 162 39.25 -2.08 26.92
CA GLY M 162 38.97 -1.00 27.90
C GLY M 162 39.76 0.27 27.80
N ASP M 163 40.99 0.29 28.29
CA ASP M 163 41.68 1.57 28.36
C ASP M 163 42.01 2.15 26.99
N THR M 164 41.87 1.37 25.92
CA THR M 164 41.91 1.92 24.58
C THR M 164 40.57 2.48 24.14
N ILE M 165 39.48 2.11 24.81
CA ILE M 165 38.16 2.64 24.49
C ILE M 165 38.02 4.07 24.99
N VAL M 166 38.49 4.33 26.21
CA VAL M 166 38.22 5.63 26.84
C VAL M 166 39.09 6.72 26.22
N THR M 167 40.31 6.41 25.80
CA THR M 167 41.17 7.42 25.20
C THR M 167 40.88 7.65 23.73
N TRP M 168 40.02 6.84 23.14
CA TRP M 168 39.50 7.07 21.81
C TRP M 168 38.19 7.83 21.84
N LEU M 169 37.39 7.61 22.88
CA LEU M 169 36.19 8.42 23.10
C LEU M 169 36.55 9.84 23.51
N TRP M 170 37.61 9.99 24.31
CA TRP M 170 38.01 11.30 24.80
C TRP M 170 38.77 12.09 23.75
N GLY M 171 39.55 11.43 22.91
CA GLY M 171 40.43 12.15 22.02
C GLY M 171 41.71 12.63 22.67
N GLY M 172 42.06 12.07 23.82
CA GLY M 172 43.23 12.50 24.55
C GLY M 172 43.31 11.77 25.87
N PHE M 173 43.90 12.44 26.86
CA PHE M 173 44.08 11.83 28.17
C PHE M 173 43.08 12.32 29.19
N SER M 174 42.18 13.23 28.82
CA SER M 174 41.17 13.75 29.73
C SER M 174 40.03 14.32 28.89
N VAL M 175 39.01 14.81 29.59
CA VAL M 175 37.95 15.57 28.95
C VAL M 175 38.46 16.97 28.67
N ASP M 176 38.47 17.36 27.39
CA ASP M 176 38.99 18.66 26.99
C ASP M 176 38.38 19.07 25.64
N ASN M 177 39.03 19.97 24.92
CA ASN M 177 38.44 20.59 23.73
C ASN M 177 38.21 19.61 22.59
N ALA M 178 38.95 18.51 22.56
CA ALA M 178 38.64 17.48 21.57
C ALA M 178 37.35 16.75 21.90
N THR M 179 36.98 16.69 23.17
CA THR M 179 35.75 16.04 23.61
C THR M 179 34.54 16.95 23.49
N LEU M 180 34.70 18.25 23.72
CA LEU M 180 33.58 19.18 23.60
C LEU M 180 33.23 19.42 22.13
N ASN M 181 34.19 19.30 21.22
CA ASN M 181 33.89 19.54 19.82
C ASN M 181 33.19 18.36 19.18
N ARG M 182 33.48 17.14 19.61
CA ARG M 182 32.81 15.99 19.01
C ARG M 182 31.51 15.66 19.68
N PHE M 183 31.28 16.14 20.90
CA PHE M 183 29.98 16.02 21.54
C PHE M 183 28.97 16.98 20.92
N PHE M 184 29.42 18.06 20.30
CA PHE M 184 28.53 18.97 19.62
C PHE M 184 28.10 18.45 18.26
N SER M 185 29.00 17.78 17.54
CA SER M 185 28.66 17.26 16.22
C SER M 185 27.68 16.11 16.31
N LEU M 186 27.81 15.27 17.32
CA LEU M 186 26.91 14.14 17.47
C LEU M 186 25.56 14.56 17.98
N HIS M 187 25.47 15.73 18.60
CA HIS M 187 24.25 16.23 19.18
C HIS M 187 23.33 16.89 18.17
N HIS M 188 23.87 17.37 17.07
CA HIS M 188 23.04 17.81 15.97
C HIS M 188 22.52 16.62 15.16
N LEU M 189 23.22 15.49 15.21
CA LEU M 189 22.89 14.35 14.35
C LEU M 189 21.86 13.42 14.97
N LEU M 190 21.99 13.11 16.27
CA LEU M 190 21.14 12.10 16.90
C LEU M 190 19.64 12.42 17.02
N PRO M 191 19.20 13.69 17.14
CA PRO M 191 17.75 13.95 17.01
C PRO M 191 17.13 13.64 15.66
N PHE M 192 17.90 13.60 14.58
CA PHE M 192 17.34 13.27 13.28
C PHE M 192 17.29 11.77 13.02
N ILE M 193 18.05 10.97 13.76
CA ILE M 193 17.88 9.53 13.77
C ILE M 193 16.66 9.17 14.60
N LEU M 194 16.43 9.88 15.70
CA LEU M 194 15.28 9.77 16.57
C LEU M 194 13.97 10.08 15.85
N VAL M 195 14.00 10.90 14.81
CA VAL M 195 12.82 11.19 14.01
C VAL M 195 12.48 10.03 13.10
N GLY M 196 13.48 9.46 12.42
CA GLY M 196 13.22 8.35 11.51
C GLY M 196 12.87 7.06 12.21
N ALA M 197 13.26 6.90 13.46
CA ALA M 197 12.91 5.75 14.26
C ALA M 197 11.56 5.90 14.94
N SER M 198 10.96 7.08 14.89
CA SER M 198 9.62 7.30 15.38
C SER M 198 8.56 7.12 14.31
N LEU M 199 8.88 7.42 13.05
CA LEU M 199 7.99 7.11 11.96
C LEU M 199 7.96 5.63 11.65
N LEU M 200 9.03 4.92 11.94
CA LEU M 200 9.10 3.48 11.76
C LEU M 200 8.34 2.75 12.86
N HIS M 201 8.32 3.34 14.05
CA HIS M 201 7.62 2.81 15.21
C HIS M 201 6.12 2.96 15.08
N LEU M 202 5.65 3.86 14.22
CA LEU M 202 4.23 4.06 13.96
C LEU M 202 3.71 3.26 12.80
N ALA M 203 4.55 2.89 11.85
CA ALA M 203 4.13 1.96 10.82
C ALA M 203 3.93 0.56 11.35
N ALA M 204 4.55 0.21 12.46
CA ALA M 204 4.35 -1.09 13.07
C ALA M 204 3.07 -1.17 13.88
N LEU M 205 2.54 -0.04 14.35
CA LEU M 205 1.26 -0.05 15.03
C LEU M 205 0.09 0.01 14.05
N HIS M 206 0.27 0.61 12.89
CA HIS M 206 -0.82 0.66 11.92
C HIS M 206 -0.94 -0.61 11.09
N GLN M 207 -0.25 -1.68 11.46
CA GLN M 207 -0.48 -2.99 10.89
C GLN M 207 -1.50 -3.80 11.67
N TYR M 208 -1.66 -3.55 12.96
CA TYR M 208 -2.65 -4.25 13.74
C TYR M 208 -3.60 -3.35 14.51
N GLY M 209 -3.39 -2.05 14.52
CA GLY M 209 -4.22 -1.17 15.30
C GLY M 209 -3.79 -1.09 16.75
N SER M 210 -4.66 -0.50 17.53
CA SER M 210 -4.39 -0.17 18.92
C SER M 210 -5.10 -1.11 19.88
N ASN M 211 -4.55 -1.21 21.08
CA ASN M 211 -5.13 -1.96 22.17
C ASN M 211 -6.18 -1.10 22.87
N ASN M 212 -6.95 -1.68 23.76
CA ASN M 212 -8.00 -0.90 24.40
C ASN M 212 -8.05 -1.21 25.89
N PRO M 213 -8.71 -0.35 26.71
CA PRO M 213 -8.78 -0.60 28.17
C PRO M 213 -9.41 -1.91 28.65
N LEU M 214 -10.08 -2.66 27.77
CA LEU M 214 -10.61 -3.95 28.16
C LEU M 214 -9.74 -5.12 27.72
N GLY M 215 -8.90 -4.92 26.73
CA GLY M 215 -7.92 -5.91 26.33
C GLY M 215 -8.40 -6.91 25.30
N VAL M 216 -9.52 -6.65 24.65
CA VAL M 216 -10.24 -7.68 23.91
C VAL M 216 -10.16 -7.40 22.42
N HIS M 217 -10.71 -8.33 21.64
CA HIS M 217 -10.91 -8.14 20.21
C HIS M 217 -11.96 -7.06 19.99
N SER M 218 -11.61 -6.02 19.24
CA SER M 218 -12.43 -4.83 19.20
C SER M 218 -12.94 -4.43 17.83
N GLU M 219 -12.94 -5.31 16.85
CA GLU M 219 -13.27 -4.90 15.48
C GLU M 219 -14.75 -4.75 15.22
N MET M 220 -15.62 -4.94 16.21
CA MET M 220 -17.05 -4.78 16.00
C MET M 220 -17.57 -3.40 16.42
N ASP M 221 -16.78 -2.62 17.18
CA ASP M 221 -17.17 -1.26 17.59
C ASP M 221 -15.99 -0.30 17.42
N GLN M 222 -15.84 0.27 16.24
CA GLN M 222 -14.74 1.15 15.94
C GLN M 222 -15.19 2.37 15.16
N ILE M 223 -14.65 3.53 15.52
CA ILE M 223 -14.96 4.81 14.89
C ILE M 223 -13.68 5.36 14.27
N SER M 224 -13.77 6.52 13.64
CA SER M 224 -12.62 7.07 12.94
C SER M 224 -11.89 8.07 13.80
N PHE M 225 -10.64 8.35 13.41
CA PHE M 225 -9.77 9.20 14.23
C PHE M 225 -10.22 10.66 14.18
N TYR M 226 -10.54 11.14 13.03
CA TYR M 226 -11.10 12.48 12.92
C TYR M 226 -12.62 12.40 12.84
N PRO M 227 -13.37 13.15 13.66
CA PRO M 227 -12.97 14.17 14.63
C PRO M 227 -12.84 13.73 16.07
N TYR M 228 -12.99 12.44 16.35
CA TYR M 228 -13.28 12.02 17.71
C TYR M 228 -12.06 11.96 18.61
N PHE M 229 -10.94 11.46 18.11
CA PHE M 229 -9.73 11.41 18.92
C PHE M 229 -8.78 12.53 18.58
N TYR M 230 -9.14 13.39 17.64
CA TYR M 230 -8.45 14.65 17.43
C TYR M 230 -8.89 15.73 18.41
N VAL M 231 -10.19 15.83 18.72
CA VAL M 231 -10.64 16.88 19.61
C VAL M 231 -10.40 16.54 21.08
N LYS M 232 -10.12 15.29 21.41
CA LYS M 232 -9.78 14.98 22.78
C LYS M 232 -8.27 14.88 22.97
N ASP M 233 -7.52 14.81 21.88
CA ASP M 233 -6.09 15.08 21.91
C ASP M 233 -5.79 16.56 21.98
N LEU M 234 -6.70 17.41 21.50
CA LEU M 234 -6.50 18.86 21.57
C LEU M 234 -6.72 19.39 22.97
N VAL M 235 -7.59 18.77 23.76
CA VAL M 235 -7.68 19.08 25.18
C VAL M 235 -6.39 18.76 25.92
N GLY M 236 -5.61 17.82 25.41
CA GLY M 236 -4.36 17.45 26.04
C GLY M 236 -3.18 18.30 25.66
N TRP M 237 -3.22 18.93 24.49
CA TRP M 237 -2.16 19.82 24.08
C TRP M 237 -2.30 21.22 24.66
N VAL M 238 -3.46 21.56 25.22
CA VAL M 238 -3.66 22.84 25.86
C VAL M 238 -3.45 22.75 27.36
N ALA M 239 -3.79 21.62 27.96
CA ALA M 239 -3.48 21.38 29.36
C ALA M 239 -1.99 21.17 29.58
N PHE M 240 -1.25 20.78 28.56
CA PHE M 240 0.19 20.63 28.60
C PHE M 240 0.90 21.96 28.50
N ALA M 241 0.41 22.87 27.66
CA ALA M 241 1.04 24.16 27.46
C ALA M 241 0.81 25.11 28.61
N ILE M 242 -0.16 24.85 29.48
CA ILE M 242 -0.28 25.62 30.72
C ILE M 242 0.77 25.17 31.72
N PHE M 243 0.92 23.86 31.90
CA PHE M 243 1.89 23.26 32.80
C PHE M 243 3.33 23.57 32.39
N PHE M 244 3.59 23.66 31.10
CA PHE M 244 4.90 24.02 30.55
C PHE M 244 5.21 25.49 30.72
N SER M 245 4.21 26.33 30.91
CA SER M 245 4.40 27.77 31.06
C SER M 245 4.57 28.20 32.51
N ILE M 246 4.36 27.32 33.47
CA ILE M 246 4.72 27.59 34.85
C ILE M 246 6.14 27.14 35.13
N TRP M 247 6.83 26.60 34.15
CA TRP M 247 8.22 26.25 34.29
C TRP M 247 9.13 27.18 33.53
N ILE M 248 8.59 28.09 32.72
CA ILE M 248 9.42 28.96 31.90
C ILE M 248 9.36 30.36 32.46
N PHE M 249 8.19 30.76 32.94
CA PHE M 249 7.97 32.13 33.37
C PHE M 249 8.02 32.31 34.88
N TYR M 250 7.77 31.25 35.67
CA TYR M 250 7.69 31.42 37.11
C TYR M 250 8.65 30.54 37.90
N ALA M 251 9.19 29.50 37.32
CA ALA M 251 10.20 28.72 38.02
C ALA M 251 11.22 28.10 37.06
N PRO M 252 12.04 28.89 36.37
CA PRO M 252 12.87 28.30 35.30
C PRO M 252 14.12 27.60 35.78
N ASN M 253 14.45 27.64 37.08
CA ASN M 253 15.68 27.03 37.57
C ASN M 253 15.44 26.03 38.69
N VAL M 254 14.20 25.60 38.92
CA VAL M 254 13.91 24.66 40.00
C VAL M 254 14.43 23.26 39.65
N LEU M 255 14.35 22.87 38.39
CA LEU M 255 14.69 21.53 37.95
C LEU M 255 16.15 21.36 37.54
N GLY M 256 17.03 22.27 37.95
CA GLY M 256 18.44 22.18 37.62
C GLY M 256 19.33 22.19 38.84
N HIS M 257 20.65 22.28 38.59
CA HIS M 257 21.63 22.40 39.66
C HIS M 257 22.31 23.75 39.62
N PRO M 258 22.53 24.36 40.78
CA PRO M 258 23.27 25.63 40.83
C PRO M 258 24.72 25.54 40.40
N ASP M 259 25.35 24.37 40.54
CA ASP M 259 26.76 24.19 40.22
C ASP M 259 27.09 24.33 38.75
N ASN M 260 26.09 24.34 37.87
CA ASN M 260 26.31 24.55 36.46
C ASN M 260 26.34 26.03 36.11
N TYR M 261 26.36 26.91 37.10
CA TYR M 261 26.60 28.32 36.92
C TYR M 261 28.00 28.73 37.35
N ILE M 262 28.82 27.79 37.78
CA ILE M 262 30.25 28.00 37.98
C ILE M 262 30.97 27.49 36.75
N PRO M 263 31.91 28.25 36.17
CA PRO M 263 32.64 27.74 35.00
C PRO M 263 33.55 26.58 35.37
N ALA M 264 33.84 25.72 34.40
CA ALA M 264 34.45 24.42 34.67
C ALA M 264 35.90 24.55 35.11
N ASN M 265 36.20 23.95 36.25
CA ASN M 265 37.55 23.95 36.82
C ASN M 265 37.97 22.51 37.06
N PRO M 266 38.95 21.97 36.34
CA PRO M 266 39.36 20.59 36.59
C PRO M 266 40.25 20.39 37.81
N MET M 267 40.63 21.43 38.56
CA MET M 267 41.41 21.18 39.76
C MET M 267 40.56 20.86 41.00
N PRO M 268 39.48 21.57 41.35
CA PRO M 268 38.63 21.07 42.44
C PRO M 268 37.44 20.28 41.92
N THR M 269 36.92 19.44 42.79
CA THR M 269 35.76 18.60 42.69
C THR M 269 34.60 19.26 43.43
N PRO M 270 33.38 19.22 42.88
CA PRO M 270 32.23 19.65 43.64
C PRO M 270 31.97 18.70 44.80
N PRO M 271 31.30 19.17 45.86
CA PRO M 271 31.07 18.28 47.01
C PRO M 271 30.16 17.10 46.72
N HIS M 272 29.15 17.27 45.88
CA HIS M 272 28.23 16.20 45.53
C HIS M 272 27.93 16.27 44.04
N ILE M 273 28.14 15.17 43.34
CA ILE M 273 27.88 15.08 41.91
C ILE M 273 26.57 14.32 41.74
N VAL M 274 25.51 15.03 41.33
CA VAL M 274 24.17 14.47 41.18
C VAL M 274 23.71 14.75 39.76
N PRO M 275 23.10 13.80 39.04
CA PRO M 275 22.59 14.09 37.71
C PRO M 275 21.22 14.77 37.73
N GLU M 276 20.66 14.98 36.54
CA GLU M 276 19.28 15.43 36.41
C GLU M 276 18.32 14.38 36.94
N TRP M 277 17.11 14.80 37.30
CA TRP M 277 16.14 13.95 37.98
C TRP M 277 15.77 12.71 37.17
N TYR M 278 15.83 12.78 35.85
CA TYR M 278 15.42 11.66 35.02
C TYR M 278 16.50 10.64 34.79
N PHE M 279 17.68 10.81 35.37
CA PHE M 279 18.72 9.80 35.33
C PHE M 279 18.98 9.20 36.70
N LEU M 280 18.28 9.64 37.72
CA LEU M 280 18.45 9.19 39.10
C LEU M 280 18.12 7.71 39.37
N PRO M 281 17.15 7.05 38.71
CA PRO M 281 17.01 5.61 38.98
C PRO M 281 18.13 4.73 38.45
N ILE M 282 18.68 5.02 37.26
CA ILE M 282 19.78 4.18 36.79
C ILE M 282 21.11 4.57 37.42
N HIS M 283 21.18 5.76 38.02
CA HIS M 283 22.35 6.16 38.78
C HIS M 283 22.42 5.48 40.14
N ALA M 284 21.30 5.02 40.68
CA ALA M 284 21.33 4.32 41.96
C ALA M 284 21.60 2.84 41.82
N ILE M 285 21.28 2.25 40.67
CA ILE M 285 21.64 0.87 40.38
C ILE M 285 23.13 0.77 40.06
N LEU M 286 23.66 1.74 39.33
CA LEU M 286 25.06 1.82 38.95
C LEU M 286 26.01 2.02 40.13
N ARG M 287 25.53 2.61 41.22
CA ARG M 287 26.35 2.82 42.41
C ARG M 287 26.04 1.81 43.50
N SER M 288 25.13 0.88 43.23
CA SER M 288 24.73 -0.12 44.21
C SER M 288 25.66 -1.32 44.24
N ILE M 289 26.39 -1.56 43.16
CA ILE M 289 27.32 -2.68 43.06
C ILE M 289 28.65 -2.19 43.64
N PRO M 290 29.28 -2.95 44.53
CA PRO M 290 30.57 -2.51 45.08
C PRO M 290 31.75 -2.87 44.20
N ASP M 291 31.49 -3.42 43.03
CA ASP M 291 32.49 -3.62 41.99
C ASP M 291 32.07 -2.80 40.78
N LYS M 292 33.06 -2.25 40.08
CA LYS M 292 32.74 -1.32 39.02
C LYS M 292 32.41 -2.03 37.72
N SER M 293 33.13 -3.12 37.42
CA SER M 293 32.84 -3.88 36.20
C SER M 293 31.51 -4.62 36.30
N GLY M 294 31.03 -4.88 37.51
CA GLY M 294 29.69 -5.35 37.75
C GLY M 294 28.65 -4.27 37.86
N GLY M 295 29.04 -3.01 37.64
CA GLY M 295 28.09 -1.92 37.61
C GLY M 295 27.65 -1.62 36.20
N VAL M 296 28.56 -1.75 35.23
CA VAL M 296 28.24 -1.62 33.83
C VAL M 296 27.44 -2.86 33.43
N ALA M 297 27.69 -3.98 34.10
CA ALA M 297 26.99 -5.21 33.84
C ALA M 297 25.70 -5.35 34.63
N ALA M 298 25.20 -4.26 35.22
CA ALA M 298 23.87 -4.21 35.77
C ALA M 298 23.00 -3.19 35.05
N ILE M 299 23.60 -2.37 34.20
CA ILE M 299 22.86 -1.46 33.32
C ILE M 299 22.45 -2.15 32.04
N ALA M 300 23.27 -3.02 31.50
CA ALA M 300 22.92 -3.80 30.32
C ALA M 300 21.84 -4.86 30.57
N PRO M 301 21.71 -5.50 31.74
CA PRO M 301 20.49 -6.29 32.00
C PRO M 301 19.26 -5.48 32.34
N VAL M 302 19.32 -4.15 32.40
CA VAL M 302 18.10 -3.38 32.47
C VAL M 302 17.49 -3.30 31.07
N PHE M 303 18.33 -3.16 30.06
CA PHE M 303 17.87 -3.07 28.68
C PHE M 303 17.77 -4.41 28.00
N ILE M 304 18.10 -5.50 28.70
CA ILE M 304 17.90 -6.84 28.19
C ILE M 304 16.58 -7.42 28.69
N CYS M 305 16.25 -7.22 29.96
CA CYS M 305 14.96 -7.64 30.48
C CYS M 305 13.81 -6.74 30.03
N LEU M 306 14.09 -5.60 29.42
CA LEU M 306 13.06 -4.78 28.79
C LEU M 306 12.73 -5.27 27.40
N LEU M 307 13.74 -5.62 26.65
CA LEU M 307 13.70 -6.15 25.30
C LEU M 307 13.26 -7.59 25.25
N ALA M 308 13.00 -8.25 26.38
CA ALA M 308 12.65 -9.66 26.42
C ALA M 308 11.40 -9.88 27.24
N LEU M 309 10.62 -8.83 27.44
CA LEU M 309 9.25 -8.99 27.95
C LEU M 309 8.27 -9.60 26.95
N PRO M 310 8.17 -9.17 25.68
CA PRO M 310 7.07 -9.70 24.87
C PRO M 310 7.28 -11.10 24.31
N PHE M 311 8.25 -11.88 24.81
CA PHE M 311 8.53 -13.18 24.23
C PHE M 311 8.31 -14.33 25.20
N PHE M 312 7.67 -14.08 26.34
CA PHE M 312 7.14 -15.13 27.20
C PHE M 312 5.69 -15.37 26.81
N LYS M 313 5.30 -16.62 26.59
CA LYS M 313 3.89 -16.84 26.28
C LYS M 313 3.32 -17.94 27.16
N SER M 314 2.36 -17.56 27.99
CA SER M 314 1.01 -18.12 27.99
C SER M 314 0.12 -17.18 28.80
N MET M 315 -0.50 -16.18 28.20
CA MET M 315 -1.26 -15.17 28.90
C MET M 315 -2.34 -14.67 27.96
N TYR M 316 -3.55 -15.13 28.18
CA TYR M 316 -4.61 -14.78 27.26
C TYR M 316 -5.37 -13.55 27.70
N VAL M 317 -5.40 -13.27 28.99
CA VAL M 317 -5.95 -12.03 29.51
C VAL M 317 -4.85 -10.96 29.46
N ARG M 318 -5.17 -9.80 28.89
CA ARG M 318 -4.22 -8.71 28.74
C ARG M 318 -4.34 -7.66 29.84
N SER M 319 -5.53 -7.09 30.02
CA SER M 319 -5.72 -5.92 30.85
C SER M 319 -5.67 -6.28 32.32
N SER M 320 -5.11 -5.37 33.13
CA SER M 320 -5.03 -5.54 34.57
C SER M 320 -6.35 -5.30 35.27
N SER M 321 -7.41 -4.94 34.55
CA SER M 321 -8.73 -4.79 35.15
C SER M 321 -9.31 -6.12 35.60
N PHE M 322 -9.01 -7.19 34.89
CA PHE M 322 -9.56 -8.50 35.19
C PHE M 322 -8.56 -9.38 35.91
N ARG M 323 -7.37 -8.94 36.25
CA ARG M 323 -6.22 -9.68 36.82
C ARG M 323 -5.85 -9.10 38.18
N PRO M 324 -6.45 -9.51 39.30
CA PRO M 324 -6.29 -8.79 40.58
C PRO M 324 -4.94 -8.93 41.26
N ILE M 325 -4.12 -9.91 40.91
CA ILE M 325 -2.84 -10.12 41.57
C ILE M 325 -1.70 -9.40 40.86
N HIS M 326 -1.66 -9.48 39.53
CA HIS M 326 -0.67 -8.72 38.76
C HIS M 326 -0.93 -7.22 38.83
N GLN M 327 -2.15 -6.81 39.14
CA GLN M 327 -2.46 -5.41 39.35
C GLN M 327 -1.82 -4.87 40.61
N GLY M 328 -1.76 -5.67 41.67
CA GLY M 328 -1.09 -5.25 42.90
C GLY M 328 0.41 -5.26 42.82
N ILE M 329 0.98 -6.00 41.89
CA ILE M 329 2.42 -5.98 41.62
C ILE M 329 2.83 -4.77 40.80
N PHE M 330 1.92 -4.22 39.99
CA PHE M 330 2.20 -3.00 39.25
C PHE M 330 2.38 -1.80 40.17
N TRP M 331 1.56 -1.67 41.21
CA TRP M 331 1.67 -0.52 42.09
C TRP M 331 2.81 -0.67 43.07
N LEU M 332 3.38 -1.85 43.17
CA LEU M 332 4.50 -2.17 44.04
C LEU M 332 5.83 -2.08 43.30
N LEU M 333 5.80 -2.05 41.97
CA LEU M 333 6.97 -1.71 41.17
C LEU M 333 7.12 -0.22 40.98
N LEU M 334 6.03 0.50 40.84
CA LEU M 334 6.05 1.96 40.74
C LEU M 334 6.54 2.62 42.01
N ALA M 335 6.27 2.03 43.17
CA ALA M 335 6.83 2.51 44.42
C ALA M 335 8.31 2.23 44.54
N ASP M 336 8.85 1.35 43.72
CA ASP M 336 10.27 1.01 43.75
C ASP M 336 11.10 1.85 42.82
N ARG M 337 10.54 2.29 41.70
CA ARG M 337 11.26 3.18 40.79
C ARG M 337 11.28 4.61 41.32
N LEU M 338 10.36 4.97 42.21
CA LEU M 338 10.40 6.25 42.88
C LEU M 338 11.27 6.24 44.12
N LEU M 339 11.55 5.08 44.69
CA LEU M 339 12.47 4.95 45.79
C LEU M 339 13.91 4.81 45.34
N LEU M 340 14.15 4.26 44.15
CA LEU M 340 15.45 4.28 43.53
C LEU M 340 15.86 5.64 43.00
N GLY M 341 14.92 6.56 42.84
CA GLY M 341 15.27 7.89 42.39
C GLY M 341 15.65 8.76 43.56
N TRP M 342 15.08 8.46 44.72
CA TRP M 342 15.45 9.17 45.95
C TRP M 342 16.85 8.81 46.39
N ILE M 343 17.21 7.52 46.31
CA ILE M 343 18.53 7.03 46.70
C ILE M 343 19.63 7.59 45.82
N GLY M 344 19.36 7.83 44.54
CA GLY M 344 20.34 8.32 43.61
C GLY M 344 20.76 9.76 43.77
N CYS M 345 20.26 10.48 44.77
CA CYS M 345 20.71 11.82 45.08
C CYS M 345 21.11 11.97 46.54
N GLN M 346 21.45 10.86 47.19
CA GLN M 346 21.87 10.80 48.57
C GLN M 346 23.35 10.47 48.65
N PRO M 347 24.02 10.73 49.78
CA PRO M 347 25.42 10.32 49.92
C PRO M 347 25.57 8.81 49.99
N VAL M 348 26.74 8.32 49.55
CA VAL M 348 27.01 6.89 49.60
C VAL M 348 27.51 6.58 51.01
N GLU M 349 26.58 6.27 51.91
CA GLU M 349 26.88 5.98 53.30
C GLU M 349 25.75 5.18 53.90
N ALA M 350 25.82 4.95 55.20
CA ALA M 350 24.70 4.37 55.91
C ALA M 350 23.61 5.43 56.10
N PRO M 351 22.33 5.04 56.02
CA PRO M 351 21.79 3.71 55.79
C PRO M 351 21.50 3.43 54.33
N PHE M 352 21.92 4.33 53.43
CA PHE M 352 21.52 4.28 52.05
C PHE M 352 22.29 3.26 51.23
N VAL M 353 23.08 2.41 51.86
CA VAL M 353 23.75 1.34 51.14
C VAL M 353 22.95 0.05 51.17
N THR M 354 22.11 -0.15 52.19
CA THR M 354 21.23 -1.30 52.27
C THR M 354 19.91 -1.02 51.56
N ILE M 355 19.39 0.20 51.70
CA ILE M 355 18.15 0.64 51.07
C ILE M 355 18.39 0.94 49.59
N GLY M 356 19.62 0.79 49.13
CA GLY M 356 19.93 0.97 47.74
C GLY M 356 20.42 -0.30 47.10
N GLN M 357 20.39 -1.40 47.84
CA GLN M 357 20.76 -2.72 47.34
C GLN M 357 19.55 -3.65 47.23
N ILE M 358 18.58 -3.50 48.11
CA ILE M 358 17.33 -4.24 48.04
C ILE M 358 16.43 -3.75 46.89
N PRO M 359 16.21 -2.44 46.64
CA PRO M 359 15.39 -2.05 45.47
C PRO M 359 15.99 -2.37 44.11
N PRO M 360 17.32 -2.48 43.92
CA PRO M 360 17.78 -3.11 42.68
C PRO M 360 17.46 -4.58 42.59
N LEU M 361 17.26 -5.28 43.71
CA LEU M 361 16.86 -6.67 43.63
C LEU M 361 15.37 -6.79 43.34
N VAL M 362 14.55 -5.93 43.96
CA VAL M 362 13.10 -5.94 43.76
C VAL M 362 12.76 -5.48 42.34
N PHE M 363 13.59 -4.60 41.77
CA PHE M 363 13.41 -4.18 40.39
C PHE M 363 13.65 -5.31 39.39
N PHE M 364 14.53 -6.25 39.70
CA PHE M 364 14.78 -7.36 38.81
C PHE M 364 13.92 -8.57 39.12
N LEU M 365 13.20 -8.58 40.23
CA LEU M 365 12.20 -9.60 40.50
C LEU M 365 10.86 -9.32 39.86
N PHE M 366 10.70 -8.20 39.17
CA PHE M 366 9.47 -7.98 38.44
C PHE M 366 9.45 -8.74 37.11
N PHE M 367 10.61 -8.92 36.50
CA PHE M 367 10.69 -9.52 35.19
C PHE M 367 10.92 -11.02 35.24
N ALA M 368 11.00 -11.59 36.44
CA ALA M 368 11.05 -13.03 36.63
C ALA M 368 9.77 -13.59 37.23
N ILE M 369 8.95 -12.77 37.85
CA ILE M 369 7.69 -13.20 38.43
C ILE M 369 6.53 -12.73 37.54
N THR M 370 6.84 -12.25 36.36
CA THR M 370 5.79 -12.22 35.35
C THR M 370 5.49 -13.60 34.74
N PRO M 371 6.46 -14.41 34.26
CA PRO M 371 6.04 -15.63 33.52
C PRO M 371 5.48 -16.73 34.39
N ILE M 372 5.58 -16.65 35.71
CA ILE M 372 5.06 -17.69 36.57
C ILE M 372 3.54 -17.53 36.67
N PRO M 373 2.95 -16.32 36.72
CA PRO M 373 1.53 -16.21 36.34
C PRO M 373 1.20 -16.61 34.90
N GLY M 374 2.18 -16.76 34.01
CA GLY M 374 1.90 -17.32 32.71
C GLY M 374 1.77 -18.84 32.71
N ARG M 375 1.95 -19.46 33.87
CA ARG M 375 1.79 -20.90 34.02
C ARG M 375 0.66 -21.25 34.97
N VAL M 376 0.64 -20.62 36.15
CA VAL M 376 -0.40 -20.88 37.13
C VAL M 376 -1.73 -20.30 36.68
N GLY M 377 -1.70 -19.27 35.85
CA GLY M 377 -2.92 -18.61 35.43
C GLY M 377 -3.70 -19.33 34.34
N ARG M 378 -3.03 -20.16 33.54
CA ARG M 378 -3.71 -20.84 32.44
C ARG M 378 -4.43 -22.12 32.88
N GLY M 379 -4.51 -22.37 34.18
CA GLY M 379 -5.30 -23.47 34.70
C GLY M 379 -6.49 -22.96 35.48
N ILE M 380 -6.80 -21.69 35.30
CA ILE M 380 -7.98 -21.04 35.88
C ILE M 380 -9.29 -21.48 35.22
N PRO M 381 -9.44 -21.57 33.86
CA PRO M 381 -10.74 -21.99 33.32
C PRO M 381 -11.12 -23.44 33.59
N ASN M 382 -10.19 -24.27 34.05
CA ASN M 382 -10.50 -25.65 34.40
C ASN M 382 -10.76 -25.85 35.88
N SER M 383 -10.74 -24.78 36.68
CA SER M 383 -10.97 -24.91 38.10
C SER M 383 -12.17 -24.09 38.56
N TYR M 384 -12.31 -22.88 38.04
CA TYR M 384 -13.33 -21.97 38.55
C TYR M 384 -14.67 -22.19 37.86
N THR M 385 -14.71 -23.08 36.86
CA THR M 385 -15.86 -23.32 36.00
C THR M 385 -17.14 -23.69 36.74
N GLU N 1 28.35 18.21 61.75
CA GLU N 1 27.18 19.06 61.54
C GLU N 1 27.56 20.41 60.96
N ALA N 2 28.85 20.71 60.98
CA ALA N 2 29.37 21.97 60.47
C ALA N 2 30.05 21.77 59.12
N GLU N 3 29.63 20.73 58.39
CA GLU N 3 30.28 20.36 57.15
C GLU N 3 29.63 20.97 55.93
N HIS N 4 28.35 21.31 55.99
CA HIS N 4 27.69 22.07 54.94
C HIS N 4 27.30 23.47 55.38
N GLY N 5 27.37 23.77 56.66
CA GLY N 5 27.03 25.08 57.18
C GLY N 5 25.78 25.05 58.02
N LEU N 6 25.39 26.23 58.46
CA LEU N 6 24.11 26.47 59.09
C LEU N 6 23.10 26.87 58.01
N ALA N 7 21.84 26.58 58.26
CA ALA N 7 20.77 26.88 57.32
C ALA N 7 20.27 28.29 57.53
N CYS N 8 20.10 29.02 56.43
CA CYS N 8 19.67 30.41 56.47
C CYS N 8 18.14 30.51 56.48
N PRO N 9 17.59 31.53 57.12
CA PRO N 9 16.13 31.70 57.11
C PRO N 9 15.59 32.27 55.81
N SER N 10 14.30 32.60 55.79
CA SER N 10 13.66 33.14 54.60
C SER N 10 13.22 34.58 54.85
N TYR N 11 13.70 35.49 54.03
CA TYR N 11 13.40 36.90 54.14
C TYR N 11 12.41 37.34 53.08
N PRO N 12 11.46 38.19 53.40
CA PRO N 12 10.50 38.65 52.38
C PRO N 12 11.06 39.72 51.47
N TRP N 13 11.75 39.32 50.41
CA TRP N 13 12.35 40.28 49.49
C TRP N 13 11.27 41.03 48.72
N PRO N 14 11.50 42.30 48.37
CA PRO N 14 10.45 43.07 47.66
C PRO N 14 10.24 42.67 46.21
N HIS N 15 11.04 41.76 45.65
CA HIS N 15 10.83 41.30 44.29
C HIS N 15 10.31 39.87 44.24
N GLN N 16 9.85 39.33 45.36
CA GLN N 16 9.30 37.98 45.41
C GLN N 16 7.79 38.05 45.38
N GLY N 17 7.21 37.42 44.38
CA GLY N 17 5.78 37.50 44.15
C GLY N 17 5.49 37.32 42.68
N ILE N 18 4.23 37.06 42.37
CA ILE N 18 3.88 36.79 40.99
C ILE N 18 3.71 38.08 40.18
N LEU N 19 3.48 39.22 40.84
CA LEU N 19 3.41 40.50 40.16
C LEU N 19 4.33 41.54 40.81
N SER N 20 5.35 41.10 41.54
CA SER N 20 6.25 42.01 42.23
C SER N 20 7.45 42.36 41.36
N SER N 21 7.93 43.60 41.48
CA SER N 21 9.04 44.09 40.69
C SER N 21 10.25 44.37 41.57
N TYR N 22 11.33 44.80 40.93
CA TYR N 22 12.52 45.25 41.64
C TYR N 22 12.29 46.63 42.23
N ASP N 23 12.85 46.87 43.41
CA ASP N 23 12.93 48.21 43.96
C ASP N 23 14.12 48.92 43.32
N HIS N 24 13.86 49.82 42.38
CA HIS N 24 14.93 50.40 41.58
C HIS N 24 15.74 51.45 42.32
N ALA N 25 15.21 52.02 43.39
CA ALA N 25 16.01 52.88 44.24
C ALA N 25 16.91 52.10 45.18
N SER N 26 16.66 50.81 45.33
CA SER N 26 17.54 49.95 46.12
C SER N 26 18.59 49.27 45.27
N ILE N 27 18.37 49.14 43.95
CA ILE N 27 19.43 48.75 43.05
C ILE N 27 20.43 49.89 42.88
N ARG N 28 19.92 51.12 42.84
CA ARG N 28 20.74 52.32 42.73
C ARG N 28 21.69 52.48 43.92
N ARG N 29 21.22 52.16 45.12
CA ARG N 29 22.04 52.25 46.31
C ARG N 29 23.00 51.08 46.46
N GLY N 30 22.71 49.95 45.83
CA GLY N 30 23.53 48.76 46.00
C GLY N 30 24.70 48.72 45.05
N HIS N 31 24.59 49.42 43.94
CA HIS N 31 25.73 49.65 43.06
C HIS N 31 26.77 50.54 43.69
N GLN N 32 26.37 51.40 44.63
CA GLN N 32 27.29 52.24 45.37
C GLN N 32 27.98 51.51 46.52
N VAL N 33 27.32 50.53 47.13
CA VAL N 33 27.99 49.66 48.08
C VAL N 33 29.00 48.78 47.38
N TYR N 34 28.70 48.31 46.15
CA TYR N 34 29.63 47.47 45.41
C TYR N 34 30.86 48.23 45.00
N THR N 35 30.69 49.42 44.42
CA THR N 35 31.79 50.09 43.76
C THR N 35 32.78 50.72 44.74
N GLN N 36 32.43 50.79 46.03
CA GLN N 36 33.30 51.36 47.03
C GLN N 36 33.82 50.35 48.04
N VAL N 37 33.09 49.28 48.31
CA VAL N 37 33.50 48.28 49.30
C VAL N 37 33.93 46.98 48.65
N CYS N 38 33.40 46.66 47.47
CA CYS N 38 33.50 45.31 46.92
C CYS N 38 34.37 45.19 45.69
N ALA N 39 34.45 46.22 44.85
CA ALA N 39 35.11 46.11 43.56
C ALA N 39 36.63 46.09 43.66
N SER N 40 37.19 46.26 44.87
CA SER N 40 38.64 46.24 45.01
C SER N 40 39.21 44.83 44.93
N CYS N 41 38.40 43.81 45.21
CA CYS N 41 38.86 42.44 45.11
C CYS N 41 37.93 41.49 44.37
N HIS N 42 36.77 41.94 43.92
CA HIS N 42 35.85 41.12 43.17
C HIS N 42 35.60 41.70 41.80
N SER N 43 35.32 40.82 40.85
CA SER N 43 35.01 41.24 39.50
C SER N 43 33.56 40.90 39.18
N MET N 44 33.01 41.56 38.16
CA MET N 44 31.72 41.16 37.62
C MET N 44 31.89 40.62 36.21
N SER N 45 32.43 41.44 35.31
CA SER N 45 32.94 41.05 34.00
C SER N 45 31.90 40.57 32.99
N LEU N 46 30.64 40.45 33.40
CA LEU N 46 29.55 40.18 32.48
C LEU N 46 28.65 41.40 32.27
N ILE N 47 28.66 42.35 33.18
CA ILE N 47 27.81 43.52 33.13
C ILE N 47 28.60 44.68 32.52
N SER N 48 27.97 45.37 31.57
CA SER N 48 28.53 46.54 30.90
C SER N 48 28.04 47.81 31.56
N TYR N 49 28.52 48.95 31.06
CA TYR N 49 28.04 50.22 31.60
C TYR N 49 26.70 50.61 31.01
N ARG N 50 26.43 50.22 29.78
CA ARG N 50 25.15 50.49 29.12
C ARG N 50 23.99 49.71 29.70
N ASP N 51 24.18 48.80 30.65
CA ASP N 51 23.12 48.00 31.22
C ASP N 51 22.45 48.64 32.42
N LEU N 52 23.00 49.72 32.95
CA LEU N 52 22.38 50.44 34.05
C LEU N 52 21.50 51.59 33.58
N VAL N 53 21.62 51.97 32.32
CA VAL N 53 20.84 53.08 31.76
C VAL N 53 19.38 52.68 31.67
N GLY N 54 18.51 53.43 32.34
CA GLY N 54 17.12 53.09 32.40
C GLY N 54 16.75 52.17 33.54
N VAL N 55 17.73 51.66 34.28
CA VAL N 55 17.47 50.84 35.44
C VAL N 55 17.72 51.60 36.73
N ALA N 56 18.87 52.29 36.84
CA ALA N 56 19.15 53.04 38.05
C ALA N 56 19.75 54.42 37.75
N TYR N 57 20.21 54.65 36.52
CA TYR N 57 20.91 55.87 36.17
C TYR N 57 20.45 56.37 34.82
N THR N 58 20.65 57.66 34.60
CA THR N 58 20.40 58.31 33.32
C THR N 58 21.62 58.12 32.43
N GLU N 59 21.45 58.31 31.12
CA GLU N 59 22.56 58.14 30.19
C GLU N 59 23.67 59.17 30.39
N GLU N 60 23.33 60.37 30.87
CA GLU N 60 24.35 61.37 31.14
C GLU N 60 25.16 61.03 32.39
N GLU N 61 24.55 60.35 33.36
CA GLU N 61 25.28 59.97 34.55
C GLU N 61 26.20 58.80 34.32
N VAL N 62 25.89 57.94 33.35
CA VAL N 62 26.75 56.82 33.03
C VAL N 62 27.88 57.26 32.12
N LYS N 63 27.66 58.30 31.31
CA LYS N 63 28.74 58.83 30.49
C LYS N 63 29.75 59.65 31.27
N ALA N 64 29.53 59.86 32.56
CA ALA N 64 30.49 60.51 33.42
C ALA N 64 30.99 59.59 34.51
N MET N 65 30.32 58.46 34.71
CA MET N 65 30.81 57.39 35.56
C MET N 65 31.80 56.52 34.83
N ALA N 66 31.57 56.28 33.54
CA ALA N 66 32.44 55.44 32.74
C ALA N 66 33.71 56.16 32.30
N ALA N 67 33.72 57.49 32.28
CA ALA N 67 34.89 58.23 31.81
C ALA N 67 35.90 58.49 32.91
N GLU N 68 35.73 57.89 34.06
CA GLU N 68 36.66 58.03 35.17
C GLU N 68 37.65 56.88 35.27
N ILE N 69 37.59 55.93 34.36
CA ILE N 69 38.50 54.79 34.37
C ILE N 69 39.31 54.80 33.08
N GLU N 70 40.53 54.26 33.14
CA GLU N 70 41.39 54.11 31.97
C GLU N 70 41.30 52.69 31.44
N VAL N 71 41.05 52.56 30.15
CA VAL N 71 40.84 51.27 29.50
C VAL N 71 41.89 51.11 28.41
N VAL N 72 42.44 49.89 28.30
CA VAL N 72 43.46 49.61 27.29
C VAL N 72 42.81 49.51 25.92
N ASP N 73 43.43 50.16 24.93
CA ASP N 73 42.91 50.15 23.58
C ASP N 73 43.98 49.62 22.64
N GLY N 74 43.54 49.17 21.46
CA GLY N 74 44.36 48.44 20.53
C GLY N 74 45.49 49.23 19.92
N PRO N 75 46.24 48.60 19.01
CA PRO N 75 47.47 49.21 18.53
C PRO N 75 47.22 50.39 17.59
N ASN N 76 48.07 51.40 17.74
CA ASN N 76 48.08 52.58 16.88
C ASN N 76 48.81 52.29 15.59
N ASP N 77 49.09 53.30 14.78
CA ASP N 77 49.85 53.10 13.56
C ASP N 77 51.32 52.78 13.81
N GLU N 78 51.82 52.97 15.02
CA GLU N 78 53.16 52.55 15.41
C GLU N 78 53.19 51.19 16.06
N GLY N 79 52.04 50.55 16.24
CA GLY N 79 52.00 49.20 16.77
C GLY N 79 52.19 49.11 18.26
N GLU N 80 51.65 50.06 19.02
CA GLU N 80 51.81 50.09 20.46
C GLU N 80 50.44 50.25 21.11
N MET N 81 50.33 49.81 22.35
CA MET N 81 49.10 49.94 23.10
C MET N 81 49.07 51.30 23.79
N PHE N 82 47.88 51.71 24.23
CA PHE N 82 47.73 52.93 25.02
C PHE N 82 46.51 52.76 25.90
N THR N 83 46.15 53.83 26.61
CA THR N 83 44.96 53.85 27.43
C THR N 83 44.05 54.99 26.97
N ARG N 84 42.77 54.84 27.24
CA ARG N 84 41.75 55.81 26.88
C ARG N 84 40.72 55.83 28.00
N PRO N 85 39.94 56.90 28.13
CA PRO N 85 38.81 56.87 29.08
C PRO N 85 37.72 55.93 28.59
N GLY N 86 36.94 55.41 29.54
CA GLY N 86 35.97 54.40 29.20
C GLY N 86 34.76 54.95 28.48
N LYS N 87 33.97 54.04 27.93
CA LYS N 87 32.77 54.39 27.17
C LYS N 87 31.58 53.65 27.73
N LEU N 88 30.47 53.68 27.00
CA LEU N 88 29.27 52.95 27.38
C LEU N 88 29.35 51.47 27.08
N SER N 89 30.16 51.08 26.10
CA SER N 89 30.27 49.70 25.67
C SER N 89 31.14 48.85 26.58
N ASP N 90 31.90 49.45 27.48
CA ASP N 90 32.92 48.74 28.21
C ASP N 90 32.31 47.93 29.34
N ARG N 91 33.03 46.90 29.76
CA ARG N 91 32.66 46.08 30.89
C ARG N 91 33.16 46.71 32.17
N PHE N 92 32.68 46.19 33.29
CA PHE N 92 33.15 46.64 34.59
C PHE N 92 34.62 46.25 34.75
N PRO N 93 35.46 47.10 35.34
CA PRO N 93 36.88 46.79 35.42
C PRO N 93 37.18 45.68 36.42
N GLN N 94 38.24 44.93 36.13
CA GLN N 94 38.87 43.80 36.81
C GLN N 94 39.86 44.30 37.87
N PRO N 95 39.81 43.77 39.08
CA PRO N 95 40.76 44.24 40.10
C PRO N 95 42.17 43.70 39.92
N TYR N 96 42.33 42.54 39.28
CA TYR N 96 43.62 41.88 39.17
C TYR N 96 43.91 41.60 37.71
N ALA N 97 45.06 40.99 37.45
CA ALA N 97 45.52 40.74 36.09
C ALA N 97 45.21 39.33 35.61
N ASN N 98 45.08 38.37 36.51
CA ASN N 98 44.67 37.00 36.24
C ASN N 98 44.32 36.34 37.57
N GLU N 99 43.96 35.07 37.51
CA GLU N 99 43.62 34.31 38.69
C GLU N 99 44.83 34.03 39.58
N ALA N 100 46.03 33.99 39.01
CA ALA N 100 47.22 33.73 39.80
C ALA N 100 47.60 34.92 40.66
N ALA N 101 47.49 36.13 40.12
CA ALA N 101 47.75 37.34 40.90
C ALA N 101 46.64 37.65 41.89
N ALA N 102 45.48 37.01 41.75
CA ALA N 102 44.37 37.21 42.66
C ALA N 102 44.47 36.37 43.91
N ARG N 103 45.01 35.16 43.80
CA ARG N 103 45.26 34.33 44.97
C ARG N 103 46.45 34.82 45.77
N PHE N 104 47.42 35.44 45.12
CA PHE N 104 48.63 35.90 45.78
C PHE N 104 48.37 37.06 46.72
N ALA N 105 47.44 37.94 46.36
CA ALA N 105 47.08 39.06 47.20
C ALA N 105 46.05 38.71 48.24
N ASN N 106 45.66 37.44 48.35
CA ASN N 106 44.57 37.07 49.25
C ASN N 106 44.89 35.83 50.07
N GLY N 107 46.15 35.44 50.19
CA GLY N 107 46.51 34.28 50.98
C GLY N 107 46.24 32.96 50.32
N GLY N 108 46.33 32.88 49.00
CA GLY N 108 46.06 31.65 48.28
C GLY N 108 44.63 31.48 47.85
N ALA N 109 43.67 32.08 48.57
CA ALA N 109 42.27 31.90 48.27
C ALA N 109 41.82 32.85 47.17
N TYR N 110 40.89 32.40 46.38
CA TYR N 110 40.44 33.16 45.23
C TYR N 110 39.06 33.76 45.51
N PRO N 111 38.88 35.07 45.36
CA PRO N 111 37.56 35.65 45.52
C PRO N 111 36.77 35.56 44.23
N PRO N 112 35.62 34.85 44.23
CA PRO N 112 34.95 34.50 42.98
C PRO N 112 34.34 35.66 42.21
N ASP N 113 33.79 35.37 41.04
CA ASP N 113 33.08 36.35 40.24
C ASP N 113 31.65 36.44 40.72
N LEU N 114 31.15 37.67 40.87
CA LEU N 114 29.86 37.90 41.52
C LEU N 114 28.74 38.23 40.56
N SER N 115 28.92 38.05 39.25
CA SER N 115 27.86 38.43 38.32
C SER N 115 26.74 37.39 38.26
N LEU N 116 26.96 36.17 38.76
CA LEU N 116 25.90 35.17 38.84
C LEU N 116 25.83 34.51 40.20
N ILE N 117 26.23 35.19 41.28
CA ILE N 117 26.45 34.53 42.57
C ILE N 117 25.14 34.28 43.32
N THR N 118 24.02 34.83 42.86
CA THR N 118 22.79 34.46 43.55
C THR N 118 22.17 33.21 42.95
N LYS N 119 22.61 32.80 41.78
CA LYS N 119 22.17 31.58 41.15
C LYS N 119 23.09 30.39 41.40
N ALA N 120 24.33 30.62 41.78
CA ALA N 120 25.35 29.59 41.90
C ALA N 120 25.33 28.78 43.20
N PRO N 121 24.97 29.32 44.38
CA PRO N 121 24.63 28.41 45.48
C PRO N 121 23.15 28.14 45.63
N HIS N 122 22.83 27.17 46.47
CA HIS N 122 21.46 26.82 46.82
C HIS N 122 20.93 27.87 47.78
N ASN N 123 19.71 28.34 47.52
CA ASN N 123 19.04 29.41 48.25
C ASN N 123 19.89 30.69 48.24
N GLY N 124 20.21 31.12 47.04
CA GLY N 124 21.27 32.08 46.82
C GLY N 124 21.03 33.51 47.19
N GLN N 125 19.81 33.88 47.56
CA GLN N 125 19.59 35.25 47.99
C GLN N 125 19.57 35.37 49.50
N ASN N 126 19.01 34.37 50.18
CA ASN N 126 19.05 34.33 51.63
C ASN N 126 20.39 33.88 52.18
N TYR N 127 21.27 33.36 51.33
CA TYR N 127 22.59 32.91 51.75
C TYR N 127 23.59 34.05 51.74
N VAL N 128 23.54 34.90 50.72
CA VAL N 128 24.47 36.02 50.65
C VAL N 128 24.12 37.07 51.70
N PHE N 129 22.83 37.26 51.98
CA PHE N 129 22.45 38.18 53.05
C PHE N 129 22.90 37.68 54.41
N ALA N 130 22.65 36.41 54.71
CA ALA N 130 22.96 35.87 56.03
C ALA N 130 24.44 35.64 56.25
N LEU N 131 25.24 35.56 55.19
CA LEU N 131 26.68 35.39 55.33
C LEU N 131 27.38 36.69 55.65
N LEU N 132 27.00 37.77 54.95
CA LEU N 132 27.64 39.06 55.15
C LEU N 132 27.31 39.69 56.49
N THR N 133 26.16 39.36 57.06
CA THR N 133 25.75 39.89 58.35
C THR N 133 25.73 38.76 59.37
N GLY N 134 26.71 37.87 59.29
CA GLY N 134 26.66 36.69 60.10
C GLY N 134 27.94 36.34 60.82
N TYR N 135 28.93 37.22 60.75
CA TYR N 135 30.19 37.00 61.44
C TYR N 135 29.99 37.02 62.95
N ARG N 136 30.22 35.89 63.59
CA ARG N 136 29.98 35.73 65.03
C ARG N 136 31.26 35.34 65.73
N ASP N 137 31.17 35.03 67.02
CA ASP N 137 32.28 34.49 67.79
C ASP N 137 32.15 32.98 67.89
N PRO N 138 33.25 32.24 67.80
CA PRO N 138 33.18 30.77 67.69
C PRO N 138 32.63 30.14 68.95
N PRO N 139 32.06 28.93 68.87
CA PRO N 139 31.59 28.26 70.08
C PRO N 139 32.73 27.66 70.88
N ALA N 140 32.41 27.09 72.04
CA ALA N 140 33.43 26.63 72.98
C ALA N 140 34.03 25.33 72.46
N GLY N 141 35.30 25.37 72.10
CA GLY N 141 36.02 24.19 71.65
C GLY N 141 36.52 24.28 70.23
N VAL N 142 36.12 25.27 69.45
CA VAL N 142 36.57 25.41 68.08
C VAL N 142 37.69 26.45 68.02
N SER N 143 38.76 26.11 67.32
CA SER N 143 39.88 27.00 67.09
C SER N 143 39.99 27.30 65.60
N ILE N 144 40.37 28.52 65.27
CA ILE N 144 40.52 28.97 63.89
C ILE N 144 42.00 29.26 63.65
N ARG N 145 42.44 29.07 62.41
CA ARG N 145 43.80 29.42 62.01
C ARG N 145 44.00 30.94 62.03
N GLU N 146 45.23 31.36 61.75
CA GLU N 146 45.52 32.77 61.60
C GLU N 146 45.21 33.20 60.17
N GLY N 147 44.57 34.36 60.04
CA GLY N 147 44.14 34.82 58.74
C GLY N 147 42.81 34.28 58.28
N LEU N 148 42.11 33.54 59.13
CA LEU N 148 40.80 32.99 58.84
C LEU N 148 39.83 33.40 59.94
N HIS N 149 38.58 33.61 59.56
CA HIS N 149 37.57 34.14 60.46
C HIS N 149 36.40 33.16 60.54
N TYR N 150 35.61 33.29 61.60
CA TYR N 150 34.54 32.32 61.88
C TYR N 150 33.22 32.86 61.36
N ASN N 151 32.71 32.24 60.30
CA ASN N 151 31.37 32.48 59.80
C ASN N 151 30.61 31.16 59.85
N PRO N 152 29.51 31.04 60.61
CA PRO N 152 28.83 29.75 60.72
C PRO N 152 28.07 29.33 59.47
N TYR N 153 27.82 30.24 58.54
CA TYR N 153 27.07 29.92 57.34
C TYR N 153 27.95 29.43 56.20
N PHE N 154 29.25 29.66 56.27
CA PHE N 154 30.17 29.15 55.27
C PHE N 154 30.39 27.66 55.53
N PRO N 155 30.35 26.81 54.50
CA PRO N 155 30.60 25.38 54.71
C PRO N 155 32.01 25.08 55.15
N GLY N 156 32.16 24.65 56.41
CA GLY N 156 33.47 24.46 57.01
C GLY N 156 33.62 25.29 58.26
N GLY N 157 33.07 26.50 58.24
CA GLY N 157 33.12 27.39 59.38
C GLY N 157 34.27 28.37 59.41
N ALA N 158 35.10 28.40 58.37
CA ALA N 158 36.31 29.22 58.39
C ALA N 158 36.52 29.81 57.00
N ILE N 159 36.20 31.09 56.86
CA ILE N 159 36.26 31.79 55.59
C ILE N 159 37.50 32.67 55.56
N ALA N 160 38.00 32.93 54.35
CA ALA N 160 39.21 33.73 54.18
C ALA N 160 38.91 35.18 53.83
N MET N 161 37.66 35.60 53.94
CA MET N 161 37.23 36.98 53.76
C MET N 161 36.99 37.63 55.11
N PRO N 162 37.57 38.80 55.38
CA PRO N 162 37.29 39.49 56.64
C PRO N 162 35.96 40.22 56.57
N LYS N 163 35.43 40.54 57.75
CA LYS N 163 34.17 41.26 57.83
C LYS N 163 34.32 42.67 57.28
N MET N 164 33.51 43.00 56.27
CA MET N 164 33.72 44.21 55.49
C MET N 164 32.55 45.19 55.53
N LEU N 165 31.39 44.79 56.01
CA LEU N 165 30.23 45.68 56.10
C LEU N 165 30.16 46.18 57.53
N ASN N 166 30.84 47.29 57.81
CA ASN N 166 30.77 47.95 59.10
C ASN N 166 29.88 49.17 58.98
N ASP N 167 29.42 49.68 60.13
CA ASP N 167 28.47 50.78 60.17
C ASP N 167 29.09 52.06 59.63
N GLY N 168 28.42 52.65 58.65
CA GLY N 168 28.86 53.90 58.08
C GLY N 168 29.97 53.78 57.06
N ALA N 169 30.11 52.63 56.41
CA ALA N 169 31.20 52.48 55.43
C ALA N 169 30.89 53.16 54.11
N VAL N 170 29.66 53.58 53.87
CA VAL N 170 29.23 54.19 52.62
C VAL N 170 28.42 55.44 52.96
N GLU N 171 28.62 56.50 52.18
CA GLU N 171 27.82 57.71 52.29
C GLU N 171 26.69 57.65 51.26
N TYR N 172 25.47 57.39 51.72
CA TYR N 172 24.33 57.32 50.83
C TYR N 172 23.92 58.71 50.38
N GLU N 173 23.59 58.84 49.10
CA GLU N 173 23.34 60.14 48.50
C GLU N 173 21.87 60.56 48.55
N ASP N 174 21.13 59.92 49.42
CA ASP N 174 19.66 60.15 49.45
C ASP N 174 19.17 60.25 50.89
N GLY N 175 20.07 60.30 51.85
CA GLY N 175 19.67 60.48 53.22
C GLY N 175 19.25 59.22 53.93
N THR N 176 19.71 58.08 53.45
CA THR N 176 19.40 56.84 54.14
C THR N 176 20.49 56.55 55.16
N PRO N 177 20.16 56.13 56.38
CA PRO N 177 21.20 55.73 57.33
C PRO N 177 21.87 54.44 56.90
N ALA N 178 23.17 54.51 56.68
CA ALA N 178 23.93 53.38 56.15
C ALA N 178 24.31 52.46 57.31
N THR N 179 23.35 51.66 57.74
CA THR N 179 23.58 50.70 58.80
C THR N 179 24.15 49.43 58.18
N GLU N 180 24.50 48.44 59.00
CA GLU N 180 25.02 47.18 58.48
C GLU N 180 23.92 46.39 57.76
N SER N 181 22.76 46.27 58.39
CA SER N 181 21.63 45.54 57.80
C SER N 181 21.02 46.26 56.61
N GLN N 182 21.21 47.58 56.51
CA GLN N 182 20.72 48.32 55.37
C GLN N 182 21.59 48.13 54.14
N MET N 183 22.91 48.18 54.30
CA MET N 183 23.80 47.95 53.16
C MET N 183 23.79 46.50 52.72
N GLY N 184 23.52 45.57 53.64
CA GLY N 184 23.44 44.17 53.25
C GLY N 184 22.22 43.87 52.41
N LYS N 185 21.07 44.45 52.77
CA LYS N 185 19.86 44.31 51.99
C LYS N 185 19.95 45.00 50.64
N ASP N 186 20.62 46.14 50.56
CA ASP N 186 20.73 46.88 49.32
C ASP N 186 21.72 46.28 48.34
N VAL N 187 22.75 45.59 48.81
CA VAL N 187 23.71 44.99 47.87
C VAL N 187 23.18 43.68 47.32
N VAL N 188 22.27 43.01 48.01
CA VAL N 188 21.71 41.77 47.48
C VAL N 188 20.65 42.06 46.42
N SER N 189 19.92 43.17 46.54
CA SER N 189 18.98 43.57 45.50
C SER N 189 19.71 44.00 44.24
N PHE N 190 20.93 44.51 44.37
CA PHE N 190 21.74 44.81 43.19
C PHE N 190 22.27 43.53 42.55
N LEU N 191 22.69 42.58 43.37
CA LEU N 191 23.23 41.32 42.89
C LEU N 191 22.17 40.39 42.34
N SER N 192 20.93 40.51 42.82
CA SER N 192 19.81 39.77 42.25
C SER N 192 19.46 40.25 40.86
N TRP N 193 19.44 41.57 40.65
CA TRP N 193 19.22 42.13 39.33
C TRP N 193 20.31 41.72 38.36
N ALA N 194 21.55 41.65 38.81
CA ALA N 194 22.67 41.39 37.92
C ALA N 194 22.67 39.96 37.40
N ALA N 195 22.24 39.01 38.23
CA ALA N 195 22.11 37.63 37.78
C ALA N 195 20.94 37.47 36.83
N GLU N 196 19.80 38.08 37.15
CA GLU N 196 18.56 37.95 36.39
C GLU N 196 18.02 39.31 35.96
N PRO N 197 18.56 39.89 34.90
CA PRO N 197 18.05 41.20 34.47
C PRO N 197 16.80 41.12 33.61
N GLU N 198 16.18 39.94 33.50
CA GLU N 198 15.05 39.75 32.62
C GLU N 198 13.75 39.51 33.37
N MET N 199 13.77 39.52 34.72
CA MET N 199 12.68 39.03 35.56
C MET N 199 11.40 39.84 35.40
N GLU N 200 11.47 41.11 35.03
CA GLU N 200 10.26 41.90 34.87
C GLU N 200 9.64 41.76 33.49
N GLU N 201 10.42 41.57 32.44
CA GLU N 201 9.91 41.22 31.12
C GLU N 201 9.33 39.82 31.08
N ARG N 202 9.70 38.98 32.04
CA ARG N 202 9.33 37.57 32.12
C ARG N 202 8.05 37.33 32.90
N LYS N 203 7.88 37.98 34.04
CA LYS N 203 6.65 37.85 34.81
C LYS N 203 5.46 38.54 34.16
N LEU N 204 5.69 39.51 33.29
CA LEU N 204 4.62 40.19 32.58
C LEU N 204 4.19 39.45 31.33
N MET N 205 5.09 38.71 30.68
CA MET N 205 4.72 37.85 29.57
C MET N 205 4.08 36.56 30.05
N GLY N 206 4.37 36.09 31.25
CA GLY N 206 3.74 34.89 31.71
C GLY N 206 2.37 35.04 32.29
N PHE N 207 1.97 36.25 32.65
CA PHE N 207 0.60 36.50 33.09
C PHE N 207 -0.35 36.66 31.92
N LYS N 208 0.16 37.21 30.82
CA LYS N 208 -0.62 37.38 29.62
C LYS N 208 -0.96 36.06 28.95
N TRP N 209 -0.09 35.05 29.02
CA TRP N 209 -0.29 33.82 28.27
C TRP N 209 -0.80 32.66 29.09
N ILE N 210 -0.69 32.69 30.40
CA ILE N 210 -1.42 31.69 31.19
C ILE N 210 -2.90 32.03 31.23
N PHE N 211 -3.25 33.31 31.27
CA PHE N 211 -4.65 33.74 31.26
C PHE N 211 -5.31 33.43 29.91
N VAL N 212 -4.63 33.72 28.82
CA VAL N 212 -5.15 33.51 27.48
C VAL N 212 -5.28 32.03 27.15
N LEU N 213 -4.45 31.19 27.73
CA LEU N 213 -4.51 29.75 27.52
C LEU N 213 -5.54 29.03 28.36
N THR N 214 -6.02 29.62 29.45
CA THR N 214 -7.13 29.05 30.20
C THR N 214 -8.48 29.41 29.62
N LEU N 215 -8.51 30.27 28.60
CA LEU N 215 -9.71 30.48 27.82
C LEU N 215 -9.84 29.49 26.67
N ALA N 216 -8.71 29.07 26.11
CA ALA N 216 -8.72 28.07 25.05
C ALA N 216 -8.98 26.68 25.62
N LEU N 217 -8.76 26.49 26.91
CA LEU N 217 -9.10 25.24 27.56
C LEU N 217 -10.59 25.11 27.82
N LEU N 218 -11.30 26.22 27.97
CA LEU N 218 -12.74 26.17 28.11
C LEU N 218 -13.45 26.02 26.78
N GLN N 219 -12.84 26.49 25.69
CA GLN N 219 -13.37 26.26 24.36
C GLN N 219 -13.19 24.82 23.93
N ALA N 220 -12.09 24.18 24.29
CA ALA N 220 -11.75 22.85 23.82
C ALA N 220 -12.46 21.76 24.59
N GLY N 221 -12.94 22.03 25.79
CA GLY N 221 -13.75 21.08 26.50
C GLY N 221 -15.20 21.13 26.16
N TYR N 222 -15.66 22.23 25.55
CA TYR N 222 -16.99 22.31 24.97
C TYR N 222 -17.01 21.65 23.60
N TYR N 223 -16.02 21.95 22.78
CA TYR N 223 -15.85 21.34 21.46
C TYR N 223 -15.71 19.84 21.53
N ARG N 224 -15.12 19.32 22.60
CA ARG N 224 -14.99 17.88 22.76
C ARG N 224 -16.32 17.25 23.13
N ARG N 225 -17.04 17.83 24.07
CA ARG N 225 -18.29 17.25 24.53
C ARG N 225 -19.44 17.46 23.56
N LEU N 226 -19.25 18.29 22.54
CA LEU N 226 -20.27 18.49 21.52
C LEU N 226 -20.16 17.47 20.41
N ARG N 227 -18.95 17.11 20.01
CA ARG N 227 -18.73 16.09 19.00
C ARG N 227 -18.97 14.69 19.51
N TRP N 228 -19.05 14.48 20.82
CA TRP N 228 -19.13 13.14 21.39
C TRP N 228 -20.51 12.83 21.94
N SER N 229 -21.50 13.68 21.70
CA SER N 229 -22.78 13.52 22.40
C SER N 229 -23.72 12.57 21.66
N VAL N 230 -23.55 12.40 20.36
CA VAL N 230 -24.36 11.43 19.63
C VAL N 230 -23.98 10.00 20.00
N LEU N 231 -22.70 9.74 20.24
CA LEU N 231 -22.23 8.45 20.72
C LEU N 231 -22.55 8.21 22.18
N LYS N 232 -22.45 9.22 23.03
CA LYS N 232 -22.59 9.02 24.46
C LYS N 232 -24.03 8.86 24.92
N SER N 233 -25.00 9.06 24.03
CA SER N 233 -26.40 8.94 24.41
C SER N 233 -27.19 8.00 23.51
N ARG N 234 -26.53 7.25 22.63
CA ARG N 234 -27.23 6.37 21.71
C ARG N 234 -27.84 5.17 22.43
N LYS N 235 -28.85 4.57 21.82
CA LYS N 235 -29.49 3.37 22.34
C LYS N 235 -29.16 2.19 21.42
N LEU N 236 -29.00 1.01 21.99
CA LEU N 236 -28.52 -0.16 21.26
C LEU N 236 -29.22 -1.41 21.76
N VAL N 237 -29.83 -2.18 20.85
CA VAL N 237 -30.46 -3.46 21.17
C VAL N 237 -29.75 -4.56 20.39
N LEU N 238 -29.58 -5.74 20.99
CA LEU N 238 -28.52 -6.63 20.52
C LEU N 238 -28.90 -8.10 20.31
N ASP N 239 -30.08 -8.48 21.12
CA ASP N 239 -30.43 -9.96 21.12
C ASP N 239 -29.69 -10.84 22.13
N VAL N 240 -28.76 -10.54 22.81
CA VAL N 240 -28.06 -11.48 23.68
C VAL N 240 -28.49 -11.22 25.11
N VAL N 241 -28.53 -12.26 25.93
CA VAL N 241 -28.99 -12.11 27.31
C VAL N 241 -27.85 -12.39 28.29
N ASN N 242 -27.29 -13.59 28.23
CA ASN N 242 -26.14 -13.91 29.07
C ASN N 242 -24.94 -14.34 28.24
N GLU O 1 -40.97 -16.65 21.90
CA GLU O 1 -40.10 -15.51 22.17
C GLU O 1 -39.37 -15.00 20.93
N ILE O 2 -39.73 -13.79 20.52
CA ILE O 2 -39.20 -13.12 19.34
C ILE O 2 -37.84 -12.51 19.69
N PRO O 3 -36.85 -12.52 18.79
CA PRO O 3 -35.62 -11.76 19.01
C PRO O 3 -35.87 -10.26 19.16
N ALA O 4 -35.06 -9.62 20.01
CA ALA O 4 -35.26 -8.21 20.31
C ALA O 4 -34.96 -7.31 19.12
N THR O 5 -33.98 -7.68 18.30
CA THR O 5 -33.72 -6.90 17.10
C THR O 5 -34.73 -7.18 15.99
N VAL O 6 -35.44 -8.32 16.04
CA VAL O 6 -36.50 -8.60 15.07
C VAL O 6 -37.78 -7.87 15.44
N ALA O 7 -38.09 -7.78 16.73
CA ALA O 7 -39.28 -7.09 17.20
C ALA O 7 -39.14 -5.58 17.20
N ALA O 8 -38.02 -5.04 16.72
CA ALA O 8 -37.82 -3.61 16.59
C ALA O 8 -37.90 -3.11 15.17
N VAL O 9 -37.68 -3.97 14.17
CA VAL O 9 -37.92 -3.64 12.78
C VAL O 9 -39.39 -3.77 12.42
N LYS O 10 -40.16 -4.52 13.20
CA LYS O 10 -41.58 -4.73 12.95
C LYS O 10 -42.48 -3.76 13.69
N ASN O 11 -41.95 -2.88 14.52
CA ASN O 11 -42.76 -1.95 15.31
C ASN O 11 -42.10 -0.58 15.32
N PRO O 12 -42.36 0.25 14.29
CA PRO O 12 -41.83 1.61 14.30
C PRO O 12 -42.58 2.53 15.24
N SER O 13 -42.24 2.49 16.52
CA SER O 13 -42.88 3.35 17.51
C SER O 13 -42.27 4.75 17.47
N SER O 14 -43.11 5.75 17.74
CA SER O 14 -42.69 7.15 17.74
C SER O 14 -42.41 7.66 19.14
N LYS O 15 -42.08 6.78 20.08
CA LYS O 15 -41.71 7.16 21.44
C LYS O 15 -40.34 6.55 21.71
N ILE O 16 -39.31 7.27 21.35
CA ILE O 16 -37.94 6.77 21.44
C ILE O 16 -37.30 7.26 22.72
N VAL O 17 -36.60 6.36 23.41
CA VAL O 17 -35.88 6.66 24.65
C VAL O 17 -34.39 6.54 24.37
N TYR O 18 -33.64 7.57 24.75
CA TYR O 18 -32.19 7.53 24.58
C TYR O 18 -31.53 7.22 25.92
N ASP O 19 -30.20 7.19 25.91
CA ASP O 19 -29.44 7.00 27.14
C ASP O 19 -29.18 8.35 27.80
N GLU O 20 -29.64 8.51 29.03
CA GLU O 20 -29.56 9.80 29.69
C GLU O 20 -28.74 9.74 30.97
N HIS O 21 -27.58 9.09 30.90
CA HIS O 21 -26.65 9.08 32.02
C HIS O 21 -25.62 10.20 31.93
N ASN O 22 -25.20 10.58 30.73
CA ASN O 22 -24.23 11.66 30.57
C ASN O 22 -24.85 12.95 30.07
N HIS O 23 -25.89 12.87 29.23
CA HIS O 23 -26.52 14.06 28.67
C HIS O 23 -28.02 13.95 28.85
N GLU O 24 -28.64 15.05 29.25
CA GLU O 24 -30.09 15.21 29.28
C GLU O 24 -30.52 15.95 28.02
N ARG O 25 -31.74 15.68 27.57
CA ARG O 25 -32.20 16.24 26.31
C ARG O 25 -33.08 17.46 26.56
N TYR O 26 -33.08 18.37 25.58
CA TYR O 26 -34.03 19.47 25.55
C TYR O 26 -35.38 18.89 25.14
N PRO O 27 -36.46 19.19 25.87
CA PRO O 27 -37.76 18.57 25.60
C PRO O 27 -38.30 18.94 24.23
N PRO O 28 -38.99 18.01 23.54
CA PRO O 28 -39.37 18.23 22.14
C PRO O 28 -40.32 19.39 21.93
N GLY O 29 -39.90 20.33 21.09
CA GLY O 29 -40.57 21.60 20.96
C GLY O 29 -39.72 22.77 21.42
N ASP O 30 -38.40 22.64 21.36
CA ASP O 30 -37.45 23.68 21.68
C ASP O 30 -36.60 24.02 20.46
N PRO O 31 -36.14 25.26 20.33
CA PRO O 31 -35.24 25.60 19.22
C PRO O 31 -33.87 24.95 19.37
N SER O 32 -33.10 24.99 18.29
CA SER O 32 -31.77 24.38 18.28
C SER O 32 -30.72 25.36 18.77
N LYS O 33 -29.78 24.86 19.56
CA LYS O 33 -28.67 25.66 20.09
C LYS O 33 -27.48 25.70 19.15
N ARG O 34 -27.72 26.01 17.87
CA ARG O 34 -26.64 26.05 16.89
C ARG O 34 -25.89 27.38 16.94
N ALA O 35 -26.59 28.48 17.21
CA ALA O 35 -25.93 29.77 17.26
C ALA O 35 -25.07 29.94 18.51
N PHE O 36 -25.49 29.35 19.64
CA PHE O 36 -24.65 29.35 20.83
C PHE O 36 -23.41 28.50 20.65
N ALA O 37 -23.54 27.38 19.92
CA ALA O 37 -22.42 26.48 19.68
C ALA O 37 -21.38 27.07 18.75
N TYR O 38 -21.74 28.07 17.95
CA TYR O 38 -20.74 28.73 17.13
C TYR O 38 -19.95 29.78 17.88
N PHE O 39 -20.56 30.48 18.83
CA PHE O 39 -19.89 31.60 19.48
C PHE O 39 -18.94 31.13 20.58
N VAL O 40 -19.14 29.93 21.11
CA VAL O 40 -18.15 29.39 22.04
C VAL O 40 -16.92 28.93 21.27
N LEU O 41 -17.10 28.41 20.06
CA LEU O 41 -15.98 27.94 19.25
C LEU O 41 -15.23 29.05 18.53
N THR O 42 -15.67 30.31 18.64
CA THR O 42 -14.96 31.45 18.07
C THR O 42 -13.95 32.06 19.03
N GLY O 43 -14.29 32.11 20.32
CA GLY O 43 -13.44 32.71 21.31
C GLY O 43 -12.26 31.86 21.72
N GLY O 44 -12.14 30.67 21.15
CA GLY O 44 -10.96 29.86 21.29
C GLY O 44 -10.16 29.90 20.01
N ARG O 45 -10.85 30.03 18.87
CA ARG O 45 -10.16 30.29 17.62
C ARG O 45 -9.60 31.70 17.54
N PHE O 46 -10.03 32.61 18.43
CA PHE O 46 -9.30 33.86 18.67
C PHE O 46 -7.95 33.57 19.29
N VAL O 47 -7.91 32.62 20.22
CA VAL O 47 -6.73 32.35 21.04
C VAL O 47 -5.64 31.64 20.25
N TYR O 48 -6.00 30.68 19.41
CA TYR O 48 -5.01 29.96 18.61
C TYR O 48 -4.39 30.86 17.54
N ALA O 49 -5.08 31.93 17.14
CA ALA O 49 -4.49 32.92 16.26
C ALA O 49 -3.41 33.73 16.96
N SER O 50 -3.58 33.95 18.26
CA SER O 50 -2.63 34.77 19.01
C SER O 50 -1.40 33.97 19.43
N LEU O 51 -1.57 32.69 19.71
CA LEU O 51 -0.44 31.83 20.06
C LEU O 51 0.48 31.56 18.90
N VAL O 52 -0.06 31.51 17.68
CA VAL O 52 0.77 31.38 16.49
C VAL O 52 1.42 32.73 16.22
N ARG O 53 0.77 33.81 16.63
CA ARG O 53 1.34 35.14 16.45
C ARG O 53 2.54 35.36 17.37
N LEU O 54 2.48 34.87 18.61
CA LEU O 54 3.58 35.10 19.55
C LEU O 54 4.81 34.29 19.18
N LEU O 55 4.61 33.02 18.80
CA LEU O 55 5.75 32.13 18.60
C LEU O 55 6.54 32.51 17.36
N ILE O 56 5.86 32.77 16.24
CA ILE O 56 6.54 33.05 14.98
C ILE O 56 7.34 34.35 15.05
N LEU O 57 6.83 35.35 15.75
CA LEU O 57 7.56 36.60 15.90
C LEU O 57 8.76 36.46 16.83
N LYS O 58 8.70 35.58 17.82
CA LYS O 58 9.81 35.44 18.75
C LYS O 58 10.97 34.67 18.14
N PHE O 59 10.67 33.76 17.21
CA PHE O 59 11.74 33.04 16.52
C PHE O 59 12.39 33.89 15.43
N VAL O 60 11.66 34.80 14.82
CA VAL O 60 12.19 35.57 13.70
C VAL O 60 12.86 36.86 14.17
N LEU O 61 12.53 37.35 15.36
CA LEU O 61 13.12 38.60 15.83
C LEU O 61 14.46 38.36 16.51
N SER O 62 14.74 37.13 16.95
CA SER O 62 16.03 36.81 17.55
C SER O 62 17.17 36.77 16.54
N MET O 63 16.85 36.82 15.24
CA MET O 63 17.85 36.82 14.20
C MET O 63 18.24 38.22 13.75
N SER O 64 17.71 39.27 14.38
CA SER O 64 17.77 40.60 13.79
C SER O 64 19.10 41.32 14.04
N ALA O 65 19.36 41.68 15.30
CA ALA O 65 20.57 42.37 15.71
C ALA O 65 20.62 42.42 17.22
N SER O 66 21.80 42.20 17.78
CA SER O 66 21.94 42.04 19.22
C SER O 66 22.23 43.39 19.88
N LYS O 67 22.10 43.43 21.21
CA LYS O 67 22.31 44.67 21.95
C LYS O 67 23.77 45.09 22.01
N ASP O 68 24.70 44.16 21.80
CA ASP O 68 26.12 44.49 21.78
C ASP O 68 26.59 44.91 20.39
N VAL O 69 25.89 44.48 19.35
CA VAL O 69 26.16 44.98 18.01
C VAL O 69 25.68 46.40 17.84
N LEU O 70 24.53 46.73 18.43
CA LEU O 70 23.99 48.08 18.35
C LEU O 70 24.74 49.07 19.23
N ALA O 71 25.48 48.59 20.22
CA ALA O 71 26.27 49.48 21.07
C ALA O 71 27.55 49.95 20.41
N LEU O 72 27.94 49.36 19.28
CA LEU O 72 29.16 49.71 18.58
C LEU O 72 28.87 50.41 17.25
N ALA O 73 27.89 51.30 17.22
CA ALA O 73 27.35 51.82 15.97
C ALA O 73 27.61 53.30 15.74
N SER O 74 28.27 53.99 16.68
CA SER O 74 28.55 55.41 16.53
C SER O 74 29.72 55.80 17.42
N LEU O 75 30.79 56.37 16.81
CA LEU O 75 32.00 56.76 17.53
C LEU O 75 32.85 57.70 16.67
N GLU O 76 34.02 58.10 17.18
CA GLU O 76 34.81 59.22 16.70
C GLU O 76 36.27 58.76 16.55
N VAL O 77 36.84 58.85 15.33
CA VAL O 77 38.22 58.40 15.07
C VAL O 77 38.91 59.40 14.14
N ASP O 78 40.23 59.29 14.02
CA ASP O 78 41.09 60.30 13.42
C ASP O 78 41.85 59.77 12.20
N LEU O 79 42.41 60.69 11.42
CA LEU O 79 43.19 60.35 10.22
C LEU O 79 44.55 61.05 10.25
N SER O 80 45.33 60.81 9.19
CA SER O 80 46.61 61.46 8.96
C SER O 80 46.67 62.06 7.55
N SER O 81 47.82 62.64 7.21
CA SER O 81 47.92 63.45 6.00
C SER O 81 48.63 62.73 4.86
N ILE O 82 48.19 63.03 3.64
CA ILE O 82 48.81 62.64 2.38
C ILE O 82 48.75 63.79 1.38
N GLU O 83 49.36 63.60 0.21
CA GLU O 83 49.57 64.64 -0.78
C GLU O 83 48.44 64.64 -1.81
N PRO O 84 48.25 65.77 -2.59
CA PRO O 84 47.10 65.84 -3.50
C PRO O 84 47.02 64.80 -4.61
N GLY O 85 46.04 63.90 -4.49
CA GLY O 85 45.74 62.92 -5.49
C GLY O 85 46.03 61.47 -5.15
N THR O 86 46.26 61.14 -3.88
CA THR O 86 46.63 59.78 -3.52
C THR O 86 45.57 59.22 -2.54
N THR O 87 45.84 58.03 -1.98
CA THR O 87 44.82 57.22 -1.31
C THR O 87 45.35 56.59 -0.02
N VAL O 88 44.64 56.81 1.09
CA VAL O 88 44.87 56.06 2.33
C VAL O 88 43.58 56.04 3.15
N THR O 89 43.28 54.88 3.72
CA THR O 89 42.00 54.58 4.35
C THR O 89 42.21 54.36 5.85
N VAL O 90 41.19 54.64 6.66
CA VAL O 90 41.24 54.25 8.07
C VAL O 90 39.85 53.82 8.54
N LYS O 91 39.82 52.90 9.51
CA LYS O 91 38.66 52.10 9.85
C LYS O 91 37.79 52.79 10.90
N TRP O 92 36.47 52.57 10.81
CA TRP O 92 35.56 53.19 11.78
C TRP O 92 34.82 52.18 12.66
N ARG O 93 33.92 51.38 12.11
CA ARG O 93 33.19 50.31 12.89
C ARG O 93 33.57 48.93 12.37
N GLY O 94 33.07 48.53 11.21
CA GLY O 94 33.53 47.29 10.55
C GLY O 94 33.92 47.56 9.09
N LYS O 95 33.87 48.81 8.61
CA LYS O 95 34.13 49.12 7.17
C LYS O 95 35.00 50.38 7.05
N PRO O 96 35.79 50.52 5.95
CA PRO O 96 36.51 51.81 5.72
C PRO O 96 35.93 53.25 5.57
N VAL O 97 36.89 54.28 5.39
CA VAL O 97 36.47 55.68 5.08
C VAL O 97 37.29 56.19 3.88
N PHE O 98 36.73 56.15 2.64
CA PHE O 98 37.36 56.49 1.32
C PHE O 98 38.13 57.81 1.34
N ILE O 99 38.72 58.25 0.21
CA ILE O 99 39.71 59.33 0.32
C ILE O 99 40.01 59.90 -1.07
N ARG O 100 40.00 61.23 -1.17
CA ARG O 100 40.51 61.95 -2.32
C ARG O 100 40.76 63.41 -1.93
N ARG O 101 41.89 63.95 -2.41
CA ARG O 101 42.14 65.39 -2.52
C ARG O 101 42.67 65.57 -3.96
N ARG O 102 41.76 65.84 -4.87
CA ARG O 102 42.13 65.75 -6.28
C ARG O 102 42.67 67.07 -6.81
N THR O 103 43.45 66.95 -7.89
CA THR O 103 44.33 68.00 -8.35
C THR O 103 43.60 69.00 -9.25
N GLU O 104 44.39 69.94 -9.79
CA GLU O 104 43.86 71.05 -10.58
C GLU O 104 43.44 70.61 -11.97
N ASP O 105 44.09 69.57 -12.52
CA ASP O 105 43.59 68.96 -13.75
C ASP O 105 42.29 68.23 -13.54
N ASP O 106 41.96 67.85 -12.30
CA ASP O 106 40.74 67.13 -12.00
C ASP O 106 39.55 68.07 -11.75
N ILE O 107 39.77 69.39 -11.80
CA ILE O 107 38.65 70.32 -11.70
C ILE O 107 37.81 70.30 -12.99
N LYS O 108 38.45 69.75 -14.05
CA LYS O 108 37.80 69.46 -15.37
C LYS O 108 37.58 67.96 -15.45
N LEU O 109 36.85 67.42 -16.46
CA LEU O 109 36.52 65.97 -16.67
C LEU O 109 35.81 65.44 -15.43
N ALA O 110 35.58 66.34 -14.48
CA ALA O 110 35.02 65.89 -13.21
C ALA O 110 33.59 66.36 -13.06
N ASN O 111 33.39 67.69 -13.02
CA ASN O 111 32.03 68.20 -12.64
C ASN O 111 31.23 68.75 -13.81
N SER O 112 31.86 69.18 -14.89
CA SER O 112 31.04 69.81 -15.96
C SER O 112 30.48 68.77 -16.93
N VAL O 113 30.41 67.49 -16.54
CA VAL O 113 29.76 66.46 -17.43
C VAL O 113 28.24 66.51 -17.27
N ASP O 114 27.49 66.16 -18.32
CA ASP O 114 26.03 66.23 -18.38
C ASP O 114 25.38 65.83 -17.07
N VAL O 115 24.52 66.72 -16.56
CA VAL O 115 23.71 66.41 -15.39
C VAL O 115 22.50 65.55 -15.74
N GLY O 116 22.03 65.60 -16.99
CA GLY O 116 20.91 64.76 -17.41
C GLY O 116 21.30 63.34 -17.77
N SER O 117 22.59 63.04 -17.80
CA SER O 117 23.09 61.69 -18.07
C SER O 117 23.43 60.92 -16.81
N LEU O 118 23.08 61.45 -15.64
CA LEU O 118 23.38 60.81 -14.38
C LEU O 118 22.24 59.88 -13.98
N ARG O 119 22.59 58.77 -13.31
CA ARG O 119 21.57 57.88 -12.79
C ARG O 119 20.75 58.56 -11.70
N ASP O 120 21.38 59.41 -10.90
CA ASP O 120 20.70 60.37 -10.05
C ASP O 120 21.39 61.72 -10.22
N PRO O 121 20.68 62.76 -10.67
CA PRO O 121 21.32 64.05 -10.96
C PRO O 121 21.47 64.89 -9.70
N GLN O 122 22.71 65.21 -9.34
CA GLN O 122 22.97 66.22 -8.33
C GLN O 122 24.35 66.82 -8.59
N GLN O 123 24.46 68.12 -8.31
CA GLN O 123 25.70 68.88 -8.37
C GLN O 123 26.83 68.24 -7.55
N ASP O 124 28.06 68.45 -8.05
CA ASP O 124 29.27 68.05 -7.33
C ASP O 124 29.48 68.90 -6.08
N ALA O 125 28.93 70.12 -6.08
CA ALA O 125 29.22 71.09 -5.03
C ALA O 125 28.60 70.69 -3.69
N GLU O 126 27.50 69.93 -3.72
CA GLU O 126 26.88 69.50 -2.48
C GLU O 126 27.53 68.23 -1.93
N ARG O 127 27.98 67.26 -2.75
CA ARG O 127 28.70 66.10 -2.13
C ARG O 127 30.04 66.60 -1.56
N VAL O 128 30.71 67.57 -2.22
CA VAL O 128 31.93 68.08 -1.61
C VAL O 128 31.53 69.01 -0.48
N LYS O 129 32.41 69.10 0.51
CA LYS O 129 32.33 70.15 1.52
C LYS O 129 33.56 71.05 1.48
N ASN O 130 34.57 70.66 0.71
CA ASN O 130 35.81 71.36 0.44
C ASN O 130 35.91 71.52 -1.06
N PRO O 131 36.58 72.57 -1.54
CA PRO O 131 36.70 72.76 -3.00
C PRO O 131 37.61 71.76 -3.70
N GLU O 132 38.46 71.01 -2.98
CA GLU O 132 39.33 70.02 -3.61
C GLU O 132 39.37 68.66 -2.91
N TRP O 133 38.93 68.58 -1.66
CA TRP O 133 38.92 67.32 -0.92
C TRP O 133 37.61 66.56 -1.16
N LEU O 134 37.67 65.23 -1.01
CA LEU O 134 36.51 64.34 -0.97
C LEU O 134 36.91 63.09 -0.18
N ILE O 135 36.41 62.98 1.05
CA ILE O 135 36.61 61.80 1.89
C ILE O 135 35.28 61.38 2.50
N VAL O 136 34.71 60.19 2.12
CA VAL O 136 33.34 59.75 2.61
C VAL O 136 33.31 58.22 2.80
N ILE O 137 32.57 57.69 3.81
CA ILE O 137 32.45 56.22 4.14
C ILE O 137 32.72 55.21 2.99
N GLY O 138 33.79 54.36 3.01
CA GLY O 138 34.26 53.62 1.85
C GLY O 138 33.60 52.30 1.55
N VAL O 139 32.30 52.32 1.26
CA VAL O 139 31.56 51.16 0.79
C VAL O 139 30.69 51.61 -0.37
N CYS O 140 30.76 50.90 -1.49
CA CYS O 140 29.96 51.24 -2.65
C CYS O 140 28.48 50.97 -2.39
N THR O 141 27.63 51.87 -2.86
CA THR O 141 26.18 51.79 -2.67
C THR O 141 25.55 50.67 -3.50
N HIS O 142 26.32 50.04 -4.39
CA HIS O 142 25.80 49.01 -5.28
C HIS O 142 25.65 47.67 -4.57
N LEU O 143 26.77 47.06 -4.15
CA LEU O 143 26.70 45.72 -3.57
C LEU O 143 27.55 45.55 -2.32
N GLY O 144 27.87 46.61 -1.59
CA GLY O 144 28.62 46.45 -0.36
C GLY O 144 30.09 46.17 -0.53
N CYS O 145 30.59 46.06 -1.76
CA CYS O 145 32.01 45.88 -1.99
C CYS O 145 32.74 47.19 -1.88
N ILE O 146 33.93 47.18 -1.31
CA ILE O 146 34.90 48.24 -1.53
C ILE O 146 35.38 48.13 -2.97
N PRO O 147 35.22 49.16 -3.80
CA PRO O 147 35.82 49.10 -5.13
C PRO O 147 37.34 49.25 -5.10
N LEU O 148 37.97 49.00 -6.26
CA LEU O 148 39.41 49.13 -6.37
C LEU O 148 39.76 50.49 -6.96
N PRO O 149 40.68 51.23 -6.36
CA PRO O 149 41.20 52.45 -7.00
C PRO O 149 42.22 52.10 -8.08
N ASN O 150 42.74 53.17 -8.71
CA ASN O 150 43.84 53.11 -9.69
C ASN O 150 43.47 52.31 -10.96
N ALA O 151 42.18 52.27 -11.31
CA ALA O 151 41.71 51.57 -12.50
C ALA O 151 40.31 52.08 -12.84
N GLY O 152 39.78 51.56 -13.95
CA GLY O 152 38.42 51.88 -14.38
C GLY O 152 38.40 52.59 -15.73
N ASP O 153 37.20 53.04 -16.11
CA ASP O 153 36.99 53.82 -17.31
C ASP O 153 37.38 55.29 -17.15
N PHE O 154 37.77 55.68 -15.94
CA PHE O 154 38.30 57.01 -15.65
C PHE O 154 39.65 56.95 -14.94
N GLY O 155 39.95 55.87 -14.24
CA GLY O 155 40.87 55.92 -13.13
C GLY O 155 40.18 56.03 -11.79
N GLY O 156 38.88 55.78 -11.73
CA GLY O 156 38.10 55.94 -10.52
C GLY O 156 38.10 54.71 -9.64
N TRP O 157 36.98 54.49 -8.95
CA TRP O 157 36.84 53.33 -8.09
C TRP O 157 36.19 52.17 -8.84
N PHE O 158 37.04 51.43 -9.57
CA PHE O 158 36.71 50.19 -10.28
C PHE O 158 36.09 49.23 -9.27
N CYS O 159 34.88 48.76 -9.53
CA CYS O 159 34.36 47.66 -8.73
C CYS O 159 34.05 46.49 -9.64
N PRO O 160 34.85 45.43 -9.60
CA PRO O 160 34.58 44.26 -10.46
C PRO O 160 33.64 43.25 -9.81
N CYS O 161 32.89 43.69 -8.81
CA CYS O 161 31.88 42.84 -8.19
C CYS O 161 30.73 42.54 -9.14
N HIS O 162 30.05 43.59 -9.61
CA HIS O 162 29.08 43.43 -10.68
C HIS O 162 29.22 44.53 -11.73
N GLY O 163 30.34 45.24 -11.76
CA GLY O 163 30.58 46.19 -12.82
C GLY O 163 30.10 47.60 -12.56
N SER O 164 30.61 48.23 -11.49
CA SER O 164 30.40 49.65 -11.22
C SER O 164 31.68 50.40 -11.61
N HIS O 165 31.60 51.11 -12.74
CA HIS O 165 32.65 52.03 -13.16
C HIS O 165 32.30 53.42 -12.65
N TYR O 166 33.00 53.88 -11.61
CA TYR O 166 32.81 55.20 -11.02
C TYR O 166 33.65 56.25 -11.76
N ASP O 167 33.49 57.46 -11.24
CA ASP O 167 34.46 58.53 -11.58
C ASP O 167 34.99 58.86 -10.16
N ILE O 168 36.07 59.63 -9.97
CA ILE O 168 36.72 59.96 -8.72
C ILE O 168 35.87 60.91 -7.87
N SER O 169 34.95 61.64 -8.50
CA SER O 169 34.02 62.51 -7.78
C SER O 169 33.08 61.72 -6.89
N GLY O 170 32.76 60.49 -7.28
CA GLY O 170 31.98 59.61 -6.44
C GLY O 170 30.63 59.24 -7.00
N ARG O 171 29.99 60.15 -7.79
CA ARG O 171 28.69 59.91 -8.46
C ARG O 171 28.89 58.96 -9.65
N ILE O 172 27.98 58.01 -9.86
CA ILE O 172 28.16 56.86 -10.74
C ILE O 172 28.11 57.31 -12.20
N ARG O 173 28.95 56.69 -13.03
CA ARG O 173 28.96 56.87 -14.47
C ARG O 173 28.21 55.79 -15.22
N LYS O 174 28.61 54.52 -15.04
CA LYS O 174 28.07 53.40 -15.81
C LYS O 174 27.97 52.21 -14.86
N GLY O 175 26.74 51.88 -14.46
CA GLY O 175 26.54 50.80 -13.51
C GLY O 175 25.18 50.86 -12.83
N PRO O 176 24.86 49.84 -12.05
CA PRO O 176 23.54 49.80 -11.39
C PRO O 176 23.48 50.32 -9.96
N ALA O 177 24.46 51.07 -9.47
CA ALA O 177 24.41 51.59 -8.08
C ALA O 177 23.32 52.63 -7.94
N PRO O 178 22.26 52.37 -7.15
CA PRO O 178 21.03 53.16 -7.24
C PRO O 178 21.14 54.57 -6.70
N TYR O 179 22.15 54.87 -5.88
CA TYR O 179 22.31 56.17 -5.27
C TYR O 179 23.70 56.70 -5.59
N ASN O 180 23.96 57.92 -5.11
CA ASN O 180 25.33 58.38 -4.97
C ASN O 180 25.92 57.82 -3.69
N LEU O 181 27.19 58.09 -3.48
CA LEU O 181 27.87 57.60 -2.29
C LEU O 181 27.41 58.44 -1.10
N GLU O 182 27.44 57.85 0.09
CA GLU O 182 26.95 58.53 1.28
C GLU O 182 27.84 59.72 1.62
N VAL O 183 27.24 60.83 2.02
CA VAL O 183 27.99 62.03 2.38
C VAL O 183 27.81 62.36 3.86
N PRO O 184 28.81 62.08 4.70
CA PRO O 184 28.70 62.43 6.12
C PRO O 184 29.22 63.83 6.41
N THR O 185 29.24 64.23 7.68
CA THR O 185 29.53 65.60 8.07
C THR O 185 30.89 65.70 8.74
N TYR O 186 31.71 66.64 8.28
CA TYR O 186 33.09 66.82 8.72
C TYR O 186 33.61 68.16 8.21
N THR O 187 34.35 68.86 9.06
CA THR O 187 35.06 70.08 8.67
C THR O 187 36.37 70.12 9.46
N PHE O 188 37.20 71.12 9.19
CA PHE O 188 38.55 71.27 9.72
C PHE O 188 38.56 71.55 11.21
N LEU O 189 39.75 71.44 11.81
CA LEU O 189 40.03 72.12 13.07
C LEU O 189 40.88 73.36 12.84
N GLU O 190 42.12 73.17 12.35
CA GLU O 190 42.86 74.21 11.64
C GLU O 190 43.28 73.79 10.25
N GLU O 191 43.92 72.62 10.12
CA GLU O 191 44.75 72.42 8.93
C GLU O 191 44.36 71.29 8.01
N ASN O 192 44.43 70.04 8.46
CA ASN O 192 44.24 68.94 7.52
C ASN O 192 43.51 67.73 8.09
N LYS O 193 43.33 67.64 9.41
CA LYS O 193 42.62 66.53 10.02
C LYS O 193 41.14 66.87 10.11
N LEU O 194 40.33 66.15 9.34
CA LEU O 194 38.89 66.37 9.27
C LEU O 194 38.24 65.09 9.79
N LEU O 195 37.33 65.22 10.75
CA LEU O 195 37.04 64.10 11.63
C LEU O 195 35.90 63.22 11.13
N ILE O 196 36.09 61.90 11.24
CA ILE O 196 35.04 60.91 11.00
C ILE O 196 34.07 60.92 12.18
N GLN P 1 -2.67 -27.68 40.37
CA GLN P 1 -2.15 -28.47 41.48
C GLN P 1 -3.05 -28.39 42.71
N SER P 2 -2.48 -27.94 43.82
CA SER P 2 -3.17 -27.99 45.11
C SER P 2 -3.38 -26.62 45.73
N PHE P 3 -3.03 -25.54 45.02
CA PHE P 3 -3.14 -24.18 45.53
C PHE P 3 -4.04 -23.35 44.63
N ILE P 4 -4.89 -24.00 43.84
CA ILE P 4 -5.69 -23.26 42.87
C ILE P 4 -7.14 -23.73 42.95
N ASP P 5 -7.39 -24.85 43.63
CA ASP P 5 -8.75 -25.37 43.72
C ASP P 5 -9.52 -24.60 44.79
N PRO P 6 -10.65 -23.98 44.46
CA PRO P 6 -11.32 -23.09 45.40
C PRO P 6 -12.20 -23.77 46.44
N LYS P 7 -12.42 -25.08 46.35
CA LYS P 7 -13.29 -25.76 47.33
C LYS P 7 -12.46 -26.51 48.36
N LYS P 8 -11.16 -26.20 48.37
CA LYS P 8 -10.22 -26.72 49.36
C LYS P 8 -9.44 -25.56 49.97
N ASN P 9 -9.10 -24.60 49.12
CA ASN P 9 -8.33 -23.44 49.54
C ASN P 9 -9.26 -22.26 49.82
N TRP P 10 -8.81 -21.37 50.70
CA TRP P 10 -9.58 -20.18 51.03
C TRP P 10 -9.16 -18.96 50.23
N PHE P 11 -7.88 -18.85 49.88
CA PHE P 11 -7.39 -17.71 49.12
C PHE P 11 -7.55 -17.90 47.62
N ALA P 12 -8.05 -19.05 47.18
CA ALA P 12 -8.46 -19.23 45.80
C ALA P 12 -9.96 -19.07 45.63
N ALA P 13 -10.73 -19.14 46.71
CA ALA P 13 -12.15 -18.85 46.69
C ALA P 13 -12.45 -17.38 46.93
N GLN P 14 -11.42 -16.57 47.14
CA GLN P 14 -11.54 -15.12 47.10
C GLN P 14 -10.91 -14.51 45.87
N HIS P 15 -9.98 -15.20 45.21
CA HIS P 15 -9.53 -14.81 43.89
C HIS P 15 -10.56 -15.15 42.84
N MET P 16 -11.42 -16.13 43.12
CA MET P 16 -12.43 -16.55 42.17
C MET P 16 -13.60 -15.57 42.13
N LYS P 17 -14.04 -15.09 43.29
CA LYS P 17 -15.15 -14.15 43.30
C LYS P 17 -14.72 -12.73 43.01
N ALA P 18 -13.43 -12.45 42.95
CA ALA P 18 -12.97 -11.14 42.51
C ALA P 18 -13.03 -10.98 41.00
N ILE P 19 -12.70 -12.03 40.24
CA ILE P 19 -12.86 -11.99 38.79
C ILE P 19 -14.31 -12.19 38.38
N SER P 20 -15.08 -12.91 39.18
CA SER P 20 -16.50 -13.10 38.90
C SER P 20 -17.28 -11.80 39.08
N LYS P 21 -16.88 -10.98 40.06
CA LYS P 21 -17.52 -9.69 40.27
C LYS P 21 -17.22 -8.72 39.13
N ARG P 22 -15.98 -8.71 38.65
CA ARG P 22 -15.56 -7.77 37.63
C ARG P 22 -16.02 -8.16 36.24
N LEU P 23 -16.36 -9.42 36.00
CA LEU P 23 -16.84 -9.81 34.69
C LEU P 23 -18.33 -9.51 34.53
N ARG P 24 -19.12 -9.63 35.60
CA ARG P 24 -20.56 -9.39 35.56
C ARG P 24 -20.95 -7.97 35.22
N ARG P 25 -20.13 -6.98 35.56
CA ARG P 25 -20.52 -5.60 35.34
C ARG P 25 -20.42 -5.19 33.88
N PHE P 26 -19.61 -5.88 33.10
CA PHE P 26 -19.62 -5.70 31.67
C PHE P 26 -20.40 -6.78 30.94
N GLY P 27 -20.87 -7.79 31.67
CA GLY P 27 -21.63 -8.86 31.07
C GLY P 27 -20.82 -9.80 30.21
N LEU P 28 -19.56 -10.02 30.57
CA LEU P 28 -18.65 -10.84 29.79
C LEU P 28 -18.49 -12.21 30.43
N ARG P 29 -18.09 -13.16 29.61
CA ARG P 29 -17.63 -14.47 30.06
C ARG P 29 -16.11 -14.50 29.99
N TYR P 30 -15.52 -15.46 30.71
CA TYR P 30 -14.07 -15.56 30.75
C TYR P 30 -13.47 -15.96 29.41
N ASP P 31 -14.21 -16.65 28.55
CA ASP P 31 -13.70 -17.05 27.25
C ASP P 31 -13.75 -15.96 26.21
N ASP P 32 -14.44 -14.85 26.49
CA ASP P 32 -14.48 -13.73 25.57
C ASP P 32 -13.18 -12.94 25.56
N LEU P 33 -12.33 -13.16 26.55
CA LEU P 33 -11.04 -12.48 26.67
C LEU P 33 -9.96 -13.13 25.82
N TYR P 34 -10.27 -14.21 25.12
CA TYR P 34 -9.30 -14.92 24.30
C TYR P 34 -9.33 -14.34 22.89
N ASP P 35 -8.23 -13.82 22.47
CA ASP P 35 -8.09 -13.04 21.27
C ASP P 35 -7.60 -13.92 20.13
N PRO P 36 -8.23 -13.91 18.95
CA PRO P 36 -7.68 -14.68 17.82
C PRO P 36 -6.43 -14.07 17.21
N TYR P 37 -6.05 -12.87 17.62
CA TYR P 37 -4.80 -12.25 17.20
C TYR P 37 -3.64 -12.56 18.13
N TYR P 38 -3.91 -12.89 19.39
CA TYR P 38 -2.86 -13.30 20.29
C TYR P 38 -2.35 -14.69 19.94
N ASP P 39 -3.26 -15.65 19.85
CA ASP P 39 -2.93 -17.03 19.59
C ASP P 39 -3.68 -17.56 18.37
N LEU P 40 -2.93 -17.91 17.32
CA LEU P 40 -3.46 -18.44 16.06
C LEU P 40 -4.26 -19.73 16.22
N ASP P 41 -4.04 -20.49 17.30
CA ASP P 41 -4.87 -21.64 17.63
C ASP P 41 -6.26 -21.27 18.14
N VAL P 42 -6.44 -20.06 18.69
CA VAL P 42 -7.77 -19.62 19.11
C VAL P 42 -8.59 -19.25 17.89
N LYS P 43 -7.93 -18.83 16.81
CA LYS P 43 -8.63 -18.54 15.57
C LYS P 43 -9.22 -19.79 14.94
N GLU P 44 -8.59 -20.95 15.16
CA GLU P 44 -9.05 -22.20 14.56
C GLU P 44 -10.15 -22.83 15.37
N ALA P 45 -10.11 -22.68 16.70
CA ALA P 45 -11.14 -23.24 17.55
C ALA P 45 -12.49 -22.56 17.35
N LEU P 46 -12.49 -21.32 16.87
CA LEU P 46 -13.71 -20.57 16.64
C LEU P 46 -14.32 -20.82 15.26
N ASN P 47 -13.54 -21.33 14.31
CA ASN P 47 -14.07 -21.70 13.01
C ASN P 47 -14.74 -23.06 13.00
N ARG P 48 -14.55 -23.87 14.03
CA ARG P 48 -15.16 -25.18 14.12
C ARG P 48 -16.41 -25.17 14.98
N LEU P 49 -16.80 -24.00 15.48
CA LEU P 49 -17.94 -23.87 16.35
C LEU P 49 -19.15 -23.45 15.53
N PRO P 50 -20.37 -23.77 15.98
CA PRO P 50 -21.56 -23.34 15.24
C PRO P 50 -21.72 -21.83 15.20
N LYS P 51 -22.36 -21.35 14.13
CA LYS P 51 -22.51 -19.92 13.86
C LYS P 51 -23.29 -19.18 14.93
N GLU P 52 -24.24 -19.84 15.59
CA GLU P 52 -25.03 -19.23 16.62
C GLU P 52 -24.28 -19.03 17.92
N VAL P 53 -23.24 -19.83 18.16
CA VAL P 53 -22.43 -19.69 19.36
C VAL P 53 -21.40 -18.59 19.22
N VAL P 54 -20.80 -18.43 18.04
CA VAL P 54 -19.87 -17.34 17.77
C VAL P 54 -20.57 -16.00 17.66
N ASP P 55 -21.82 -15.96 17.21
CA ASP P 55 -22.57 -14.72 17.10
C ASP P 55 -22.97 -14.15 18.45
N ALA P 56 -23.23 -14.99 19.44
CA ALA P 56 -23.51 -14.50 20.77
C ALA P 56 -22.27 -13.94 21.44
N ARG P 57 -21.08 -14.40 21.04
CA ARG P 57 -19.83 -13.88 21.57
C ARG P 57 -19.54 -12.48 21.03
N HIS P 58 -19.80 -12.26 19.75
CA HIS P 58 -19.61 -10.95 19.12
C HIS P 58 -20.59 -9.90 19.62
N GLN P 59 -21.73 -10.30 20.17
CA GLN P 59 -22.72 -9.39 20.71
C GLN P 59 -22.51 -9.09 22.18
N ARG P 60 -21.89 -9.98 22.93
CA ARG P 60 -21.46 -9.68 24.28
C ARG P 60 -20.27 -8.75 24.30
N LEU P 61 -19.41 -8.84 23.28
CA LEU P 61 -18.25 -7.98 23.19
C LEU P 61 -18.60 -6.57 22.75
N LYS P 62 -19.68 -6.42 21.98
CA LYS P 62 -20.09 -5.09 21.54
C LYS P 62 -20.86 -4.36 22.62
N ARG P 63 -21.64 -5.09 23.41
CA ARG P 63 -22.35 -4.51 24.54
C ARG P 63 -21.40 -3.99 25.60
N ALA P 64 -20.23 -4.62 25.77
CA ALA P 64 -19.26 -4.25 26.78
C ALA P 64 -18.33 -3.14 26.35
N MET P 65 -18.01 -3.04 25.07
CA MET P 65 -17.25 -1.91 24.57
C MET P 65 -18.06 -0.63 24.54
N ASP P 66 -19.37 -0.75 24.58
CA ASP P 66 -20.31 0.35 24.68
C ASP P 66 -20.50 0.82 26.10
N LEU P 67 -20.39 -0.06 27.08
CA LEU P 67 -20.52 0.32 28.47
C LEU P 67 -19.30 1.02 29.01
N SER P 68 -18.12 0.77 28.46
CA SER P 68 -16.90 1.40 28.93
C SER P 68 -16.59 2.71 28.23
N MET P 69 -17.14 2.94 27.05
CA MET P 69 -17.08 4.27 26.46
C MET P 69 -17.96 5.26 27.23
N LYS P 70 -19.10 4.81 27.74
CA LYS P 70 -20.05 5.65 28.45
C LYS P 70 -19.76 5.76 29.94
N HIS P 71 -18.76 5.02 30.43
CA HIS P 71 -18.37 4.94 31.84
C HIS P 71 -19.55 4.52 32.72
N GLU P 72 -20.10 3.35 32.44
CA GLU P 72 -21.17 2.80 33.26
C GLU P 72 -21.13 1.29 33.23
N TYR P 73 -22.05 0.68 33.96
CA TYR P 73 -22.12 -0.76 34.14
C TYR P 73 -23.49 -1.25 33.71
N LEU P 74 -23.65 -2.56 33.68
CA LEU P 74 -24.95 -3.15 33.45
C LEU P 74 -25.86 -2.84 34.64
N PRO P 75 -27.16 -2.64 34.41
CA PRO P 75 -28.08 -2.45 35.53
C PRO P 75 -28.24 -3.75 36.29
N GLU P 76 -28.41 -3.69 37.58
CA GLU P 76 -28.35 -4.88 38.46
C GLU P 76 -29.47 -5.89 38.27
N ASP P 77 -30.36 -5.68 37.34
CA ASP P 77 -31.36 -6.69 36.96
C ASP P 77 -30.67 -7.59 35.98
N LEU P 78 -30.02 -7.00 35.00
CA LEU P 78 -29.27 -7.78 34.05
C LEU P 78 -28.03 -8.41 34.64
N GLN P 79 -27.54 -7.92 35.77
CA GLN P 79 -26.33 -8.47 36.37
C GLN P 79 -26.60 -9.76 37.12
N ALA P 80 -27.83 -10.00 37.55
CA ALA P 80 -28.17 -11.26 38.17
C ALA P 80 -28.45 -12.37 37.17
N MET P 81 -28.52 -12.05 35.88
CA MET P 81 -28.75 -13.03 34.83
C MET P 81 -27.47 -13.47 34.13
N GLN P 82 -26.32 -13.06 34.62
CA GLN P 82 -25.07 -13.30 33.92
C GLN P 82 -24.41 -14.55 34.47
N THR P 83 -23.84 -15.34 33.58
CA THR P 83 -23.07 -16.52 33.91
C THR P 83 -21.65 -16.36 33.38
N PRO P 84 -20.72 -15.82 34.15
CA PRO P 84 -19.32 -16.05 33.85
C PRO P 84 -18.96 -17.48 34.25
N PHE P 85 -17.83 -17.95 33.71
CA PHE P 85 -17.25 -19.29 33.88
C PHE P 85 -18.08 -20.39 33.24
N ARG P 86 -19.19 -20.08 32.57
CA ARG P 86 -19.84 -21.03 31.68
C ARG P 86 -19.14 -20.98 30.33
N GLY P 87 -18.44 -22.04 29.96
CA GLY P 87 -17.50 -22.00 28.86
C GLY P 87 -18.08 -22.54 27.56
N TYR P 88 -17.42 -22.15 26.48
CA TYR P 88 -17.77 -22.66 25.16
C TYR P 88 -16.53 -22.98 24.34
N LEU P 89 -15.32 -22.75 24.85
CA LEU P 89 -14.13 -22.70 24.02
C LEU P 89 -13.00 -23.63 24.45
N GLN P 90 -12.97 -24.09 25.71
CA GLN P 90 -11.78 -24.75 26.23
C GLN P 90 -11.61 -26.15 25.66
N GLU P 91 -12.70 -26.86 25.39
CA GLU P 91 -12.62 -28.22 24.88
C GLU P 91 -12.20 -28.28 23.41
N MET P 92 -12.68 -27.36 22.59
CA MET P 92 -12.28 -27.28 21.21
C MET P 92 -10.86 -26.79 21.05
N LEU P 93 -10.38 -25.93 21.95
CA LEU P 93 -9.00 -25.47 21.89
C LEU P 93 -8.00 -26.52 22.35
N ALA P 94 -8.40 -27.40 23.27
CA ALA P 94 -7.53 -28.50 23.67
C ALA P 94 -7.41 -29.53 22.56
N LEU P 95 -8.44 -29.68 21.73
CA LEU P 95 -8.39 -30.64 20.64
C LEU P 95 -7.50 -30.16 19.51
N VAL P 96 -7.51 -28.86 19.21
CA VAL P 96 -6.66 -28.30 18.17
C VAL P 96 -5.18 -28.37 18.58
N LYS P 97 -4.90 -28.20 19.86
CA LYS P 97 -3.53 -28.28 20.36
C LYS P 97 -3.03 -29.71 20.44
N ARG P 98 -3.92 -30.66 20.68
CA ARG P 98 -3.55 -32.07 20.71
C ARG P 98 -3.27 -32.62 19.33
N GLU P 99 -3.94 -32.12 18.30
CA GLU P 99 -3.66 -32.49 16.93
C GLU P 99 -2.38 -31.89 16.41
N LYS P 100 -1.92 -30.79 16.99
CA LYS P 100 -0.69 -30.16 16.57
C LYS P 100 0.53 -30.80 17.20
N ALA P 101 0.38 -31.36 18.40
CA ALA P 101 1.46 -32.09 19.02
C ALA P 101 1.67 -33.45 18.39
N GLU P 102 0.67 -33.97 17.69
CA GLU P 102 0.80 -35.22 16.96
C GLU P 102 1.43 -35.01 15.59
N ARG P 103 1.15 -33.91 14.92
CA ARG P 103 1.74 -33.61 13.63
C ARG P 103 3.20 -33.20 13.71
N GLU P 104 3.72 -32.94 14.91
CA GLU P 104 5.11 -32.54 15.06
C GLU P 104 6.00 -33.70 15.48
N SER P 105 5.47 -34.65 16.24
CA SER P 105 6.26 -35.81 16.66
C SER P 105 6.46 -36.78 15.51
N LEU P 106 5.70 -36.63 14.44
CA LEU P 106 5.63 -37.59 13.37
C LEU P 106 6.12 -37.00 12.06
N GLY P 107 6.66 -35.78 12.14
CA GLY P 107 6.99 -35.03 10.94
C GLY P 107 5.76 -34.40 10.33
N GLY P 108 5.97 -33.41 9.49
CA GLY P 108 4.83 -32.74 8.90
C GLY P 108 4.81 -31.26 9.18
N LEU P 109 4.58 -30.49 8.15
CA LEU P 109 4.55 -29.05 8.17
C LEU P 109 3.35 -28.53 8.96
N PRO P 110 3.46 -27.35 9.57
CA PRO P 110 2.31 -26.80 10.30
C PRO P 110 1.24 -26.29 9.35
N LEU P 111 -0.01 -26.38 9.80
CA LEU P 111 -1.15 -26.05 8.97
C LEU P 111 -1.34 -24.55 8.78
N TYR P 112 -0.96 -23.75 9.78
CA TYR P 112 -0.98 -22.30 9.67
C TYR P 112 0.20 -21.73 10.43
N GLN P 113 0.85 -20.72 9.85
CA GLN P 113 2.01 -20.08 10.45
C GLN P 113 1.73 -18.61 10.68
N ARG P 114 2.46 -18.02 11.62
CA ARG P 114 2.35 -16.60 11.89
C ARG P 114 3.15 -15.78 10.89
N THR P 115 2.57 -14.68 10.45
CA THR P 115 3.23 -13.72 9.58
C THR P 115 4.29 -12.93 10.37
N ILE P 116 5.42 -12.68 9.73
CA ILE P 116 6.55 -12.01 10.39
C ILE P 116 6.49 -10.49 10.22
N PRO P 117 6.22 -9.73 11.29
CA PRO P 117 5.98 -8.28 11.23
C PRO P 117 7.23 -7.46 11.42
N LYS Q 1 -9.46 -8.69 7.90
CA LYS Q 1 -8.67 -7.66 8.55
C LYS Q 1 -9.53 -6.79 9.48
N GLY Q 2 -10.78 -6.54 9.10
CA GLY Q 2 -11.62 -5.67 9.89
C GLY Q 2 -13.10 -5.96 9.82
N PHE Q 3 -13.50 -7.16 9.40
CA PHE Q 3 -14.91 -7.43 9.21
C PHE Q 3 -15.41 -8.48 10.19
N VAL Q 4 -16.41 -8.09 10.95
CA VAL Q 4 -17.21 -8.99 11.79
C VAL Q 4 -18.66 -8.78 11.39
N PRO Q 5 -19.30 -9.76 10.76
CA PRO Q 5 -20.73 -9.62 10.44
C PRO Q 5 -21.60 -9.59 11.68
N MET Q 6 -22.59 -8.70 11.66
CA MET Q 6 -23.23 -8.26 12.89
C MET Q 6 -24.72 -8.09 12.64
N LYS Q 7 -25.48 -7.94 13.72
CA LYS Q 7 -26.91 -7.65 13.66
C LYS Q 7 -27.32 -6.89 14.92
N ALA Q 8 -27.72 -5.61 14.74
CA ALA Q 8 -28.09 -4.75 15.85
C ALA Q 8 -28.92 -3.58 15.34
N VAL Q 9 -29.59 -2.88 16.25
CA VAL Q 9 -30.36 -1.68 15.95
C VAL Q 9 -29.87 -0.55 16.86
N THR Q 10 -29.52 0.59 16.27
CA THR Q 10 -29.07 1.76 17.00
C THR Q 10 -29.96 2.96 16.71
N TYR Q 11 -30.25 3.74 17.75
CA TYR Q 11 -30.94 5.02 17.65
C TYR Q 11 -30.01 6.14 18.11
N GLY Q 12 -30.14 7.31 17.53
CA GLY Q 12 -29.30 8.44 17.92
C GLY Q 12 -29.97 9.78 17.70
N LEU Q 13 -29.66 10.74 18.57
CA LEU Q 13 -30.19 12.09 18.53
C LEU Q 13 -29.21 13.03 17.83
N SER Q 14 -29.57 14.27 17.69
CA SER Q 14 -28.73 15.30 17.11
C SER Q 14 -27.94 16.00 18.22
N PRO Q 15 -26.75 16.53 17.91
CA PRO Q 15 -25.99 17.29 18.92
C PRO Q 15 -26.69 18.52 19.45
N PHE Q 16 -27.43 19.22 18.59
CA PHE Q 16 -28.14 20.43 19.00
C PHE Q 16 -29.55 20.13 19.44
N GLN Q 17 -29.70 19.12 20.30
CA GLN Q 17 -30.97 18.85 20.97
C GLN Q 17 -30.74 18.44 22.42
N GLN Q 18 -29.51 18.49 22.91
CA GLN Q 18 -29.12 17.98 24.21
C GLN Q 18 -28.40 19.07 25.00
N LYS Q 19 -28.13 18.80 26.27
CA LYS Q 19 -27.41 19.73 27.14
C LYS Q 19 -25.98 19.26 27.31
N ILE Q 20 -25.03 20.04 26.77
CA ILE Q 20 -23.65 19.59 26.61
C ILE Q 20 -22.85 19.62 27.92
N MET Q 21 -22.84 20.74 28.61
CA MET Q 21 -22.03 20.96 29.82
C MET Q 21 -22.55 20.42 31.16
N PRO Q 22 -23.87 20.56 31.57
CA PRO Q 22 -24.24 20.25 32.96
C PRO Q 22 -24.05 18.83 33.48
N GLY Q 23 -23.60 17.88 32.65
CA GLY Q 23 -23.38 16.53 33.12
C GLY Q 23 -22.02 16.28 33.76
N LEU Q 24 -21.37 17.33 34.22
CA LEU Q 24 -20.08 17.24 34.89
C LEU Q 24 -20.23 17.38 36.41
N TRP Q 25 -20.93 18.42 36.87
CA TRP Q 25 -21.16 18.64 38.29
C TRP Q 25 -22.50 18.04 38.73
N LYS Q 26 -22.71 16.77 38.39
CA LYS Q 26 -24.04 16.21 38.48
C LYS Q 26 -24.27 15.62 39.86
N ASP Q 27 -23.53 14.54 40.18
CA ASP Q 27 -23.60 13.95 41.56
C ASP Q 27 -22.19 13.75 42.09
N LEU Q 28 -21.37 14.78 42.17
CA LEU Q 28 -19.97 14.67 42.58
C LEU Q 28 -19.69 14.07 43.95
N PRO Q 29 -20.56 14.17 44.97
CA PRO Q 29 -20.37 13.30 46.14
C PRO Q 29 -20.47 11.82 45.85
N THR Q 30 -21.41 11.40 44.99
CA THR Q 30 -21.56 9.99 44.66
C THR Q 30 -20.41 9.52 43.78
N LYS Q 31 -19.91 10.38 42.91
CA LYS Q 31 -18.81 10.02 42.02
C LYS Q 31 -17.51 9.84 42.78
N ILE Q 32 -17.31 10.62 43.84
CA ILE Q 32 -16.07 10.55 44.61
C ILE Q 32 -16.01 9.28 45.46
N HIS Q 33 -17.15 8.89 46.04
CA HIS Q 33 -17.21 7.71 46.91
C HIS Q 33 -16.98 6.42 46.12
N HIS Q 34 -17.28 6.43 44.82
CA HIS Q 34 -17.14 5.24 43.99
C HIS Q 34 -15.68 5.02 43.63
N LYS Q 35 -14.91 6.10 43.52
CA LYS Q 35 -13.52 5.96 43.11
C LYS Q 35 -12.60 5.61 44.27
N VAL Q 36 -12.99 5.95 45.50
CA VAL Q 36 -12.04 5.79 46.61
C VAL Q 36 -12.37 4.55 47.44
N SER Q 37 -13.55 3.98 47.26
CA SER Q 37 -13.87 2.68 47.88
C SER Q 37 -13.59 1.54 46.92
N GLU Q 38 -12.94 1.83 45.80
CA GLU Q 38 -12.56 0.81 44.83
C GLU Q 38 -11.09 0.91 44.45
N ASN Q 39 -10.41 1.97 44.87
CA ASN Q 39 -8.99 2.16 44.60
C ASN Q 39 -8.26 2.54 45.87
N TRP Q 40 -8.41 1.74 46.92
CA TRP Q 40 -7.80 2.05 48.22
C TRP Q 40 -6.84 0.95 48.58
N ILE Q 41 -6.57 0.02 47.69
CA ILE Q 41 -5.56 -1.02 48.00
C ILE Q 41 -4.47 -0.81 46.97
N SER Q 42 -4.61 0.20 46.14
CA SER Q 42 -3.66 0.43 45.06
C SER Q 42 -2.91 1.69 45.43
N ALA Q 43 -3.37 2.36 46.45
CA ALA Q 43 -2.71 3.55 46.95
C ALA Q 43 -2.05 3.18 48.26
N THR Q 44 -2.51 2.17 48.98
CA THR Q 44 -1.87 1.57 50.16
C THR Q 44 -0.71 0.72 49.67
N LEU Q 45 -0.65 0.35 48.37
CA LEU Q 45 0.52 -0.30 47.80
C LEU Q 45 1.47 0.65 47.11
N LEU Q 46 1.09 1.91 46.94
CA LEU Q 46 1.98 2.88 46.31
C LEU Q 46 2.60 3.86 47.31
N LEU Q 47 1.86 4.27 48.33
CA LEU Q 47 2.37 5.21 49.32
C LEU Q 47 2.87 4.55 50.58
N GLY Q 48 2.38 3.33 50.87
CA GLY Q 48 2.78 2.55 52.01
C GLY Q 48 4.26 2.29 52.19
N PRO Q 49 4.94 1.70 51.19
CA PRO Q 49 6.39 1.49 51.32
C PRO Q 49 7.24 2.75 51.23
N LEU Q 50 6.63 3.89 50.93
CA LEU Q 50 7.37 5.14 50.88
C LEU Q 50 7.28 5.95 52.15
N VAL Q 51 6.13 5.95 52.81
CA VAL Q 51 5.98 6.55 54.14
C VAL Q 51 6.72 5.77 55.20
N GLY Q 52 6.83 4.45 55.05
CA GLY Q 52 7.50 3.63 56.03
C GLY Q 52 8.99 3.63 55.91
N VAL Q 53 9.52 3.90 54.72
CA VAL Q 53 10.97 3.99 54.53
C VAL Q 53 11.47 5.37 54.95
N TYR Q 54 10.70 6.42 54.66
CA TYR Q 54 11.06 7.77 55.11
C TYR Q 54 11.02 7.91 56.62
N SER Q 55 10.22 7.10 57.30
CA SER Q 55 10.23 7.11 58.76
C SER Q 55 11.47 6.42 59.31
N TYR Q 56 11.98 5.42 58.61
CA TYR Q 56 13.17 4.71 59.07
C TYR Q 56 14.41 5.57 58.95
N VAL Q 57 14.55 6.29 57.84
CA VAL Q 57 15.72 7.12 57.59
C VAL Q 57 15.80 8.31 58.54
N GLN Q 58 14.68 8.96 58.83
CA GLN Q 58 14.67 10.10 59.75
C GLN Q 58 14.91 9.70 61.19
N ASN Q 59 14.66 8.45 61.55
CA ASN Q 59 14.94 7.96 62.89
C ASN Q 59 16.38 7.47 63.02
N TYR Q 60 16.94 6.93 61.95
CA TYR Q 60 18.34 6.53 61.93
C TYR Q 60 19.26 7.74 62.00
N GLN Q 61 18.91 8.81 61.30
CA GLN Q 61 19.73 10.01 61.25
C GLN Q 61 19.55 10.90 62.48
N GLU Q 62 18.60 10.59 63.35
CA GLU Q 62 18.41 11.38 64.56
C GLU Q 62 18.97 10.64 65.78
N LYS Q 63 19.57 9.47 65.56
CA LYS Q 63 20.25 8.77 66.62
C LYS Q 63 21.73 8.63 66.40
N GLU Q 64 22.26 8.93 65.21
CA GLU Q 64 23.69 9.07 65.04
C GLU Q 64 24.12 10.53 65.05
N LYS Q 65 23.16 11.44 65.12
CA LYS Q 65 23.44 12.86 65.32
C LYS Q 65 23.52 13.21 66.79
N LEU Q 66 22.72 12.56 67.63
CA LEU Q 66 22.78 12.72 69.07
C LEU Q 66 23.80 11.81 69.74
N SER Q 67 24.51 10.98 68.99
CA SER Q 67 25.58 10.17 69.55
C SER Q 67 26.96 10.74 69.24
N HIS Q 68 27.03 11.75 68.39
CA HIS Q 68 28.29 12.43 68.10
C HIS Q 68 28.47 13.71 68.91
N ARG Q 69 27.44 14.14 69.63
CA ARG Q 69 27.50 15.38 70.37
C ARG Q 69 28.12 15.14 71.74
N TYR Q 70 28.99 16.03 72.16
CA TYR Q 70 29.69 15.90 73.42
C TYR Q 70 28.93 16.62 74.52
N PRO R 1 23.56 55.40 64.22
CA PRO R 1 22.76 54.29 63.68
C PRO R 1 23.06 52.94 64.32
N VAL R 2 22.31 52.59 65.38
CA VAL R 2 22.44 51.26 65.96
C VAL R 2 21.76 50.26 65.02
N ASP R 3 22.32 49.05 64.95
CA ASP R 3 21.91 48.09 63.93
C ASP R 3 20.55 47.50 64.26
N GLN R 4 19.67 47.44 63.25
CA GLN R 4 18.31 46.95 63.48
C GLN R 4 18.28 45.46 63.76
N LYS R 5 19.20 44.70 63.16
CA LYS R 5 19.21 43.25 63.33
C LYS R 5 19.67 42.88 64.74
N LYS R 6 20.78 43.47 65.18
CA LYS R 6 21.31 43.17 66.51
C LYS R 6 20.41 43.73 67.61
N TYR R 7 19.65 44.77 67.30
CA TYR R 7 18.59 45.23 68.18
C TYR R 7 17.53 44.15 68.36
N LEU R 8 17.10 43.54 67.25
CA LEU R 8 16.08 42.49 67.31
C LEU R 8 16.63 41.20 67.88
N GLU R 9 17.91 40.92 67.64
CA GLU R 9 18.52 39.69 68.11
C GLU R 9 18.72 39.69 69.62
N GLU R 10 18.70 40.86 70.25
CA GLU R 10 18.68 40.93 71.70
C GLU R 10 17.29 40.73 72.27
N SER R 11 16.25 41.05 71.50
CA SER R 11 14.87 40.98 71.95
C SER R 11 14.19 39.67 71.56
N CYS R 12 14.95 38.57 71.42
CA CYS R 12 14.40 37.26 71.12
C CYS R 12 14.80 36.17 72.09
N LYS R 13 15.79 36.51 72.90
CA LYS R 13 16.20 35.58 73.98
C LYS R 13 14.95 35.27 74.80
N PRO R 14 14.01 36.19 75.15
CA PRO R 14 12.81 35.78 75.84
C PRO R 14 12.21 34.56 75.14
N LYS R 15 12.18 34.51 73.81
CA LYS R 15 11.43 33.42 73.13
C LYS R 15 12.24 32.15 72.91
N CYS R 16 13.55 32.18 73.04
CA CYS R 16 14.41 31.00 72.76
C CYS R 16 15.29 30.73 73.97
N VAL R 17 14.71 30.41 75.12
CA VAL R 17 15.51 30.30 76.36
C VAL R 17 15.87 28.86 76.64
N LYS R 18 15.02 27.98 76.22
CA LYS R 18 15.30 26.56 76.33
C LYS R 18 16.52 26.13 75.54
N ALA R 19 16.64 26.57 74.28
CA ALA R 19 17.82 26.25 73.50
C ALA R 19 19.08 26.96 73.99
N LEU R 20 18.92 28.03 74.77
CA LEU R 20 20.05 28.72 75.39
C LEU R 20 20.55 27.97 76.61
N LEU R 21 19.63 27.47 77.44
CA LEU R 21 19.94 26.73 78.65
C LEU R 21 20.59 25.38 78.34
N GLU R 22 20.35 24.85 77.14
CA GLU R 22 21.02 23.65 76.71
C GLU R 22 22.40 23.93 76.13
N TYR R 23 22.71 25.18 75.81
CA TYR R 23 24.05 25.54 75.39
C TYR R 23 24.94 25.84 76.60
N GLN R 24 24.35 26.43 77.64
CA GLN R 24 25.10 26.74 78.86
C GLN R 24 25.56 25.47 79.56
N ALA R 25 24.75 24.41 79.51
CA ALA R 25 25.11 23.16 80.14
C ALA R 25 26.21 22.42 79.39
N CYS R 26 26.40 22.75 78.11
CA CYS R 26 27.45 22.09 77.32
C CYS R 26 28.84 22.59 77.65
N VAL R 27 28.99 23.88 77.96
CA VAL R 27 30.31 24.41 78.27
C VAL R 27 30.74 23.99 79.68
N LYS R 28 29.79 23.60 80.53
CA LYS R 28 30.14 22.97 81.80
C LYS R 28 30.76 21.60 81.60
N ARG R 29 30.22 20.80 80.67
CA ARG R 29 30.69 19.44 80.47
C ARG R 29 32.05 19.39 79.78
N ILE R 30 32.48 20.50 79.18
CA ILE R 30 33.81 20.56 78.58
C ILE R 30 34.67 21.62 79.25
N GLN R 31 34.26 22.07 80.43
CA GLN R 31 35.08 22.99 81.22
C GLN R 31 36.28 22.24 81.79
N GLY R 32 37.45 22.84 81.64
CA GLY R 32 38.68 22.16 82.04
C GLY R 32 38.93 20.96 81.15
N ASP R 33 39.03 21.18 79.85
CA ASP R 33 39.18 20.09 78.88
C ASP R 33 40.53 19.41 79.03
N GLU R 34 40.60 18.15 78.58
CA GLU R 34 41.80 17.34 78.70
C GLU R 34 42.60 17.26 77.41
N THR R 35 41.93 16.96 76.30
CA THR R 35 42.60 16.60 75.06
C THR R 35 42.21 17.47 73.88
N GLY R 36 41.40 18.50 74.10
CA GLY R 36 40.69 19.10 72.99
C GLY R 36 39.54 18.18 72.62
N ASN R 37 39.19 18.18 71.33
CA ASN R 37 38.26 17.25 70.70
C ASN R 37 36.85 17.22 71.28
N LYS R 38 36.48 18.20 72.09
CA LYS R 38 35.18 18.24 72.76
C LYS R 38 34.62 19.66 72.63
N HIS R 39 33.83 19.88 71.59
CA HIS R 39 33.25 21.18 71.32
C HIS R 39 31.76 21.18 71.64
N CYS R 40 31.13 22.32 71.39
CA CYS R 40 29.69 22.45 71.53
C CYS R 40 29.07 23.02 70.25
N THR R 41 29.47 22.47 69.10
CA THR R 41 29.00 22.97 67.81
C THR R 41 27.52 22.70 67.59
N GLY R 42 27.02 21.56 68.08
CA GLY R 42 25.64 21.16 67.85
C GLY R 42 24.63 22.02 68.56
N GLN R 43 24.81 22.24 69.86
CA GLN R 43 23.92 23.08 70.63
C GLN R 43 24.09 24.56 70.32
N TYR R 44 25.20 24.94 69.68
CA TYR R 44 25.36 26.28 69.15
C TYR R 44 24.49 26.49 67.91
N PHE R 45 24.44 25.48 67.04
CA PHE R 45 23.66 25.55 65.81
C PHE R 45 22.17 25.39 66.06
N ASP R 46 21.80 24.90 67.25
CA ASP R 46 20.40 24.81 67.63
C ASP R 46 19.86 26.09 68.22
N TYR R 47 20.71 26.94 68.79
CA TYR R 47 20.28 28.18 69.41
C TYR R 47 20.17 29.31 68.40
N TRP R 48 21.05 29.36 67.41
CA TRP R 48 21.00 30.41 66.40
C TRP R 48 20.05 30.11 65.27
N SER R 49 19.41 28.95 65.29
CA SER R 49 18.35 28.66 64.33
C SER R 49 17.00 29.11 64.85
N CYS R 50 16.81 29.00 66.16
CA CYS R 50 15.83 29.77 66.90
C CYS R 50 15.86 31.26 66.64
N ILE R 51 17.00 31.90 66.90
CA ILE R 51 17.11 33.36 66.88
C ILE R 51 16.94 33.89 65.46
N ASP R 52 17.48 33.17 64.48
CA ASP R 52 17.34 33.59 63.09
C ASP R 52 15.91 33.48 62.57
N LYS R 53 15.03 32.76 63.26
CA LYS R 53 13.70 32.61 62.72
C LYS R 53 12.74 33.74 63.08
N CYS R 54 12.88 34.39 64.24
CA CYS R 54 11.98 35.51 64.50
C CYS R 54 12.42 36.75 63.76
N VAL R 55 13.73 36.96 63.66
CA VAL R 55 14.27 38.19 63.10
C VAL R 55 14.01 38.28 61.61
N ALA R 56 13.88 37.13 60.92
CA ALA R 56 13.52 37.14 59.51
C ALA R 56 12.09 37.63 59.29
N GLN R 57 11.23 37.49 60.29
CA GLN R 57 9.86 37.94 60.18
C GLN R 57 9.74 39.45 60.24
N LYS R 58 10.58 40.11 61.04
CA LYS R 58 10.36 41.48 61.43
C LYS R 58 11.41 42.47 60.94
N LEU R 59 12.51 42.00 60.35
CA LEU R 59 13.60 42.91 60.00
C LEU R 59 13.25 43.77 58.79
N PHE R 60 12.72 43.15 57.73
CA PHE R 60 12.59 43.84 56.45
C PHE R 60 11.51 44.92 56.47
N SER R 61 10.65 44.94 57.49
CA SER R 61 9.69 46.02 57.67
C SER R 61 10.25 47.15 58.51
N LYS R 62 11.54 47.09 58.85
CA LYS R 62 12.21 48.15 59.58
C LYS R 62 13.32 48.80 58.77
N LEU R 63 13.55 48.29 57.58
CA LEU R 63 14.59 48.80 56.69
C LEU R 63 13.94 49.58 55.55
N LYS R 64 14.58 50.67 55.16
CA LYS R 64 14.04 51.52 54.12
C LYS R 64 14.39 50.95 52.73
N GLY S 1 -32.25 36.60 24.35
CA GLY S 1 -31.71 35.61 23.44
C GLY S 1 -31.66 36.06 22.00
N GLY S 2 -32.21 37.26 21.73
CA GLY S 2 -32.32 37.78 20.39
C GLY S 2 -31.03 38.30 19.79
N ILE S 3 -29.98 38.42 20.59
CA ILE S 3 -28.69 38.80 20.02
C ILE S 3 -28.00 37.59 19.42
N PHE S 4 -28.43 36.38 19.77
CA PHE S 4 -27.74 35.20 19.27
C PHE S 4 -28.13 34.88 17.83
N GLU S 5 -29.38 35.13 17.41
CA GLU S 5 -29.66 34.88 16.00
C GLU S 5 -29.16 36.04 15.17
N ALA S 6 -29.18 37.26 15.74
CA ALA S 6 -28.83 38.47 15.01
C ALA S 6 -27.33 38.58 14.76
N LEU S 7 -26.51 37.98 15.62
CA LEU S 7 -25.08 38.01 15.38
C LEU S 7 -24.67 36.98 14.33
N TYR S 8 -25.41 35.87 14.23
CA TYR S 8 -25.20 34.92 13.14
C TYR S 8 -25.93 35.36 11.88
N LYS S 9 -26.87 36.30 12.02
CA LYS S 9 -27.64 36.85 10.90
C LYS S 9 -26.78 37.54 9.86
N VAL S 10 -25.70 38.18 10.28
CA VAL S 10 -25.01 39.17 9.45
C VAL S 10 -23.70 38.65 8.87
N LEU S 11 -22.92 37.89 9.65
CA LEU S 11 -21.49 37.77 9.35
C LEU S 11 -21.11 36.44 8.67
N MET S 12 -21.25 35.31 9.43
CA MET S 12 -20.70 33.99 8.94
C MET S 12 -21.66 33.03 8.20
N ARG S 13 -22.17 33.38 7.02
CA ARG S 13 -22.90 32.39 6.18
C ARG S 13 -21.91 31.90 5.13
N ARG S 14 -20.65 32.28 5.22
CA ARG S 14 -19.63 31.92 4.21
C ARG S 14 -18.26 32.29 4.82
N ASN S 15 -17.16 32.27 4.05
CA ASN S 15 -15.89 32.55 4.77
C ASN S 15 -15.53 34.02 4.60
N SER S 16 -16.55 34.90 4.62
CA SER S 16 -16.23 36.34 4.39
C SER S 16 -15.63 36.91 5.67
N VAL S 17 -16.51 36.93 6.68
CA VAL S 17 -16.06 37.55 7.92
C VAL S 17 -15.69 36.44 8.86
N TYR S 18 -15.30 35.28 8.33
CA TYR S 18 -14.87 34.25 9.31
C TYR S 18 -13.29 34.40 9.42
N VAL S 19 -12.52 34.17 8.36
CA VAL S 19 -11.03 34.22 8.48
C VAL S 19 -10.54 35.66 8.51
N THR S 20 -11.35 36.58 9.01
CA THR S 20 -10.99 38.00 9.03
C THR S 20 -11.44 38.49 10.38
N PHE S 21 -12.54 37.93 10.87
CA PHE S 21 -13.06 38.27 12.20
C PHE S 21 -12.05 37.69 13.18
N VAL S 22 -11.80 36.40 13.17
CA VAL S 22 -10.88 35.68 14.05
C VAL S 22 -9.49 36.30 14.03
N ILE S 23 -9.12 36.97 12.94
CA ILE S 23 -7.84 37.67 12.93
C ILE S 23 -8.00 39.04 13.59
N ALA S 24 -8.98 39.82 13.15
CA ALA S 24 -9.22 41.12 13.76
C ALA S 24 -9.78 41.02 15.17
N GLY S 25 -10.42 39.92 15.54
CA GLY S 25 -10.81 39.76 16.94
C GLY S 25 -9.69 39.27 17.80
N ALA S 26 -8.61 38.77 17.16
CA ALA S 26 -7.43 38.39 17.94
C ALA S 26 -6.65 39.60 18.42
N PHE S 27 -6.87 40.78 17.81
CA PHE S 27 -6.18 42.02 18.11
C PHE S 27 -6.85 42.83 19.23
N VAL S 28 -8.17 42.99 19.16
CA VAL S 28 -8.87 43.79 20.16
C VAL S 28 -8.81 43.02 21.47
N GLY S 29 -8.82 41.69 21.39
CA GLY S 29 -8.64 40.90 22.58
C GLY S 29 -7.22 40.89 23.12
N GLU S 30 -6.21 40.97 22.25
CA GLU S 30 -4.83 40.97 22.74
C GLU S 30 -4.49 42.32 23.37
N ARG S 31 -5.08 43.40 22.88
CA ARG S 31 -4.96 44.72 23.49
C ARG S 31 -5.88 44.95 24.68
N ALA S 32 -6.98 44.22 24.79
CA ALA S 32 -7.75 44.31 26.01
C ALA S 32 -7.10 43.60 27.18
N VAL S 33 -6.22 42.63 26.95
CA VAL S 33 -5.62 41.88 28.03
C VAL S 33 -4.23 42.41 28.37
N ASP S 34 -3.51 42.96 27.39
CA ASP S 34 -2.24 43.61 27.63
C ASP S 34 -2.41 44.91 28.39
N TYR S 35 -3.56 45.58 28.25
CA TYR S 35 -3.89 46.77 29.01
C TYR S 35 -4.18 46.48 30.47
N GLY S 36 -4.75 45.33 30.79
CA GLY S 36 -5.15 45.05 32.17
C GLY S 36 -4.04 44.45 32.99
N VAL S 37 -3.13 43.76 32.33
CA VAL S 37 -1.92 43.29 32.99
C VAL S 37 -0.98 44.46 33.25
N HIS S 38 -0.92 45.41 32.32
CA HIS S 38 -0.10 46.60 32.47
C HIS S 38 -0.71 47.66 33.39
N LYS S 39 -1.92 47.47 33.94
CA LYS S 39 -2.40 48.33 35.01
C LYS S 39 -2.57 47.65 36.34
N LEU S 40 -2.60 46.32 36.39
CA LEU S 40 -2.50 45.63 37.66
C LEU S 40 -1.05 45.55 38.14
N TRP S 41 -0.10 45.75 37.23
CA TRP S 41 1.32 45.75 37.59
C TRP S 41 1.71 47.05 38.29
N GLU S 42 1.32 48.20 37.75
CA GLU S 42 1.77 49.46 38.33
C GLU S 42 0.84 49.93 39.45
N HIS S 43 0.15 49.00 40.07
CA HIS S 43 -0.75 49.31 41.17
C HIS S 43 -0.35 48.46 42.36
N ASN S 44 0.33 47.36 42.07
CA ASN S 44 0.93 46.55 43.11
C ASN S 44 2.30 47.07 43.52
N ASN S 45 2.94 47.87 42.66
CA ASN S 45 4.29 48.38 42.89
C ASN S 45 4.28 49.90 42.74
N VAL S 46 3.96 50.60 43.83
CA VAL S 46 4.02 52.06 43.87
C VAL S 46 5.25 52.46 44.68
N GLY S 47 6.04 53.36 44.12
CA GLY S 47 7.27 53.79 44.76
C GLY S 47 8.46 52.94 44.44
N LYS S 48 8.35 52.02 43.49
CA LYS S 48 9.42 51.07 43.19
C LYS S 48 9.88 51.15 41.74
N ARG S 49 9.35 52.07 40.95
CA ARG S 49 9.74 52.15 39.56
C ARG S 49 11.06 52.91 39.41
N TYR S 50 11.46 53.10 38.16
CA TYR S 50 12.68 53.83 37.87
C TYR S 50 12.48 55.34 37.93
N GLU S 51 11.30 55.81 37.56
CA GLU S 51 11.03 57.25 37.64
C GLU S 51 10.67 57.71 39.04
N ASP S 52 10.71 56.83 40.04
CA ASP S 52 10.42 57.20 41.41
C ASP S 52 11.69 57.30 42.24
N ILE S 53 12.81 57.56 41.59
CA ILE S 53 14.11 57.71 42.24
C ILE S 53 14.30 59.18 42.54
N SER S 54 14.46 59.51 43.83
CA SER S 54 14.46 60.90 44.24
C SER S 54 15.72 61.66 43.85
N VAL S 55 16.81 60.93 43.59
CA VAL S 55 18.09 61.54 43.28
C VAL S 55 18.50 61.25 41.85
N LEU S 56 17.53 61.14 40.94
CA LEU S 56 17.78 60.60 39.60
C LEU S 56 18.69 61.49 38.78
N GLY S 57 18.32 62.75 38.59
CA GLY S 57 19.10 63.68 37.80
C GLY S 57 20.49 63.99 38.34
N GLN S 58 20.72 63.89 39.64
CA GLN S 58 21.90 64.43 40.29
C GLN S 58 22.82 63.31 40.77
N ARG S 59 23.87 63.04 39.99
CA ARG S 59 24.96 62.23 40.51
C ARG S 59 26.13 63.12 40.91
N GLN S 60 26.69 63.84 39.93
CA GLN S 60 27.89 64.67 40.06
C GLN S 60 29.04 64.03 40.85
N ILE T 1 -23.89 33.38 -8.54
CA ILE T 1 -23.94 31.96 -8.86
C ILE T 1 -22.44 31.63 -8.91
N GLN T 2 -21.90 31.80 -10.13
CA GLN T 2 -20.53 31.91 -10.57
C GLN T 2 -20.03 33.35 -10.39
N PRO T 3 -20.83 34.41 -10.59
CA PRO T 3 -20.42 35.71 -10.03
C PRO T 3 -20.27 35.71 -8.51
N THR T 4 -21.21 35.10 -7.77
CA THR T 4 -21.14 35.10 -6.31
C THR T 4 -20.01 34.23 -5.78
N ASP T 5 -19.52 33.30 -6.60
CA ASP T 5 -18.31 32.54 -6.28
C ASP T 5 -17.11 33.47 -6.17
N VAL T 6 -16.85 34.27 -7.21
CA VAL T 6 -15.74 35.23 -7.14
C VAL T 6 -16.07 36.44 -6.26
N LYS T 7 -17.34 36.88 -6.25
CA LYS T 7 -17.72 38.00 -5.38
C LYS T 7 -17.62 37.63 -3.92
N ALA T 8 -17.64 36.33 -3.59
CA ALA T 8 -17.04 35.87 -2.35
C ALA T 8 -15.51 35.81 -2.44
N ALA T 9 -14.94 35.15 -3.45
CA ALA T 9 -13.54 34.71 -3.41
C ALA T 9 -12.52 35.87 -3.36
N ALA T 10 -12.89 37.09 -3.73
CA ALA T 10 -11.93 38.19 -3.64
C ALA T 10 -11.96 38.91 -2.29
N MET T 11 -12.95 38.63 -1.44
CA MET T 11 -12.86 39.10 -0.06
C MET T 11 -12.12 38.12 0.86
N TRP T 12 -11.69 36.97 0.34
CA TRP T 12 -10.77 36.22 1.22
C TRP T 12 -9.41 36.76 0.82
N GLY T 13 -9.31 37.37 -0.40
CA GLY T 13 -8.05 38.07 -0.62
C GLY T 13 -7.84 39.16 0.42
N VAL T 14 -8.93 39.74 0.91
CA VAL T 14 -8.88 40.88 1.82
C VAL T 14 -9.06 40.45 3.28
N ALA T 15 -9.59 39.25 3.54
CA ALA T 15 -9.59 38.74 4.90
C ALA T 15 -8.19 38.41 5.37
N ALA T 16 -7.42 38.29 4.27
CA ALA T 16 -6.00 37.92 4.34
C ALA T 16 -5.13 39.18 4.34
N ALA T 17 -5.74 40.31 4.20
CA ALA T 17 -4.91 41.51 4.32
C ALA T 17 -5.20 42.00 5.72
N THR T 18 -6.44 41.81 6.20
CA THR T 18 -6.74 42.15 7.62
C THR T 18 -5.80 41.24 8.37
N GLY T 19 -5.49 40.09 7.76
CA GLY T 19 -4.52 39.14 8.33
C GLY T 19 -3.07 39.39 7.92
N GLY T 20 -2.84 40.06 6.79
CA GLY T 20 -1.43 40.17 6.40
C GLY T 20 -0.69 41.27 7.11
N LEU T 21 -1.42 42.28 7.56
CA LEU T 21 -0.75 43.25 8.47
C LEU T 21 -1.09 42.97 9.94
N TYR T 22 -1.76 41.86 10.28
CA TYR T 22 -2.24 41.62 11.68
C TYR T 22 -1.11 41.38 12.66
N LEU T 23 -0.11 40.62 12.23
CA LEU T 23 1.07 40.37 13.06
C LEU T 23 2.23 41.18 12.50
N ILE T 24 2.79 40.83 11.33
CA ILE T 24 3.81 41.72 10.85
C ILE T 24 3.07 43.01 10.53
N GLN T 25 3.72 44.10 10.86
CA GLN T 25 3.20 45.36 10.31
C GLN T 25 4.24 45.69 9.24
N PRO T 26 4.27 45.01 8.04
CA PRO T 26 5.18 45.33 6.90
C PRO T 26 5.06 46.84 6.75
N TRP T 27 6.13 47.55 7.02
CA TRP T 27 6.02 49.00 7.15
C TRP T 27 6.48 49.77 5.92
N GLY T 28 7.72 49.53 5.48
CA GLY T 28 8.15 50.47 4.46
C GLY T 28 7.35 50.45 3.17
N TRP T 29 6.77 49.31 2.81
CA TRP T 29 6.13 49.18 1.51
C TRP T 29 4.66 49.61 1.54
ZN ZN U . -0.72 -44.16 -34.28
C1 CDL V . 21.96 -13.94 -4.25
O1 CDL V . 21.83 -15.12 -3.53
CA2 CDL V . 22.40 -12.84 -3.28
OA2 CDL V . 23.29 -11.93 -3.84
PA1 CDL V . 23.56 -10.57 -2.96
OA3 CDL V . 24.23 -10.95 -1.67
OA4 CDL V . 22.25 -9.88 -2.66
OA5 CDL V . 24.52 -9.50 -3.77
CA3 CDL V . 25.27 -8.61 -3.00
CA4 CDL V . 26.74 -9.02 -2.95
OA6 CDL V . 27.54 -7.93 -3.31
CA5 CDL V . 28.69 -7.75 -2.55
OA7 CDL V . 29.12 -8.63 -1.88
C11 CDL V . 29.42 -6.41 -2.60
C12 CDL V . 28.86 -5.58 -3.74
C13 CDL V . 29.62 -4.27 -3.83
C14 CDL V . 29.25 -3.40 -2.65
C15 CDL V . 30.13 -2.17 -2.64
C16 CDL V . 29.85 -1.35 -3.90
C17 CDL V . 31.11 -0.62 -4.33
C18 CDL V . 30.73 0.82 -4.67
C19 CDL V . 31.90 1.75 -4.34
C20 CDL V . 31.51 2.64 -3.17
C21 CDL V . 31.78 4.10 -3.53
C22 CDL V . 32.45 4.79 -2.33
C23 CDL V . 33.20 6.03 -2.80
CA6 CDL V . 27.00 -10.20 -3.90
OA8 CDL V . 28.16 -9.98 -4.64
CA7 CDL V . 27.95 -9.56 -5.95
OA9 CDL V . 26.86 -9.53 -6.41
C31 CDL V . 29.16 -9.13 -6.77
C32 CDL V . 30.08 -8.34 -5.84
CB2 CDL V . 20.64 -13.58 -4.94
OB2 CDL V . 19.52 -14.19 -4.35
PB2 CDL V . 18.72 -13.59 -3.03
OB3 CDL V . 17.48 -14.42 -2.81
OB4 CDL V . 19.60 -13.75 -1.81
OB5 CDL V . 18.26 -12.01 -3.17
CB3 CDL V . 19.19 -11.01 -2.87
CB4 CDL V . 18.69 -9.96 -1.88
OB6 CDL V . 19.53 -8.86 -1.95
CB5 CDL V . 19.25 -7.85 -2.88
OB7 CDL V . 18.37 -7.98 -3.67
C51 CDL V . 20.08 -6.57 -2.90
C52 CDL V . 19.29 -5.47 -3.59
C53 CDL V . 20.24 -4.72 -4.53
C54 CDL V . 20.03 -3.21 -4.39
C55 CDL V . 20.50 -2.74 -3.01
C56 CDL V . 21.93 -2.20 -3.11
C57 CDL V . 22.91 -3.13 -2.39
C58 CDL V . 24.27 -2.45 -2.23
C59 CDL V . 24.12 -1.12 -1.48
C60 CDL V . 24.61 -1.27 -0.04
C61 CDL V . 23.98 -0.18 0.82
C62 CDL V . 25.02 0.54 1.69
C63 CDL V . 26.29 0.89 0.91
C64 CDL V . 26.47 2.41 0.82
CB6 CDL V . 18.84 -10.53 -0.47
OB8 CDL V . 17.66 -10.39 0.28
CB7 CDL V . 17.47 -11.40 1.24
OB9 CDL V . 17.08 -11.13 2.32
C71 CDL V . 17.76 -12.86 0.89
C72 CDL V . 16.62 -13.73 1.43
C73 CDL V . 17.12 -14.48 2.66
N1 A1D6K W . 30.41 31.43 -3.75
N3 A1D6K W . 24.65 32.43 -6.75
C4 A1D6K W . 32.11 33.01 -4.49
C5 A1D6K W . 32.49 34.11 -5.22
C6 A1D6K W . 31.56 34.78 -5.98
C7 A1D6K W . 30.26 34.34 -6.02
C8 A1D6K W . 29.84 33.24 -5.29
C10 A1D6K W . 26.73 32.63 -7.05
C13 A1D6K W . 23.49 32.16 -5.98
C15 A1D6K W . 22.49 31.52 -3.90
C17 A1D6K W . 21.12 32.06 -5.79
C1 A1D6K W . 30.21 27.88 -3.66
C11 A1D6K W . 24.81 32.77 -8.04
C12 A1D6K W . 26.14 32.90 -8.24
C14 A1D6K W . 23.63 31.77 -4.65
C16 A1D6K W . 21.26 31.67 -4.49
C18 A1D6K W . 22.25 32.32 -6.54
C19 A1D6K W . 30.70 32.16 -1.41
C2 A1D6K W . 30.53 30.12 -4.21
C3 A1D6K W . 30.79 32.57 -4.52
C9 A1D6K W . 28.41 32.78 -5.36
N2 A1D6K W . 25.84 32.34 -6.12
O1 A1D6K W . 29.87 29.27 -3.44
O2 A1D6K W . 31.18 29.80 -5.17
O3 A1D6K W . 28.06 32.65 -6.77
O4 A1D6K W . 29.85 31.70 -2.48
CL1 A1D6K W . 19.84 31.32 -3.56
CHA HEM X . 32.28 22.77 4.27
CHB HEM X . 29.86 20.08 7.43
CHC HEM X . 26.94 18.49 3.94
CHD HEM X . 29.13 21.45 0.84
C1A HEM X . 31.91 22.17 5.44
C2A HEM X . 32.53 22.33 6.73
C3A HEM X . 31.86 21.59 7.60
C4A HEM X . 30.79 20.93 6.90
CMA HEM X . 32.15 21.45 9.10
CAA HEM X . 33.75 23.22 7.06
CBA HEM X . 35.05 22.44 6.99
CGA HEM X . 35.70 22.66 5.65
O1A HEM X . 35.84 23.83 5.24
O2A HEM X . 36.09 21.67 5.01
C1B HEM X . 28.83 19.47 6.77
C2B HEM X . 27.80 18.70 7.39
C3B HEM X . 26.98 18.22 6.44
C4B HEM X . 27.48 18.73 5.18
CMB HEM X . 27.80 18.51 8.91
CAB HEM X . 25.70 17.35 6.49
CBB HEM X . 25.04 16.93 7.57
C1C HEM X . 27.27 19.16 2.80
C2C HEM X . 26.61 19.04 1.53
C3C HEM X . 27.23 19.85 0.65
C4C HEM X . 28.28 20.53 1.37
CMC HEM X . 25.42 18.06 1.35
CAC HEM X . 26.99 20.16 -0.84
CBC HEM X . 25.89 19.91 -1.55
C1D HEM X . 30.20 22.03 1.47
C2D HEM X . 31.20 22.84 0.86
C3D HEM X . 32.08 23.20 1.78
C4D HEM X . 31.66 22.63 3.04
CMD HEM X . 31.25 23.23 -0.64
CAD HEM X . 33.31 24.08 1.51
CBD HEM X . 34.59 23.26 1.70
CGD HEM X . 35.76 23.98 1.11
O1D HEM X . 35.62 24.46 -0.03
O2D HEM X . 36.81 24.07 1.76
NA HEM X . 30.85 21.30 5.58
NB HEM X . 28.62 19.47 5.41
NC HEM X . 28.29 20.08 2.66
ND HEM X . 30.50 21.92 2.81
FE HEM X . 29.58 20.68 4.11
CHA HEM Y . 14.51 9.88 -11.97
CHB HEM Y . 17.04 10.47 -7.88
CHC HEM Y . 17.59 15.17 -8.89
CHD HEM Y . 14.27 14.69 -12.41
C1A HEM Y . 15.25 9.57 -10.85
C2A HEM Y . 15.67 8.26 -10.35
C3A HEM Y . 16.35 8.47 -9.22
C4A HEM Y . 16.41 9.87 -8.95
CMA HEM Y . 16.98 7.38 -8.34
CAA HEM Y . 15.44 6.83 -10.87
CBA HEM Y . 15.48 6.57 -12.37
CGA HEM Y . 16.69 7.12 -13.04
O1A HEM Y . 17.79 7.01 -12.46
O2A HEM Y . 16.59 7.63 -14.18
C1B HEM Y . 17.44 11.79 -7.80
C2B HEM Y . 18.26 12.35 -6.77
C3B HEM Y . 18.44 13.65 -7.05
C4B HEM Y . 17.70 13.95 -8.25
CMB HEM Y . 18.80 11.47 -5.63
CAB HEM Y . 19.23 14.76 -6.28
CBB HEM Y . 19.55 14.78 -4.98
C1C HEM Y . 16.74 15.45 -9.95
C2C HEM Y . 16.61 16.71 -10.64
C3C HEM Y . 15.71 16.57 -11.63
C4C HEM Y . 15.22 15.23 -11.57
CMC HEM Y . 17.45 17.94 -10.26
CAC HEM Y . 15.12 17.55 -12.69
CBC HEM Y . 15.09 18.89 -12.64
C1D HEM Y . 14.06 13.35 -12.61
C2D HEM Y . 13.19 12.78 -13.60
C3D HEM Y . 13.25 11.44 -13.49
C4D HEM Y . 14.16 11.13 -12.42
CMD HEM Y . 12.35 13.62 -14.59
CAD HEM Y . 12.49 10.39 -14.33
CBD HEM Y . 13.03 10.26 -15.75
CGD HEM Y . 12.71 8.94 -16.35
O1D HEM Y . 12.89 8.79 -17.57
O2D HEM Y . 12.29 8.03 -15.62
NA HEM Y . 15.73 10.53 -9.97
NB HEM Y . 17.11 12.79 -8.69
NC HEM Y . 15.87 14.56 -10.55
ND HEM Y . 14.63 12.33 -11.91
FE HEM Y . 15.89 12.58 -10.30
P 3PE Z . 12.91 45.02 13.26
N 3PE Z . 10.73 45.77 16.40
O11 3PE Z . 13.89 44.26 12.18
O12 3PE Z . 12.35 46.27 12.64
O13 3PE Z . 13.74 45.39 14.64
O14 3PE Z . 11.78 44.07 13.59
C11 3PE Z . 13.07 45.30 15.87
C12 3PE Z . 11.98 46.37 15.95
C1 3PE Z . 13.54 42.96 11.83
C2 3PE Z . 13.22 42.89 10.34
C3 3PE Z . 12.23 41.75 10.11
O31 3PE Z . 12.89 40.74 9.39
O32 3PE Z . 12.91 41.49 7.29
C31 3PE Z . 12.53 40.67 8.05
C32 3PE Z . 11.65 39.53 7.55
C33 3PE Z . 12.53 38.43 6.95
C34 3PE Z . 11.68 37.59 6.02
C35 3PE Z . 12.52 36.43 5.48
O21 3PE Z . 12.78 44.16 9.91
O22 3PE Z . 10.68 44.61 10.59
C21 3PE Z . 11.41 44.43 9.68
C22 3PE Z . 10.91 44.55 8.24
C23 3PE Z . 9.39 44.62 8.20
C24 3PE Z . 8.96 44.34 6.76
C25 3PE Z . 9.03 42.83 6.51
C26 3PE Z . 8.46 42.53 5.14
C27 3PE Z . 9.42 41.58 4.41
C28 3PE Z . 8.82 40.18 4.40
P 3PE AA . 18.58 13.16 -41.56
N 3PE AA . 22.10 11.26 -40.39
O11 3PE AA . 17.73 14.56 -41.68
O12 3PE AA . 17.96 12.23 -40.54
O13 3PE AA . 20.11 13.56 -41.07
O14 3PE AA . 18.63 12.48 -42.90
C11 3PE AA . 21.20 13.04 -41.76
C12 3PE AA . 22.27 12.65 -40.76
C1 3PE AA . 18.46 15.74 -41.61
C2 3PE AA . 17.54 16.89 -41.20
C3 3PE AA . 16.10 16.60 -41.64
O31 3PE AA . 15.74 17.49 -42.65
O32 3PE AA . 14.61 18.65 -41.10
C31 3PE AA . 14.91 18.53 -42.23
C32 3PE AA . 14.38 19.53 -43.26
C33 3PE AA . 15.44 20.61 -43.47
C34 3PE AA . 14.86 21.99 -43.20
C35 3PE AA . 14.22 22.04 -41.82
C36 3PE AA . 14.36 23.45 -41.26
C37 3PE AA . 13.41 24.39 -42.01
C38 3PE AA . 13.59 25.81 -41.46
C39 3PE AA . 12.22 26.48 -41.39
O21 3PE AA . 17.58 17.07 -39.81
O22 3PE AA . 19.35 18.43 -39.83
C21 3PE AA . 18.25 18.23 -39.44
C22 3PE AA . 17.59 19.25 -38.52
C23 3PE AA . 18.66 20.14 -37.92
C24 3PE AA . 18.01 21.08 -36.91
C25 3PE AA . 17.70 22.41 -37.58
C26 3PE AA . 18.63 23.48 -37.01
C27 3PE AA . 17.84 24.74 -36.66
C28 3PE AA . 16.78 24.39 -35.62
P 3PE BA . -7.69 18.30 -16.74
N 3PE BA . -10.63 22.21 -17.70
O11 3PE BA . -6.26 19.11 -16.65
O12 3PE BA . -7.83 17.67 -18.10
O13 3PE BA . -8.92 19.36 -16.49
O14 3PE BA . -7.72 17.22 -15.67
C11 3PE BA . -8.88 20.61 -17.10
C12 3PE BA . -10.17 20.85 -17.88
C1 3PE BA . -5.06 18.45 -16.96
C2 3PE BA . -3.95 19.02 -16.07
C3 3PE BA . -4.29 20.44 -15.65
O31 3PE BA . -3.14 21.17 -15.33
O32 3PE BA . -3.84 21.24 -13.19
C31 3PE BA . -3.13 21.69 -14.03
C32 3PE BA . -2.22 22.87 -13.71
C33 3PE BA . -1.91 22.90 -12.20
C34 3PE BA . -0.47 23.36 -11.96
C35 3PE BA . -0.17 24.67 -12.68
C36 3PE BA . 0.77 25.52 -11.83
C37 3PE BA . 2.12 25.66 -12.52
C38 3PE BA . 3.07 26.46 -11.64
C39 3PE BA . 4.04 27.28 -12.49
C3A 3PE BA . 3.36 28.58 -12.92
C3B 3PE BA . 3.27 28.61 -14.45
C3C 3PE BA . 1.85 29.01 -14.88
C3D 3PE BA . 1.07 27.81 -15.40
C3E 3PE BA . 1.78 27.14 -16.58
C3F 3PE BA . 1.85 28.08 -17.79
C3G 3PE BA . 0.53 28.08 -18.55
C3H 3PE BA . 0.25 26.69 -19.10
C3I 3PE BA . -0.42 26.80 -20.47
O21 3PE BA . -3.87 18.20 -14.93
O22 3PE BA . -1.69 18.64 -14.69
C21 3PE BA . -2.72 18.34 -14.18
C22 3PE BA . -2.80 18.12 -12.67
C23 3PE BA . -2.13 16.79 -12.34
C24 3PE BA . -0.65 16.99 -12.02
C25 3PE BA . -0.48 18.05 -10.95
C26 3PE BA . 0.39 17.52 -9.82
C27 3PE BA . 1.29 18.64 -9.32
C28 3PE BA . 2.20 19.11 -10.45
C29 3PE BA . 3.00 20.31 -9.98
C2A 3PE BA . 2.06 21.50 -9.80
C2B 3PE BA . 2.61 22.45 -8.74
C2C 3PE BA . 3.45 23.54 -9.39
C2D 3PE BA . 4.91 23.37 -9.03
C2E 3PE BA . 5.12 23.65 -7.53
C2F 3PE BA . 6.12 22.67 -6.94
C2G 3PE BA . 5.43 21.35 -6.60
C2H 3PE BA . 6.15 20.65 -5.45
C2I 3PE BA . 6.12 21.53 -4.20
P 3PE CA . 39.03 29.72 -14.28
N 3PE CA . 40.58 30.84 -18.49
O11 3PE CA . 38.68 28.17 -14.71
O12 3PE CA . 39.67 29.73 -12.92
O13 3PE CA . 40.06 30.39 -15.39
O14 3PE CA . 37.76 30.53 -14.23
C11 3PE CA . 39.59 31.32 -16.31
C12 3PE CA . 39.39 30.65 -17.68
C1 3PE CA . 37.79 27.94 -15.76
C2 3PE CA . 36.93 26.74 -15.42
C3 3PE CA . 35.49 27.02 -15.85
O31 3PE CA . 35.41 27.68 -17.08
O32 3PE CA . 35.82 27.00 -19.15
C31 3PE CA . 35.14 26.88 -18.19
C32 3PE CA . 34.02 25.84 -18.21
C33 3PE CA . 32.62 26.42 -18.04
C34 3PE CA . 32.10 25.97 -16.68
C35 3PE CA . 30.59 25.91 -16.70
C36 3PE CA . 30.18 24.52 -17.15
C37 3PE CA . 28.69 24.55 -17.41
C38 3PE CA . 27.95 24.34 -16.09
C39 3PE CA . 27.16 23.05 -16.18
C3A 3PE CA . 26.17 23.12 -17.34
O21 3PE CA . 37.38 25.58 -16.05
O22 3PE CA . 37.86 24.24 -14.32
C21 3PE CA . 37.24 24.40 -15.32
C22 3PE CA . 36.28 23.32 -15.80
C23 3PE CA . 35.40 22.86 -14.64
C24 3PE CA . 34.92 21.44 -14.87
C25 3PE CA . 33.75 21.47 -15.85
C26 3PE CA . 32.96 20.18 -15.71
C27 3PE CA . 32.05 19.97 -16.92
C28 3PE CA . 30.77 20.78 -16.72
C29 3PE CA . 29.58 20.07 -17.36
C2A 3PE CA . 29.37 18.72 -16.69
C2B 3PE CA . 27.89 18.36 -16.75
C2C 3PE CA . 27.39 18.37 -18.19
P 3PE DA . 49.21 18.75 -10.60
N 3PE DA . 52.74 19.54 -13.10
O11 3PE DA . 48.57 17.42 -11.35
O12 3PE DA . 49.00 19.95 -11.47
O13 3PE DA . 50.82 18.47 -10.31
O14 3PE DA . 48.50 18.95 -9.29
C11 3PE DA . 51.77 19.34 -10.87
C12 3PE DA . 52.54 18.63 -11.97
C1 3PE DA . 49.36 16.76 -12.29
C2 3PE DA . 48.47 15.91 -13.19
C3 3PE DA . 48.42 14.51 -12.61
O31 3PE DA . 47.14 13.97 -12.73
O32 3PE DA . 47.05 12.71 -14.56
C31 3PE DA . 47.16 12.75 -13.38
C32 3PE DA . 47.30 11.45 -12.60
C33 3PE DA . 46.72 10.31 -13.42
C34 3PE DA . 46.48 9.12 -12.51
C35 3PE DA . 47.56 8.08 -12.75
C36 3PE DA . 46.99 6.69 -12.49
C37 3PE DA . 47.84 5.98 -11.44
C38 3PE DA . 48.33 4.65 -12.02
C39 3PE DA . 47.56 3.51 -11.38
C3A 3PE DA . 48.07 2.17 -11.89
C3B 3PE DA . 47.11 1.63 -12.96
O21 3PE DA . 47.16 16.43 -13.23
O22 3PE DA . 47.73 17.78 -14.95
C21 3PE DA . 46.95 17.52 -14.09
C22 3PE DA . 45.71 18.38 -13.92
C23 3PE DA . 44.79 18.25 -15.13
C24 3PE DA . 43.44 17.73 -14.68
C25 3PE DA . 43.31 16.26 -15.02
C26 3PE DA . 42.41 15.59 -13.99
C27 3PE DA . 41.73 14.37 -14.62
P 3PE EA . 20.09 8.30 -30.13
N 3PE EA . 18.29 8.74 -34.56
O11 3PE EA . 21.53 8.99 -29.81
O12 3PE EA . 20.36 7.02 -30.90
O13 3PE EA . 19.19 9.32 -31.06
O14 3PE EA . 19.35 7.99 -28.86
C11 3PE EA . 18.51 8.79 -32.16
C12 3PE EA . 19.05 9.34 -33.47
C1 3PE EA . 22.12 8.77 -28.56
C2 3PE EA . 21.93 10.02 -27.72
C3 3PE EA . 21.97 9.66 -26.25
O31 3PE EA . 21.00 10.38 -25.56
O32 3PE EA . 22.40 12.07 -25.24
C31 3PE EA . 21.46 11.49 -24.87
C32 3PE EA . 20.72 11.96 -23.62
C33 3PE EA . 21.70 12.51 -22.61
C34 3PE EA . 21.84 14.02 -22.73
C35 3PE EA . 23.28 14.36 -23.04
C36 3PE EA . 23.93 14.89 -21.77
C37 3PE EA . 24.58 16.23 -22.09
C38 3PE EA . 26.08 16.08 -21.87
C39 3PE EA . 26.78 16.02 -23.23
C3A 3PE EA . 28.12 15.28 -23.08
C3B 3PE EA . 29.25 16.14 -23.63
C3C 3PE EA . 29.45 17.36 -22.73
O21 3PE EA . 22.93 11.00 -27.87
O22 3PE EA . 23.10 11.44 -30.08
C21 3PE EA . 23.64 11.14 -29.07
C22 3PE EA . 25.15 10.95 -29.05
C23 3PE EA . 25.60 10.43 -27.68
C24 3PE EA . 26.04 11.59 -26.80
C25 3PE EA . 27.50 11.37 -26.40
C26 3PE EA . 28.00 12.60 -25.64
C27 3PE EA . 28.03 13.80 -26.58
C1 CDL FA . 24.78 3.09 -24.31
O1 CDL FA . 23.53 3.70 -24.50
CA2 CDL FA . 24.56 1.61 -24.06
OA2 CDL FA . 25.70 1.09 -23.42
PA1 CDL FA . 26.54 -0.18 -24.07
OA3 CDL FA . 26.93 0.13 -25.51
OA4 CDL FA . 25.66 -1.41 -24.07
OA5 CDL FA . 27.90 -0.46 -23.18
CA3 CDL FA . 28.90 0.53 -23.12
CA4 CDL FA . 29.77 0.32 -21.89
OA6 CDL FA . 30.49 1.49 -21.62
CA5 CDL FA . 29.87 2.37 -20.73
OA7 CDL FA . 29.18 3.24 -21.14
C11 CDL FA . 30.11 2.26 -19.23
C12 CDL FA . 29.75 3.61 -18.62
C13 CDL FA . 29.99 3.63 -17.12
C14 CDL FA . 28.66 3.79 -16.40
C15 CDL FA . 28.55 5.08 -15.57
C16 CDL FA . 29.87 5.55 -14.99
C17 CDL FA . 29.62 6.70 -14.02
C18 CDL FA . 30.27 7.94 -14.58
C19 CDL FA . 31.25 8.52 -13.58
C20 CDL FA . 31.99 9.68 -14.22
C21 CDL FA . 31.17 10.96 -14.15
C22 CDL FA . 30.53 11.16 -12.77
C23 CDL FA . 31.06 12.42 -12.10
CA6 CDL FA . 30.75 -0.83 -22.11
OA8 CDL FA . 31.28 -1.25 -20.88
CA7 CDL FA . 31.07 -2.60 -20.56
OA9 CDL FA . 31.91 -3.40 -20.82
C31 CDL FA . 29.79 -3.07 -19.85
C32 CDL FA . 28.90 -3.83 -20.83
CB2 CDL FA . 25.50 3.72 -23.11
OB2 CDL FA . 25.46 5.12 -23.07
PB2 CDL FA . 26.70 5.91 -23.81
OB3 CDL FA . 27.94 5.09 -23.63
OB4 CDL FA . 26.37 6.06 -25.27
OB5 CDL FA . 26.95 7.40 -23.17
CB3 CDL FA . 28.17 8.03 -23.47
CB4 CDL FA . 28.33 9.35 -22.71
OB6 CDL FA . 29.61 9.92 -22.95
CB5 CDL FA . 30.34 10.55 -21.92
OB7 CDL FA . 31.22 9.94 -21.42
C51 CDL FA . 30.09 12.01 -21.50
C52 CDL FA . 30.82 12.34 -20.20
C53 CDL FA . 30.12 11.74 -18.99
C54 CDL FA . 31.10 10.83 -18.25
C55 CDL FA . 32.20 11.66 -17.57
C56 CDL FA . 33.60 11.21 -17.99
C57 CDL FA . 34.26 12.27 -18.88
C58 CDL FA . 34.59 13.54 -18.09
C59 CDL FA . 33.83 14.75 -18.64
C60 CDL FA . 32.86 15.27 -17.59
C61 CDL FA . 33.62 15.74 -16.36
C62 CDL FA . 34.44 16.98 -16.73
C63 CDL FA . 35.66 17.11 -15.82
C64 CDL FA . 36.85 17.58 -16.64
CB6 CDL FA . 28.04 9.10 -21.23
OB8 CDL FA . 28.48 7.85 -20.83
CB7 CDL FA . 27.54 7.26 -20.00
OB9 CDL FA . 26.42 7.10 -20.36
C71 CDL FA . 27.97 6.82 -18.61
C72 CDL FA . 29.04 7.75 -18.03
C73 CDL FA . 30.44 7.18 -18.22
P 3PE GA . -0.88 4.87 -5.99
N 3PE GA . 0.67 1.78 -9.04
O11 3PE GA . 0.41 5.84 -5.67
O12 3PE GA . -1.40 5.15 -7.38
O13 3PE GA . -0.40 3.30 -5.90
O14 3PE GA . -1.98 5.13 -4.99
C11 3PE GA . -0.50 2.50 -7.04
C12 3PE GA . 0.74 2.67 -7.90
C1 3PE GA . 0.24 6.84 -4.71
C2 3PE GA . 1.61 7.38 -4.29
C3 3PE GA . 2.41 6.23 -3.68
O31 3PE GA . 3.24 5.60 -4.61
O32 3PE GA . 5.37 4.94 -4.58
C31 3PE GA . 4.30 4.89 -4.06
C32 3PE GA . 4.12 4.03 -2.81
C33 3PE GA . 4.92 4.58 -1.61
C34 3PE GA . 5.98 3.58 -1.20
C35 3PE GA . 7.36 4.22 -1.34
C36 3PE GA . 7.92 3.92 -2.73
C37 3PE GA . 9.38 4.37 -2.84
C38 3PE GA . 10.21 3.73 -1.73
C39 3PE GA . 11.36 4.65 -1.37
C3A 3PE GA . 10.79 5.96 -0.84
C3B 3PE GA . 10.17 5.75 0.53
O21 3PE GA . 2.27 7.91 -5.40
O22 3PE GA . 2.18 10.02 -6.13
C21 3PE GA . 2.54 9.28 -5.29
C22 3PE GA . 3.28 9.82 -4.08
C23 3PE GA . 3.44 11.32 -4.21
C24 3PE GA . 4.10 11.84 -2.94
C25 3PE GA . 3.23 11.53 -1.72
C26 3PE GA . 2.29 12.71 -1.50
C27 3PE GA . 2.98 13.78 -0.66
C28 3PE GA . 2.90 15.13 -1.38
C29 3PE GA . 1.88 16.03 -0.69
C2A 3PE GA . 2.54 17.34 -0.28
FE HEC HA . 59.72 38.98 1.35
CHA HEC HA . 56.78 40.04 -0.02
CHB HEC HA . 59.31 35.93 -0.18
CHC HEC HA . 62.84 37.99 2.42
CHD HEC HA . 60.00 41.89 3.12
NA HEC HA . 58.33 38.16 0.12
C1A HEC HA . 57.17 38.76 -0.30
C2A HEC HA . 56.43 37.81 -1.08
C3A HEC HA . 57.12 36.67 -1.12
C4A HEC HA . 58.34 36.87 -0.38
CMA HEC HA . 56.73 35.37 -1.83
CAA HEC HA . 55.05 38.08 -1.72
CBA HEC HA . 55.14 38.46 -3.19
CGA HEC HA . 53.75 38.66 -3.69
O1A HEC HA . 52.83 38.86 -2.86
O2A HEC HA . 53.54 38.63 -4.93
NB HEC HA . 60.86 37.28 1.17
C1B HEC HA . 60.50 36.15 0.47
C2B HEC HA . 61.60 35.23 0.50
C3B HEC HA . 62.58 35.77 1.22
C4B HEC HA . 62.14 37.08 1.65
CMB HEC HA . 61.56 33.84 -0.15
CAB HEC HA . 63.96 35.12 1.49
CBB HEC HA . 64.93 35.24 0.30
NC HEC HA . 61.13 39.77 2.56
C1C HEC HA . 62.36 39.22 2.84
C2C HEC HA . 63.15 40.24 3.48
C3C HEC HA . 62.32 41.23 3.82
C4C HEC HA . 61.06 41.01 3.16
CMC HEC HA . 64.49 39.95 4.16
CAC HEC HA . 62.68 42.50 4.62
CBC HEC HA . 63.50 43.50 3.77
ND HEC HA . 58.55 40.69 1.54
C1D HEC HA . 58.90 41.81 2.30
C2D HEC HA . 57.93 42.86 2.07
C3D HEC HA . 56.94 42.27 1.10
C4D HEC HA . 57.39 40.93 0.83
CMD HEC HA . 57.87 44.27 2.67
CAD HEC HA . 55.69 42.97 0.54
CBD HEC HA . 55.92 43.36 -0.91
CGD HEC HA . 54.73 44.12 -1.41
O1D HEC HA . 54.80 44.66 -2.53
O2D HEC HA . 53.72 44.20 -0.68
FE1 FES IA . 36.86 7.38 43.28
FE2 FES IA . 34.71 7.56 41.18
S1 FES IA . 36.83 8.16 41.23
S2 FES IA . 34.67 7.09 43.30
P 3PE JA . 46.25 4.14 17.64
N 3PE JA . 47.28 1.80 14.30
O11 3PE JA . 44.70 3.63 17.43
O12 3PE JA . 46.92 3.25 18.66
O13 3PE JA . 47.06 4.07 16.21
O14 3PE JA . 46.26 5.56 18.12
C11 3PE JA . 48.15 3.20 16.08
C12 3PE JA . 47.63 1.82 15.70
C1 3PE JA . 43.85 3.66 18.54
C2 3PE JA . 42.95 2.43 18.52
C3 3PE JA . 43.76 1.19 18.92
O31 3PE JA . 42.99 0.38 19.76
O32 3PE JA . 43.42 -1.33 18.38
C31 3PE JA . 42.85 -0.94 19.35
C32 3PE JA . 41.96 -1.90 20.15
C33 3PE JA . 40.86 -2.45 19.25
C34 3PE JA . 39.81 -3.18 20.08
C35 3PE JA . 38.44 -2.59 19.80
C36 3PE JA . 37.37 -3.30 20.64
O21 3PE JA . 41.91 2.61 19.43
O22 3PE JA . 40.38 2.62 17.80
C21 3PE JA . 40.65 2.29 18.91
C22 3PE JA . 39.64 1.52 19.75
C23 3PE JA . 38.28 2.16 19.57
C24 3PE JA . 37.26 1.11 19.16
C25 3PE JA . 35.95 1.80 18.82
C26 3PE JA . 34.79 1.16 19.57
C27 3PE JA . 34.69 -0.31 19.21
C28 3PE JA . 33.40 -0.91 19.77
C29 3PE JA . 33.18 -2.28 19.15
ZN ZN KA . -55.70 -2.58 3.94
C1 CDL LA . -12.46 24.81 11.30
O1 CDL LA . -12.43 26.23 11.43
CA2 CDL LA . -13.67 24.43 10.47
OA2 CDL LA . -13.30 23.94 9.15
PA1 CDL LA . -12.88 22.40 8.94
OA3 CDL LA . -12.10 21.92 10.13
OA4 CDL LA . -14.03 21.59 8.41
OA5 CDL LA . -11.91 22.50 7.67
CA3 CDL LA . -10.48 22.57 7.86
CA4 CDL LA . -10.03 24.02 7.89
OA6 CDL LA . -9.73 24.38 9.27
CA5 CDL LA . -8.70 23.75 9.85
OA7 CDL LA . -8.86 22.87 10.67
C11 CDL LA . -7.38 24.27 9.33
C12 CDL LA . -6.18 23.60 9.91
C13 CDL LA . -5.01 24.56 10.11
C14 CDL LA . -4.14 24.26 11.31
C15 CDL LA . -3.17 23.10 11.13
C16 CDL LA . -1.71 23.48 11.22
C17 CDL LA . -1.15 23.57 12.63
C18 CDL LA . 0.02 22.65 12.92
C19 CDL LA . 0.99 23.17 13.97
C20 CDL LA . 2.23 22.33 14.16
C21 CDL LA . 2.36 21.67 15.52
C22 CDL LA . 3.76 21.68 16.09
C23 CDL LA . 4.11 22.94 16.83
C24 CDL LA . 5.22 22.77 17.84
C25 CDL LA . 5.77 24.06 18.36
C26 CDL LA . 7.17 24.36 17.91
C27 CDL LA . 7.16 25.22 16.66
CA6 CDL LA . -11.02 24.99 7.30
OA8 CDL LA . -10.42 26.29 7.26
CA7 CDL LA . -10.09 26.76 6.06
OA9 CDL LA . -10.84 26.79 5.13
C31 CDL LA . -8.66 27.24 6.03
C32 CDL LA . -7.67 26.16 6.33
C33 CDL LA . -6.24 26.63 6.27
C34 CDL LA . -5.40 25.94 5.21
C35 CDL LA . -5.23 24.46 5.44
C36 CDL LA . -3.86 24.05 5.93
CB2 CDL LA . -12.47 24.14 12.65
OB2 CDL LA . -11.33 24.59 13.45
PB2 CDL LA . -10.72 23.65 14.60
OB3 CDL LA . -11.16 22.23 14.41
OB4 CDL LA . -10.92 24.34 15.92
OB5 CDL LA . -9.16 23.75 14.25
CB3 CDL LA . -8.74 24.67 13.20
CB4 CDL LA . -7.47 25.39 13.52
OB6 CDL LA . -6.63 24.55 14.38
CB5 CDL LA . -6.52 24.77 15.70
OB7 CDL LA . -7.41 24.63 16.48
C51 CDL LA . -5.11 25.07 16.11
C52 CDL LA . -4.44 23.90 16.74
C53 CDL LA . -3.00 24.19 17.09
C54 CDL LA . -2.83 24.95 18.38
C55 CDL LA . -2.90 24.09 19.62
C56 CDL LA . -1.62 23.38 19.93
C57 CDL LA . -0.88 23.90 21.13
C58 CDL LA . 0.48 24.44 20.81
C59 CDL LA . 1.62 23.77 21.56
C60 CDL LA . 2.92 24.53 21.48
C61 CDL LA . 3.83 24.34 22.66
C62 CDL LA . 4.34 25.61 23.28
C63 CDL LA . 4.31 25.62 24.79
C64 CDL LA . 3.89 26.92 25.40
C65 CDL LA . 5.02 27.82 25.81
C66 CDL LA . 5.25 28.97 24.85
C67 CDL LA . 5.24 30.37 25.41
CB6 CDL LA . -7.70 26.82 13.98
OB8 CDL LA . -8.12 27.58 12.83
CB7 CDL LA . -7.78 28.88 12.79
OB9 CDL LA . -8.58 29.77 12.73
C71 CDL LA . -6.29 29.07 12.78
C72 CDL LA . -5.89 30.51 12.59
C73 CDL LA . -5.50 30.85 11.16
C74 CDL LA . -6.65 31.31 10.29
C75 CDL LA . -7.03 30.32 9.21
C76 CDL LA . -8.50 29.96 9.20
C77 CDL LA . -8.78 28.50 9.45
C78 CDL LA . -10.14 28.22 10.02
C79 CDL LA . -11.28 28.79 9.20
C1 CDL MA . -16.96 19.20 1.65
O1 CDL MA . -17.32 18.03 2.33
CA2 CDL MA . -15.78 18.79 0.76
OA2 CDL MA . -15.30 17.53 1.18
PA1 CDL MA . -13.77 17.10 0.75
OA3 CDL MA . -13.53 17.29 -0.72
OA4 CDL MA . -13.54 15.64 1.08
OA5 CDL MA . -12.69 18.00 1.59
CA3 CDL MA . -12.01 17.38 2.63
CA4 CDL MA . -11.31 18.42 3.48
OA6 CDL MA . -12.23 19.06 4.30
CA5 CDL MA . -12.73 18.34 5.40
OA7 CDL MA . -13.79 17.81 5.34
C11 CDL MA . -11.91 18.26 6.68
C12 CDL MA . -11.36 16.85 6.90
C13 CDL MA . -9.84 16.92 6.83
C14 CDL MA . -9.30 17.67 8.04
C15 CDL MA . -8.64 16.68 9.00
C16 CDL MA . -7.29 17.22 9.47
C17 CDL MA . -7.13 16.95 10.97
C18 CDL MA . -6.36 15.64 11.18
C19 CDL MA . -5.21 15.88 12.16
C20 CDL MA . -5.15 14.74 13.18
C21 CDL MA . -4.21 15.13 14.32
C22 CDL MA . -2.96 14.24 14.33
C23 CDL MA . -2.70 13.72 15.75
C24 CDL MA . -1.44 12.84 15.77
C25 CDL MA . -1.81 11.35 15.65
C26 CDL MA . -1.67 10.66 17.01
C27 CDL MA . -1.96 9.17 16.89
CA6 CDL MA . -10.65 19.43 2.56
OA8 CDL MA . -9.38 18.98 2.20
CA7 CDL MA . -9.05 19.11 0.86
OA9 CDL MA . -9.91 19.14 0.03
C31 CDL MA . -7.58 19.19 0.42
C32 CDL MA . -6.74 19.55 1.65
C33 CDL MA . -5.71 18.45 1.90
C34 CDL MA . -4.45 18.74 1.10
C35 CDL MA . -3.87 17.44 0.55
C36 CDL MA . -2.65 17.03 1.37
CB2 CDL MA . -16.67 20.28 2.72
OB2 CDL MA . -16.33 21.57 2.26
PB2 CDL MA . -14.71 21.85 2.19
OB3 CDL MA . -14.08 20.69 2.89
OB4 CDL MA . -14.31 21.84 0.74
OB5 CDL MA . -14.09 23.20 2.91
CB3 CDL MA . -12.87 23.04 3.60
CB4 CDL MA . -11.63 23.63 2.89
OB6 CDL MA . -11.77 25.00 2.64
CB5 CDL MA . -10.60 25.69 2.28
OB7 CDL MA . -9.58 25.48 2.83
C51 CDL MA . -10.65 26.73 1.16
C52 CDL MA . -10.44 28.11 1.75
C53 CDL MA . -9.17 28.73 1.17
C54 CDL MA . -8.85 30.03 1.91
C55 CDL MA . -7.35 30.16 2.14
C56 CDL MA . -6.83 28.95 2.92
C57 CDL MA . -5.34 29.13 3.21
C58 CDL MA . -5.16 29.73 4.60
C59 CDL MA . -3.74 29.45 5.10
CB6 CDL MA . -11.36 22.93 1.57
OB8 CDL MA . -10.00 22.70 1.40
CB7 CDL MA . -9.57 23.03 0.12
OB9 CDL MA . -10.14 22.59 -0.83
C71 CDL MA . -8.37 23.95 -0.05
C72 CDL MA . -7.13 23.24 0.46
C73 CDL MA . -6.43 22.59 -0.73
C74 CDL MA . -4.97 23.04 -0.76
C75 CDL MA . -4.08 21.82 -0.94
C76 CDL MA . -2.70 22.09 -0.34
N1 A1D6K NA . 24.72 14.16 33.41
N3 A1D6K NA . 23.84 7.68 32.84
C4 A1D6K NA . 25.66 14.77 35.57
C5 A1D6K NA . 26.19 14.42 36.79
C6 A1D6K NA . 26.32 13.10 37.12
C7 A1D6K NA . 25.91 12.12 36.25
C8 A1D6K NA . 25.39 12.45 35.00
C10 A1D6K NA . 23.88 9.22 34.28
C13 A1D6K NA . 24.03 7.14 31.55
C15 A1D6K NA . 24.59 7.44 29.25
C17 A1D6K NA . 24.01 5.26 30.08
C1 A1D6K NA . 21.79 15.12 31.63
C11 A1D6K NA . 23.42 7.12 33.99
C12 A1D6K NA . 23.45 8.11 34.92
C14 A1D6K NA . 24.41 7.97 30.50
C16 A1D6K NA . 24.39 6.09 29.06
C18 A1D6K NA . 23.83 5.79 31.34
C19 A1D6K NA . 26.60 15.24 32.24
C2 A1D6K NA . 23.37 14.46 33.21
C3 A1D6K NA . 25.25 13.79 34.67
C9 A1D6K NA . 24.94 11.35 34.07
N2 A1D6K NA . 24.13 8.99 33.01
O1 A1D6K NA . 23.06 14.51 31.92
O2 A1D6K NA . 22.58 14.67 34.10
O3 A1D6K NA . 24.06 10.46 34.81
O4 A1D6K NA . 25.62 14.19 32.33
CL1 A1D6K NA . 24.59 5.42 27.47
CHA HEM OA . 21.84 22.00 24.86
CHB HEM OA . 21.29 22.23 20.08
CHC HEM OA . 18.02 18.69 20.24
CHD HEM OA . 18.84 18.21 24.97
C1A HEM OA . 21.98 22.40 23.55
C2A HEM OA . 22.83 23.46 23.05
C3A HEM OA . 22.66 23.51 21.74
C4A HEM OA . 21.72 22.50 21.36
CMA HEM OA . 23.37 24.48 20.78
CAA HEM OA . 23.77 24.36 23.89
CBA HEM OA . 23.08 25.66 24.30
CGA HEM OA . 22.56 25.54 25.69
O1A HEM OA . 21.38 25.86 25.92
O2A HEM OA . 23.30 25.09 26.58
C1B HEM OA . 20.39 21.25 19.72
C2B HEM OA . 20.07 20.91 18.37
C3B HEM OA . 19.15 19.93 18.39
C4B HEM OA . 18.89 19.64 19.77
CMB HEM OA . 20.74 21.65 17.20
CAB HEM OA . 18.42 19.15 17.26
CBB HEM OA . 18.65 19.21 15.94
C1C HEM OA . 17.96 18.24 21.53
C2C HEM OA . 17.14 17.17 22.02
C3C HEM OA . 17.36 17.04 23.34
C4C HEM OA . 18.33 18.02 23.72
CMC HEM OA . 16.21 16.38 21.07
CAC HEM OA . 16.79 16.06 24.41
CBC HEM OA . 16.19 14.90 24.20
C1D HEM OA . 19.68 19.21 25.36
C2D HEM OA . 20.03 19.54 26.71
C3D HEM OA . 20.84 20.59 26.69
C4D HEM OA . 21.05 20.97 25.32
CMD HEM OA . 19.54 18.78 27.97
CAD HEM OA . 21.45 21.22 27.95
CBD HEM OA . 20.89 22.63 28.15
CGD HEM OA . 21.18 23.12 29.53
O1D HEM OA . 20.96 22.34 30.48
O2D HEM OA . 21.62 24.27 29.68
NA HEM OA . 21.32 21.84 22.49
NB HEM OA . 19.66 20.45 20.56
NC HEM OA . 18.68 18.75 22.60
ND HEM OA . 20.32 20.11 24.54
FE HEM OA . 19.97 20.31 22.56
CHA HEM PA . 1.94 3.70 20.87
CHB HEM PA . 4.71 7.46 19.60
CHC HEM PA . 8.10 6.07 22.73
CHD HEM PA . 5.77 1.82 23.11
C1A HEM PA . 2.35 4.90 20.35
C2A HEM PA . 1.52 5.86 19.65
C3A HEM PA . 2.30 6.91 19.29
C4A HEM PA . 3.62 6.64 19.75
CMA HEM PA . 1.89 8.17 18.53
CAA HEM PA . 0.01 5.70 19.37
CBA HEM PA . -0.81 6.54 20.34
CGA HEM PA . -0.92 5.90 21.68
O1A HEM PA . -1.18 4.69 21.75
O2A HEM PA . -0.77 6.61 22.69
C1B HEM PA . 5.86 7.44 20.35
C2B HEM PA . 6.89 8.43 20.32
C3B HEM PA . 7.84 8.08 21.21
C4B HEM PA . 7.43 6.81 21.80
CMB HEM PA . 6.77 9.68 19.41
CAB HEM PA . 9.18 8.75 21.60
CBB HEM PA . 9.91 9.61 20.87
C1C HEM PA . 7.76 4.79 23.13
C2C HEM PA . 8.43 3.98 24.13
C3C HEM PA . 7.77 2.81 24.25
C4C HEM PA . 6.68 2.83 23.32
CMC HEM PA . 9.66 4.50 24.90
CAC HEM PA . 8.01 1.54 25.11
CBC HEM PA . 9.15 1.15 25.71
C1D HEM PA . 4.51 1.95 22.60
C2D HEM PA . 3.47 0.97 22.69
C3D HEM PA . 2.38 1.45 22.09
C4D HEM PA . 2.69 2.78 21.57
CMD HEM PA . 3.60 -0.39 23.38
CAD HEM PA . 1.11 0.54 22.07
CBD HEM PA . -0.22 1.13 21.64
CGD HEM PA . -1.35 0.60 22.48
O1D HEM PA . -1.12 0.14 23.60
O2D HEM PA . -2.49 0.69 22.02
NA HEM PA . 3.62 5.42 20.40
NB HEM PA . 6.21 6.47 21.25
NC HEM PA . 6.69 4.06 22.67
ND HEM PA . 4.01 3.04 21.91
FE HEM PA . 5.13 4.78 21.67
C1 CDL QA . 17.65 17.45 44.70
O1 CDL QA . 18.97 17.01 44.67
CA2 CDL QA . 17.13 17.36 46.13
OA2 CDL QA . 17.35 16.06 46.58
PA1 CDL QA . 16.67 15.50 47.98
OA3 CDL QA . 17.70 14.70 48.73
OA4 CDL QA . 16.24 16.64 48.84
OA5 CDL QA . 15.38 14.51 47.63
CA3 CDL QA . 14.88 14.53 46.33
CA4 CDL QA . 13.34 14.52 46.27
OA6 CDL QA . 12.86 14.31 44.96
CA5 CDL QA . 13.43 13.37 44.08
OA7 CDL QA . 14.24 13.71 43.29
C11 CDL QA . 12.97 11.93 44.09
C12 CDL QA . 12.23 11.64 42.78
C13 CDL QA . 13.15 10.90 41.80
C14 CDL QA . 12.70 11.14 40.37
C15 CDL QA . 11.94 9.93 39.87
C16 CDL QA . 12.25 9.73 38.40
C17 CDL QA . 11.78 8.34 37.99
C18 CDL QA . 10.63 8.44 37.01
C19 CDL QA . 10.10 7.04 36.75
CA6 CDL QA . 12.74 15.86 46.71
OA8 CDL QA . 13.59 16.66 47.49
CA7 CDL QA . 13.14 16.89 48.80
OA9 CDL QA . 12.76 17.96 49.11
C31 CDL QA . 13.16 15.75 49.83
C32 CDL QA . 11.75 15.35 50.23
C33 CDL QA . 11.38 14.00 49.61
CB2 CDL QA . 16.80 16.54 43.80
OB2 CDL QA . 15.51 17.06 43.62
PB2 CDL QA . 15.25 18.22 42.47
OB3 CDL QA . 15.72 19.56 42.98
OB4 CDL QA . 16.00 17.86 41.20
OB5 CDL QA . 13.64 18.33 42.14
CB3 CDL QA . 13.03 17.34 41.39
CB4 CDL QA . 11.64 17.11 41.95
OB6 CDL QA . 11.76 16.95 43.34
CB5 CDL QA . 10.99 17.82 44.15
OB7 CDL QA . 10.30 17.37 45.01
C51 CDL QA . 11.04 19.33 43.95
C52 CDL QA . 9.66 19.95 44.12
C53 CDL QA . 8.90 19.93 42.80
C54 CDL QA . 7.89 18.78 42.79
C55 CDL QA . 6.74 19.09 41.84
C56 CDL QA . 7.09 18.56 40.45
C57 CDL QA . 5.85 17.96 39.78
C58 CDL QA . 6.26 17.13 38.58
CB6 CDL QA . 11.07 15.84 41.31
OB8 CDL QA . 11.24 15.91 39.92
CB7 CDL QA . 10.12 15.52 39.17
OB9 CDL QA . 9.64 16.28 38.41
C71 CDL QA . 9.54 14.12 39.32
C72 CDL QA . 8.49 13.87 38.23
C73 CDL QA . 7.90 12.48 38.40
C74 CDL QA . 8.19 11.64 37.16
C75 CDL QA . 7.07 10.64 36.91
C76 CDL QA . 6.82 10.52 35.41
P 3PE RA . 7.63 32.71 42.55
N 3PE RA . 10.77 30.13 42.80
O11 3PE RA . 7.63 31.09 42.23
O12 3PE RA . 7.60 33.48 41.26
O13 3PE RA . 9.01 33.11 43.37
O14 3PE RA . 6.42 33.07 43.37
C11 3PE RA . 9.83 32.10 43.87
C12 3PE RA . 10.80 31.59 42.80
C1 3PE RA . 6.78 30.22 42.90
C2 3PE RA . 6.86 28.88 42.16
C3 3PE RA . 6.81 27.67 43.12
O31 3PE RA . 7.91 26.85 42.91
O32 3PE RA . 8.43 24.76 43.53
C31 3PE RA . 7.67 25.47 42.95
C32 3PE RA . 6.45 24.85 42.26
C33 3PE RA . 6.82 24.47 40.84
C34 3PE RA . 5.58 24.60 39.96
C35 3PE RA . 4.72 23.37 40.14
C36 3PE RA . 3.71 23.27 39.01
C37 3PE RA . 2.38 22.77 39.57
C38 3PE RA . 1.41 23.93 39.71
C39 3PE RA . -0.02 23.45 39.42
O21 3PE RA . 5.89 28.78 41.14
O22 3PE RA . 3.90 28.86 42.23
C21 3PE RA . 4.59 29.27 41.36
C22 3PE RA . 4.00 30.30 40.42
C23 3PE RA . 2.59 29.85 40.05
C24 3PE RA . 1.86 31.01 39.40
C25 3PE RA . 1.36 30.55 38.04
C26 3PE RA . -0.16 30.60 38.05
C27 3PE RA . -0.60 32.06 38.02
C28 3PE RA . -0.42 32.60 36.61
C29 3PE RA . -1.28 33.85 36.43
C2A 3PE RA . -2.75 33.52 36.64
C2B 3PE RA . -3.51 33.71 35.32
C2C 3PE RA . -4.95 34.11 35.61
C2D 3PE RA . -5.66 33.05 36.47
C2E 3PE RA . -6.34 32.03 35.58
C2F 3PE RA . -7.74 32.52 35.20
P 3PE SA . -9.07 1.32 36.18
N 3PE SA . -13.99 1.78 35.39
O11 3PE SA . -7.93 2.46 36.52
O12 3PE SA . -8.55 0.28 35.23
O13 3PE SA . -10.40 2.05 35.54
O14 3PE SA . -9.48 0.64 37.46
C11 3PE SA . -11.65 1.70 36.05
C12 3PE SA . -12.73 2.49 35.32
C1 3PE SA . -7.25 3.13 35.49
C2 3PE SA . -5.77 2.73 35.55
C3 3PE SA . -4.99 3.27 34.37
O31 3PE SA . -3.79 3.68 34.92
O32 3PE SA . -2.67 3.30 33.01
C31 3PE SA . -2.63 3.49 34.17
C32 3PE SA . -1.31 3.54 34.88
C33 3PE SA . -0.26 4.08 33.92
C34 3PE SA . 0.57 5.22 34.51
C35 3PE SA . 0.64 5.29 36.03
C36 3PE SA . 1.61 6.42 36.38
C37 3PE SA . 1.46 6.75 37.86
C38 3PE SA . 0.59 7.98 38.07
C39 3PE SA . 1.05 8.70 39.34
O21 3PE SA . -5.09 3.11 36.72
O22 3PE SA . -6.24 3.87 38.48
C21 3PE SA . -5.57 4.14 37.54
C22 3PE SA . -5.16 5.60 37.30
C23 3PE SA . -5.47 6.42 38.55
C24 3PE SA . -4.38 7.48 38.76
C25 3PE SA . -3.18 6.81 39.43
C26 3PE SA . -2.45 7.84 40.29
C27 3PE SA . -3.30 8.25 41.50
C28 3PE SA . -2.87 7.47 42.73
C29 3PE SA . -2.89 8.41 43.94
C1 CDL TA . -11.24 8.08 34.41
O1 CDL TA . -12.64 8.27 34.22
CA2 CDL TA . -10.54 7.78 33.09
OA2 CDL TA . -11.37 7.93 31.91
PA1 CDL TA . -10.98 9.01 30.80
OA3 CDL TA . -11.76 8.89 29.53
OA4 CDL TA . -9.48 8.96 30.76
OA5 CDL TA . -11.38 10.39 31.51
CA3 CDL TA . -12.72 10.94 31.28
CA4 CDL TA . -12.71 12.46 31.30
OA6 CDL TA . -12.29 12.97 32.60
CA5 CDL TA . -11.02 13.36 32.77
OA7 CDL TA . -10.20 12.58 33.17
C11 CDL TA . -10.77 14.82 32.48
C12 CDL TA . -9.61 15.08 31.56
C13 CDL TA . -8.27 14.76 32.18
C14 CDL TA . -7.16 14.63 31.19
C15 CDL TA . -6.36 15.87 30.95
C16 CDL TA . -5.71 15.93 29.60
C17 CDL TA . -4.31 15.35 29.53
C18 CDL TA . -3.59 15.21 30.85
C19 CDL TA . -2.34 16.04 30.97
C20 CDL TA . -1.68 16.40 29.67
C21 CDL TA . -0.19 16.59 29.76
C22 CDL TA . 0.27 17.40 30.94
CA6 CDL TA . -14.07 13.05 31.03
OA8 CDL TA . -13.93 14.45 30.70
CA7 CDL TA . -14.54 14.87 29.61
OA9 CDL TA . -15.73 14.82 29.45
C31 CDL TA . -13.59 15.42 28.60
C32 CDL TA . -13.87 16.83 28.24
C33 CDL TA . -12.93 17.79 28.93
C34 CDL TA . -13.43 18.27 30.26
C35 CDL TA . -12.50 18.00 31.41
CB2 CDL TA . -11.02 7.01 35.46
OB2 CDL TA . -10.58 7.66 36.70
PB2 CDL TA . -9.33 7.06 37.50
OB3 CDL TA . -9.12 5.60 37.21
OB4 CDL TA . -9.50 7.50 38.93
OB5 CDL TA . -8.08 7.93 36.96
CB3 CDL TA . -7.78 8.03 35.54
CB4 CDL TA . -7.52 9.50 35.22
OB6 CDL TA . -6.41 9.66 34.28
CB5 CDL TA . -6.69 10.01 33.02
OB7 CDL TA . -7.80 10.22 32.69
C51 CDL TA . -5.54 10.07 32.05
C52 CDL TA . -4.43 11.00 32.40
C53 CDL TA . -4.86 12.12 33.33
C54 CDL TA . -3.95 12.33 34.50
C55 CDL TA . -2.52 12.63 34.14
C56 CDL TA . -1.76 13.39 35.19
C57 CDL TA . -1.93 12.84 36.58
C58 CDL TA . -0.91 11.81 36.97
CB6 CDL TA . -7.22 10.33 36.46
OB8 CDL TA . -8.46 10.68 37.14
CB7 CDL TA . -9.26 11.55 36.52
OB9 CDL TA . -8.88 12.61 36.08
C71 CDL TA . -10.68 11.03 36.45
C72 CDL TA . -11.73 12.07 36.70
C73 CDL TA . -11.52 12.84 38.00
C74 CDL TA . -11.57 12.01 39.26
C75 CDL TA . -10.27 11.98 40.03
C76 CDL TA . -10.26 11.04 41.20
FE HEC UA . 34.18 38.70 49.21
CHA HEC UA . 34.29 35.30 49.04
CHB HEC UA . 30.79 38.61 48.66
CHC HEC UA . 33.96 42.11 49.70
CHD HEC UA . 37.59 38.87 49.41
NA HEC UA . 32.81 37.24 48.93
C1A HEC UA . 33.08 35.89 48.87
C2A HEC UA . 31.84 35.21 48.59
C3A HEC UA . 30.88 36.12 48.48
C4A HEC UA . 31.47 37.41 48.69
CMA HEC UA . 29.39 35.87 48.18
CAA HEC UA . 31.70 33.68 48.42
CBA HEC UA . 31.21 32.98 49.67
CGA HEC UA . 31.09 31.52 49.36
O1A HEC UA . 31.73 31.06 48.38
O2A HEC UA . 30.37 30.81 50.10
NB HEC UA . 32.67 40.10 49.16
C1B HEC UA . 31.34 39.82 48.96
C2B HEC UA . 30.60 41.04 49.12
C3B HEC UA . 31.45 42.03 49.40
C4B HEC UA . 32.78 41.45 49.44
CMB HEC UA . 29.07 41.15 48.94
CAB HEC UA . 31.07 43.50 49.68
CBB HEC UA . 30.53 43.74 51.10
NC HEC UA . 35.51 40.20 49.47
C1C HEC UA . 35.22 41.53 49.70
C2C HEC UA . 36.43 42.17 50.13
C3C HEC UA . 37.45 41.33 49.88
C4C HEC UA . 36.88 40.04 49.56
CMC HEC UA . 36.56 43.69 50.27
CAC HEC UA . 38.94 41.59 50.10
CBC HEC UA . 39.32 41.60 51.60
ND HEC UA . 35.72 37.30 49.20
C1D HEC UA . 37.06 37.59 49.35
C2D HEC UA . 37.81 36.36 49.45
C3D HEC UA . 36.77 35.26 49.35
C4D HEC UA . 35.51 35.93 49.18
CMD HEC UA . 39.32 36.16 49.64
CAD HEC UA . 37.05 33.75 49.39
CBD HEC UA . 36.58 33.17 50.70
CGD HEC UA . 36.94 31.72 50.75
O1D HEC UA . 37.39 31.18 49.71
O2D HEC UA . 36.78 31.10 51.82
FE1 FES VA . 30.21 48.69 -6.78
FE2 FES VA . 29.59 46.74 -4.52
S1 FES VA . 30.07 48.88 -4.60
S2 FES VA . 29.47 46.62 -6.71
O12 PC1 WA . -21.89 28.40 29.49
P PC1 WA . -21.37 27.04 29.10
O14 PC1 WA . -20.57 26.46 30.23
O13 PC1 WA . -22.61 26.04 28.72
C11 PC1 WA . -23.83 26.20 29.40
C12 PC1 WA . -24.61 24.88 29.43
N PC1 WA . -25.24 24.43 28.19
C13 PC1 WA . -25.61 25.52 27.28
C14 PC1 WA . -24.37 23.51 27.50
C15 PC1 WA . -26.46 23.73 28.54
O11 PC1 WA . -20.38 27.19 27.79
C1 PC1 WA . -19.23 26.41 27.77
C2 PC1 WA . -18.03 27.33 27.88
O21 PC1 WA . -18.37 28.58 27.34
C21 PC1 WA . -17.32 29.50 27.28
O22 PC1 WA . -17.51 30.63 27.54
C22 PC1 WA . -15.93 29.04 26.86
C23 PC1 WA . -15.08 30.26 26.58
C24 PC1 WA . -15.14 30.54 25.09
C25 PC1 WA . -14.09 31.59 24.76
C26 PC1 WA . -14.39 32.87 25.53
C27 PC1 WA . -13.12 33.69 25.57
C28 PC1 WA . -13.46 35.13 25.21
C29 PC1 WA . -12.17 35.88 24.91
C2A PC1 WA . -11.72 35.53 23.49
P 3PE XA . -2.27 -2.43 2.51
N 3PE XA . -3.25 -2.82 -1.85
O11 3PE XA . -1.83 -1.57 3.85
O12 3PE XA . -3.72 -2.82 2.62
O13 3PE XA . -2.06 -1.53 1.14
O14 3PE XA . -1.43 -3.67 2.42
C11 3PE XA . -1.74 -2.19 -0.05
C12 3PE XA . -2.63 -1.69 -1.18
C1 3PE XA . -0.89 -0.53 3.70
C2 3PE XA . 0.18 -0.60 4.79
C3 3PE XA . 0.58 0.83 5.16
O31 3PE XA . 1.61 1.30 4.34
O32 3PE XA . 3.23 0.56 5.70
C31 3PE XA . 2.84 1.43 4.98
C32 3PE XA . 3.71 2.65 4.77
C33 3PE XA . 5.12 2.35 5.29
C34 3PE XA . 6.18 3.11 4.49
C35 3PE XA . 7.56 2.66 4.95
C36 3PE XA . 8.41 3.87 5.34
C37 3PE XA . 8.10 4.31 6.78
C38 3PE XA . 8.88 5.58 7.10
C39 3PE XA . 10.09 5.23 7.96
C3A 3PE XA . 11.28 6.13 7.63
C3B 3PE XA . 12.50 5.25 7.33
C3C 3PE XA . 13.74 5.79 8.04
C3D 3PE XA . 14.40 4.67 8.84
C3E 3PE XA . 15.44 5.26 9.81
C3F 3PE XA . 15.77 4.25 10.91
C3G 3PE XA . 16.83 4.84 11.82
O21 3PE XA . -0.33 -1.25 5.93
O22 3PE XA . 0.09 -3.44 6.20
C21 3PE XA . 0.44 -2.32 6.40
C22 3PE XA . 1.72 -2.06 7.21
C23 3PE XA . 2.69 -3.23 7.07
C24 3PE XA . 3.66 -3.23 8.26
C25 3PE XA . 4.95 -2.51 7.90
C26 3PE XA . 5.74 -2.18 9.17
C27 3PE XA . 6.00 -3.44 9.99
P 3PE YA . -11.49 -7.17 45.38
N 3PE YA . -14.01 -6.18 48.66
O11 3PE YA . -10.15 -8.07 45.66
O12 3PE YA . -12.72 -7.97 45.77
O13 3PE YA . -11.37 -5.81 46.30
O14 3PE YA . -11.58 -6.81 43.92
C11 3PE YA . -12.50 -5.33 46.97
C12 3PE YA . -12.60 -5.98 48.35
C1 3PE YA . -9.14 -7.47 46.42
C2 3PE YA . -8.10 -8.52 46.78
C3 3PE YA . -8.84 -9.81 47.12
O31 3PE YA . -7.94 -10.82 47.45
O32 3PE YA . -8.06 -11.53 45.32
C31 3PE YA . -7.77 -11.78 46.45
C32 3PE YA . -7.21 -13.14 46.79
C33 3PE YA . -6.51 -13.03 48.15
C34 3PE YA . -5.31 -13.98 48.20
C35 3PE YA . -4.43 -13.82 46.97
C36 3PE YA . -2.96 -13.82 47.36
C37 3PE YA . -2.59 -15.15 48.00
C38 3PE YA . -1.13 -15.14 48.44
C39 3PE YA . -0.86 -13.94 49.34
C3A 3PE YA . -0.56 -14.41 50.77
C3B 3PE YA . 0.78 -15.15 50.81
C3C 3PE YA . 1.91 -14.22 50.38
C3D 3PE YA . 2.74 -14.87 49.28
C3E 3PE YA . 4.22 -14.59 49.55
C3F 3PE YA . 4.74 -13.53 48.58
C3G 3PE YA . 5.49 -12.44 49.34
C3H 3PE YA . 4.52 -11.58 50.15
C3I 3PE YA . 5.24 -10.37 50.73
O21 3PE YA . -7.27 -8.70 45.67
O22 3PE YA . -5.64 -7.20 45.93
C21 3PE YA . -5.94 -8.34 45.90
C22 3PE YA . -4.89 -9.40 46.10
C23 3PE YA . -4.22 -9.12 47.44
C24 3PE YA . -2.71 -8.88 47.29
C25 3PE YA . -2.40 -8.00 46.08
C26 3PE YA . -0.89 -7.96 45.92
C27 3PE YA . -0.34 -9.37 45.71
C28 3PE YA . 1.13 -9.28 45.35
C29 3PE YA . 1.89 -8.70 46.54
C2A 3PE YA . 2.48 -9.81 47.39
C2B 3PE YA . 3.32 -10.76 46.52
C2C 3PE YA . 4.68 -10.14 46.22
C2D 3PE YA . 5.21 -10.73 44.91
C2E 3PE YA . 6.23 -11.83 45.21
C2F 3PE YA . 5.62 -13.19 44.91
#